data_2DFS
#
_entry.id   2DFS
#
_cell.length_a   653.000
_cell.length_b   653.000
_cell.length_c   200.000
_cell.angle_alpha   90.00
_cell.angle_beta   90.00
_cell.angle_gamma   120.00
#
_symmetry.space_group_name_H-M   'P 6'
#
loop_
_entity.id
_entity.type
_entity.pdbx_description
1 polymer Myosin-5A
2 polymer Calmodulin
#
loop_
_entity_poly.entity_id
_entity_poly.type
_entity_poly.pdbx_seq_one_letter_code
_entity_poly.pdbx_strand_id
1 'polypeptide(L)'
;MAASELYTKYARVWIPDPEEVWKSAELLKDYKPGDKVLQLRLEEGKDLEYCLDPKTKELPPLRNPDILVGENDLTALSYL
HEPAVLHNLKVRFIDSKLIYTYCGIVLVAINPYEQLPIYGEDIINAYSGQNMGDMDPHIFAVAEEAYKQMARDERNQSII
VSGESGAGKTVSAKYAMRYFATVSGSASEANVEEKVLASNPIMESIGNAKTTRNDNSSRFGKYIEIGFDKRYRIIGANMR
TYLLEKSRVVFQAEEERNYHIFYQLCASAALPEFKTLRLGNANYFHYTKQGGSPVIDGIDDAKEMVNTRQACTLLGISDS
YQMGIFRILAGILHLGNVEFASRDSDSCAIPPKHDPLTIFCDLMGVDYEEMAHWLCHRKLATATETYIKPISKLHAINAR
DALAKHIYANLFNWIVDHVNKALHSTVKQHSFIGVLDIYGFETFEINSFEQFCINYANEKLQQQFNMHVFKLEQEEYMKE
QIPWTLIDFYDNQPCINLIEAKMGVLDLLDEECKMPKGSDDTWAQKLYNTHLNKCALFEKPRLSNKAFIIKHFADKVEYQ
CEGFLEKNKDTVYEEQIKVLKSSKKFKLLPELFQDEEKAISPTSATPSGRVPLSRTPVKPAKARPGQTSKEHKKTVGHQF
RNSLHLLMETLNATTPHYVRCIKPNDFKFPFTFDEKRAVQQLRACGVLETIRISAAGFPSRWTYQEFFSRYRVLMKQKDV
LSDRKQTCKNVLEKLILDKDKYQFGKTKIFFRAGQVAYLEKIRADKLRAACIRIQKTIRGWLMRKKYMRMRRAAITIQRY
VRGHQARCYATFLRRTRAAIIIQKFQRMYVVRKRYQCMRDATIALQALLRGYLVRNKYQMMLREHKSIIIQKHVRGWLAR
VHYHRTLKAIVYLQCCYRRMMAKRELKKLKIEARSVERYKKLHIGLENKIMQLQRKIDEQNKEYKSLLEKMNNLEITYST
ETEKLRSDVERLRMSEEEAKNATNRVLSLQEEIAKLRKELHQTQTEKKTIEEWADKYKHETEQLVSELKEQNTLLKTEKE
ELNRRIHDQAKEITETMEKKLVEETKQLELDLNDERLRYQ
;
A,M
2 'polypeptide(L)'
;ADQLTEEQIAEFKEAFSLFDKDGDGTITTKELGTVMRSLGQNPTEAELQDMINEVDADGNGTIDFPEFLTMMARKMKDTD
SEEEIREAFRVFDKDGNGYISAAELRHVMTNLGEKLTDEEVDEMIREADIDGDGQVNYEEFVQMMTAK
;
B,C,D,E,F,G,N,O,P,Q,R,S
#
# COMPACT_ATOMS: atom_id res chain seq x y z
N GLU A 5 19.03 50.11 80.39
CA GLU A 5 19.96 50.88 81.21
C GLU A 5 21.41 50.83 80.74
N LEU A 6 22.13 49.76 81.10
CA LEU A 6 23.47 49.54 80.64
C LEU A 6 23.60 48.10 80.13
N TYR A 7 22.80 47.16 80.69
CA TYR A 7 22.76 45.79 80.26
C TYR A 7 21.83 45.57 79.05
N THR A 8 22.16 46.24 77.93
CA THR A 8 21.46 46.10 76.66
C THR A 8 21.93 44.89 75.86
N LYS A 9 21.17 44.49 74.80
CA LYS A 9 21.71 43.55 73.80
C LYS A 9 23.04 44.01 73.22
N TYR A 10 23.97 43.06 72.99
CA TYR A 10 25.28 43.27 72.38
C TYR A 10 26.26 44.01 73.31
N ALA A 11 25.92 44.13 74.60
CA ALA A 11 26.86 44.49 75.61
C ALA A 11 27.35 43.20 76.26
N ARG A 12 28.57 43.23 76.80
CA ARG A 12 29.30 42.02 77.15
C ARG A 12 29.67 42.04 78.61
N VAL A 13 29.68 40.87 79.25
CA VAL A 13 29.85 40.70 80.69
C VAL A 13 30.83 39.58 80.92
N TRP A 14 31.27 39.42 82.18
CA TRP A 14 32.08 38.29 82.60
C TRP A 14 31.26 37.42 83.53
N ILE A 15 31.25 36.10 83.32
CA ILE A 15 30.53 35.16 84.16
C ILE A 15 31.56 34.20 84.74
N PRO A 16 31.38 33.62 85.94
CA PRO A 16 32.36 32.71 86.52
C PRO A 16 32.57 31.45 85.71
N ASP A 17 33.77 30.86 85.78
CA ASP A 17 34.15 29.73 85.00
C ASP A 17 35.08 28.87 85.87
N PRO A 18 35.06 27.53 85.87
CA PRO A 18 35.96 26.76 86.72
C PRO A 18 37.34 26.62 86.04
N GLU A 19 37.45 26.92 84.74
CA GLU A 19 38.63 26.64 83.94
C GLU A 19 39.48 27.89 83.85
N GLU A 20 38.86 29.06 83.55
CA GLU A 20 39.59 30.31 83.38
C GLU A 20 39.22 31.38 84.40
N VAL A 21 38.45 31.04 85.44
CA VAL A 21 38.04 31.93 86.53
C VAL A 21 36.86 32.80 86.09
N TRP A 22 36.99 33.48 84.94
CA TRP A 22 35.97 34.34 84.36
C TRP A 22 35.94 34.19 82.85
N LYS A 23 34.75 33.92 82.27
CA LYS A 23 34.60 33.78 80.83
C LYS A 23 33.71 34.88 80.27
N SER A 24 33.91 35.24 78.98
CA SER A 24 33.20 36.36 78.36
C SER A 24 31.87 35.92 77.78
N ALA A 25 30.83 36.74 77.99
CA ALA A 25 29.52 36.47 77.45
C ALA A 25 28.90 37.73 76.88
N GLU A 26 27.92 37.58 75.95
CA GLU A 26 27.22 38.70 75.34
C GLU A 26 25.72 38.53 75.45
N LEU A 27 25.00 39.61 75.81
CA LEU A 27 23.56 39.56 75.98
C LEU A 27 22.78 39.39 74.67
N LEU A 28 22.09 38.23 74.52
CA LEU A 28 21.19 37.92 73.43
C LEU A 28 19.90 38.74 73.45
N LYS A 29 19.36 39.04 74.65
CA LYS A 29 18.23 39.93 74.81
C LYS A 29 18.59 40.99 75.84
N ASP A 30 17.91 42.14 75.80
CA ASP A 30 17.99 43.24 76.75
C ASP A 30 17.53 42.76 78.12
N TYR A 31 18.24 43.14 79.21
CA TYR A 31 17.79 42.84 80.56
C TYR A 31 16.55 43.68 80.92
N LYS A 32 15.48 43.03 81.41
CA LYS A 32 14.26 43.70 81.79
C LYS A 32 14.19 43.68 83.31
N PRO A 33 14.07 44.79 84.05
CA PRO A 33 14.01 44.76 85.50
C PRO A 33 13.06 43.76 86.15
N GLY A 34 13.53 42.96 87.12
CA GLY A 34 12.72 41.91 87.73
C GLY A 34 12.69 40.60 86.93
N ASP A 35 13.45 40.50 85.82
CA ASP A 35 13.83 39.24 85.18
C ASP A 35 14.55 38.29 86.15
N LYS A 36 14.45 36.96 85.94
CA LYS A 36 15.17 35.99 86.78
C LYS A 36 16.48 35.53 86.16
N VAL A 37 16.68 35.78 84.85
CA VAL A 37 17.71 35.14 84.06
C VAL A 37 18.18 36.11 82.99
N LEU A 38 19.40 35.90 82.50
CA LEU A 38 19.92 36.58 81.33
C LEU A 38 20.13 35.53 80.24
N GLN A 39 20.19 35.94 78.96
CA GLN A 39 20.36 35.03 77.84
C GLN A 39 21.70 35.40 77.21
N LEU A 40 22.64 34.45 77.12
CA LEU A 40 24.04 34.74 76.85
C LEU A 40 24.59 33.95 75.67
N ARG A 41 25.89 34.15 75.34
CA ARG A 41 26.57 33.44 74.27
C ARG A 41 28.01 33.27 74.73
N LEU A 42 28.70 32.15 74.36
CA LEU A 42 30.03 31.83 74.87
C LEU A 42 31.08 31.70 73.76
N GLU A 43 32.17 30.89 73.95
CA GLU A 43 33.32 30.85 73.03
C GLU A 43 33.18 29.82 71.92
N GLU A 44 32.06 29.08 71.94
CA GLU A 44 31.59 28.35 70.79
C GLU A 44 30.53 29.24 70.10
N GLY A 45 29.33 29.53 70.68
CA GLY A 45 28.47 30.45 69.93
C GLY A 45 27.19 31.09 70.44
N LYS A 46 26.25 30.41 71.13
CA LYS A 46 24.95 31.02 71.49
C LYS A 46 24.03 30.05 72.24
N ASP A 47 24.44 29.64 73.43
CA ASP A 47 23.92 28.48 74.08
C ASP A 47 23.13 28.75 75.40
N LEU A 48 23.78 29.29 76.43
CA LEU A 48 23.33 29.44 77.82
C LEU A 48 22.25 30.46 78.25
N GLU A 49 21.41 30.05 79.25
CA GLU A 49 20.62 30.92 80.13
C GLU A 49 21.38 31.08 81.45
N TYR A 50 21.62 32.33 81.93
CA TYR A 50 22.35 32.58 83.16
C TYR A 50 21.39 32.98 84.27
N CYS A 51 21.24 32.12 85.29
CA CYS A 51 20.49 32.37 86.51
C CYS A 51 21.05 33.47 87.39
N LEU A 52 20.15 34.30 87.95
CA LEU A 52 20.52 35.35 88.89
C LEU A 52 20.12 34.90 90.27
N ASP A 53 21.05 35.02 91.24
CA ASP A 53 20.88 34.62 92.61
C ASP A 53 19.70 35.38 93.28
N PRO A 54 18.69 34.76 93.90
CA PRO A 54 17.42 35.43 94.13
C PRO A 54 17.47 36.26 95.40
N LYS A 55 18.46 36.04 96.29
CA LYS A 55 18.59 36.80 97.54
C LYS A 55 19.26 38.15 97.38
N THR A 56 20.04 38.34 96.31
CA THR A 56 20.82 39.55 96.08
C THR A 56 20.29 40.26 94.87
N LYS A 57 19.83 39.51 93.85
CA LYS A 57 19.30 40.01 92.59
C LYS A 57 20.36 40.78 91.80
N GLU A 58 21.64 40.50 92.11
CA GLU A 58 22.80 41.13 91.54
C GLU A 58 23.03 40.71 90.09
N LEU A 59 23.98 41.36 89.41
CA LEU A 59 24.17 41.21 87.97
C LEU A 59 25.64 41.03 87.70
N PRO A 60 26.05 40.28 86.66
CA PRO A 60 27.45 39.92 86.48
C PRO A 60 28.29 41.08 85.95
N PRO A 61 29.58 41.18 86.24
CA PRO A 61 30.34 42.41 86.04
C PRO A 61 30.60 42.72 84.58
N LEU A 62 30.46 44.00 84.21
CA LEU A 62 30.54 44.49 82.85
C LEU A 62 31.94 44.47 82.24
N ARG A 63 32.03 44.32 80.91
CA ARG A 63 33.29 44.35 80.22
C ARG A 63 33.57 45.74 79.65
N ASN A 64 34.80 46.28 79.87
CA ASN A 64 35.20 47.58 79.34
C ASN A 64 35.12 47.64 77.81
N PRO A 65 34.80 48.79 77.21
CA PRO A 65 34.90 48.92 75.77
C PRO A 65 36.35 49.01 75.32
N ASP A 66 36.63 48.47 74.12
CA ASP A 66 37.89 48.02 73.60
C ASP A 66 38.89 49.15 73.35
N ILE A 67 38.38 50.40 73.26
CA ILE A 67 39.20 51.60 73.16
C ILE A 67 39.99 51.87 74.45
N LEU A 68 39.60 51.28 75.59
CA LEU A 68 40.29 51.43 76.86
C LEU A 68 41.02 50.16 77.29
N VAL A 69 41.29 49.20 76.39
CA VAL A 69 41.85 47.91 76.80
C VAL A 69 43.24 47.76 76.21
N GLY A 70 44.24 47.46 77.06
CA GLY A 70 45.65 47.35 76.66
C GLY A 70 46.54 48.34 77.34
N GLU A 71 45.96 49.47 77.80
CA GLU A 71 46.60 50.58 78.50
C GLU A 71 47.71 50.32 79.51
N ASN A 72 48.59 51.33 79.67
CA ASN A 72 49.79 51.26 80.50
C ASN A 72 49.51 51.42 81.98
N ASP A 73 48.34 51.98 82.34
CA ASP A 73 47.84 51.99 83.70
C ASP A 73 46.44 51.34 83.74
N LEU A 74 46.16 50.64 84.85
CA LEU A 74 44.90 49.98 85.13
C LEU A 74 43.83 50.93 85.59
N THR A 75 44.21 52.13 86.12
CA THR A 75 43.23 53.10 86.64
C THR A 75 42.47 53.81 85.54
N ALA A 76 42.99 53.75 84.29
CA ALA A 76 42.36 54.23 83.08
C ALA A 76 41.00 53.57 82.80
N LEU A 77 40.86 52.27 83.15
CA LEU A 77 39.65 51.49 82.97
C LEU A 77 38.40 51.99 83.71
N SER A 78 37.29 52.19 82.97
CA SER A 78 36.04 52.68 83.54
C SER A 78 35.31 51.72 84.45
N TYR A 79 35.25 50.42 84.09
CA TYR A 79 34.75 49.37 84.97
C TYR A 79 35.97 48.73 85.57
N LEU A 80 36.31 49.15 86.79
CA LEU A 80 37.52 48.73 87.44
C LEU A 80 37.16 47.71 88.50
N HIS A 81 37.32 46.41 88.17
CA HIS A 81 36.94 45.30 89.03
C HIS A 81 37.71 44.07 88.60
N GLU A 82 37.73 43.00 89.43
CA GLU A 82 38.59 41.82 89.28
C GLU A 82 38.77 41.27 87.84
N PRO A 83 37.76 40.91 87.04
CA PRO A 83 37.99 40.39 85.70
C PRO A 83 38.56 41.41 84.74
N ALA A 84 38.31 42.71 84.95
CA ALA A 84 38.86 43.76 84.11
C ALA A 84 40.37 43.89 84.25
N VAL A 85 40.87 43.83 85.51
CA VAL A 85 42.29 43.84 85.83
C VAL A 85 42.96 42.59 85.29
N LEU A 86 42.34 41.41 85.51
CA LEU A 86 42.85 40.13 85.07
C LEU A 86 42.99 40.01 83.55
N HIS A 87 41.95 40.38 82.80
CA HIS A 87 41.96 40.42 81.35
C HIS A 87 42.94 41.40 80.75
N ASN A 88 43.03 42.63 81.29
CA ASN A 88 43.93 43.65 80.81
C ASN A 88 45.40 43.23 80.95
N LEU A 89 45.79 42.68 82.11
CA LEU A 89 47.13 42.17 82.33
C LEU A 89 47.48 40.98 81.44
N LYS A 90 46.51 40.07 81.22
CA LYS A 90 46.68 38.92 80.34
C LYS A 90 46.99 39.28 78.90
N VAL A 91 46.26 40.22 78.26
CA VAL A 91 46.53 40.62 76.88
C VAL A 91 47.87 41.34 76.71
N ARG A 92 48.28 42.19 77.66
CA ARG A 92 49.60 42.79 77.60
C ARG A 92 50.74 41.78 77.71
N PHE A 93 50.61 40.81 78.63
CA PHE A 93 51.59 39.77 78.83
C PHE A 93 51.69 38.78 77.68
N ILE A 94 50.55 38.24 77.20
CA ILE A 94 50.56 37.18 76.21
C ILE A 94 50.74 37.73 74.81
N ASP A 95 49.82 38.61 74.37
CA ASP A 95 49.80 39.14 73.02
C ASP A 95 51.00 40.04 72.69
N SER A 96 51.42 40.90 73.64
CA SER A 96 52.44 41.92 73.36
C SER A 96 53.78 41.72 74.06
N LYS A 97 53.95 40.68 74.91
CA LYS A 97 55.16 40.42 75.67
C LYS A 97 55.56 41.52 76.67
N LEU A 98 54.57 42.23 77.24
CA LEU A 98 54.80 43.34 78.15
C LEU A 98 54.61 42.89 79.59
N ILE A 99 55.70 42.88 80.37
CA ILE A 99 55.70 42.33 81.72
C ILE A 99 55.56 43.37 82.82
N TYR A 100 55.52 44.67 82.44
CA TYR A 100 55.43 45.77 83.37
C TYR A 100 54.18 46.57 83.05
N THR A 101 53.43 46.95 84.10
CA THR A 101 52.20 47.73 83.96
C THR A 101 52.10 48.55 85.23
N TYR A 102 51.57 49.78 85.20
CA TYR A 102 51.31 50.53 86.41
C TYR A 102 49.95 50.15 87.03
N CYS A 103 49.71 50.61 88.25
CA CYS A 103 48.44 50.54 88.95
C CYS A 103 48.46 51.75 89.85
N GLY A 104 48.29 52.95 89.26
CA GLY A 104 48.70 54.19 89.92
C GLY A 104 50.18 54.21 90.27
N ILE A 105 50.53 54.42 91.56
CA ILE A 105 51.93 54.54 91.98
C ILE A 105 52.62 53.20 92.20
N VAL A 106 51.99 52.10 91.77
CA VAL A 106 52.48 50.76 91.95
C VAL A 106 52.89 50.20 90.61
N LEU A 107 54.10 49.67 90.49
CA LEU A 107 54.49 48.91 89.32
C LEU A 107 54.19 47.44 89.54
N VAL A 108 53.45 46.80 88.63
CA VAL A 108 53.18 45.37 88.66
C VAL A 108 54.20 44.73 87.73
N ALA A 109 54.91 43.70 88.20
CA ALA A 109 55.89 42.98 87.42
C ALA A 109 55.51 41.51 87.35
N ILE A 110 55.27 41.00 86.13
CA ILE A 110 54.85 39.63 85.91
C ILE A 110 56.07 38.86 85.43
N ASN A 111 56.46 37.76 86.12
CA ASN A 111 57.64 37.00 85.75
C ASN A 111 57.54 36.35 84.34
N PRO A 112 58.41 36.63 83.37
CA PRO A 112 58.25 36.11 82.02
C PRO A 112 58.80 34.70 81.90
N TYR A 113 59.68 34.29 82.83
CA TYR A 113 60.50 33.08 82.80
C TYR A 113 61.57 33.02 81.69
N GLU A 114 61.38 33.76 80.59
CA GLU A 114 62.28 33.98 79.46
C GLU A 114 63.19 35.21 79.69
N GLN A 115 64.29 35.35 78.91
CA GLN A 115 65.24 36.45 79.05
C GLN A 115 65.10 37.42 77.89
N LEU A 116 64.90 38.70 78.22
CA LEU A 116 64.44 39.71 77.30
C LEU A 116 65.48 40.79 77.06
N PRO A 117 65.50 41.49 75.93
CA PRO A 117 66.61 42.37 75.60
C PRO A 117 66.23 43.79 75.98
N ILE A 118 65.67 43.97 77.19
CA ILE A 118 65.11 45.25 77.65
C ILE A 118 65.87 45.76 78.86
N TYR A 119 67.05 45.19 79.13
CA TYR A 119 67.84 45.49 80.31
C TYR A 119 69.26 45.95 79.99
N GLY A 120 69.57 46.26 78.71
CA GLY A 120 70.89 46.70 78.29
C GLY A 120 71.12 48.19 78.43
N GLU A 121 72.34 48.61 78.10
CA GLU A 121 72.91 49.93 78.27
C GLU A 121 72.18 51.03 77.52
N ASP A 122 71.73 50.73 76.29
CA ASP A 122 70.94 51.58 75.41
C ASP A 122 69.58 51.95 76.01
N ILE A 123 68.86 50.95 76.55
CA ILE A 123 67.60 51.13 77.27
C ILE A 123 67.78 51.93 78.55
N ILE A 124 68.88 51.71 79.31
CA ILE A 124 69.22 52.49 80.50
C ILE A 124 69.39 53.98 80.20
N ASN A 125 70.09 54.32 79.09
CA ASN A 125 70.23 55.70 78.64
C ASN A 125 68.92 56.35 78.23
N ALA A 126 67.99 55.62 77.60
CA ALA A 126 66.68 56.14 77.25
C ALA A 126 65.81 56.54 78.43
N TYR A 127 65.82 55.77 79.54
CA TYR A 127 65.14 56.17 80.78
C TYR A 127 65.83 57.31 81.52
N SER A 128 67.18 57.42 81.40
CA SER A 128 68.01 58.39 82.10
C SER A 128 67.59 59.84 81.94
N GLY A 129 67.16 60.49 83.04
CA GLY A 129 66.73 61.87 83.04
C GLY A 129 65.32 62.13 82.60
N GLN A 130 64.52 61.10 82.27
CA GLN A 130 63.15 61.29 81.81
C GLN A 130 62.18 61.32 82.97
N ASN A 131 60.92 61.73 82.74
CA ASN A 131 59.88 61.67 83.75
C ASN A 131 59.26 60.26 83.76
N MET A 132 58.70 59.81 84.90
CA MET A 132 58.07 58.51 85.00
C MET A 132 56.85 58.28 84.11
N GLY A 133 56.05 59.33 83.86
CA GLY A 133 54.80 59.23 83.13
C GLY A 133 54.93 59.22 81.64
N ASP A 134 56.13 59.56 81.12
CA ASP A 134 56.32 59.93 79.73
C ASP A 134 57.08 58.81 79.00
N MET A 135 57.30 57.68 79.70
CA MET A 135 58.04 56.53 79.23
C MET A 135 57.26 55.28 79.61
N ASP A 136 57.41 54.18 78.84
CA ASP A 136 56.79 52.91 79.13
C ASP A 136 57.19 52.33 80.49
N PRO A 137 56.29 51.70 81.24
CA PRO A 137 56.56 51.22 82.59
C PRO A 137 57.71 50.25 82.69
N HIS A 138 58.66 50.50 83.61
CA HIS A 138 59.82 49.63 83.72
C HIS A 138 60.36 49.71 85.13
N ILE A 139 61.14 48.69 85.56
CA ILE A 139 61.86 48.74 86.83
C ILE A 139 62.88 49.88 86.85
N PHE A 140 63.46 50.20 85.67
CA PHE A 140 64.31 51.35 85.42
C PHE A 140 63.63 52.69 85.68
N ALA A 141 62.35 52.87 85.26
CA ALA A 141 61.59 54.07 85.52
C ALA A 141 61.39 54.36 87.02
N VAL A 142 61.10 53.31 87.81
CA VAL A 142 61.03 53.39 89.26
C VAL A 142 62.38 53.76 89.90
N ALA A 143 63.51 53.20 89.39
CA ALA A 143 64.84 53.56 89.83
C ALA A 143 65.22 55.02 89.56
N GLU A 144 64.92 55.54 88.36
CA GLU A 144 65.15 56.92 87.97
C GLU A 144 64.42 57.90 88.87
N GLU A 145 63.14 57.61 89.18
CA GLU A 145 62.33 58.43 90.07
C GLU A 145 62.89 58.52 91.48
N ALA A 146 63.41 57.40 92.04
CA ALA A 146 64.12 57.40 93.30
C ALA A 146 65.39 58.26 93.32
N TYR A 147 66.23 58.17 92.27
CA TYR A 147 67.43 58.98 92.13
C TYR A 147 67.11 60.47 92.03
N LYS A 148 66.06 60.81 91.26
CA LYS A 148 65.57 62.16 91.07
C LYS A 148 64.97 62.85 92.28
N GLN A 149 64.11 62.16 93.04
CA GLN A 149 63.46 62.69 94.22
C GLN A 149 64.45 62.82 95.36
N MET A 150 65.56 62.05 95.32
CA MET A 150 66.61 62.15 96.30
C MET A 150 67.30 63.50 96.36
N ALA A 151 67.72 64.06 95.21
CA ALA A 151 68.35 65.37 95.15
C ALA A 151 67.36 66.52 95.09
N ARG A 152 66.15 66.28 94.56
CA ARG A 152 65.08 67.25 94.54
C ARG A 152 64.64 67.62 95.97
N ASP A 153 64.53 66.64 96.88
CA ASP A 153 64.06 66.86 98.23
C ASP A 153 65.12 66.79 99.34
N GLU A 154 66.39 66.41 99.07
CA GLU A 154 67.40 66.02 100.08
C GLU A 154 66.89 64.93 101.01
N ARG A 155 66.47 63.81 100.41
CA ARG A 155 65.72 62.81 101.14
C ARG A 155 66.06 61.42 100.65
N ASN A 156 66.47 60.55 101.58
CA ASN A 156 66.73 59.13 101.34
C ASN A 156 65.51 58.36 100.90
N GLN A 157 65.68 57.35 100.03
CA GLN A 157 64.58 56.67 99.38
C GLN A 157 64.50 55.20 99.72
N SER A 158 63.28 54.61 99.67
CA SER A 158 63.10 53.19 99.91
C SER A 158 62.34 52.56 98.76
N ILE A 159 62.93 51.62 98.00
CA ILE A 159 62.17 50.86 97.00
C ILE A 159 61.70 49.58 97.68
N ILE A 160 60.38 49.42 97.84
CA ILE A 160 59.76 48.30 98.50
C ILE A 160 59.29 47.32 97.43
N VAL A 161 59.91 46.12 97.41
CA VAL A 161 59.64 45.09 96.40
C VAL A 161 58.95 43.94 97.14
N SER A 162 57.69 43.63 96.79
CA SER A 162 56.93 42.60 97.49
C SER A 162 56.24 41.66 96.54
N GLY A 163 55.79 40.50 97.07
CA GLY A 163 55.28 39.40 96.24
C GLY A 163 55.67 38.08 96.84
N GLU A 164 54.98 36.99 96.41
CA GLU A 164 55.29 35.60 96.76
C GLU A 164 56.73 35.23 96.40
N SER A 165 57.30 34.22 97.05
CA SER A 165 58.59 33.66 96.67
C SER A 165 58.57 33.11 95.24
N GLY A 166 59.67 33.31 94.50
CA GLY A 166 59.75 32.97 93.08
C GLY A 166 59.09 33.92 92.10
N ALA A 167 58.46 35.01 92.57
CA ALA A 167 57.81 35.97 91.69
C ALA A 167 58.80 36.92 91.01
N GLY A 168 60.07 36.95 91.47
CA GLY A 168 61.13 37.70 90.80
C GLY A 168 61.63 38.90 91.55
N LYS A 169 61.33 39.00 92.87
CA LYS A 169 61.71 40.14 93.71
C LYS A 169 63.22 40.42 93.71
N THR A 170 64.03 39.36 93.86
CA THR A 170 65.48 39.37 93.79
C THR A 170 66.01 39.83 92.44
N VAL A 171 65.39 39.43 91.32
CA VAL A 171 65.75 39.88 89.98
C VAL A 171 65.45 41.37 89.79
N SER A 172 64.30 41.86 90.29
CA SER A 172 63.92 43.26 90.27
C SER A 172 64.90 44.16 91.01
N ALA A 173 65.36 43.75 92.21
CA ALA A 173 66.40 44.44 92.94
C ALA A 173 67.75 44.48 92.20
N LYS A 174 68.14 43.37 91.54
CA LYS A 174 69.37 43.30 90.76
C LYS A 174 69.42 44.35 89.64
N TYR A 175 68.31 44.55 88.90
CA TYR A 175 68.26 45.56 87.86
C TYR A 175 68.11 46.99 88.35
N ALA A 176 67.44 47.24 89.50
CA ALA A 176 67.43 48.56 90.11
C ALA A 176 68.84 49.01 90.53
N MET A 177 69.65 48.10 91.12
CA MET A 177 71.04 48.37 91.45
C MET A 177 71.94 48.67 90.26
N ARG A 178 71.81 47.91 89.14
CA ARG A 178 72.58 48.19 87.93
C ARG A 178 72.29 49.57 87.36
N TYR A 179 71.01 50.00 87.39
CA TYR A 179 70.64 51.34 87.01
C TYR A 179 71.34 52.41 87.84
N PHE A 180 71.26 52.31 89.19
CA PHE A 180 71.93 53.23 90.10
C PHE A 180 73.45 53.25 89.95
N ALA A 181 74.08 52.09 89.70
CA ALA A 181 75.48 52.01 89.41
C ALA A 181 75.92 52.71 88.11
N THR A 182 75.21 52.44 87.00
CA THR A 182 75.51 52.99 85.67
C THR A 182 75.30 54.49 85.59
N VAL A 183 74.23 55.04 86.19
CA VAL A 183 73.87 56.45 86.06
C VAL A 183 74.72 57.42 86.91
N SER A 184 75.58 56.91 87.83
CA SER A 184 76.11 57.71 88.94
C SER A 184 77.60 58.01 88.93
N GLY A 185 78.35 57.71 87.86
CA GLY A 185 79.78 58.00 87.88
C GLY A 185 80.63 56.98 88.61
N SER A 186 80.31 55.70 88.36
CA SER A 186 80.98 54.44 88.71
C SER A 186 82.27 54.44 89.54
N ALA A 187 82.29 53.69 90.66
CA ALA A 187 83.49 53.48 91.47
C ALA A 187 84.35 52.29 91.02
N SER A 188 85.69 52.48 91.03
CA SER A 188 86.70 51.75 90.28
C SER A 188 86.97 50.30 90.67
N GLU A 189 87.15 50.09 91.97
CA GLU A 189 87.56 48.88 92.67
C GLU A 189 86.34 48.35 93.39
N ALA A 190 85.42 49.27 93.76
CA ALA A 190 84.17 48.94 94.38
C ALA A 190 83.22 48.11 93.55
N ASN A 191 82.83 48.60 92.34
CA ASN A 191 81.85 48.00 91.43
C ASN A 191 80.65 47.38 92.13
N VAL A 192 80.02 48.14 93.08
CA VAL A 192 79.37 47.63 94.29
C VAL A 192 78.37 46.50 94.06
N GLU A 193 77.64 46.53 92.92
CA GLU A 193 76.74 45.51 92.44
C GLU A 193 77.24 44.07 92.59
N GLU A 194 78.47 43.80 92.12
CA GLU A 194 79.13 42.50 92.12
C GLU A 194 79.35 41.94 93.52
N LYS A 195 79.83 42.77 94.47
CA LYS A 195 80.00 42.38 95.86
C LYS A 195 78.68 42.05 96.55
N VAL A 196 77.64 42.89 96.36
CA VAL A 196 76.30 42.67 96.91
C VAL A 196 75.66 41.42 96.34
N LEU A 197 75.78 41.16 95.03
CA LEU A 197 75.25 39.96 94.42
C LEU A 197 75.87 38.69 94.95
N ALA A 198 77.19 38.69 95.24
CA ALA A 198 77.89 37.58 95.87
C ALA A 198 77.45 37.33 97.32
N SER A 199 76.81 38.32 97.98
CA SER A 199 76.23 38.12 99.30
C SER A 199 74.94 37.31 99.30
N ASN A 200 74.25 37.19 98.14
CA ASN A 200 73.02 36.43 98.04
C ASN A 200 73.16 34.95 98.37
N PRO A 201 74.09 34.13 97.89
CA PRO A 201 74.18 32.72 98.29
C PRO A 201 74.37 32.53 99.79
N ILE A 202 75.08 33.44 100.47
CA ILE A 202 75.22 33.42 101.92
C ILE A 202 73.91 33.65 102.65
N MET A 203 73.18 34.72 102.27
CA MET A 203 71.90 35.06 102.87
C MET A 203 70.81 34.06 102.59
N GLU A 204 70.77 33.50 101.38
CA GLU A 204 69.85 32.44 101.04
C GLU A 204 70.08 31.17 101.85
N SER A 205 71.34 30.78 102.12
CA SER A 205 71.63 29.65 103.00
C SER A 205 71.13 29.76 104.44
N ILE A 206 71.29 30.94 105.09
CA ILE A 206 70.93 31.12 106.49
C ILE A 206 69.52 31.68 106.69
N GLY A 207 68.91 32.26 105.63
CA GLY A 207 67.64 32.97 105.70
C GLY A 207 66.51 32.38 104.91
N ASN A 208 66.79 31.48 103.94
CA ASN A 208 65.76 30.90 103.11
C ASN A 208 65.59 29.42 103.43
N ALA A 209 64.42 28.85 103.13
CA ALA A 209 64.12 27.47 103.40
C ALA A 209 63.07 26.94 102.45
N LYS A 210 62.91 25.60 102.42
CA LYS A 210 61.86 24.94 101.66
C LYS A 210 60.59 24.88 102.48
N THR A 211 59.46 25.24 101.87
CA THR A 211 58.15 25.27 102.51
C THR A 211 57.22 24.37 101.72
N THR A 212 56.02 24.09 102.24
CA THR A 212 54.99 23.26 101.57
C THR A 212 54.66 23.72 100.17
N ARG A 213 54.74 25.04 99.89
CA ARG A 213 54.38 25.59 98.60
C ARG A 213 55.54 26.18 97.81
N ASN A 214 56.78 26.16 98.31
CA ASN A 214 57.93 26.76 97.61
C ASN A 214 59.21 26.01 97.96
N ASP A 215 60.07 25.77 96.96
CA ASP A 215 61.39 25.18 97.12
C ASP A 215 62.41 26.08 97.81
N ASN A 216 62.46 27.37 97.43
CA ASN A 216 63.27 28.39 98.05
C ASN A 216 62.34 29.54 98.46
N SER A 217 62.18 29.76 99.78
CA SER A 217 61.38 30.86 100.31
C SER A 217 62.10 31.61 101.41
N SER A 218 62.30 32.94 101.25
CA SER A 218 62.87 33.80 102.28
C SER A 218 61.97 34.01 103.47
N ARG A 219 62.44 33.67 104.68
CA ARG A 219 61.66 33.76 105.91
C ARG A 219 62.13 34.93 106.76
N PHE A 220 62.46 36.05 106.09
CA PHE A 220 62.94 37.27 106.70
C PHE A 220 62.74 38.43 105.74
N GLY A 221 62.95 39.68 106.21
CA GLY A 221 63.06 40.86 105.35
C GLY A 221 64.49 41.28 105.21
N LYS A 222 64.93 41.61 103.98
CA LYS A 222 66.30 42.00 103.69
C LYS A 222 66.28 43.40 103.10
N TYR A 223 67.01 44.34 103.72
CA TYR A 223 67.04 45.72 103.29
C TYR A 223 68.47 46.06 102.92
N ILE A 224 68.75 46.34 101.63
CA ILE A 224 70.09 46.72 101.19
C ILE A 224 70.05 48.21 100.91
N GLU A 225 70.78 49.00 101.71
CA GLU A 225 70.89 50.44 101.62
C GLU A 225 72.05 50.80 100.73
N ILE A 226 71.82 51.53 99.63
CA ILE A 226 72.85 51.91 98.69
C ILE A 226 73.33 53.31 99.03
N GLY A 227 74.61 53.47 99.43
CA GLY A 227 75.13 54.73 99.94
C GLY A 227 75.71 55.64 98.89
N PHE A 228 75.36 56.94 98.96
CA PHE A 228 75.76 57.98 98.05
C PHE A 228 76.48 59.13 98.76
N ASP A 229 77.58 59.68 98.16
CA ASP A 229 78.28 60.87 98.61
C ASP A 229 77.64 62.17 98.12
N LYS A 230 78.15 63.33 98.59
CA LYS A 230 77.71 64.69 98.32
C LYS A 230 78.11 65.25 96.97
N ARG A 231 78.20 64.34 96.00
CA ARG A 231 78.40 64.56 94.59
C ARG A 231 77.58 63.50 93.86
N TYR A 232 76.68 62.78 94.59
CA TYR A 232 75.83 61.69 94.13
C TYR A 232 76.49 60.60 93.29
N ARG A 233 77.28 59.74 93.95
CA ARG A 233 78.00 58.63 93.33
C ARG A 233 77.93 57.44 94.23
N ILE A 234 77.75 56.21 93.68
CA ILE A 234 77.85 54.96 94.43
C ILE A 234 79.19 54.80 95.17
N ILE A 235 79.14 54.58 96.50
CA ILE A 235 80.35 54.41 97.28
C ILE A 235 80.34 53.12 98.08
N GLY A 236 79.17 52.62 98.51
CA GLY A 236 79.11 51.39 99.29
C GLY A 236 77.69 50.99 99.50
N ALA A 237 77.44 49.99 100.35
CA ALA A 237 76.11 49.58 100.69
C ALA A 237 76.09 49.00 102.10
N ASN A 238 74.89 48.89 102.69
CA ASN A 238 74.71 48.39 104.04
C ASN A 238 73.49 47.47 104.03
N MET A 239 73.58 46.28 104.65
CA MET A 239 72.49 45.34 104.74
C MET A 239 71.88 45.38 106.14
N ARG A 240 70.54 45.47 106.22
CA ARG A 240 69.78 45.30 107.44
C ARG A 240 68.85 44.11 107.30
N THR A 241 68.67 43.33 108.37
CA THR A 241 67.80 42.15 108.42
C THR A 241 66.71 42.34 109.47
N TYR A 242 65.49 41.87 109.17
CA TYR A 242 64.36 42.01 110.06
C TYR A 242 63.47 40.78 109.96
N LEU A 243 62.59 40.57 110.95
CA LEU A 243 61.46 39.63 110.90
C LEU A 243 61.79 38.17 110.66
N LEU A 244 62.90 37.65 111.23
CA LEU A 244 63.31 36.27 111.04
C LEU A 244 62.38 35.22 111.69
N GLU A 245 62.02 34.15 110.95
CA GLU A 245 61.34 32.98 111.49
C GLU A 245 62.22 32.17 112.45
N LYS A 246 62.25 32.55 113.73
CA LYS A 246 62.98 31.83 114.76
C LYS A 246 62.48 30.43 115.03
N SER A 247 61.14 30.21 114.93
CA SER A 247 60.47 28.95 115.19
C SER A 247 60.97 27.80 114.32
N ARG A 248 61.27 28.09 113.03
CA ARG A 248 61.75 27.15 112.04
C ARG A 248 63.05 26.41 112.42
N VAL A 249 63.89 27.02 113.27
CA VAL A 249 65.14 26.44 113.74
C VAL A 249 64.95 25.12 114.49
N VAL A 250 63.86 24.98 115.26
CA VAL A 250 63.61 23.77 116.05
C VAL A 250 62.33 23.03 115.70
N PHE A 251 61.49 23.57 114.78
CA PHE A 251 60.23 22.95 114.40
C PHE A 251 60.13 22.96 112.87
N GLN A 252 59.57 21.89 112.29
CA GLN A 252 59.13 21.90 110.90
C GLN A 252 57.81 21.14 110.83
N ALA A 253 56.93 21.51 109.88
CA ALA A 253 55.71 20.79 109.59
C ALA A 253 55.94 19.95 108.34
N GLU A 254 55.02 19.02 108.03
CA GLU A 254 55.06 18.15 106.87
C GLU A 254 55.45 18.80 105.54
N GLU A 255 56.46 18.21 104.85
CA GLU A 255 57.01 18.67 103.59
C GLU A 255 57.63 20.07 103.63
N GLU A 256 58.34 20.36 104.74
CA GLU A 256 59.13 21.56 104.91
C GLU A 256 60.51 21.20 105.46
N ARG A 257 61.52 22.06 105.18
CA ARG A 257 62.86 21.88 105.71
C ARG A 257 63.17 23.03 106.66
N ASN A 258 64.18 22.85 107.55
CA ASN A 258 64.88 23.94 108.23
C ASN A 258 65.59 24.85 107.21
N TYR A 259 66.29 25.91 107.65
CA TYR A 259 67.11 26.74 106.79
C TYR A 259 68.16 25.96 106.01
N HIS A 260 68.45 26.37 104.76
CA HIS A 260 69.21 25.57 103.80
C HIS A 260 70.58 25.13 104.28
N ILE A 261 71.32 26.01 105.00
CA ILE A 261 72.69 25.76 105.44
C ILE A 261 72.89 24.46 106.21
N PHE A 262 71.89 24.05 107.03
CA PHE A 262 71.91 22.79 107.76
C PHE A 262 71.97 21.57 106.84
N TYR A 263 71.24 21.59 105.72
CA TYR A 263 71.20 20.51 104.74
C TYR A 263 72.46 20.45 103.89
N GLN A 264 72.98 21.63 103.51
CA GLN A 264 74.23 21.81 102.81
C GLN A 264 75.39 21.23 103.61
N LEU A 265 75.35 21.41 104.94
CA LEU A 265 76.24 20.78 105.89
C LEU A 265 76.15 19.25 106.00
N CYS A 266 74.93 18.66 106.11
CA CYS A 266 74.74 17.20 106.15
C CYS A 266 75.15 16.50 104.87
N ALA A 267 74.88 17.08 103.69
CA ALA A 267 75.29 16.51 102.42
C ALA A 267 76.81 16.59 102.20
N SER A 268 77.47 17.49 102.94
CA SER A 268 78.92 17.67 102.89
C SER A 268 79.63 16.94 104.02
N ALA A 269 78.93 16.05 104.77
CA ALA A 269 79.43 15.39 105.96
C ALA A 269 80.63 14.45 105.81
N ALA A 270 80.77 13.74 104.67
CA ALA A 270 81.81 12.74 104.50
C ALA A 270 83.13 13.38 104.03
N LEU A 271 83.12 14.69 103.75
CA LEU A 271 84.27 15.50 103.38
C LEU A 271 85.34 15.61 104.48
N PRO A 272 86.64 15.74 104.15
CA PRO A 272 87.71 15.55 105.12
C PRO A 272 87.80 16.65 106.17
N GLU A 273 87.53 17.93 105.84
CA GLU A 273 87.66 19.03 106.78
C GLU A 273 86.49 19.04 107.77
N PHE A 274 85.36 18.42 107.39
CA PHE A 274 84.14 18.44 108.17
C PHE A 274 84.02 17.27 109.14
N LYS A 275 85.01 16.37 109.21
CA LYS A 275 84.92 15.18 110.05
C LYS A 275 84.96 15.42 111.56
N THR A 276 85.44 16.60 112.02
CA THR A 276 85.37 16.95 113.44
C THR A 276 83.98 17.42 113.83
N LEU A 277 83.13 17.75 112.85
CA LEU A 277 81.76 18.15 113.07
C LEU A 277 80.84 16.95 113.28
N ARG A 278 81.29 15.74 112.85
CA ARG A 278 80.70 14.46 113.21
C ARG A 278 79.24 14.21 112.82
N LEU A 279 78.86 14.61 111.61
CA LEU A 279 77.50 14.58 111.13
C LEU A 279 77.09 13.25 110.50
N GLY A 280 75.79 12.93 110.59
CA GLY A 280 75.15 11.90 109.76
C GLY A 280 74.23 12.57 108.77
N ASN A 281 73.34 11.78 108.12
CA ASN A 281 72.37 12.32 107.18
C ASN A 281 71.26 13.13 107.86
N ALA A 282 70.38 13.77 107.08
CA ALA A 282 69.36 14.66 107.61
C ALA A 282 68.27 13.98 108.44
N ASN A 283 68.05 12.66 108.28
CA ASN A 283 67.07 11.93 109.07
C ASN A 283 67.60 11.62 110.47
N TYR A 284 68.91 11.79 110.72
CA TYR A 284 69.50 11.61 112.03
C TYR A 284 69.06 12.68 113.05
N PHE A 285 69.14 13.96 112.69
CA PHE A 285 69.01 15.08 113.63
C PHE A 285 67.58 15.56 113.78
N HIS A 286 67.11 15.75 115.03
CA HIS A 286 65.78 16.22 115.38
C HIS A 286 65.40 17.55 114.77
N TYR A 287 66.34 18.49 114.66
CA TYR A 287 66.08 19.79 114.09
C TYR A 287 66.05 19.79 112.55
N THR A 288 66.40 18.68 111.84
CA THR A 288 66.33 18.64 110.37
C THR A 288 65.48 17.53 109.79
N LYS A 289 64.82 16.68 110.62
CA LYS A 289 64.10 15.52 110.12
C LYS A 289 62.59 15.62 110.21
N GLN A 290 62.03 16.67 110.83
CA GLN A 290 60.63 16.70 111.22
C GLN A 290 59.65 16.67 110.07
N GLY A 291 59.92 17.43 108.98
CA GLY A 291 59.01 17.52 107.85
C GLY A 291 59.09 16.42 106.83
N GLY A 292 60.00 15.44 107.00
CA GLY A 292 60.08 14.27 106.12
C GLY A 292 60.70 14.50 104.77
N SER A 293 61.03 15.75 104.45
CA SER A 293 61.56 16.18 103.16
C SER A 293 63.05 16.46 103.33
N PRO A 294 64.00 15.67 102.81
CA PRO A 294 65.39 15.87 103.19
C PRO A 294 66.13 16.46 102.02
N VAL A 295 65.61 16.31 100.78
CA VAL A 295 66.23 16.62 99.51
C VAL A 295 65.21 17.41 98.75
N ILE A 296 65.63 18.45 98.00
CA ILE A 296 64.77 19.19 97.12
C ILE A 296 65.06 18.66 95.74
N ASP A 297 64.02 18.40 94.91
CA ASP A 297 64.22 17.95 93.54
C ASP A 297 65.06 18.96 92.74
N GLY A 298 66.04 18.44 91.99
CA GLY A 298 66.98 19.21 91.19
C GLY A 298 68.13 19.90 91.88
N ILE A 299 68.28 19.82 93.23
CA ILE A 299 69.31 20.57 93.93
C ILE A 299 70.31 19.61 94.55
N ASP A 300 71.61 19.86 94.30
CA ASP A 300 72.69 19.20 95.00
C ASP A 300 73.07 20.15 96.14
N ASP A 301 72.64 19.82 97.38
CA ASP A 301 72.94 20.60 98.58
C ASP A 301 74.45 20.74 98.83
N ALA A 302 75.26 19.72 98.44
CA ALA A 302 76.71 19.75 98.53
C ALA A 302 77.38 20.73 97.56
N LYS A 303 76.95 20.78 96.28
CA LYS A 303 77.42 21.77 95.32
C LYS A 303 77.07 23.20 95.75
N GLU A 304 75.87 23.42 96.30
CA GLU A 304 75.51 24.69 96.89
C GLU A 304 76.32 25.08 98.10
N MET A 305 76.77 24.13 98.92
CA MET A 305 77.78 24.39 99.94
C MET A 305 79.13 24.85 99.39
N VAL A 306 79.58 24.27 98.25
CA VAL A 306 80.78 24.72 97.54
C VAL A 306 80.64 26.17 97.10
N ASN A 307 79.50 26.54 96.49
CA ASN A 307 79.15 27.90 96.11
C ASN A 307 79.05 28.86 97.32
N THR A 308 78.42 28.41 98.43
CA THR A 308 78.28 29.15 99.69
C THR A 308 79.62 29.49 100.32
N ARG A 309 80.54 28.51 100.39
CA ARG A 309 81.89 28.72 100.88
C ARG A 309 82.69 29.67 100.00
N GLN A 310 82.57 29.53 98.67
CA GLN A 310 83.21 30.42 97.71
C GLN A 310 82.76 31.88 97.85
N ALA A 311 81.47 32.14 98.07
CA ALA A 311 80.96 33.46 98.37
C ALA A 311 81.48 34.09 99.66
N CYS A 312 81.62 33.29 100.74
CA CYS A 312 82.26 33.70 101.98
C CYS A 312 83.73 34.09 101.80
N THR A 313 84.47 33.32 100.97
CA THR A 313 85.83 33.63 100.55
C THR A 313 85.93 34.95 99.80
N LEU A 314 84.99 35.24 98.86
CA LEU A 314 84.93 36.51 98.14
C LEU A 314 84.71 37.74 99.04
N LEU A 315 83.87 37.60 100.08
CA LEU A 315 83.55 38.70 100.99
C LEU A 315 84.41 38.70 102.25
N GLY A 316 85.57 38.00 102.24
CA GLY A 316 86.58 38.23 103.26
C GLY A 316 86.36 37.54 104.59
N ILE A 317 85.42 36.59 104.68
CA ILE A 317 85.30 35.77 105.88
C ILE A 317 86.38 34.72 105.83
N SER A 318 87.50 34.98 106.53
CA SER A 318 88.68 34.12 106.51
C SER A 318 88.35 32.67 106.82
N ASP A 319 89.00 31.71 106.14
CA ASP A 319 88.77 30.28 106.23
C ASP A 319 88.77 29.73 107.67
N SER A 320 89.56 30.36 108.56
CA SER A 320 89.49 30.18 110.00
C SER A 320 88.15 30.51 110.66
N TYR A 321 87.51 31.63 110.29
CA TYR A 321 86.18 32.02 110.68
C TYR A 321 85.09 31.22 109.97
N GLN A 322 85.28 30.80 108.71
CA GLN A 322 84.32 29.94 108.01
C GLN A 322 84.08 28.63 108.75
N MET A 323 85.16 27.96 109.19
CA MET A 323 85.10 26.80 110.05
C MET A 323 84.43 27.08 111.39
N GLY A 324 84.65 28.30 111.93
CA GLY A 324 83.89 28.87 113.04
C GLY A 324 82.39 28.78 112.91
N ILE A 325 81.81 29.26 111.79
CA ILE A 325 80.37 29.26 111.55
C ILE A 325 79.79 27.84 111.47
N PHE A 326 80.42 26.97 110.66
CA PHE A 326 79.99 25.60 110.43
C PHE A 326 80.03 24.76 111.71
N ARG A 327 81.06 24.98 112.53
CA ARG A 327 81.19 24.37 113.83
C ARG A 327 80.09 24.73 114.83
N ILE A 328 79.66 26.01 114.90
CA ILE A 328 78.52 26.41 115.73
C ILE A 328 77.23 25.77 115.24
N LEU A 329 76.97 25.75 113.91
CA LEU A 329 75.81 25.09 113.33
C LEU A 329 75.74 23.59 113.60
N ALA A 330 76.88 22.87 113.53
CA ALA A 330 77.00 21.48 113.93
C ALA A 330 76.64 21.25 115.40
N GLY A 331 77.05 22.18 116.28
CA GLY A 331 76.67 22.11 117.69
C GLY A 331 75.20 22.34 117.95
N ILE A 332 74.55 23.25 117.20
CA ILE A 332 73.09 23.44 117.25
C ILE A 332 72.38 22.15 116.82
N LEU A 333 72.86 21.49 115.75
CA LEU A 333 72.35 20.20 115.32
C LEU A 333 72.49 19.08 116.34
N HIS A 334 73.67 18.91 116.97
CA HIS A 334 73.89 17.95 118.04
C HIS A 334 73.12 18.24 119.32
N LEU A 335 72.98 19.52 119.70
CA LEU A 335 72.19 19.99 120.83
C LEU A 335 70.73 19.54 120.73
N GLY A 336 70.19 19.52 119.50
CA GLY A 336 68.83 19.07 119.24
C GLY A 336 68.53 17.62 119.49
N ASN A 337 69.54 16.75 119.56
CA ASN A 337 69.35 15.34 119.85
C ASN A 337 69.64 15.01 121.31
N VAL A 338 69.90 16.01 122.19
CA VAL A 338 69.95 15.79 123.63
C VAL A 338 68.57 15.41 124.15
N GLU A 339 68.42 14.16 124.66
CA GLU A 339 67.18 13.69 125.25
C GLU A 339 67.27 13.75 126.77
N PHE A 340 66.12 13.97 127.40
CA PHE A 340 65.95 14.22 128.80
C PHE A 340 65.15 13.11 129.44
N ALA A 341 65.55 12.51 130.56
CA ALA A 341 64.72 11.48 131.16
C ALA A 341 64.15 11.94 132.48
N SER A 342 62.80 11.90 132.63
CA SER A 342 62.08 12.32 133.83
C SER A 342 62.46 11.53 135.08
N ARG A 343 62.51 12.21 136.23
CA ARG A 343 62.94 11.66 137.50
C ARG A 343 61.99 12.23 138.55
N ASP A 344 62.13 11.81 139.83
CA ASP A 344 61.28 12.21 140.96
C ASP A 344 60.96 13.73 141.07
N SER A 345 59.79 14.04 141.67
CA SER A 345 59.38 15.38 142.07
C SER A 345 59.35 16.39 140.93
N ASP A 346 58.75 15.96 139.80
CA ASP A 346 58.76 16.59 138.48
C ASP A 346 60.10 17.23 138.09
N SER A 347 61.07 16.36 137.74
CA SER A 347 62.42 16.77 137.39
C SER A 347 62.96 15.89 136.29
N CYS A 348 64.20 16.12 135.83
CA CYS A 348 64.78 15.38 134.74
C CYS A 348 66.29 15.30 134.84
N ALA A 349 66.90 14.36 134.09
CA ALA A 349 68.34 14.31 133.93
C ALA A 349 68.69 13.63 132.63
N ILE A 350 69.84 14.01 132.01
CA ILE A 350 70.45 13.40 130.83
C ILE A 350 70.82 11.92 131.07
N PRO A 351 70.76 11.00 130.10
CA PRO A 351 71.26 9.63 130.26
C PRO A 351 72.79 9.56 130.39
N PRO A 352 73.37 8.60 131.13
CA PRO A 352 74.81 8.57 131.43
C PRO A 352 75.69 8.51 130.18
N LYS A 353 76.71 9.40 130.07
CA LYS A 353 77.62 9.45 128.92
C LYS A 353 76.89 9.66 127.58
N HIS A 354 76.18 10.78 127.42
CA HIS A 354 75.29 10.94 126.29
C HIS A 354 76.01 11.42 125.04
N ASP A 355 75.99 10.60 123.97
CA ASP A 355 76.66 10.79 122.70
C ASP A 355 76.34 12.09 121.98
N PRO A 356 75.11 12.59 121.85
CA PRO A 356 74.88 13.92 121.33
C PRO A 356 75.44 15.05 122.18
N LEU A 357 75.30 14.98 123.52
CA LEU A 357 75.80 16.00 124.44
C LEU A 357 77.33 16.06 124.48
N THR A 358 77.99 14.88 124.44
CA THR A 358 79.46 14.77 124.42
C THR A 358 80.04 15.47 123.21
N ILE A 359 79.44 15.25 122.02
CA ILE A 359 79.81 15.95 120.79
C ILE A 359 79.54 17.45 120.90
N PHE A 360 78.37 17.89 121.43
CA PHE A 360 78.06 19.31 121.61
C PHE A 360 79.12 20.04 122.46
N CYS A 361 79.47 19.49 123.63
CA CYS A 361 80.47 20.06 124.51
C CYS A 361 81.87 20.09 123.94
N ASP A 362 82.33 19.01 123.23
CA ASP A 362 83.58 18.96 122.49
C ASP A 362 83.67 20.07 121.45
N LEU A 363 82.60 20.25 120.64
CA LEU A 363 82.61 21.23 119.59
C LEU A 363 82.73 22.66 120.08
N MET A 364 82.02 22.99 121.18
CA MET A 364 81.98 24.32 121.78
C MET A 364 83.15 24.60 122.73
N GLY A 365 83.73 23.58 123.37
CA GLY A 365 84.91 23.70 124.23
C GLY A 365 84.64 24.05 125.67
N VAL A 366 83.45 23.68 126.14
CA VAL A 366 82.95 23.91 127.49
C VAL A 366 83.09 22.63 128.30
N ASP A 367 82.92 22.71 129.64
CA ASP A 367 82.81 21.52 130.46
C ASP A 367 81.52 20.74 130.09
N TYR A 368 81.57 19.40 130.21
CA TYR A 368 80.43 18.54 129.99
C TYR A 368 79.44 18.65 131.15
N GLU A 369 79.96 18.55 132.39
CA GLU A 369 79.16 18.46 133.58
C GLU A 369 78.52 19.78 133.98
N GLU A 370 79.25 20.90 133.80
CA GLU A 370 78.69 22.23 133.99
C GLU A 370 77.46 22.46 133.10
N MET A 371 77.53 22.08 131.81
CA MET A 371 76.42 22.19 130.90
C MET A 371 75.27 21.24 131.21
N ALA A 372 75.57 19.96 131.53
CA ALA A 372 74.58 18.93 131.84
C ALA A 372 73.74 19.30 133.07
N HIS A 373 74.40 19.87 134.10
CA HIS A 373 73.74 20.44 135.25
C HIS A 373 72.75 21.55 134.88
N TRP A 374 73.15 22.52 134.05
CA TRP A 374 72.32 23.69 133.82
C TRP A 374 71.32 23.53 132.69
N LEU A 375 71.33 22.38 131.98
CA LEU A 375 70.19 21.94 131.19
C LEU A 375 68.98 21.56 132.04
N CYS A 376 69.19 21.01 133.25
CA CYS A 376 68.13 20.40 134.05
C CYS A 376 67.81 21.18 135.31
N HIS A 377 68.52 22.30 135.54
CA HIS A 377 68.43 23.04 136.79
C HIS A 377 68.32 24.52 136.50
N ARG A 378 67.84 25.28 137.50
CA ARG A 378 67.67 26.70 137.31
C ARG A 378 67.90 27.44 138.61
N LYS A 379 68.61 28.59 138.57
CA LYS A 379 68.62 29.53 139.68
C LYS A 379 67.21 30.07 139.98
N LEU A 380 66.78 30.10 141.25
CA LEU A 380 65.62 30.84 141.69
C LEU A 380 66.22 31.84 142.67
N ALA A 381 66.08 33.15 142.41
CA ALA A 381 66.73 34.19 143.19
C ALA A 381 65.76 35.31 143.55
N THR A 386 69.01 32.95 146.85
CA THR A 386 69.64 32.13 145.81
C THR A 386 69.57 30.64 146.11
N TYR A 387 68.52 29.94 145.61
CA TYR A 387 68.36 28.50 145.81
C TYR A 387 68.25 27.82 144.44
N ILE A 388 68.87 26.63 144.29
CA ILE A 388 68.93 25.89 143.03
C ILE A 388 67.74 24.95 142.94
N LYS A 389 66.88 25.04 141.89
CA LYS A 389 65.73 24.15 141.81
C LYS A 389 65.57 23.40 140.49
N PRO A 390 65.49 22.06 140.47
CA PRO A 390 65.08 21.26 139.31
C PRO A 390 63.89 21.70 138.47
N ILE A 391 63.92 21.50 137.15
CA ILE A 391 62.81 21.83 136.27
C ILE A 391 62.17 20.56 135.72
N SER A 392 60.86 20.62 135.38
CA SER A 392 60.13 19.54 134.71
C SER A 392 60.67 19.17 133.34
N LYS A 393 60.35 17.96 132.81
CA LYS A 393 60.85 17.54 131.51
C LYS A 393 60.52 18.51 130.37
N LEU A 394 59.26 18.98 130.29
CA LEU A 394 58.83 19.94 129.29
C LEU A 394 59.54 21.29 129.38
N HIS A 395 59.81 21.79 130.61
CA HIS A 395 60.55 23.03 130.82
C HIS A 395 62.01 22.97 130.38
N ALA A 396 62.68 21.80 130.50
CA ALA A 396 64.01 21.58 129.96
C ALA A 396 64.05 21.63 128.44
N ILE A 397 63.08 21.00 127.76
CA ILE A 397 62.96 21.00 126.31
C ILE A 397 62.71 22.40 125.75
N ASN A 398 61.78 23.18 126.35
CA ASN A 398 61.53 24.56 125.96
C ASN A 398 62.77 25.45 126.10
N ALA A 399 63.57 25.25 127.17
CA ALA A 399 64.84 25.93 127.36
C ALA A 399 65.94 25.54 126.37
N ARG A 400 66.08 24.24 126.02
CA ARG A 400 67.00 23.76 125.00
C ARG A 400 66.74 24.43 123.65
N ASP A 401 65.46 24.49 123.25
CA ASP A 401 65.02 25.12 122.03
C ASP A 401 65.24 26.62 122.04
N ALA A 402 65.00 27.27 123.20
CA ALA A 402 65.29 28.67 123.41
C ALA A 402 66.77 29.01 123.22
N LEU A 403 67.67 28.16 123.74
CA LEU A 403 69.09 28.27 123.50
C LEU A 403 69.51 28.07 122.05
N ALA A 404 68.99 27.02 121.35
CA ALA A 404 69.26 26.78 119.93
C ALA A 404 68.83 27.96 119.05
N LYS A 405 67.62 28.49 119.30
CA LYS A 405 67.10 29.69 118.70
C LYS A 405 67.88 30.96 119.01
N HIS A 406 68.35 31.15 120.26
CA HIS A 406 69.22 32.27 120.62
C HIS A 406 70.56 32.23 119.87
N ILE A 407 71.25 31.07 119.84
CA ILE A 407 72.55 30.98 119.19
C ILE A 407 72.46 31.26 117.69
N TYR A 408 71.44 30.71 117.01
CA TYR A 408 71.20 30.95 115.61
C TYR A 408 70.95 32.42 115.28
N ALA A 409 70.13 33.12 116.09
CA ALA A 409 69.86 34.54 115.90
C ALA A 409 71.11 35.41 115.97
N ASN A 410 71.98 35.14 116.96
CA ASN A 410 73.25 35.83 117.09
C ASN A 410 74.28 35.48 116.02
N LEU A 411 74.39 34.20 115.60
CA LEU A 411 75.24 33.80 114.49
C LEU A 411 74.81 34.41 113.17
N PHE A 412 73.48 34.48 112.93
CA PHE A 412 72.87 35.17 111.81
C PHE A 412 73.21 36.65 111.76
N ASN A 413 73.13 37.36 112.90
CA ASN A 413 73.57 38.74 113.03
C ASN A 413 75.06 38.90 112.74
N TRP A 414 75.92 38.02 113.28
CA TRP A 414 77.36 38.08 113.11
C TRP A 414 77.81 37.99 111.65
N ILE A 415 77.19 37.08 110.87
CA ILE A 415 77.41 36.96 109.45
C ILE A 415 77.03 38.23 108.71
N VAL A 416 75.86 38.84 109.04
CA VAL A 416 75.44 40.12 108.47
C VAL A 416 76.40 41.26 108.79
N ASP A 417 76.89 41.38 110.05
CA ASP A 417 77.91 42.36 110.41
C ASP A 417 79.18 42.21 109.58
N HIS A 418 79.71 40.98 109.42
CA HIS A 418 80.91 40.76 108.63
C HIS A 418 80.74 40.85 107.13
N VAL A 419 79.58 40.47 106.56
CA VAL A 419 79.23 40.75 105.16
C VAL A 419 79.20 42.25 104.90
N ASN A 420 78.66 43.03 105.85
CA ASN A 420 78.70 44.48 105.83
C ASN A 420 80.11 45.07 105.76
N LYS A 421 81.11 44.45 106.40
CA LYS A 421 82.49 44.96 106.41
C LYS A 421 83.20 44.83 105.07
N ALA A 422 82.71 43.95 104.17
CA ALA A 422 83.17 43.89 102.80
C ALA A 422 82.41 44.84 101.87
N LEU A 423 81.31 45.43 102.35
CA LEU A 423 80.42 46.26 101.54
C LEU A 423 80.43 47.72 101.97
N HIS A 424 81.02 48.01 103.14
CA HIS A 424 81.30 49.32 103.69
C HIS A 424 82.25 50.17 102.85
N SER A 425 82.09 51.50 102.93
CA SER A 425 82.95 52.44 102.21
C SER A 425 83.75 53.27 103.19
N THR A 426 84.96 53.71 102.78
CA THR A 426 85.81 54.60 103.57
C THR A 426 85.46 56.06 103.31
N VAL A 427 84.69 56.32 102.24
CA VAL A 427 84.18 57.64 101.92
C VAL A 427 82.94 57.92 102.74
N LYS A 428 82.78 59.15 103.26
CA LYS A 428 81.59 59.50 104.03
C LYS A 428 80.34 59.66 103.18
N GLN A 429 79.30 58.87 103.48
CA GLN A 429 77.96 59.00 102.94
C GLN A 429 77.23 60.32 103.24
N HIS A 430 76.45 60.79 102.25
CA HIS A 430 75.50 61.90 102.30
C HIS A 430 74.11 61.30 102.45
N SER A 431 73.70 60.46 101.48
CA SER A 431 72.32 59.97 101.38
C SER A 431 72.31 58.52 100.94
N PHE A 432 71.15 57.84 100.99
CA PHE A 432 71.02 56.47 100.53
C PHE A 432 69.70 56.19 99.82
N ILE A 433 69.68 55.12 99.01
CA ILE A 433 68.46 54.53 98.48
C ILE A 433 68.46 53.08 98.93
N GLY A 434 67.48 52.65 99.72
CA GLY A 434 67.40 51.27 100.18
C GLY A 434 66.43 50.47 99.37
N VAL A 435 66.72 49.19 99.14
CA VAL A 435 65.79 48.29 98.47
C VAL A 435 65.36 47.24 99.49
N LEU A 436 64.05 47.15 99.76
CA LEU A 436 63.47 46.21 100.70
C LEU A 436 62.91 45.03 99.95
N ASP A 437 63.48 43.84 100.21
CA ASP A 437 63.02 42.58 99.69
C ASP A 437 62.22 41.92 100.81
N ILE A 438 60.90 41.75 100.63
CA ILE A 438 60.01 41.27 101.67
C ILE A 438 58.86 40.48 101.06
N TYR A 439 58.31 39.50 101.80
CA TYR A 439 57.10 38.75 101.48
C TYR A 439 55.81 39.56 101.23
N GLY A 440 54.69 38.85 100.98
CA GLY A 440 53.35 39.43 100.88
C GLY A 440 52.46 38.70 101.83
N PHE A 441 51.12 38.74 101.65
CA PHE A 441 50.21 37.94 102.47
C PHE A 441 50.39 36.44 102.20
N GLU A 442 50.59 35.62 103.25
CA GLU A 442 50.80 34.19 103.11
C GLU A 442 49.59 33.48 103.66
N THR A 443 48.86 32.78 102.77
CA THR A 443 47.67 32.05 103.13
C THR A 443 47.78 30.67 102.55
N PHE A 444 47.78 29.64 103.41
CA PHE A 444 47.73 28.24 103.04
C PHE A 444 46.39 27.72 103.54
N GLU A 445 46.13 26.42 103.40
CA GLU A 445 44.93 25.75 103.85
C GLU A 445 44.92 25.49 105.34
N ILE A 446 46.11 25.38 105.95
CA ILE A 446 46.26 25.34 107.40
C ILE A 446 47.18 26.49 107.73
N ASN A 447 46.67 27.51 108.45
CA ASN A 447 47.45 28.69 108.78
C ASN A 447 47.77 28.70 110.25
N SER A 448 49.02 29.00 110.62
CA SER A 448 49.49 28.96 112.00
C SER A 448 50.15 30.29 112.36
N PHE A 449 51.03 30.29 113.38
CA PHE A 449 51.73 31.43 113.96
C PHE A 449 52.62 32.16 112.95
N GLU A 450 53.35 31.40 112.12
CA GLU A 450 54.23 31.89 111.09
C GLU A 450 53.49 32.77 110.08
N GLN A 451 52.32 32.30 109.58
CA GLN A 451 51.44 33.04 108.70
C GLN A 451 50.85 34.28 109.36
N PHE A 452 50.44 34.16 110.64
CA PHE A 452 49.90 35.26 111.43
C PHE A 452 50.88 36.42 111.55
N CYS A 453 52.16 36.11 111.82
CA CYS A 453 53.25 37.06 111.86
C CYS A 453 53.53 37.74 110.52
N ILE A 454 53.54 36.98 109.42
CA ILE A 454 53.70 37.52 108.07
C ILE A 454 52.60 38.49 107.70
N ASN A 455 51.33 38.13 107.92
CA ASN A 455 50.19 38.97 107.60
C ASN A 455 50.11 40.22 108.49
N TYR A 456 50.50 40.12 109.78
CA TYR A 456 50.68 41.24 110.70
C TYR A 456 51.70 42.27 110.21
N ALA A 457 52.86 41.82 109.69
CA ALA A 457 53.83 42.71 109.06
C ALA A 457 53.29 43.40 107.81
N ASN A 458 52.55 42.66 106.96
CA ASN A 458 51.90 43.19 105.78
C ASN A 458 50.87 44.27 106.08
N GLU A 459 50.05 44.13 107.15
CA GLU A 459 49.13 45.17 107.62
C GLU A 459 49.85 46.47 108.00
N LYS A 460 51.01 46.41 108.69
CA LYS A 460 51.84 47.59 108.96
C LYS A 460 52.36 48.28 107.69
N LEU A 461 52.87 47.50 106.70
CA LEU A 461 53.32 48.04 105.42
C LEU A 461 52.21 48.64 104.57
N GLN A 462 51.06 47.96 104.47
CA GLN A 462 49.92 48.42 103.72
C GLN A 462 49.34 49.73 104.28
N GLN A 463 49.35 49.91 105.61
CA GLN A 463 49.03 51.17 106.26
C GLN A 463 49.90 52.35 105.83
N GLN A 464 51.24 52.18 105.74
CA GLN A 464 52.13 53.22 105.23
C GLN A 464 51.84 53.54 103.76
N PHE A 465 51.59 52.50 102.94
CA PHE A 465 51.19 52.64 101.56
C PHE A 465 49.88 53.42 101.41
N ASN A 466 48.85 53.10 102.22
CA ASN A 466 47.56 53.77 102.20
C ASN A 466 47.71 55.27 102.47
N MET A 467 48.52 55.64 103.49
CA MET A 467 48.86 57.01 103.80
C MET A 467 49.64 57.73 102.71
N HIS A 468 50.62 57.06 102.09
CA HIS A 468 51.41 57.61 101.00
C HIS A 468 50.60 57.93 99.75
N VAL A 469 49.68 57.00 99.36
CA VAL A 469 48.76 57.22 98.26
C VAL A 469 47.82 58.39 98.52
N PHE A 470 47.28 58.49 99.76
CA PHE A 470 46.40 59.58 100.17
C PHE A 470 47.05 60.96 100.05
N LYS A 471 48.32 61.11 100.47
CA LYS A 471 49.09 62.32 100.30
C LYS A 471 49.31 62.70 98.83
N LEU A 472 49.68 61.72 97.97
CA LEU A 472 49.87 61.93 96.55
C LEU A 472 48.61 62.32 95.80
N GLU A 473 47.45 61.70 96.13
CA GLU A 473 46.16 62.12 95.60
C GLU A 473 45.81 63.55 95.96
N GLN A 474 46.08 63.98 97.21
CA GLN A 474 45.93 65.38 97.59
C GLN A 474 46.78 66.33 96.77
N GLU A 475 48.06 66.01 96.50
CA GLU A 475 48.93 66.82 95.67
C GLU A 475 48.48 66.97 94.22
N GLU A 476 48.05 65.87 93.58
CA GLU A 476 47.44 65.85 92.25
C GLU A 476 46.11 66.62 92.19
N TYR A 477 45.23 66.44 93.20
CA TYR A 477 43.99 67.19 93.35
C TYR A 477 44.23 68.71 93.43
N MET A 478 45.24 69.15 94.23
CA MET A 478 45.65 70.54 94.32
C MET A 478 46.19 71.14 93.03
N LYS A 479 47.01 70.39 92.26
CA LYS A 479 47.53 70.79 90.95
C LYS A 479 46.41 71.12 89.94
N GLU A 480 45.26 70.47 90.05
CA GLU A 480 44.14 70.74 89.19
C GLU A 480 43.08 71.68 89.79
N GLN A 481 43.20 72.05 91.07
CA GLN A 481 42.28 72.94 91.80
C GLN A 481 40.91 72.33 92.07
N ILE A 482 40.86 71.06 92.51
CA ILE A 482 39.64 70.34 92.84
C ILE A 482 39.47 70.35 94.36
N PRO A 483 38.27 70.38 94.97
CA PRO A 483 38.10 70.27 96.42
C PRO A 483 38.76 69.01 97.01
N TRP A 484 39.66 69.18 98.00
CA TRP A 484 40.54 68.12 98.48
C TRP A 484 39.93 67.32 99.62
N THR A 485 38.64 67.57 99.90
CA THR A 485 37.88 66.91 100.95
C THR A 485 36.93 65.88 100.36
N LEU A 486 37.21 65.44 99.12
CA LEU A 486 36.44 64.49 98.35
C LEU A 486 37.24 63.21 98.14
N ILE A 487 38.12 62.90 99.11
CA ILE A 487 38.92 61.68 99.13
C ILE A 487 38.69 61.00 100.47
N ASP A 488 38.00 59.84 100.47
CA ASP A 488 37.75 59.04 101.65
C ASP A 488 38.99 58.20 102.02
N PHE A 489 39.52 58.34 103.24
CA PHE A 489 40.63 57.52 103.70
C PHE A 489 40.11 56.23 104.34
N TYR A 490 40.60 55.07 103.89
CA TYR A 490 40.26 53.79 104.47
C TYR A 490 41.32 53.35 105.45
N ASP A 491 41.08 53.64 106.74
CA ASP A 491 41.93 53.21 107.83
C ASP A 491 41.96 51.67 108.03
N ASN A 492 43.15 51.13 108.38
CA ASN A 492 43.31 49.74 108.77
C ASN A 492 43.88 49.60 110.18
N GLN A 493 43.96 50.72 110.94
CA GLN A 493 44.34 50.70 112.35
C GLN A 493 43.51 49.80 113.27
N PRO A 494 42.17 49.63 113.20
CA PRO A 494 41.47 48.68 114.07
C PRO A 494 41.92 47.23 113.90
N CYS A 495 42.35 46.79 112.69
CA CYS A 495 42.92 45.46 112.50
C CYS A 495 44.28 45.33 113.16
N ILE A 496 45.17 46.34 112.99
CA ILE A 496 46.49 46.40 113.60
C ILE A 496 46.38 46.38 115.12
N ASN A 497 45.41 47.11 115.68
CA ASN A 497 45.09 47.13 117.10
C ASN A 497 44.59 45.81 117.64
N LEU A 498 43.72 45.08 116.91
CA LEU A 498 43.25 43.75 117.31
C LEU A 498 44.41 42.77 117.46
N ILE A 499 45.41 42.86 116.56
CA ILE A 499 46.63 42.08 116.67
C ILE A 499 47.57 42.54 117.79
N GLU A 500 47.91 43.85 117.89
CA GLU A 500 49.04 44.28 118.70
C GLU A 500 48.76 45.13 119.94
N ALA A 501 47.51 45.57 120.18
CA ALA A 501 47.19 46.35 121.36
C ALA A 501 47.10 45.46 122.61
N LYS A 502 47.08 46.06 123.83
CA LYS A 502 46.77 45.30 125.04
C LYS A 502 45.35 44.74 124.98
N MET A 503 45.18 43.46 125.39
CA MET A 503 43.97 42.66 125.28
C MET A 503 43.73 42.19 123.85
N GLY A 504 44.73 42.38 122.96
CA GLY A 504 44.75 41.84 121.61
C GLY A 504 45.27 40.44 121.53
N VAL A 505 45.31 39.89 120.30
CA VAL A 505 45.63 38.48 120.05
C VAL A 505 47.03 38.08 120.51
N LEU A 506 48.07 38.88 120.20
CA LEU A 506 49.42 38.65 120.68
C LEU A 506 49.58 38.82 122.19
N ASP A 507 48.93 39.83 122.79
CA ASP A 507 48.97 40.06 124.22
C ASP A 507 48.36 38.92 125.03
N LEU A 508 47.16 38.45 124.65
CA LEU A 508 46.52 37.31 125.31
C LEU A 508 47.31 36.02 125.16
N LEU A 509 47.99 35.84 124.00
CA LEU A 509 48.92 34.75 123.80
C LEU A 509 50.12 34.81 124.76
N ASP A 510 50.77 35.98 124.88
CA ASP A 510 51.85 36.23 125.81
C ASP A 510 51.43 36.07 127.29
N GLU A 511 50.20 36.47 127.66
CA GLU A 511 49.62 36.17 128.97
C GLU A 511 49.46 34.68 129.26
N GLU A 512 48.87 33.91 128.33
CA GLU A 512 48.64 32.48 128.50
C GLU A 512 49.96 31.71 128.62
N CYS A 513 51.00 32.19 127.92
CA CYS A 513 52.34 31.61 127.94
C CYS A 513 53.16 31.77 129.23
N LYS A 514 52.72 32.62 130.17
CA LYS A 514 53.32 32.67 131.50
C LYS A 514 52.41 32.03 132.54
N MET A 515 51.27 31.42 132.11
CA MET A 515 50.45 30.63 133.00
C MET A 515 50.99 29.19 133.07
N PRO A 516 51.02 28.49 134.20
CA PRO A 516 51.75 27.23 134.30
C PRO A 516 50.84 26.07 133.94
N LYS A 517 49.61 26.36 133.49
CA LYS A 517 48.59 25.40 133.16
C LYS A 517 47.80 25.93 131.98
N GLY A 518 48.37 26.91 131.22
CA GLY A 518 47.76 27.38 129.99
C GLY A 518 47.79 26.38 128.86
N SER A 519 46.95 26.58 127.83
CA SER A 519 46.98 25.74 126.65
C SER A 519 46.46 26.53 125.45
N ASP A 520 46.59 25.97 124.23
CA ASP A 520 46.01 26.52 123.01
C ASP A 520 44.47 26.63 123.10
N ASP A 521 43.81 25.63 123.72
CA ASP A 521 42.37 25.59 123.96
C ASP A 521 41.88 26.71 124.89
N THR A 522 42.58 26.96 126.02
CA THR A 522 42.24 28.04 126.95
C THR A 522 42.47 29.41 126.35
N TRP A 523 43.57 29.57 125.57
CA TRP A 523 43.84 30.76 124.81
C TRP A 523 42.74 31.03 123.79
N ALA A 524 42.27 30.01 123.05
CA ALA A 524 41.18 30.13 122.10
C ALA A 524 39.89 30.64 122.74
N GLN A 525 39.52 30.09 123.91
CA GLN A 525 38.37 30.57 124.67
C GLN A 525 38.53 32.00 125.20
N LYS A 526 39.73 32.39 125.64
CA LYS A 526 40.07 33.74 126.04
C LYS A 526 39.90 34.74 124.90
N LEU A 527 40.33 34.38 123.67
CA LEU A 527 40.05 35.14 122.45
C LEU A 527 38.55 35.31 122.20
N TYR A 528 37.73 34.24 122.33
CA TYR A 528 36.29 34.35 122.17
C TYR A 528 35.61 35.22 123.21
N ASN A 529 35.98 35.05 124.50
CA ASN A 529 35.43 35.82 125.59
C ASN A 529 35.75 37.29 125.46
N THR A 530 37.01 37.64 125.16
CA THR A 530 37.45 39.01 124.94
C THR A 530 36.92 39.63 123.66
N HIS A 531 36.96 38.94 122.49
CA HIS A 531 36.72 39.63 121.22
C HIS A 531 35.46 39.25 120.47
N LEU A 532 34.97 37.98 120.53
CA LEU A 532 33.89 37.51 119.66
C LEU A 532 32.58 38.25 119.88
N ASN A 533 32.13 39.01 118.85
CA ASN A 533 30.93 39.85 118.85
C ASN A 533 31.14 41.18 119.56
N LYS A 534 32.39 41.51 119.95
CA LYS A 534 32.74 42.81 120.51
C LYS A 534 33.60 43.53 119.50
N CYS A 535 33.90 42.85 118.37
CA CYS A 535 34.69 43.38 117.29
C CYS A 535 34.20 42.66 116.04
N ALA A 536 34.21 43.33 114.87
CA ALA A 536 33.70 42.77 113.62
C ALA A 536 34.80 42.29 112.70
N LEU A 537 36.06 42.38 113.14
CA LEU A 537 37.21 41.91 112.38
C LEU A 537 37.64 40.54 112.88
N PHE A 538 36.88 39.98 113.83
CA PHE A 538 37.16 38.72 114.49
C PHE A 538 35.93 37.84 114.41
N GLU A 539 36.07 36.63 113.85
CA GLU A 539 34.99 35.65 113.72
C GLU A 539 35.48 34.31 114.22
N LYS A 540 34.54 33.36 114.36
CA LYS A 540 34.81 32.03 114.85
C LYS A 540 34.20 30.99 113.91
N PRO A 541 34.91 29.98 113.42
CA PRO A 541 34.31 28.85 112.69
C PRO A 541 33.18 28.15 113.44
N ARG A 542 32.05 27.91 112.74
CA ARG A 542 30.82 27.39 113.34
C ARG A 542 30.98 26.02 114.01
N LEU A 543 31.82 25.14 113.43
CA LEU A 543 31.99 23.79 113.90
C LEU A 543 33.30 23.57 114.66
N SER A 544 34.11 24.61 114.90
CA SER A 544 35.38 24.46 115.60
C SER A 544 35.46 25.40 116.78
N ASN A 545 36.10 24.97 117.89
CA ASN A 545 36.41 25.82 119.00
C ASN A 545 37.91 26.05 119.07
N LYS A 546 38.69 25.58 118.06
CA LYS A 546 40.14 25.62 118.09
C LYS A 546 40.75 26.43 116.96
N ALA A 547 39.98 27.39 116.42
CA ALA A 547 40.41 28.16 115.28
C ALA A 547 39.73 29.51 115.32
N PHE A 548 40.33 30.53 114.69
CA PHE A 548 39.77 31.88 114.69
C PHE A 548 40.02 32.53 113.36
N ILE A 549 39.16 33.50 113.00
CA ILE A 549 39.20 34.14 111.71
C ILE A 549 39.44 35.62 111.91
N ILE A 550 40.44 36.18 111.21
CA ILE A 550 40.67 37.61 111.17
C ILE A 550 40.34 38.07 109.76
N LYS A 551 39.57 39.17 109.62
CA LYS A 551 39.42 39.83 108.33
C LYS A 551 40.55 40.82 108.14
N HIS A 552 41.57 40.42 107.37
CA HIS A 552 42.68 41.27 107.00
C HIS A 552 42.33 42.11 105.80
N PHE A 553 43.16 43.13 105.48
CA PHE A 553 43.07 44.03 104.34
C PHE A 553 42.49 43.40 103.08
N ALA A 554 43.26 42.50 102.43
CA ALA A 554 42.80 41.77 101.28
C ALA A 554 41.62 40.81 101.54
N ASP A 555 41.73 39.87 102.50
CA ASP A 555 40.74 38.81 102.63
C ASP A 555 40.72 38.22 104.04
N LYS A 556 39.77 37.32 104.30
CA LYS A 556 39.69 36.58 105.54
C LYS A 556 40.68 35.43 105.62
N VAL A 557 41.25 35.19 106.82
CA VAL A 557 42.20 34.10 107.02
C VAL A 557 41.79 33.35 108.27
N GLU A 558 41.55 32.02 108.15
CA GLU A 558 41.30 31.16 109.29
C GLU A 558 42.62 30.61 109.81
N TYR A 559 42.93 30.87 111.09
CA TYR A 559 44.14 30.45 111.75
C TYR A 559 43.78 29.35 112.73
N GLN A 560 44.55 28.26 112.73
CA GLN A 560 44.33 27.15 113.61
C GLN A 560 45.17 27.34 114.86
N CYS A 561 44.55 27.25 116.06
CA CYS A 561 45.23 27.56 117.30
C CYS A 561 46.32 26.57 117.65
N GLU A 562 46.24 25.30 117.18
CA GLU A 562 47.20 24.28 117.54
C GLU A 562 48.65 24.58 117.19
N GLY A 563 49.49 24.68 118.24
CA GLY A 563 50.91 24.95 118.10
C GLY A 563 51.30 26.38 118.34
N PHE A 564 50.34 27.31 118.56
CA PHE A 564 50.63 28.71 118.81
C PHE A 564 51.44 28.94 120.10
N LEU A 565 51.05 28.33 121.25
CA LEU A 565 51.76 28.55 122.50
C LEU A 565 53.22 28.09 122.50
N GLU A 566 53.52 26.86 122.03
CA GLU A 566 54.88 26.33 122.03
C GLU A 566 55.83 27.09 121.11
N LYS A 567 55.37 27.47 119.90
CA LYS A 567 56.13 28.26 118.96
C LYS A 567 56.50 29.64 119.50
N ASN A 568 55.57 30.30 120.20
CA ASN A 568 55.76 31.59 120.83
C ASN A 568 56.80 31.62 121.97
N LYS A 569 56.90 30.56 122.80
CA LYS A 569 57.85 30.51 123.90
C LYS A 569 59.34 30.60 123.48
N ASP A 570 60.14 31.48 124.12
CA ASP A 570 61.49 31.75 123.69
C ASP A 570 62.42 32.11 124.86
N THR A 571 62.17 31.53 126.04
CA THR A 571 62.80 32.01 127.28
C THR A 571 64.06 31.27 127.63
N VAL A 572 65.20 31.78 127.17
CA VAL A 572 66.54 31.28 127.49
C VAL A 572 66.88 31.40 128.98
N TYR A 573 67.63 30.42 129.53
CA TYR A 573 68.07 30.44 130.92
C TYR A 573 69.45 31.09 130.94
N GLU A 574 69.69 32.06 131.86
CA GLU A 574 70.91 32.86 131.89
C GLU A 574 72.15 32.00 132.07
N GLU A 575 72.07 31.03 133.01
CA GLU A 575 73.10 30.08 133.35
C GLU A 575 73.76 29.42 132.14
N GLN A 576 72.92 28.92 131.21
CA GLN A 576 73.30 28.24 129.98
C GLN A 576 74.13 29.11 129.05
N ILE A 577 73.79 30.41 128.95
CA ILE A 577 74.54 31.40 128.18
C ILE A 577 75.93 31.66 128.79
N LYS A 578 76.05 31.73 130.13
CA LYS A 578 77.33 31.85 130.82
C LYS A 578 78.27 30.69 130.52
N VAL A 579 77.76 29.43 130.45
CA VAL A 579 78.55 28.26 130.10
C VAL A 579 79.24 28.42 128.74
N LEU A 580 78.50 28.90 127.73
CA LEU A 580 79.03 29.22 126.43
C LEU A 580 79.95 30.44 126.35
N LYS A 581 79.61 31.56 127.04
CA LYS A 581 80.39 32.79 127.06
C LYS A 581 81.81 32.60 127.61
N SER A 582 81.99 31.61 128.52
CA SER A 582 83.25 31.36 129.20
C SER A 582 84.17 30.36 128.49
N SER A 583 83.98 30.11 127.19
CA SER A 583 84.85 29.28 126.35
C SER A 583 86.29 29.76 126.12
N LYS A 584 87.19 28.81 125.80
CA LYS A 584 88.64 29.01 125.72
C LYS A 584 89.26 28.25 124.56
N LYS A 585 88.44 27.66 123.65
CA LYS A 585 88.97 26.94 122.50
C LYS A 585 88.48 27.55 121.20
N PHE A 586 87.56 28.52 121.28
CA PHE A 586 86.76 29.03 120.19
C PHE A 586 86.73 30.55 120.29
N LYS A 587 87.33 31.30 119.35
CA LYS A 587 87.26 32.76 119.39
C LYS A 587 85.86 33.32 119.10
N LEU A 588 85.19 32.79 118.07
CA LEU A 588 83.89 33.27 117.62
C LEU A 588 82.73 33.10 118.61
N LEU A 589 82.64 31.96 119.32
CA LEU A 589 81.52 31.69 120.22
C LEU A 589 81.30 32.75 121.32
N PRO A 590 82.26 33.31 122.05
CA PRO A 590 82.00 34.43 122.96
C PRO A 590 81.81 35.76 122.27
N GLU A 591 82.12 35.90 120.95
CA GLU A 591 82.01 37.13 120.19
C GLU A 591 80.56 37.42 119.82
N LEU A 592 79.73 36.36 119.76
CA LEU A 592 78.30 36.42 119.50
C LEU A 592 77.48 37.17 120.55
N PHE A 593 77.81 37.03 121.86
CA PHE A 593 76.90 37.41 122.92
C PHE A 593 77.36 38.62 123.70
N GLN A 594 76.74 39.79 123.45
CA GLN A 594 77.10 41.02 124.14
C GLN A 594 75.92 41.58 124.93
N HIS A 632 59.43 40.94 131.95
CA HIS A 632 59.29 39.55 132.35
C HIS A 632 58.96 38.59 131.23
N LYS A 633 59.91 37.65 130.95
CA LYS A 633 59.79 36.60 129.96
C LYS A 633 59.89 37.11 128.52
N LYS A 634 60.93 36.69 127.77
CA LYS A 634 61.04 37.02 126.35
C LYS A 634 60.34 35.95 125.49
N THR A 635 59.70 36.40 124.38
CA THR A 635 58.79 35.63 123.54
C THR A 635 59.01 35.98 122.09
N VAL A 636 58.69 35.05 121.15
CA VAL A 636 58.86 35.25 119.71
C VAL A 636 57.95 36.36 119.18
N GLY A 637 56.66 36.36 119.58
CA GLY A 637 55.68 37.39 119.23
C GLY A 637 56.08 38.82 119.57
N HIS A 638 56.48 39.06 120.83
CA HIS A 638 57.03 40.33 121.31
C HIS A 638 58.29 40.76 120.55
N GLN A 639 59.21 39.80 120.27
CA GLN A 639 60.38 40.07 119.44
C GLN A 639 60.04 40.47 118.01
N PHE A 640 59.07 39.78 117.39
CA PHE A 640 58.58 40.09 116.06
C PHE A 640 58.00 41.49 116.00
N ARG A 641 57.19 41.86 117.01
CA ARG A 641 56.65 43.20 117.16
C ARG A 641 57.72 44.28 117.28
N ASN A 642 58.78 44.06 118.09
CA ASN A 642 59.90 44.98 118.20
C ASN A 642 60.68 45.19 116.90
N SER A 643 61.00 44.10 116.16
CA SER A 643 61.67 44.20 114.88
C SER A 643 60.81 44.91 113.84
N LEU A 644 59.49 44.64 113.85
CA LEU A 644 58.50 45.28 113.01
C LEU A 644 58.39 46.78 113.19
N HIS A 645 58.39 47.28 114.45
CA HIS A 645 58.45 48.72 114.68
C HIS A 645 59.73 49.37 114.18
N LEU A 646 60.89 48.75 114.47
CA LEU A 646 62.20 49.20 114.03
C LEU A 646 62.33 49.31 112.50
N LEU A 647 61.75 48.35 111.77
CA LEU A 647 61.59 48.41 110.32
C LEU A 647 60.74 49.58 109.84
N MET A 648 59.55 49.80 110.44
CA MET A 648 58.68 50.90 110.08
C MET A 648 59.31 52.26 110.34
N GLU A 649 60.06 52.45 111.43
CA GLU A 649 60.81 53.68 111.70
C GLU A 649 61.86 54.01 110.65
N THR A 650 62.62 53.00 110.22
CA THR A 650 63.61 53.11 109.14
C THR A 650 62.96 53.51 107.82
N LEU A 651 61.77 52.93 107.50
CA LEU A 651 61.01 53.20 106.30
C LEU A 651 60.16 54.47 106.33
N ASN A 652 59.96 55.11 107.50
CA ASN A 652 59.19 56.35 107.58
C ASN A 652 60.11 57.55 107.60
N ALA A 653 61.45 57.33 107.56
CA ALA A 653 62.41 58.39 107.43
C ALA A 653 62.68 58.68 105.94
N THR A 654 62.09 57.86 105.05
CA THR A 654 62.31 57.85 103.61
C THR A 654 61.04 58.15 102.84
N THR A 655 61.10 58.25 101.49
CA THR A 655 59.91 58.30 100.64
C THR A 655 59.84 56.93 99.95
N PRO A 656 58.73 56.19 99.96
CA PRO A 656 58.79 54.81 99.49
C PRO A 656 58.21 54.61 98.09
N HIS A 657 58.82 53.71 97.30
CA HIS A 657 58.45 53.37 95.94
C HIS A 657 58.04 51.91 95.87
N TYR A 658 57.02 51.52 95.07
CA TYR A 658 56.39 50.21 95.22
C TYR A 658 56.42 49.36 93.96
N VAL A 659 57.00 48.15 94.05
CA VAL A 659 56.98 47.15 92.99
C VAL A 659 56.28 45.92 93.56
N ARG A 660 55.25 45.41 92.85
CA ARG A 660 54.57 44.18 93.21
C ARG A 660 54.90 43.11 92.18
N CYS A 661 55.58 42.04 92.61
CA CYS A 661 55.98 40.95 91.74
C CYS A 661 54.99 39.81 91.76
N ILE A 662 54.65 39.27 90.57
CA ILE A 662 53.62 38.26 90.37
C ILE A 662 54.17 37.06 89.61
N LYS A 663 53.93 35.83 90.11
CA LYS A 663 54.20 34.59 89.40
C LYS A 663 52.99 34.21 88.54
N PRO A 664 53.05 33.96 87.24
CA PRO A 664 51.82 33.79 86.46
C PRO A 664 51.48 32.32 86.29
N ASN A 665 52.43 31.39 86.48
CA ASN A 665 52.17 29.98 86.34
C ASN A 665 53.12 29.23 87.25
N ASP A 666 52.73 28.00 87.66
CA ASP A 666 53.44 27.22 88.65
C ASP A 666 54.63 26.41 88.13
N PHE A 667 54.78 26.22 86.80
CA PHE A 667 55.69 25.21 86.28
C PHE A 667 56.90 25.78 85.58
N LYS A 668 57.10 27.11 85.67
CA LYS A 668 58.29 27.83 85.20
C LYS A 668 58.20 28.04 83.68
N PHE A 669 56.97 28.12 83.13
CA PHE A 669 56.73 28.12 81.70
C PHE A 669 56.92 29.49 81.05
N PRO A 670 57.68 29.63 79.97
CA PRO A 670 57.89 30.91 79.30
C PRO A 670 56.61 31.57 78.78
N PHE A 671 56.31 32.81 79.20
CA PHE A 671 55.13 33.57 78.78
C PHE A 671 53.82 32.81 78.78
N THR A 672 53.53 32.07 79.88
CA THR A 672 52.27 31.38 80.03
C THR A 672 51.57 31.94 81.25
N PHE A 673 50.28 32.28 81.11
CA PHE A 673 49.48 32.88 82.14
C PHE A 673 48.50 31.80 82.60
N ASP A 674 48.32 31.63 83.92
CA ASP A 674 47.30 30.79 84.52
C ASP A 674 46.46 31.76 85.34
N GLU A 675 45.19 31.90 84.99
CA GLU A 675 44.21 32.77 85.58
C GLU A 675 43.93 32.44 87.02
N LYS A 676 43.90 31.14 87.38
CA LYS A 676 43.73 30.68 88.75
C LYS A 676 44.90 31.08 89.63
N ARG A 677 46.13 30.93 89.12
CA ARG A 677 47.30 31.40 89.82
C ARG A 677 47.38 32.92 89.91
N ALA A 678 47.13 33.63 88.80
CA ALA A 678 47.19 35.07 88.75
C ALA A 678 46.21 35.79 89.67
N VAL A 679 44.94 35.34 89.76
CA VAL A 679 43.96 35.91 90.68
C VAL A 679 44.34 35.72 92.16
N GLN A 680 44.88 34.53 92.54
CA GLN A 680 45.40 34.28 93.87
C GLN A 680 46.57 35.17 94.22
N GLN A 681 47.51 35.36 93.27
CA GLN A 681 48.64 36.25 93.45
C GLN A 681 48.21 37.70 93.66
N LEU A 682 47.25 38.23 92.87
CA LEU A 682 46.77 39.59 93.02
C LEU A 682 46.03 39.89 94.31
N ARG A 683 45.16 38.98 94.80
CA ARG A 683 44.49 39.17 96.08
C ARG A 683 45.44 39.23 97.26
N ALA A 684 46.44 38.33 97.34
CA ALA A 684 47.34 38.29 98.48
C ALA A 684 48.48 39.31 98.36
N CYS A 685 48.35 40.23 97.40
CA CYS A 685 49.32 41.28 97.14
C CYS A 685 48.76 42.65 97.42
N GLY A 686 47.47 42.74 97.78
CA GLY A 686 46.77 44.00 98.03
C GLY A 686 46.34 44.72 96.78
N VAL A 687 46.59 44.18 95.57
CA VAL A 687 46.33 44.90 94.32
C VAL A 687 44.87 45.12 94.07
N LEU A 688 44.05 44.06 94.17
CA LEU A 688 42.62 44.14 93.94
C LEU A 688 41.91 44.99 94.98
N GLU A 689 42.32 44.92 96.25
CA GLU A 689 41.81 45.81 97.29
C GLU A 689 42.20 47.27 97.14
N THR A 690 43.47 47.59 96.76
CA THR A 690 43.88 48.97 96.42
C THR A 690 43.06 49.54 95.29
N ILE A 691 42.83 48.74 94.23
CA ILE A 691 41.95 49.05 93.13
C ILE A 691 40.50 49.25 93.55
N ARG A 692 40.00 48.43 94.51
CA ARG A 692 38.67 48.59 95.10
C ARG A 692 38.50 49.93 95.79
N ILE A 693 39.53 50.44 96.50
CA ILE A 693 39.54 51.79 97.04
C ILE A 693 39.54 52.85 95.96
N SER A 694 40.40 52.73 94.93
CA SER A 694 40.54 53.71 93.85
C SER A 694 39.27 53.98 93.07
N ALA A 695 38.44 52.95 92.87
CA ALA A 695 37.19 53.06 92.14
C ALA A 695 36.08 53.81 92.89
N ALA A 696 36.22 54.03 94.22
CA ALA A 696 35.31 54.82 95.03
C ALA A 696 35.30 56.31 94.66
N GLY A 697 36.50 56.87 94.40
CA GLY A 697 36.69 58.26 94.04
C GLY A 697 36.55 58.50 92.55
N PHE A 698 37.52 59.23 91.96
CA PHE A 698 37.46 59.66 90.58
C PHE A 698 38.64 59.09 89.79
N PRO A 699 38.65 57.83 89.36
CA PRO A 699 39.86 57.21 88.82
C PRO A 699 40.07 57.63 87.38
N SER A 700 39.01 57.83 86.59
CA SER A 700 39.12 58.09 85.17
C SER A 700 39.40 59.55 84.85
N ARG A 701 40.56 59.82 84.23
CA ARG A 701 41.03 61.18 84.01
C ARG A 701 41.39 61.40 82.54
N TRP A 702 40.70 62.32 81.85
CA TRP A 702 40.91 62.63 80.44
C TRP A 702 41.28 64.09 80.36
N THR A 703 42.20 64.53 79.46
CA THR A 703 42.33 65.94 79.17
C THR A 703 41.16 66.44 78.34
N TYR A 704 40.99 67.77 78.28
CA TYR A 704 39.97 68.41 77.47
C TYR A 704 40.14 68.13 75.98
N GLN A 705 41.39 68.01 75.49
CA GLN A 705 41.71 67.65 74.12
C GLN A 705 41.28 66.22 73.76
N GLU A 706 41.54 65.21 74.63
CA GLU A 706 41.11 63.84 74.40
C GLU A 706 39.61 63.68 74.38
N PHE A 707 38.92 64.30 75.36
CA PHE A 707 37.47 64.24 75.50
C PHE A 707 36.79 64.81 74.27
N PHE A 708 37.27 65.98 73.81
CA PHE A 708 36.77 66.66 72.65
C PHE A 708 36.87 65.83 71.36
N SER A 709 38.01 65.13 71.16
CA SER A 709 38.25 64.32 69.97
C SER A 709 37.31 63.14 69.79
N ARG A 710 37.12 62.33 70.84
CA ARG A 710 36.25 61.15 70.77
C ARG A 710 34.77 61.53 70.74
N TYR A 711 34.40 62.64 71.41
CA TYR A 711 33.01 63.01 71.63
C TYR A 711 32.52 64.21 70.80
N ARG A 712 33.27 64.69 69.78
CA ARG A 712 32.87 65.78 68.88
C ARG A 712 31.54 65.53 68.18
N VAL A 713 31.29 64.26 67.83
CA VAL A 713 30.05 63.74 67.28
C VAL A 713 28.84 63.90 68.21
N LEU A 714 29.02 63.84 69.54
CA LEU A 714 27.88 63.91 70.44
C LEU A 714 27.33 65.31 70.60
N MET A 715 28.15 66.32 70.31
CA MET A 715 27.79 67.73 70.35
C MET A 715 26.73 68.11 69.33
N LYS A 716 25.87 69.11 69.62
CA LYS A 716 25.08 69.76 68.57
C LYS A 716 26.03 70.74 67.91
N GLN A 717 25.97 70.97 66.57
CA GLN A 717 26.95 71.79 65.87
C GLN A 717 27.08 73.21 66.42
N LYS A 718 25.99 73.80 66.94
CA LYS A 718 26.04 75.12 67.53
C LYS A 718 26.45 75.18 69.00
N ASP A 719 26.74 74.04 69.67
CA ASP A 719 27.23 74.07 71.05
C ASP A 719 28.75 74.01 71.05
N VAL A 720 29.36 73.95 69.86
CA VAL A 720 30.79 74.00 69.68
C VAL A 720 31.25 75.46 69.68
N LEU A 721 32.25 75.80 70.52
CA LEU A 721 32.73 77.15 70.67
C LEU A 721 34.17 77.27 70.24
N SER A 722 34.68 78.53 70.19
CA SER A 722 36.08 78.84 69.92
C SER A 722 37.00 78.29 70.99
N ASP A 723 36.65 78.52 72.29
CA ASP A 723 37.23 77.74 73.36
C ASP A 723 36.72 76.29 73.32
N ARG A 724 37.67 75.34 73.36
CA ARG A 724 37.38 73.92 73.35
C ARG A 724 37.26 73.40 74.76
N LYS A 725 37.89 74.05 75.76
CA LYS A 725 37.74 73.63 77.14
C LYS A 725 36.32 73.92 77.64
N GLN A 726 35.82 75.15 77.40
CA GLN A 726 34.49 75.57 77.75
C GLN A 726 33.40 74.77 77.03
N THR A 727 33.65 74.39 75.77
CA THR A 727 32.78 73.50 74.98
C THR A 727 32.53 72.16 75.67
N CYS A 728 33.60 71.51 76.19
CA CYS A 728 33.50 70.27 76.93
C CYS A 728 32.71 70.41 78.21
N LYS A 729 32.88 71.55 78.93
CA LYS A 729 32.08 71.85 80.11
C LYS A 729 30.59 71.84 79.78
N ASN A 730 30.17 72.60 78.75
CA ASN A 730 28.77 72.69 78.35
C ASN A 730 28.15 71.36 77.93
N VAL A 731 28.86 70.56 77.11
CA VAL A 731 28.37 69.29 76.59
C VAL A 731 28.20 68.23 77.65
N LEU A 732 29.19 68.06 78.56
CA LEU A 732 29.15 67.01 79.56
C LEU A 732 27.99 67.18 80.54
N GLU A 733 27.65 68.44 80.89
CA GLU A 733 26.57 68.83 81.78
C GLU A 733 25.22 68.87 81.09
N LYS A 734 25.09 68.15 79.97
CA LYS A 734 23.84 67.87 79.30
C LYS A 734 23.84 66.46 78.75
N LEU A 735 24.87 65.65 79.06
CA LEU A 735 24.95 64.26 78.67
C LEU A 735 24.96 63.41 79.92
N ILE A 736 25.63 63.87 81.00
CA ILE A 736 25.58 63.23 82.31
C ILE A 736 25.05 64.26 83.29
N LEU A 737 23.80 64.04 83.77
CA LEU A 737 23.02 65.01 84.51
C LEU A 737 23.43 65.23 85.96
N ASP A 738 23.66 64.15 86.70
CA ASP A 738 24.12 64.21 88.08
C ASP A 738 25.54 64.77 88.10
N LYS A 739 25.74 65.82 88.91
CA LYS A 739 26.92 66.66 88.86
C LYS A 739 27.92 66.24 89.93
N ASP A 740 27.59 65.21 90.74
CA ASP A 740 28.52 64.56 91.64
C ASP A 740 29.39 63.55 90.85
N LYS A 741 28.99 63.23 89.61
CA LYS A 741 29.65 62.21 88.83
C LYS A 741 30.97 62.62 88.20
N TYR A 742 31.31 63.93 88.19
CA TYR A 742 32.57 64.38 87.64
C TYR A 742 32.94 65.78 88.09
N GLN A 743 34.26 66.07 88.10
CA GLN A 743 34.79 67.36 88.50
C GLN A 743 35.73 67.93 87.43
N PHE A 744 35.77 69.28 87.32
CA PHE A 744 36.49 69.96 86.26
C PHE A 744 37.73 70.66 86.77
N GLY A 745 38.91 70.07 86.50
CA GLY A 745 40.20 70.66 86.84
C GLY A 745 40.75 71.70 85.91
N LYS A 746 42.01 72.08 86.13
CA LYS A 746 42.75 73.01 85.30
C LYS A 746 43.02 72.50 83.90
N THR A 747 43.53 71.25 83.78
CA THR A 747 43.87 70.65 82.48
C THR A 747 43.23 69.31 82.25
N LYS A 748 42.53 68.73 83.26
CA LYS A 748 41.84 67.46 83.08
C LYS A 748 40.39 67.49 83.56
N ILE A 749 39.60 66.46 83.20
CA ILE A 749 38.26 66.17 83.73
C ILE A 749 38.42 64.91 84.56
N PHE A 750 37.86 64.87 85.79
CA PHE A 750 37.97 63.75 86.70
C PHE A 750 36.60 63.09 86.75
N PHE A 751 36.50 61.80 86.43
CA PHE A 751 35.24 61.08 86.32
C PHE A 751 35.14 59.97 87.36
N ARG A 752 33.95 59.79 87.98
CA ARG A 752 33.61 58.58 88.72
C ARG A 752 33.73 57.30 87.89
N ALA A 753 33.87 56.12 88.54
CA ALA A 753 33.81 54.84 87.86
C ALA A 753 32.51 54.58 87.10
N GLY A 754 32.61 53.85 85.97
CA GLY A 754 31.49 53.53 85.08
C GLY A 754 31.01 54.67 84.20
N GLN A 755 31.54 55.89 84.37
CA GLN A 755 31.02 57.06 83.67
C GLN A 755 31.53 57.21 82.24
N VAL A 756 32.81 56.91 81.99
CA VAL A 756 33.37 56.89 80.64
C VAL A 756 32.75 55.78 79.80
N ALA A 757 32.45 54.64 80.44
CA ALA A 757 31.66 53.57 79.87
C ALA A 757 30.25 54.01 79.45
N TYR A 758 29.57 54.80 80.30
CA TYR A 758 28.31 55.45 79.97
C TYR A 758 28.44 56.43 78.79
N LEU A 759 29.53 57.22 78.69
CA LEU A 759 29.79 58.05 77.52
C LEU A 759 29.94 57.27 76.22
N GLU A 760 30.66 56.13 76.24
CA GLU A 760 30.70 55.20 75.13
C GLU A 760 29.33 54.55 74.83
N LYS A 761 28.50 54.23 75.85
CA LYS A 761 27.10 53.81 75.70
C LYS A 761 26.22 54.86 75.03
N ILE A 762 26.29 56.16 75.42
CA ILE A 762 25.47 57.17 74.75
C ILE A 762 25.98 57.59 73.39
N ARG A 763 27.27 57.36 73.11
CA ARG A 763 27.82 57.39 71.78
C ARG A 763 27.23 56.29 70.89
N ALA A 764 27.04 55.06 71.41
CA ALA A 764 26.25 54.02 70.78
C ALA A 764 24.75 54.33 70.66
N ASP A 765 24.11 54.81 71.75
CA ASP A 765 22.70 55.18 71.81
C ASP A 765 22.33 56.31 70.87
N LYS A 766 23.22 57.28 70.63
CA LYS A 766 22.96 58.32 69.65
C LYS A 766 22.83 57.85 68.22
N LEU A 767 23.71 56.92 67.78
CA LEU A 767 23.59 56.24 66.50
C LEU A 767 22.32 55.40 66.50
N ARG A 768 22.02 54.77 67.66
CA ARG A 768 20.82 53.98 67.87
C ARG A 768 19.51 54.72 67.69
N ALA A 769 19.44 55.93 68.26
CA ALA A 769 18.29 56.78 68.20
C ALA A 769 18.17 57.55 66.88
N ALA A 770 19.27 57.70 66.12
CA ALA A 770 19.25 58.28 64.79
C ALA A 770 18.41 57.48 63.80
N CYS A 771 18.46 56.13 63.88
CA CYS A 771 17.68 55.28 63.00
C CYS A 771 16.19 55.46 63.13
N ILE A 772 15.68 55.58 64.37
CA ILE A 772 14.26 55.64 64.70
C ILE A 772 13.65 56.80 63.95
N ARG A 773 14.40 57.91 63.90
CA ARG A 773 14.05 59.10 63.18
C ARG A 773 13.87 58.91 61.69
N ILE A 774 14.77 58.17 61.01
CA ILE A 774 14.64 57.84 59.61
C ILE A 774 13.52 56.83 59.36
N GLN A 775 13.46 55.77 60.19
CA GLN A 775 12.52 54.68 60.06
C GLN A 775 11.08 55.14 60.11
N LYS A 776 10.78 56.07 61.05
CA LYS A 776 9.47 56.63 61.17
C LYS A 776 8.99 57.41 59.97
N THR A 777 9.88 58.18 59.34
CA THR A 777 9.65 58.86 58.09
C THR A 777 9.33 57.94 56.92
N ILE A 778 10.11 56.84 56.76
CA ILE A 778 9.86 55.82 55.75
C ILE A 778 8.52 55.14 55.98
N ARG A 779 8.19 54.80 57.24
CA ARG A 779 6.95 54.11 57.52
C ARG A 779 5.72 54.98 57.48
N GLY A 780 5.83 56.31 57.49
CA GLY A 780 4.71 57.15 57.08
C GLY A 780 4.56 57.31 55.59
N TRP A 781 5.70 57.44 54.87
CA TRP A 781 5.72 57.51 53.41
C TRP A 781 5.04 56.28 52.76
N LEU A 782 5.49 55.07 53.14
CA LEU A 782 5.05 53.82 52.57
C LEU A 782 3.59 53.52 52.90
N MET A 783 3.13 53.88 54.12
CA MET A 783 1.72 53.79 54.48
C MET A 783 0.79 54.67 53.66
N ARG A 784 1.14 55.95 53.42
CA ARG A 784 0.40 56.81 52.52
C ARG A 784 0.36 56.29 51.07
N LYS A 785 1.48 55.71 50.56
CA LYS A 785 1.46 54.97 49.30
C LYS A 785 0.56 53.73 49.27
N LYS A 786 0.53 52.94 50.35
CA LYS A 786 -0.34 51.78 50.50
C LYS A 786 -1.82 52.17 50.48
N TYR A 787 -2.17 53.26 51.18
CA TYR A 787 -3.48 53.89 51.19
C TYR A 787 -3.99 54.35 49.82
N MET A 788 -3.16 55.05 49.02
CA MET A 788 -3.60 55.54 47.70
C MET A 788 -3.77 54.42 46.68
N ARG A 789 -3.16 53.23 46.92
CA ARG A 789 -3.50 52.04 46.17
C ARG A 789 -4.81 51.39 46.65
N MET A 790 -5.03 51.20 47.98
CA MET A 790 -6.19 50.45 48.43
C MET A 790 -7.51 51.19 48.34
N ARG A 791 -7.52 52.54 48.36
CA ARG A 791 -8.72 53.29 47.99
C ARG A 791 -9.09 53.07 46.53
N ARG A 792 -8.13 52.67 45.67
CA ARG A 792 -8.47 52.38 44.29
C ARG A 792 -8.89 50.93 44.04
N ALA A 793 -9.15 50.17 45.13
CA ALA A 793 -9.96 48.97 45.08
C ALA A 793 -11.41 49.29 45.46
N ALA A 794 -11.62 50.22 46.42
CA ALA A 794 -12.96 50.66 46.78
C ALA A 794 -13.67 51.41 45.66
N ILE A 795 -13.00 52.40 45.02
CA ILE A 795 -13.58 53.20 43.94
C ILE A 795 -13.97 52.39 42.72
N THR A 796 -13.14 51.39 42.35
CA THR A 796 -13.45 50.52 41.22
C THR A 796 -14.65 49.68 41.50
N ILE A 797 -14.73 49.01 42.65
CA ILE A 797 -15.90 48.22 43.04
C ILE A 797 -17.18 49.04 43.09
N GLN A 798 -17.10 50.28 43.59
CA GLN A 798 -18.22 51.22 43.59
C GLN A 798 -18.77 51.49 42.20
N ARG A 799 -17.91 51.57 41.17
CA ARG A 799 -18.35 51.60 39.79
C ARG A 799 -19.06 50.36 39.27
N TYR A 800 -18.50 49.17 39.55
CA TYR A 800 -19.09 47.90 39.16
C TYR A 800 -20.42 47.63 39.86
N VAL A 801 -20.58 48.00 41.15
CA VAL A 801 -21.88 47.91 41.81
C VAL A 801 -22.94 48.80 41.16
N ARG A 802 -22.61 50.05 40.78
CA ARG A 802 -23.49 50.97 40.07
C ARG A 802 -23.92 50.46 38.71
N GLY A 803 -23.05 49.69 38.03
CA GLY A 803 -23.44 48.99 36.82
C GLY A 803 -24.35 47.83 37.09
N HIS A 804 -24.07 47.06 38.15
CA HIS A 804 -24.86 45.90 38.50
C HIS A 804 -26.30 46.22 38.87
N GLN A 805 -26.53 47.25 39.72
CA GLN A 805 -27.86 47.65 40.15
C GLN A 805 -28.77 48.05 39.00
N ALA A 806 -28.25 48.88 38.07
CA ALA A 806 -28.98 49.32 36.89
C ALA A 806 -29.42 48.20 35.97
N ARG A 807 -28.52 47.21 35.73
CA ARG A 807 -28.84 46.03 34.98
C ARG A 807 -29.87 45.16 35.64
N CYS A 808 -29.74 44.93 36.96
CA CYS A 808 -30.70 44.12 37.68
C CYS A 808 -32.10 44.70 37.66
N TYR A 809 -32.22 46.02 37.95
CA TYR A 809 -33.45 46.78 37.88
C TYR A 809 -34.14 46.67 36.51
N ALA A 810 -33.35 46.82 35.42
CA ALA A 810 -33.83 46.64 34.07
C ALA A 810 -34.33 45.22 33.79
N THR A 811 -33.60 44.17 34.23
CA THR A 811 -34.05 42.78 34.06
C THR A 811 -35.37 42.46 34.75
N PHE A 812 -35.57 42.95 35.99
CA PHE A 812 -36.82 42.82 36.72
C PHE A 812 -38.00 43.49 36.04
N LEU A 813 -37.83 44.73 35.53
CA LEU A 813 -38.83 45.41 34.73
C LEU A 813 -39.20 44.67 33.45
N ARG A 814 -38.22 44.07 32.77
CA ARG A 814 -38.47 43.23 31.61
C ARG A 814 -39.23 41.95 31.95
N ARG A 815 -38.93 41.28 33.07
CA ARG A 815 -39.71 40.16 33.56
C ARG A 815 -41.15 40.48 33.91
N THR A 816 -41.41 41.62 34.60
CA THR A 816 -42.78 42.07 34.85
C THR A 816 -43.53 42.46 33.61
N ARG A 817 -42.89 43.21 32.67
CA ARG A 817 -43.49 43.54 31.39
C ARG A 817 -43.82 42.34 30.52
N ALA A 818 -42.92 41.33 30.46
CA ALA A 818 -43.18 40.09 29.75
C ALA A 818 -44.35 39.29 30.31
N ALA A 819 -44.51 39.22 31.64
CA ALA A 819 -45.69 38.61 32.23
C ALA A 819 -46.98 39.35 31.92
N ILE A 820 -47.01 40.70 32.07
CA ILE A 820 -48.24 41.44 31.81
C ILE A 820 -48.73 41.29 30.40
N ILE A 821 -47.86 41.43 29.37
CA ILE A 821 -48.28 41.32 27.98
C ILE A 821 -48.87 39.95 27.65
N ILE A 822 -48.25 38.83 28.08
CA ILE A 822 -48.76 37.50 27.78
C ILE A 822 -50.08 37.14 28.43
N GLN A 823 -50.29 37.59 29.68
CA GLN A 823 -51.52 37.43 30.44
C GLN A 823 -52.63 38.10 29.72
N LYS A 824 -52.28 39.27 29.21
CA LYS A 824 -53.13 40.07 28.43
C LYS A 824 -53.51 39.46 27.09
N PHE A 825 -52.56 38.89 26.32
CA PHE A 825 -52.89 38.22 25.07
C PHE A 825 -53.87 37.07 25.25
N GLN A 826 -53.71 36.35 26.36
CA GLN A 826 -54.59 35.29 26.73
C GLN A 826 -56.01 35.72 27.04
N ARG A 827 -56.16 36.80 27.83
CA ARG A 827 -57.47 37.35 28.20
C ARG A 827 -58.22 38.01 27.06
N MET A 828 -57.53 38.69 26.12
CA MET A 828 -58.17 39.06 24.87
C MET A 828 -58.63 37.90 24.02
N TYR A 829 -57.78 36.88 23.84
CA TYR A 829 -58.14 35.71 23.08
C TYR A 829 -59.27 34.88 23.70
N VAL A 830 -59.25 34.65 25.03
CA VAL A 830 -60.24 33.83 25.73
C VAL A 830 -61.65 34.38 25.65
N VAL A 831 -61.83 35.71 25.78
CA VAL A 831 -63.14 36.32 25.64
C VAL A 831 -63.68 36.23 24.22
N ARG A 832 -62.86 36.54 23.19
CA ARG A 832 -63.32 36.55 21.81
C ARG A 832 -63.77 35.21 21.29
N LYS A 833 -63.06 34.12 21.66
CA LYS A 833 -63.45 32.78 21.26
C LYS A 833 -64.87 32.42 21.67
N ARG A 834 -65.24 32.74 22.93
CA ARG A 834 -66.50 32.36 23.52
C ARG A 834 -67.68 33.12 22.93
N TYR A 835 -67.46 34.39 22.54
CA TYR A 835 -68.47 35.24 21.95
C TYR A 835 -68.69 34.96 20.48
N GLN A 836 -67.61 34.78 19.70
CA GLN A 836 -67.71 34.50 18.28
C GLN A 836 -68.45 33.20 18.00
N CYS A 837 -68.10 32.10 18.71
CA CYS A 837 -68.73 30.80 18.50
C CYS A 837 -70.22 30.79 18.81
N MET A 838 -70.62 31.50 19.89
CA MET A 838 -72.00 31.68 20.23
C MET A 838 -72.77 32.50 19.21
N ARG A 839 -72.16 33.57 18.66
CA ARG A 839 -72.73 34.36 17.60
C ARG A 839 -72.93 33.57 16.30
N ASP A 840 -71.95 32.74 15.88
CA ASP A 840 -72.08 31.87 14.74
C ASP A 840 -73.22 30.85 14.87
N ALA A 841 -73.36 30.23 16.06
CA ALA A 841 -74.47 29.36 16.37
C ALA A 841 -75.84 30.04 16.32
N THR A 842 -75.96 31.28 16.82
CA THR A 842 -77.17 32.07 16.64
C THR A 842 -77.45 32.41 15.20
N ILE A 843 -76.42 32.77 14.38
CA ILE A 843 -76.68 33.11 12.99
C ILE A 843 -77.21 31.95 12.16
N ALA A 844 -76.69 30.74 12.35
CA ALA A 844 -77.21 29.54 11.75
C ALA A 844 -78.67 29.24 12.09
N LEU A 845 -79.04 29.40 13.38
CA LEU A 845 -80.38 29.20 13.90
C LEU A 845 -81.42 30.11 13.27
N GLN A 846 -81.11 31.41 13.08
CA GLN A 846 -82.01 32.36 12.43
C GLN A 846 -82.15 32.14 10.92
N ALA A 847 -81.08 31.64 10.26
CA ALA A 847 -81.05 31.38 8.83
C ALA A 847 -81.89 30.17 8.49
N LEU A 848 -81.73 29.10 9.28
CA LEU A 848 -82.57 27.93 9.26
C LEU A 848 -84.02 28.23 9.58
N LEU A 849 -84.31 29.09 10.57
CA LEU A 849 -85.65 29.53 10.87
C LEU A 849 -86.30 30.24 9.69
N ARG A 850 -85.58 31.19 9.06
CA ARG A 850 -86.04 31.87 7.86
C ARG A 850 -86.28 30.94 6.68
N GLY A 851 -85.47 29.87 6.53
CA GLY A 851 -85.71 28.84 5.52
C GLY A 851 -86.80 27.86 5.87
N TYR A 852 -87.17 27.75 7.15
CA TYR A 852 -88.30 26.95 7.59
C TYR A 852 -89.62 27.71 7.39
N LEU A 853 -89.66 29.00 7.80
CA LEU A 853 -90.83 29.85 7.72
C LEU A 853 -91.43 29.99 6.34
N VAL A 854 -90.58 30.23 5.33
CA VAL A 854 -91.05 30.39 3.97
C VAL A 854 -91.69 29.13 3.42
N ARG A 855 -91.12 27.95 3.76
CA ARG A 855 -91.61 26.64 3.36
C ARG A 855 -92.96 26.32 3.96
N ASN A 856 -93.16 26.67 5.24
CA ASN A 856 -94.44 26.65 5.92
C ASN A 856 -95.48 27.58 5.26
N LYS A 857 -95.10 28.83 4.97
CA LYS A 857 -95.94 29.81 4.31
C LYS A 857 -96.37 29.40 2.89
N TYR A 858 -95.43 28.83 2.12
CA TYR A 858 -95.65 28.15 0.85
C TYR A 858 -96.57 26.93 0.98
N GLN A 859 -96.35 26.06 1.99
CA GLN A 859 -97.20 24.89 2.22
C GLN A 859 -98.64 25.28 2.51
N MET A 860 -98.87 26.29 3.36
CA MET A 860 -100.19 26.82 3.65
C MET A 860 -100.91 27.36 2.42
N MET A 861 -100.19 28.12 1.58
CA MET A 861 -100.70 28.66 0.33
C MET A 861 -101.13 27.56 -0.65
N LEU A 862 -100.30 26.50 -0.77
CA LEU A 862 -100.61 25.31 -1.53
C LEU A 862 -101.85 24.57 -1.03
N ARG A 863 -102.08 24.49 0.31
CA ARG A 863 -103.29 23.90 0.86
C ARG A 863 -104.57 24.60 0.43
N GLU A 864 -104.60 25.96 0.46
CA GLU A 864 -105.70 26.74 -0.10
C GLU A 864 -105.86 26.56 -1.61
N HIS A 865 -104.75 26.66 -2.37
CA HIS A 865 -104.75 26.50 -3.82
C HIS A 865 -105.21 25.15 -4.27
N LYS A 866 -104.85 24.09 -3.52
CA LYS A 866 -105.36 22.78 -3.80
C LYS A 866 -106.84 22.63 -3.62
N SER A 867 -107.41 23.25 -2.57
CA SER A 867 -108.84 23.24 -2.35
C SER A 867 -109.60 23.88 -3.49
N ILE A 868 -109.13 25.06 -3.92
CA ILE A 868 -109.71 25.84 -5.01
C ILE A 868 -109.83 25.03 -6.30
N ILE A 869 -108.76 24.34 -6.71
CA ILE A 869 -108.81 23.57 -7.94
C ILE A 869 -109.60 22.27 -7.84
N ILE A 870 -109.81 21.68 -6.63
CA ILE A 870 -110.76 20.58 -6.50
C ILE A 870 -112.21 21.02 -6.45
N GLN A 871 -112.49 22.14 -5.74
CA GLN A 871 -113.80 22.76 -5.65
C GLN A 871 -114.27 23.17 -6.98
N LYS A 872 -113.36 23.69 -7.81
CA LYS A 872 -113.74 23.95 -9.15
C LYS A 872 -114.05 22.75 -9.99
N HIS A 873 -113.22 21.72 -10.01
CA HIS A 873 -113.49 20.54 -10.82
C HIS A 873 -114.79 19.82 -10.49
N VAL A 874 -115.17 19.75 -9.19
CA VAL A 874 -116.50 19.28 -8.80
C VAL A 874 -117.64 20.12 -9.34
N ARG A 875 -117.52 21.47 -9.40
CA ARG A 875 -118.56 22.29 -9.97
C ARG A 875 -118.46 22.37 -11.49
N GLY A 876 -117.62 21.53 -12.11
CA GLY A 876 -117.75 21.17 -13.51
C GLY A 876 -118.80 20.10 -13.73
N TRP A 877 -119.37 19.52 -12.66
CA TRP A 877 -120.41 18.51 -12.79
C TRP A 877 -121.80 19.10 -12.99
N LEU A 878 -121.90 20.38 -13.37
CA LEU A 878 -123.10 20.93 -13.98
C LEU A 878 -123.39 20.21 -15.27
N ALA A 879 -122.31 19.83 -15.99
CA ALA A 879 -122.27 18.73 -16.95
C ALA A 879 -123.07 17.47 -16.62
N ARG A 880 -122.94 16.97 -15.38
CA ARG A 880 -123.68 15.82 -14.88
C ARG A 880 -125.16 16.11 -14.83
N VAL A 881 -125.57 17.30 -14.39
CA VAL A 881 -126.97 17.70 -14.46
C VAL A 881 -127.45 17.89 -15.90
N HIS A 882 -126.67 18.59 -16.75
CA HIS A 882 -127.00 18.94 -18.13
C HIS A 882 -127.10 17.80 -19.12
N TYR A 883 -126.24 16.76 -19.06
CA TYR A 883 -126.40 15.65 -19.98
C TYR A 883 -126.46 14.29 -19.33
N HIS A 884 -125.83 14.11 -18.15
CA HIS A 884 -125.82 12.82 -17.49
C HIS A 884 -127.12 12.57 -16.71
N ARG A 885 -127.91 13.63 -16.48
CA ARG A 885 -129.16 13.54 -15.79
C ARG A 885 -130.35 14.20 -16.49
N THR A 886 -130.13 15.11 -17.46
CA THR A 886 -131.23 15.68 -18.26
C THR A 886 -131.19 15.29 -19.70
N LEU A 887 -130.30 15.86 -20.56
CA LEU A 887 -130.43 15.71 -22.01
C LEU A 887 -130.48 14.28 -22.54
N LYS A 888 -129.67 13.36 -21.99
CA LYS A 888 -129.78 11.96 -22.34
C LYS A 888 -131.07 11.28 -21.91
N ALA A 889 -131.73 11.75 -20.83
CA ALA A 889 -133.06 11.30 -20.48
C ALA A 889 -134.11 11.86 -21.44
N ILE A 890 -133.89 13.10 -21.98
CA ILE A 890 -134.71 13.66 -23.03
C ILE A 890 -134.63 12.86 -24.33
N VAL A 891 -133.40 12.52 -24.80
CA VAL A 891 -133.22 11.79 -26.05
C VAL A 891 -133.86 10.41 -26.02
N TYR A 892 -133.71 9.65 -24.92
CA TYR A 892 -134.31 8.33 -24.77
C TYR A 892 -135.82 8.35 -24.83
N LEU A 893 -136.45 9.37 -24.24
CA LEU A 893 -137.86 9.56 -24.40
C LEU A 893 -138.32 9.85 -25.82
N GLN A 894 -137.57 10.68 -26.55
CA GLN A 894 -137.83 11.00 -27.94
C GLN A 894 -137.72 9.81 -28.87
N CYS A 895 -136.75 8.90 -28.61
CA CYS A 895 -136.68 7.60 -29.26
C CYS A 895 -137.96 6.80 -29.12
N CYS A 896 -138.47 6.68 -27.88
CA CYS A 896 -139.71 6.01 -27.53
C CYS A 896 -140.94 6.64 -28.13
N TYR A 897 -141.01 7.97 -28.16
CA TYR A 897 -142.03 8.73 -28.85
C TYR A 897 -142.11 8.44 -30.33
N ARG A 898 -140.95 8.45 -31.03
CA ARG A 898 -140.87 8.12 -32.44
C ARG A 898 -141.35 6.74 -32.71
N ARG A 899 -141.09 5.83 -31.77
CA ARG A 899 -141.49 4.47 -31.91
C ARG A 899 -142.89 4.12 -31.51
N MET A 900 -143.49 4.92 -30.66
CA MET A 900 -144.91 4.91 -30.53
C MET A 900 -145.62 5.57 -31.72
N MET A 901 -145.00 6.53 -32.43
CA MET A 901 -145.59 7.11 -33.62
C MET A 901 -145.80 6.19 -34.75
N ALA A 902 -144.76 5.42 -35.08
CA ALA A 902 -144.91 4.56 -36.21
C ALA A 902 -145.70 3.31 -35.85
N LYS A 903 -145.85 3.03 -34.53
CA LYS A 903 -146.78 2.06 -33.97
C LYS A 903 -148.22 2.29 -34.29
N ARG A 904 -148.56 3.55 -34.51
CA ARG A 904 -149.80 3.90 -35.08
C ARG A 904 -149.88 3.67 -36.58
N GLU A 905 -148.78 3.98 -37.30
CA GLU A 905 -148.67 3.90 -38.74
C GLU A 905 -148.96 2.50 -39.26
N LEU A 906 -148.40 1.44 -38.65
CA LEU A 906 -148.65 0.07 -39.06
C LEU A 906 -149.89 -0.56 -38.44
N LYS A 907 -150.81 0.31 -38.00
CA LYS A 907 -152.19 -0.05 -37.81
C LYS A 907 -153.15 0.80 -38.66
N LYS A 908 -152.66 1.62 -39.62
CA LYS A 908 -153.54 2.22 -40.63
C LYS A 908 -153.24 1.76 -42.02
N LEU A 909 -151.98 1.48 -42.26
CA LEU A 909 -151.36 1.06 -43.48
C LEU A 909 -150.03 0.66 -42.83
N MET A 951 -127.85 -4.94 -46.31
CA MET A 951 -127.15 -5.16 -47.55
C MET A 951 -125.99 -4.36 -48.10
N ASN A 952 -126.13 -3.98 -49.38
CA ASN A 952 -125.08 -4.35 -50.30
C ASN A 952 -124.06 -3.23 -50.35
N ASN A 953 -124.36 -2.17 -49.59
CA ASN A 953 -123.53 -1.01 -49.45
C ASN A 953 -122.50 -1.15 -48.32
N LEU A 954 -122.64 -2.03 -47.29
CA LEU A 954 -121.50 -2.22 -46.38
C LEU A 954 -120.46 -3.19 -46.92
N GLU A 955 -120.90 -4.32 -47.56
CA GLU A 955 -120.09 -5.51 -47.90
C GLU A 955 -118.88 -5.12 -48.70
N ILE A 956 -119.08 -4.14 -49.59
CA ILE A 956 -118.06 -3.54 -50.40
C ILE A 956 -116.88 -2.94 -49.63
N THR A 957 -117.11 -2.30 -48.46
CA THR A 957 -116.03 -1.65 -47.72
C THR A 957 -115.31 -2.55 -46.74
N TYR A 958 -116.02 -3.51 -46.07
CA TYR A 958 -115.32 -4.48 -45.22
C TYR A 958 -114.41 -5.35 -46.09
N SER A 959 -114.84 -5.65 -47.33
CA SER A 959 -114.03 -6.30 -48.34
C SER A 959 -112.71 -5.59 -48.60
N THR A 960 -112.74 -4.26 -48.83
CA THR A 960 -111.54 -3.42 -48.96
C THR A 960 -110.68 -3.37 -47.72
N GLU A 961 -111.29 -3.32 -46.51
CA GLU A 961 -110.60 -3.31 -45.24
C GLU A 961 -109.77 -4.58 -44.99
N THR A 962 -110.31 -5.78 -45.37
CA THR A 962 -109.61 -7.06 -45.25
C THR A 962 -108.29 -7.18 -46.02
N GLU A 963 -108.21 -6.49 -47.18
CA GLU A 963 -106.99 -6.26 -47.97
C GLU A 963 -106.01 -5.37 -47.21
N LYS A 964 -106.49 -4.30 -46.55
CA LYS A 964 -105.65 -3.37 -45.80
C LYS A 964 -104.83 -4.02 -44.69
N LEU A 965 -105.41 -4.90 -43.85
CA LEU A 965 -104.58 -5.63 -42.88
C LEU A 965 -103.97 -6.92 -43.46
N ARG A 966 -103.96 -7.07 -44.79
CA ARG A 966 -103.20 -8.09 -45.47
C ARG A 966 -101.92 -7.55 -46.06
N SER A 967 -102.00 -6.47 -46.84
CA SER A 967 -100.81 -5.81 -47.36
C SER A 967 -99.97 -5.19 -46.25
N ASP A 968 -100.57 -4.59 -45.20
CA ASP A 968 -99.85 -4.09 -44.05
C ASP A 968 -99.16 -5.12 -43.16
N VAL A 969 -99.69 -6.35 -42.95
CA VAL A 969 -98.89 -7.40 -42.31
C VAL A 969 -97.65 -7.77 -43.11
N GLU A 970 -97.73 -7.71 -44.45
CA GLU A 970 -96.58 -7.92 -45.33
C GLU A 970 -95.67 -6.70 -45.41
N ARG A 971 -96.10 -5.58 -44.81
CA ARG A 971 -95.26 -4.44 -44.59
C ARG A 971 -94.47 -4.57 -43.30
N LEU A 972 -95.18 -4.89 -42.20
CA LEU A 972 -94.62 -5.16 -40.89
C LEU A 972 -93.71 -6.38 -40.87
N ARG A 973 -94.07 -7.50 -41.52
CA ARG A 973 -93.18 -8.65 -41.61
C ARG A 973 -91.86 -8.34 -42.32
N MET A 974 -91.90 -7.64 -43.47
CA MET A 974 -90.70 -7.24 -44.18
C MET A 974 -89.88 -6.20 -43.40
N SER A 975 -90.56 -5.28 -42.70
CA SER A 975 -89.95 -4.35 -41.74
C SER A 975 -89.25 -5.07 -40.59
N GLU A 976 -89.88 -6.12 -40.03
CA GLU A 976 -89.29 -7.01 -39.04
C GLU A 976 -88.06 -7.73 -39.56
N GLU A 977 -88.13 -8.27 -40.80
CA GLU A 977 -87.02 -8.90 -41.50
C GLU A 977 -85.84 -7.96 -41.75
N GLU A 978 -86.11 -6.73 -42.24
CA GLU A 978 -85.16 -5.64 -42.42
C GLU A 978 -84.51 -5.24 -41.11
N ALA A 979 -85.33 -5.03 -40.07
CA ALA A 979 -84.87 -4.74 -38.73
C ALA A 979 -83.99 -5.84 -38.16
N LYS A 980 -84.33 -7.11 -38.43
CA LYS A 980 -83.57 -8.25 -37.96
C LYS A 980 -82.26 -8.41 -38.71
N ASN A 981 -82.19 -8.11 -40.01
CA ASN A 981 -80.94 -8.00 -40.75
C ASN A 981 -80.06 -6.84 -40.25
N ALA A 982 -80.68 -5.68 -39.94
CA ALA A 982 -80.04 -4.57 -39.26
C ALA A 982 -79.50 -4.93 -37.87
N THR A 983 -80.30 -5.63 -37.05
CA THR A 983 -79.93 -6.20 -35.75
C THR A 983 -78.82 -7.24 -35.86
N ASN A 984 -78.91 -8.11 -36.89
CA ASN A 984 -77.91 -9.09 -37.30
C ASN A 984 -76.59 -8.40 -37.64
N ARG A 985 -76.64 -7.20 -38.26
CA ARG A 985 -75.48 -6.37 -38.46
C ARG A 985 -74.96 -5.67 -37.21
N VAL A 986 -75.88 -5.20 -36.34
CA VAL A 986 -75.56 -4.48 -35.12
C VAL A 986 -74.74 -5.31 -34.14
N LEU A 987 -75.04 -6.61 -33.92
CA LEU A 987 -74.16 -7.43 -33.10
C LEU A 987 -72.80 -7.71 -33.75
N SER A 988 -72.75 -7.93 -35.08
CA SER A 988 -71.50 -8.24 -35.78
C SER A 988 -70.46 -7.15 -35.78
N LEU A 989 -70.83 -5.85 -35.87
CA LEU A 989 -69.80 -4.82 -35.77
C LEU A 989 -69.39 -4.54 -34.34
N GLN A 990 -70.23 -4.88 -33.33
CA GLN A 990 -69.86 -4.74 -31.92
C GLN A 990 -68.70 -5.65 -31.53
N GLU A 991 -68.69 -6.89 -32.06
CA GLU A 991 -67.57 -7.82 -32.04
C GLU A 991 -66.29 -7.30 -32.71
N GLU A 992 -66.40 -6.74 -33.94
CA GLU A 992 -65.29 -6.12 -34.66
C GLU A 992 -64.74 -4.88 -33.96
N ILE A 993 -65.61 -3.93 -33.55
CA ILE A 993 -65.20 -2.65 -33.02
C ILE A 993 -64.51 -2.78 -31.68
N ALA A 994 -64.81 -3.86 -30.94
CA ALA A 994 -64.05 -4.29 -29.81
C ALA A 994 -62.66 -4.81 -30.12
N LYS A 995 -62.46 -5.66 -31.16
CA LYS A 995 -61.20 -6.32 -31.42
C LYS A 995 -60.07 -5.36 -31.79
N LEU A 996 -60.31 -4.41 -32.71
CA LEU A 996 -59.30 -3.42 -33.07
C LEU A 996 -58.96 -2.49 -31.93
N ARG A 997 -59.94 -2.17 -31.06
CA ARG A 997 -59.70 -1.33 -29.89
C ARG A 997 -58.92 -2.04 -28.79
N LYS A 998 -58.73 -3.38 -28.87
CA LYS A 998 -57.65 -4.03 -28.15
C LYS A 998 -56.36 -4.03 -28.97
N GLU A 999 -56.41 -4.35 -30.27
CA GLU A 999 -55.24 -4.44 -31.14
C GLU A 999 -54.39 -3.19 -31.17
N LEU A 1000 -54.99 -1.99 -31.38
CA LEU A 1000 -54.20 -0.77 -31.45
C LEU A 1000 -53.71 -0.33 -30.09
N HIS A 1001 -54.36 -0.79 -29.00
CA HIS A 1001 -53.83 -0.65 -27.67
C HIS A 1001 -52.59 -1.50 -27.45
N GLN A 1002 -52.59 -2.75 -27.95
CA GLN A 1002 -51.43 -3.63 -27.93
C GLN A 1002 -50.26 -3.10 -28.75
N THR A 1003 -50.53 -2.56 -29.95
CA THR A 1003 -49.52 -1.87 -30.73
C THR A 1003 -49.01 -0.60 -30.07
N GLN A 1004 -49.90 0.21 -29.45
CA GLN A 1004 -49.51 1.38 -28.68
C GLN A 1004 -48.62 1.05 -27.49
N THR A 1005 -48.95 0.00 -26.72
CA THR A 1005 -48.08 -0.48 -25.65
C THR A 1005 -46.74 -0.97 -26.14
N GLU A 1006 -46.68 -1.70 -27.27
CA GLU A 1006 -45.39 -2.07 -27.85
C GLU A 1006 -44.61 -0.86 -28.38
N LYS A 1007 -45.28 0.05 -29.10
CA LYS A 1007 -44.63 1.20 -29.68
C LYS A 1007 -44.14 2.19 -28.67
N LYS A 1008 -44.82 2.34 -27.52
CA LYS A 1008 -44.26 3.13 -26.45
C LYS A 1008 -42.94 2.59 -25.96
N THR A 1009 -42.82 1.25 -25.84
CA THR A 1009 -41.55 0.55 -25.65
C THR A 1009 -40.54 0.78 -26.75
N ILE A 1010 -40.89 0.62 -28.06
CA ILE A 1010 -39.94 0.82 -29.15
C ILE A 1010 -39.42 2.24 -29.29
N GLU A 1011 -40.28 3.25 -29.08
CA GLU A 1011 -39.96 4.66 -29.13
C GLU A 1011 -39.05 5.07 -27.98
N GLU A 1012 -39.35 4.58 -26.75
CA GLU A 1012 -38.48 4.68 -25.59
C GLU A 1012 -37.13 3.98 -25.81
N TRP A 1013 -37.15 2.75 -26.33
CA TRP A 1013 -35.98 1.98 -26.67
C TRP A 1013 -35.09 2.64 -27.71
N ALA A 1014 -35.67 3.22 -28.78
CA ALA A 1014 -34.97 4.00 -29.77
C ALA A 1014 -34.32 5.28 -29.23
N ASP A 1015 -35.03 6.00 -28.34
CA ASP A 1015 -34.54 7.14 -27.58
C ASP A 1015 -33.37 6.73 -26.67
N LYS A 1016 -33.49 5.61 -25.93
CA LYS A 1016 -32.41 5.17 -25.06
C LYS A 1016 -31.24 4.53 -25.81
N TYR A 1017 -31.46 4.05 -27.05
CA TYR A 1017 -30.38 3.79 -27.99
C TYR A 1017 -29.78 5.06 -28.59
N LYS A 1018 -30.51 6.19 -28.61
CA LYS A 1018 -29.91 7.47 -28.91
C LYS A 1018 -28.99 7.94 -27.81
N HIS A 1019 -29.38 7.74 -26.54
CA HIS A 1019 -28.53 7.92 -25.37
C HIS A 1019 -27.22 7.13 -25.48
N GLU A 1020 -27.25 5.88 -25.99
CA GLU A 1020 -26.02 5.18 -26.35
C GLU A 1020 -25.20 5.81 -27.48
N THR A 1021 -25.86 6.14 -28.62
CA THR A 1021 -25.19 6.65 -29.82
C THR A 1021 -24.60 8.06 -29.70
N GLU A 1022 -25.18 8.95 -28.88
CA GLU A 1022 -24.55 10.24 -28.61
C GLU A 1022 -23.27 10.10 -27.77
N GLN A 1023 -23.23 9.15 -26.83
CA GLN A 1023 -22.09 8.95 -25.95
C GLN A 1023 -20.84 8.45 -26.64
N LEU A 1024 -20.92 7.52 -27.61
CA LEU A 1024 -19.71 7.07 -28.28
C LEU A 1024 -19.10 8.10 -29.22
N VAL A 1025 -19.87 9.10 -29.69
CA VAL A 1025 -19.29 10.19 -30.46
C VAL A 1025 -18.52 11.16 -29.57
N SER A 1026 -18.74 11.11 -28.24
CA SER A 1026 -17.83 11.75 -27.29
C SER A 1026 -16.65 10.85 -26.95
N GLU A 1027 -16.87 9.60 -26.46
CA GLU A 1027 -15.77 8.75 -25.99
C GLU A 1027 -14.80 8.34 -27.09
N LEU A 1028 -15.28 7.99 -28.29
CA LEU A 1028 -14.42 7.52 -29.36
C LEU A 1028 -13.71 8.70 -30.03
N LYS A 1029 -14.19 9.93 -29.79
CA LYS A 1029 -13.46 11.13 -30.15
C LYS A 1029 -12.40 11.50 -29.14
N GLU A 1030 -12.63 11.25 -27.83
CA GLU A 1030 -11.60 11.31 -26.81
C GLU A 1030 -10.50 10.27 -27.09
N GLN A 1031 -10.89 9.02 -27.35
CA GLN A 1031 -9.99 7.96 -27.77
C GLN A 1031 -9.23 8.26 -29.07
N ASN A 1032 -9.88 8.87 -30.08
CA ASN A 1032 -9.17 9.17 -31.30
C ASN A 1032 -8.21 10.36 -31.20
N THR A 1033 -8.34 11.22 -30.17
CA THR A 1033 -7.45 12.38 -30.04
C THR A 1033 -6.13 11.98 -29.38
N LEU A 1034 -6.14 11.16 -28.31
CA LEU A 1034 -4.92 10.88 -27.58
C LEU A 1034 -3.93 9.98 -28.30
N LEU A 1035 -4.35 9.09 -29.22
CA LEU A 1035 -3.36 8.36 -30.01
C LEU A 1035 -2.77 9.22 -31.13
N LYS A 1036 -3.39 10.37 -31.45
CA LYS A 1036 -2.77 11.41 -32.26
C LYS A 1036 -1.75 12.20 -31.46
N THR A 1037 -2.05 12.58 -30.21
CA THR A 1037 -1.06 13.20 -29.32
C THR A 1037 0.11 12.28 -29.05
N GLU A 1038 -0.16 10.97 -28.85
CA GLU A 1038 0.84 9.92 -28.81
C GLU A 1038 1.66 9.77 -30.07
N LYS A 1039 1.04 10.01 -31.24
CA LYS A 1039 1.73 10.02 -32.52
C LYS A 1039 2.77 11.12 -32.61
N GLU A 1040 2.39 12.33 -32.15
CA GLU A 1040 3.25 13.48 -31.98
C GLU A 1040 4.39 13.17 -31.00
N GLU A 1041 4.04 12.50 -29.90
CA GLU A 1041 4.95 12.03 -28.86
C GLU A 1041 5.98 10.98 -29.25
N LEU A 1042 5.62 9.89 -29.97
CA LEU A 1042 6.61 8.88 -30.33
C LEU A 1042 7.51 9.30 -31.48
N ASN A 1043 7.01 10.13 -32.42
CA ASN A 1043 7.78 10.62 -33.54
C ASN A 1043 8.93 11.50 -33.08
N ARG A 1044 8.68 12.37 -32.07
CA ARG A 1044 9.72 13.19 -31.50
C ARG A 1044 10.85 12.35 -30.90
N ARG A 1045 10.54 11.27 -30.13
CA ARG A 1045 11.59 10.47 -29.52
C ARG A 1045 12.29 9.41 -30.37
N ILE A 1046 11.68 8.86 -31.45
CA ILE A 1046 12.44 7.97 -32.35
C ILE A 1046 13.50 8.78 -33.11
N HIS A 1047 13.19 10.03 -33.45
CA HIS A 1047 14.15 10.99 -33.95
C HIS A 1047 15.22 11.46 -32.98
N ASP A 1048 14.88 11.58 -31.68
CA ASP A 1048 15.78 11.83 -30.57
C ASP A 1048 16.75 10.67 -30.39
N GLN A 1049 16.23 9.42 -30.42
CA GLN A 1049 17.02 8.19 -30.49
C GLN A 1049 17.95 8.23 -31.70
N ALA A 1050 17.47 8.64 -32.87
CA ALA A 1050 18.31 8.78 -34.05
C ALA A 1050 19.14 10.06 -34.12
N LYS A 1051 19.39 10.76 -33.00
CA LYS A 1051 20.36 11.82 -32.95
C LYS A 1051 21.30 11.52 -31.79
N GLU A 1052 20.77 11.07 -30.64
CA GLU A 1052 21.54 10.57 -29.52
C GLU A 1052 22.37 9.32 -29.87
N ILE A 1053 21.79 8.33 -30.58
CA ILE A 1053 22.55 7.20 -31.13
C ILE A 1053 23.62 7.64 -32.12
N THR A 1054 23.35 8.70 -32.91
CA THR A 1054 24.37 9.28 -33.81
C THR A 1054 25.50 9.90 -33.02
N GLU A 1055 25.19 10.60 -31.90
CA GLU A 1055 26.14 11.09 -30.90
C GLU A 1055 26.94 9.94 -30.30
N THR A 1056 26.29 8.84 -29.86
CA THR A 1056 26.95 7.64 -29.36
C THR A 1056 27.94 7.03 -30.34
N MET A 1057 27.57 6.92 -31.63
CA MET A 1057 28.45 6.54 -32.72
C MET A 1057 29.59 7.53 -33.01
N GLU A 1058 29.30 8.85 -33.03
CA GLU A 1058 30.26 9.92 -33.24
C GLU A 1058 31.33 9.92 -32.15
N LYS A 1059 30.91 9.72 -30.90
CA LYS A 1059 31.81 9.53 -29.78
C LYS A 1059 32.54 8.19 -29.79
N LYS A 1060 31.97 7.14 -30.40
CA LYS A 1060 32.58 5.83 -30.46
C LYS A 1060 33.89 5.77 -31.24
N LEU A 1061 33.98 6.42 -32.42
CA LEU A 1061 35.26 6.45 -33.13
C LEU A 1061 36.25 7.44 -32.51
N VAL A 1062 35.78 8.40 -31.70
CA VAL A 1062 36.63 9.20 -30.82
C VAL A 1062 37.25 8.37 -29.71
N GLU A 1063 36.47 7.47 -29.11
CA GLU A 1063 36.92 6.47 -28.14
C GLU A 1063 37.99 5.58 -28.76
N GLU A 1064 37.74 5.05 -29.97
CA GLU A 1064 38.68 4.28 -30.75
C GLU A 1064 39.96 5.01 -31.11
N THR A 1065 39.84 6.27 -31.60
CA THR A 1065 41.01 7.09 -31.96
C THR A 1065 41.89 7.43 -30.77
N LYS A 1066 41.30 7.70 -29.59
CA LYS A 1066 42.07 7.95 -28.38
C LYS A 1066 42.69 6.69 -27.78
N GLN A 1067 42.11 5.50 -28.06
CA GLN A 1067 42.67 4.24 -27.62
C GLN A 1067 44.03 3.91 -28.20
N LEU A 1068 44.29 4.14 -29.51
CA LEU A 1068 45.65 3.98 -30.03
C LEU A 1068 46.52 5.21 -29.78
N GLU A 1069 45.92 6.37 -29.44
CA GLU A 1069 46.68 7.56 -29.08
C GLU A 1069 47.47 7.41 -27.77
N LEU A 1070 46.81 6.90 -26.70
CA LEU A 1070 47.50 6.70 -25.43
C LEU A 1070 48.49 5.54 -25.47
N ASP A 1071 48.19 4.49 -26.27
CA ASP A 1071 49.07 3.37 -26.57
C ASP A 1071 50.46 3.83 -27.05
N LEU A 1072 50.54 4.64 -28.12
CA LEU A 1072 51.84 5.02 -28.64
C LEU A 1072 52.55 6.10 -27.82
N ASN A 1073 51.82 6.89 -27.00
CA ASN A 1073 52.48 7.77 -26.04
C ASN A 1073 53.11 7.04 -24.85
N ASP A 1074 52.49 5.94 -24.37
CA ASP A 1074 53.03 5.10 -23.31
C ASP A 1074 54.36 4.43 -23.73
N GLU A 1075 54.36 3.90 -24.97
CA GLU A 1075 55.55 3.49 -25.69
C GLU A 1075 56.55 4.62 -25.85
N ARG A 1076 56.07 5.86 -26.10
CA ARG A 1076 56.98 6.92 -26.42
C ARG A 1076 57.98 7.34 -25.37
N LEU A 1077 57.53 7.58 -24.12
CA LEU A 1077 58.44 8.06 -23.08
C LEU A 1077 59.33 6.97 -22.55
N ARG A 1078 58.94 5.70 -22.77
CA ARG A 1078 59.69 4.52 -22.38
C ARG A 1078 61.07 4.42 -23.00
N TYR A 1079 61.18 4.79 -24.29
CA TYR A 1079 62.41 4.77 -25.08
C TYR A 1079 63.41 5.86 -24.73
N GLN A 1080 63.02 6.91 -23.98
CA GLN A 1080 63.85 8.10 -23.85
C GLN A 1080 64.75 8.02 -22.62
N ALA B 10 -4.82 66.80 62.47
CA ALA B 10 -5.22 66.26 61.18
C ALA B 10 -6.36 65.26 61.20
N GLU B 11 -7.35 65.34 62.11
CA GLU B 11 -8.38 64.31 62.20
C GLU B 11 -9.12 64.14 60.87
N PHE B 12 -9.53 62.90 60.58
CA PHE B 12 -10.34 62.66 59.42
C PHE B 12 -11.29 61.54 59.70
N LYS B 13 -12.61 61.83 59.78
CA LYS B 13 -13.59 60.76 59.93
C LYS B 13 -13.60 59.75 58.79
N GLU B 14 -13.42 60.19 57.52
CA GLU B 14 -13.32 59.29 56.38
C GLU B 14 -12.18 58.27 56.51
N ALA B 15 -11.01 58.70 57.00
CA ALA B 15 -9.90 57.81 57.23
C ALA B 15 -10.14 56.82 58.34
N PHE B 16 -10.82 57.26 59.42
CA PHE B 16 -11.26 56.36 60.49
C PHE B 16 -12.19 55.29 59.96
N SER B 17 -13.10 55.68 59.07
CA SER B 17 -14.06 54.82 58.44
C SER B 17 -13.46 53.85 57.42
N LEU B 18 -12.17 54.00 57.09
CA LEU B 18 -11.44 53.09 56.21
C LEU B 18 -10.66 52.09 57.06
N PHE B 19 -10.78 52.21 58.39
CA PHE B 19 -10.05 51.45 59.36
C PHE B 19 -11.00 50.84 60.37
N ASP B 20 -12.15 51.49 60.64
CA ASP B 20 -13.39 50.84 60.97
C ASP B 20 -13.81 50.18 59.71
N LYS B 21 -13.70 48.88 59.71
CA LYS B 21 -14.05 48.14 58.54
C LYS B 21 -15.47 47.71 58.85
N ASP B 22 -15.57 47.08 60.01
CA ASP B 22 -16.68 46.43 60.62
C ASP B 22 -17.94 47.30 60.78
N GLY B 23 -17.79 48.64 60.89
CA GLY B 23 -18.88 49.61 60.87
C GLY B 23 -19.55 49.66 62.21
N ASP B 24 -18.84 49.03 63.16
CA ASP B 24 -19.01 48.94 64.58
C ASP B 24 -18.93 50.34 65.18
N GLY B 25 -17.97 51.15 64.66
CA GLY B 25 -17.69 52.48 65.14
C GLY B 25 -16.37 52.53 65.83
N THR B 26 -15.77 51.38 66.15
CA THR B 26 -14.47 51.34 66.83
C THR B 26 -13.43 50.55 66.05
N ILE B 27 -12.14 50.89 66.22
CA ILE B 27 -11.04 50.16 65.60
C ILE B 27 -10.21 49.59 66.73
N THR B 28 -9.45 48.49 66.49
CA THR B 28 -8.59 47.92 67.51
C THR B 28 -7.51 48.88 67.98
N THR B 29 -7.20 48.89 69.29
CA THR B 29 -6.19 49.79 69.89
C THR B 29 -4.82 49.65 69.26
N LYS B 30 -4.51 48.43 68.79
CA LYS B 30 -3.28 48.13 68.11
C LYS B 30 -3.19 48.64 66.68
N GLU B 31 -4.29 49.13 66.09
CA GLU B 31 -4.28 49.78 64.80
C GLU B 31 -4.17 51.28 64.93
N LEU B 32 -3.98 51.81 66.16
CA LEU B 32 -3.81 53.24 66.41
C LEU B 32 -2.60 53.85 65.67
N GLY B 33 -1.45 53.13 65.62
CA GLY B 33 -0.26 53.66 64.96
C GLY B 33 -0.37 53.74 63.47
N THR B 34 -1.10 52.81 62.85
CA THR B 34 -1.39 52.86 61.43
C THR B 34 -2.44 53.88 61.08
N VAL B 35 -3.45 54.12 61.93
CA VAL B 35 -4.42 55.21 61.67
C VAL B 35 -3.79 56.60 61.70
N MET B 36 -2.89 56.88 62.67
CA MET B 36 -2.11 58.12 62.71
C MET B 36 -1.27 58.31 61.45
N ARG B 37 -0.66 57.22 60.95
CA ARG B 37 0.17 57.22 59.75
C ARG B 37 -0.62 57.02 58.47
N SER B 38 -1.96 57.00 58.56
CA SER B 38 -2.82 57.01 57.40
C SER B 38 -3.47 58.36 57.25
N LEU B 39 -3.57 59.08 58.38
CA LEU B 39 -4.02 60.45 58.48
C LEU B 39 -3.00 61.41 57.91
N GLY B 40 -1.75 61.22 58.36
CA GLY B 40 -0.61 61.96 57.91
C GLY B 40 0.55 61.50 58.73
N GLN B 41 0.66 62.08 59.93
CA GLN B 41 1.64 61.92 60.98
C GLN B 41 2.55 60.72 60.96
N ASN B 42 3.85 60.95 61.22
CA ASN B 42 4.83 59.90 61.20
C ASN B 42 5.22 59.36 62.60
N PRO B 43 4.40 59.20 63.68
CA PRO B 43 4.86 58.96 65.06
C PRO B 43 5.77 57.75 65.25
N THR B 44 6.60 57.71 66.31
CA THR B 44 7.31 56.48 66.70
C THR B 44 6.31 55.43 67.19
N GLU B 45 6.75 54.17 67.34
CA GLU B 45 5.95 53.17 68.03
C GLU B 45 5.96 53.48 69.52
N ALA B 46 7.09 53.97 70.05
CA ALA B 46 7.19 54.50 71.40
C ALA B 46 6.21 55.61 71.73
N GLU B 47 6.13 56.69 70.91
CA GLU B 47 5.19 57.80 71.07
C GLU B 47 3.76 57.34 71.05
N LEU B 48 3.44 56.40 70.15
CA LEU B 48 2.15 55.77 70.09
C LEU B 48 1.78 55.02 71.36
N GLN B 49 2.74 54.28 71.94
CA GLN B 49 2.53 53.60 73.21
C GLN B 49 2.40 54.56 74.37
N ASP B 50 3.22 55.63 74.43
CA ASP B 50 3.11 56.67 75.41
C ASP B 50 1.74 57.35 75.37
N MET B 51 1.23 57.69 74.17
CA MET B 51 -0.10 58.27 73.98
C MET B 51 -1.24 57.39 74.49
N ILE B 52 -1.20 56.07 74.22
CA ILE B 52 -2.13 55.12 74.82
C ILE B 52 -1.92 55.03 76.33
N ASN B 53 -0.68 54.99 76.83
CA ASN B 53 -0.42 54.76 78.23
C ASN B 53 -0.75 55.94 79.12
N GLU B 54 -0.85 57.15 78.57
CA GLU B 54 -1.20 58.31 79.37
C GLU B 54 -2.70 58.51 79.46
N VAL B 55 -3.49 57.58 78.92
CA VAL B 55 -4.91 57.48 79.17
C VAL B 55 -5.17 56.14 79.81
N ASP B 56 -6.13 56.05 80.73
CA ASP B 56 -6.63 54.83 81.34
C ASP B 56 -7.50 54.03 80.37
N ALA B 57 -6.95 53.86 79.15
CA ALA B 57 -7.41 52.99 78.11
C ALA B 57 -6.75 51.63 78.31
N ASP B 58 -6.31 51.39 79.56
CA ASP B 58 -5.64 50.27 80.16
C ASP B 58 -6.28 48.94 79.75
N GLY B 59 -7.59 48.82 79.99
CA GLY B 59 -8.38 47.67 79.60
C GLY B 59 -9.13 47.81 78.30
N ASN B 60 -8.96 48.93 77.56
CA ASN B 60 -9.72 49.16 76.34
C ASN B 60 -9.18 48.33 75.17
N GLY B 61 -10.03 47.49 74.57
CA GLY B 61 -9.63 46.68 73.42
C GLY B 61 -9.70 47.41 72.11
N THR B 62 -10.59 48.41 72.02
CA THR B 62 -10.84 49.19 70.82
C THR B 62 -10.94 50.65 71.20
N ILE B 63 -10.86 51.53 70.19
CA ILE B 63 -10.99 52.97 70.32
C ILE B 63 -12.03 53.47 69.34
N ASP B 64 -12.91 54.38 69.78
CA ASP B 64 -13.83 55.10 68.93
C ASP B 64 -13.14 56.36 68.39
N PHE B 65 -13.75 57.00 67.39
CA PHE B 65 -13.27 58.23 66.79
C PHE B 65 -13.19 59.38 67.80
N PRO B 66 -14.18 59.73 68.64
CA PRO B 66 -13.99 60.57 69.82
C PRO B 66 -12.79 60.33 70.70
N GLU B 67 -12.44 59.07 71.05
CA GLU B 67 -11.27 58.82 71.89
C GLU B 67 -9.98 59.21 71.16
N PHE B 68 -9.85 58.78 69.90
CA PHE B 68 -8.75 59.06 69.01
C PHE B 68 -8.58 60.57 68.78
N LEU B 69 -9.71 61.30 68.62
CA LEU B 69 -9.72 62.76 68.56
C LEU B 69 -9.14 63.42 69.81
N THR B 70 -9.52 62.95 71.00
CA THR B 70 -9.01 63.50 72.26
C THR B 70 -7.52 63.29 72.44
N MET B 71 -7.00 62.10 72.09
CA MET B 71 -5.58 61.81 72.09
C MET B 71 -4.77 62.66 71.14
N MET B 72 -5.23 62.84 69.90
CA MET B 72 -4.53 63.71 68.96
C MET B 72 -4.52 65.16 69.39
N ALA B 73 -5.61 65.69 69.98
CA ALA B 73 -5.64 67.02 70.52
C ALA B 73 -4.72 67.25 71.73
N ARG B 74 -4.65 66.29 72.66
CA ARG B 74 -3.75 66.29 73.80
C ARG B 74 -2.28 66.31 73.37
N LYS B 75 -1.95 65.56 72.30
CA LYS B 75 -0.58 65.35 71.87
C LYS B 75 -0.24 66.02 70.57
N MET B 76 -1.04 67.01 70.15
CA MET B 76 -0.96 67.66 68.85
C MET B 76 0.42 68.21 68.54
N LYS B 77 1.08 68.80 69.54
CA LYS B 77 2.39 69.38 69.37
C LYS B 77 3.50 68.39 69.00
N ASP B 78 3.53 67.22 69.67
CA ASP B 78 4.53 66.20 69.44
C ASP B 78 4.27 65.54 68.09
N THR B 79 2.98 65.27 67.79
CA THR B 79 2.54 64.65 66.54
C THR B 79 2.77 65.53 65.31
N ASP B 80 2.52 66.85 65.39
CA ASP B 80 2.85 67.84 64.37
C ASP B 80 4.34 67.95 64.09
N SER B 81 5.20 67.76 65.11
CA SER B 81 6.66 67.72 64.94
C SER B 81 7.11 66.57 64.07
N GLU B 82 6.22 65.57 63.94
CA GLU B 82 6.33 64.47 63.03
C GLU B 82 5.59 64.67 61.74
N GLU B 83 5.47 65.93 61.28
CA GLU B 83 5.58 66.21 59.86
C GLU B 83 6.25 67.51 59.44
N GLU B 84 7.12 68.06 60.32
CA GLU B 84 8.05 69.12 59.96
C GLU B 84 9.26 68.74 59.10
N ILE B 85 9.97 67.64 59.44
CA ILE B 85 11.21 67.25 58.76
C ILE B 85 11.08 66.99 57.26
N ARG B 86 12.10 67.44 56.50
CA ARG B 86 12.10 67.32 55.06
C ARG B 86 13.45 66.77 54.59
N GLU B 87 14.47 66.80 55.46
CA GLU B 87 15.83 66.40 55.23
C GLU B 87 16.26 65.43 56.33
N ALA B 88 17.44 64.77 56.21
CA ALA B 88 17.81 63.77 57.19
C ALA B 88 19.27 63.47 57.20
N PHE B 89 19.99 64.02 58.18
CA PHE B 89 21.41 63.80 58.32
C PHE B 89 21.82 62.51 59.03
N ARG B 90 23.10 62.13 58.89
CA ARG B 90 23.69 61.10 59.74
C ARG B 90 24.72 61.71 60.65
N VAL B 91 25.89 61.07 60.81
CA VAL B 91 26.40 60.66 62.11
C VAL B 91 26.91 59.22 62.07
N PHE B 92 26.65 58.55 60.93
CA PHE B 92 27.41 57.46 60.35
C PHE B 92 28.60 58.19 59.69
N ASP B 93 29.05 57.93 58.45
CA ASP B 93 29.83 58.88 57.61
C ASP B 93 30.49 60.11 58.28
N LYS B 94 31.77 60.08 58.68
CA LYS B 94 32.39 61.22 59.36
C LYS B 94 33.48 61.83 58.56
N ASP B 95 33.96 61.06 57.61
CA ASP B 95 34.82 61.32 56.52
C ASP B 95 34.14 62.30 55.58
N GLY B 96 32.81 62.12 55.40
CA GLY B 96 31.96 63.00 54.60
C GLY B 96 32.05 62.56 53.18
N ASN B 97 32.21 61.25 53.00
CA ASN B 97 32.36 60.59 51.72
C ASN B 97 31.04 60.65 50.98
N GLY B 98 29.91 60.70 51.73
CA GLY B 98 28.56 60.69 51.17
C GLY B 98 28.04 59.30 50.91
N TYR B 99 28.85 58.32 51.33
CA TYR B 99 28.64 56.91 51.13
C TYR B 99 28.56 56.25 52.48
N ILE B 100 27.82 55.14 52.55
CA ILE B 100 27.82 54.28 53.72
C ILE B 100 27.78 52.87 53.21
N SER B 101 28.45 51.94 53.90
CA SER B 101 28.37 50.53 53.55
C SER B 101 26.97 49.98 53.72
N ALA B 102 26.57 49.00 52.87
CA ALA B 102 25.28 48.34 53.02
C ALA B 102 25.15 47.62 54.35
N ALA B 103 26.28 47.12 54.89
CA ALA B 103 26.39 46.55 56.22
C ALA B 103 26.05 47.51 57.36
N GLU B 104 26.61 48.74 57.36
CA GLU B 104 26.25 49.76 58.32
C GLU B 104 24.81 50.21 58.19
N LEU B 105 24.34 50.42 56.94
CA LEU B 105 22.97 50.81 56.64
C LEU B 105 21.94 49.81 57.13
N ARG B 106 22.17 48.50 56.89
CA ARG B 106 21.35 47.46 57.45
C ARG B 106 21.41 47.43 58.97
N HIS B 107 22.61 47.57 59.58
CA HIS B 107 22.77 47.62 61.02
C HIS B 107 22.01 48.76 61.69
N VAL B 108 22.07 50.00 61.15
CA VAL B 108 21.29 51.10 61.68
C VAL B 108 19.79 50.86 61.53
N MET B 109 19.32 50.33 60.40
CA MET B 109 17.93 49.98 60.24
C MET B 109 17.42 48.82 61.11
N THR B 110 18.16 47.70 61.24
CA THR B 110 17.63 46.49 61.88
C THR B 110 18.10 46.28 63.30
N ASN B 111 19.24 46.85 63.71
CA ASN B 111 19.76 46.66 65.05
C ASN B 111 19.30 47.77 65.97
N LEU B 112 19.43 49.00 65.47
CA LEU B 112 19.23 50.19 66.23
C LEU B 112 17.77 50.52 66.39
N GLY B 113 17.42 51.44 67.31
CA GLY B 113 16.07 51.97 67.45
C GLY B 113 14.89 51.04 67.44
N GLU B 114 13.90 51.34 66.58
CA GLU B 114 12.65 50.61 66.44
C GLU B 114 12.71 49.63 65.30
N LYS B 115 13.92 49.06 65.10
CA LYS B 115 14.30 47.89 64.32
C LYS B 115 13.35 47.39 63.26
N LEU B 116 13.63 47.74 61.99
CA LEU B 116 13.00 47.10 60.87
C LEU B 116 13.41 45.64 60.79
N THR B 117 12.54 44.78 60.26
CA THR B 117 12.91 43.44 59.88
C THR B 117 13.88 43.42 58.71
N ASP B 118 14.71 42.38 58.58
CA ASP B 118 15.58 42.20 57.43
C ASP B 118 14.81 42.17 56.11
N GLU B 119 13.64 41.50 56.05
CA GLU B 119 12.76 41.51 54.90
C GLU B 119 12.32 42.90 54.43
N GLU B 120 12.00 43.85 55.35
CA GLU B 120 11.75 45.25 55.00
C GLU B 120 12.98 45.97 54.48
N VAL B 121 14.17 45.74 55.08
CA VAL B 121 15.42 46.29 54.56
C VAL B 121 15.80 45.72 53.19
N ASP B 122 15.63 44.40 52.97
CA ASP B 122 15.80 43.74 51.69
C ASP B 122 14.87 44.29 50.62
N GLU B 123 13.63 44.69 50.97
CA GLU B 123 12.74 45.43 50.08
C GLU B 123 13.24 46.81 49.71
N MET B 124 13.74 47.58 50.69
CA MET B 124 14.30 48.90 50.46
C MET B 124 15.59 48.91 49.65
N ILE B 125 16.40 47.84 49.72
CA ILE B 125 17.62 47.75 48.92
C ILE B 125 17.39 47.03 47.58
N ARG B 126 16.14 46.73 47.20
CA ARG B 126 15.87 46.34 45.82
C ARG B 126 15.97 47.55 44.90
N GLU B 127 16.73 47.43 43.78
CA GLU B 127 17.00 48.48 42.79
C GLU B 127 18.11 49.45 43.23
N ALA B 128 18.42 49.52 44.53
CA ALA B 128 19.41 50.41 45.06
C ALA B 128 20.83 50.01 44.68
N ASP B 129 21.51 50.88 43.90
CA ASP B 129 22.85 50.66 43.42
C ASP B 129 23.88 50.49 44.53
N ILE B 130 24.86 49.62 44.30
CA ILE B 130 25.88 49.29 45.28
C ILE B 130 27.18 49.21 44.50
N ASP B 131 28.22 49.92 44.96
CA ASP B 131 29.44 50.01 44.21
C ASP B 131 30.33 48.75 44.44
N GLY B 132 31.58 48.78 43.94
CA GLY B 132 32.53 47.71 44.19
C GLY B 132 33.24 47.75 45.53
N ASP B 133 33.22 48.87 46.28
CA ASP B 133 33.57 48.95 47.69
C ASP B 133 32.50 48.24 48.53
N GLY B 134 31.22 48.46 48.18
CA GLY B 134 30.06 47.85 48.84
C GLY B 134 29.24 48.90 49.51
N GLN B 135 29.34 50.15 49.02
CA GLN B 135 28.74 51.30 49.59
C GLN B 135 27.63 51.87 48.72
N VAL B 136 26.66 52.53 49.38
CA VAL B 136 25.51 53.13 48.74
C VAL B 136 25.49 54.60 49.02
N ASN B 137 25.16 55.43 48.02
CA ASN B 137 24.88 56.84 48.18
C ASN B 137 23.65 57.03 49.07
N TYR B 138 23.84 57.48 50.32
CA TYR B 138 22.73 57.50 51.24
C TYR B 138 21.82 58.67 51.06
N GLU B 139 22.25 59.71 50.33
CA GLU B 139 21.44 60.85 50.00
C GLU B 139 20.39 60.50 48.96
N GLU B 140 20.81 59.79 47.89
CA GLU B 140 19.92 59.21 46.90
C GLU B 140 18.97 58.20 47.50
N PHE B 141 19.49 57.29 48.35
CA PHE B 141 18.69 56.29 49.05
C PHE B 141 17.63 56.91 49.96
N VAL B 142 17.95 57.96 50.76
CA VAL B 142 16.94 58.67 51.53
C VAL B 142 15.93 59.44 50.69
N GLN B 143 16.35 60.09 49.59
CA GLN B 143 15.43 60.70 48.65
C GLN B 143 14.51 59.70 47.96
N MET B 144 15.04 58.58 47.47
CA MET B 144 14.24 57.52 46.87
C MET B 144 13.25 56.90 47.84
N MET B 145 13.58 56.66 49.12
CA MET B 145 12.54 56.23 50.02
C MET B 145 11.46 57.29 50.30
N THR B 146 11.78 58.57 50.58
CA THR B 146 10.73 59.53 50.95
C THR B 146 9.95 60.17 49.83
N ALA B 147 10.60 60.49 48.69
CA ALA B 147 10.05 61.32 47.62
C ALA B 147 8.91 60.65 46.85
N LYS B 148 8.69 59.36 47.09
CA LYS B 148 8.15 58.47 46.09
C LYS B 148 6.63 58.36 46.12
N GLN C 8 -26.25 42.72 20.28
CA GLN C 8 -25.90 44.09 19.96
C GLN C 8 -27.10 45.04 19.92
N ILE C 9 -27.19 45.87 18.85
CA ILE C 9 -28.11 46.99 18.68
C ILE C 9 -29.57 46.68 18.87
N ALA C 10 -30.05 45.47 18.57
CA ALA C 10 -31.44 45.10 18.82
C ALA C 10 -31.84 45.08 20.30
N GLU C 11 -31.04 44.45 21.19
CA GLU C 11 -31.30 44.46 22.62
C GLU C 11 -31.04 45.85 23.20
N PHE C 12 -29.95 46.51 22.77
CA PHE C 12 -29.67 47.87 23.19
C PHE C 12 -30.78 48.86 22.78
N LYS C 13 -31.37 48.72 21.57
CA LYS C 13 -32.51 49.54 21.21
C LYS C 13 -33.73 49.32 22.09
N GLU C 14 -34.00 48.07 22.49
CA GLU C 14 -35.06 47.76 23.44
C GLU C 14 -34.78 48.36 24.81
N ALA C 15 -33.52 48.27 25.30
CA ALA C 15 -33.07 48.97 26.48
C ALA C 15 -33.21 50.48 26.43
N PHE C 16 -32.92 51.11 25.28
CA PHE C 16 -33.21 52.50 25.00
C PHE C 16 -34.71 52.81 25.06
N SER C 17 -35.56 51.93 24.53
CA SER C 17 -37.01 52.13 24.49
C SER C 17 -37.68 51.92 25.85
N LEU C 18 -36.92 51.38 26.82
CA LEU C 18 -37.32 51.24 28.21
C LEU C 18 -36.75 52.41 29.04
N PHE C 19 -35.94 53.27 28.41
CA PHE C 19 -35.37 54.46 29.03
C PHE C 19 -35.94 55.73 28.47
N ASP C 20 -36.41 55.70 27.22
CA ASP C 20 -37.49 56.52 26.74
C ASP C 20 -38.73 56.10 27.53
N LYS C 21 -39.46 57.04 28.14
CA LYS C 21 -40.59 56.71 29.01
C LYS C 21 -41.81 57.31 28.35
N ASP C 22 -41.60 58.56 27.92
CA ASP C 22 -42.45 59.47 27.19
C ASP C 22 -42.77 58.93 25.79
N GLY C 23 -41.76 58.36 25.11
CA GLY C 23 -41.86 57.79 23.77
C GLY C 23 -41.52 58.80 22.71
N ASP C 24 -40.63 59.75 23.04
CA ASP C 24 -40.25 60.88 22.21
C ASP C 24 -39.00 60.56 21.40
N GLY C 25 -38.46 59.33 21.56
CA GLY C 25 -37.27 58.87 20.83
C GLY C 25 -36.00 59.31 21.47
N THR C 26 -36.07 60.07 22.57
CA THR C 26 -34.91 60.69 23.17
C THR C 26 -35.03 60.57 24.67
N ILE C 27 -33.89 60.39 25.37
CA ILE C 27 -33.89 60.20 26.81
C ILE C 27 -33.19 61.37 27.43
N THR C 28 -33.54 61.74 28.69
CA THR C 28 -32.89 62.86 29.37
C THR C 28 -31.37 62.68 29.47
N THR C 29 -30.58 63.75 29.25
CA THR C 29 -29.11 63.67 29.25
C THR C 29 -28.53 63.21 30.57
N LYS C 30 -29.26 63.47 31.66
CA LYS C 30 -28.96 62.96 32.97
C LYS C 30 -28.93 61.43 33.09
N GLU C 31 -29.71 60.72 32.25
CA GLU C 31 -29.83 59.27 32.25
C GLU C 31 -28.86 58.60 31.29
N LEU C 32 -27.85 59.34 30.80
CA LEU C 32 -26.77 58.79 30.00
C LEU C 32 -25.98 57.69 30.73
N GLY C 33 -25.65 57.87 32.02
CA GLY C 33 -24.78 56.94 32.73
C GLY C 33 -25.45 55.64 33.05
N THR C 34 -26.72 55.72 33.43
CA THR C 34 -27.61 54.60 33.63
C THR C 34 -27.88 53.82 32.35
N VAL C 35 -28.06 54.46 31.17
CA VAL C 35 -28.17 53.74 29.91
C VAL C 35 -26.90 52.98 29.50
N MET C 36 -25.69 53.57 29.70
CA MET C 36 -24.42 52.87 29.50
C MET C 36 -24.29 51.66 30.42
N ARG C 37 -24.64 51.84 31.70
CA ARG C 37 -24.66 50.79 32.70
C ARG C 37 -25.63 49.66 32.39
N SER C 38 -26.83 50.01 31.89
CA SER C 38 -27.84 49.07 31.42
C SER C 38 -27.38 48.18 30.27
N LEU C 39 -26.68 48.76 29.26
CA LEU C 39 -26.08 48.01 28.18
C LEU C 39 -25.02 47.00 28.64
N GLY C 40 -24.11 47.43 29.55
CA GLY C 40 -23.09 46.48 30.00
C GLY C 40 -21.98 47.10 30.78
N GLN C 41 -21.65 48.34 30.43
CA GLN C 41 -20.52 49.07 30.94
C GLN C 41 -20.63 49.52 32.38
N ASN C 42 -19.51 50.01 32.95
CA ASN C 42 -19.47 50.40 34.34
C ASN C 42 -18.81 51.78 34.54
N PRO C 43 -19.12 52.83 33.75
CA PRO C 43 -18.33 54.06 33.71
C PRO C 43 -18.41 54.90 34.95
N THR C 44 -17.41 55.77 35.17
CA THR C 44 -17.43 56.79 36.20
C THR C 44 -18.45 57.87 35.91
N GLU C 45 -19.01 58.54 36.95
CA GLU C 45 -19.86 59.71 36.72
C GLU C 45 -19.02 60.87 36.17
N ALA C 46 -17.72 60.90 36.51
CA ALA C 46 -16.75 61.77 35.89
C ALA C 46 -16.53 61.48 34.42
N GLU C 47 -16.34 60.19 34.04
CA GLU C 47 -16.12 59.77 32.66
C GLU C 47 -17.29 60.10 31.76
N LEU C 48 -18.51 59.92 32.30
CA LEU C 48 -19.73 60.43 31.73
C LEU C 48 -19.73 61.94 31.59
N GLN C 49 -19.30 62.72 32.58
CA GLN C 49 -19.19 64.16 32.45
C GLN C 49 -18.17 64.60 31.39
N ASP C 50 -17.04 63.89 31.29
CA ASP C 50 -16.01 64.15 30.32
C ASP C 50 -16.40 63.76 28.88
N MET C 51 -17.49 62.98 28.68
CA MET C 51 -18.00 62.68 27.35
C MET C 51 -19.44 63.10 27.11
N ILE C 52 -20.19 63.57 28.14
CA ILE C 52 -21.47 64.25 27.99
C ILE C 52 -21.25 65.63 27.41
N ASN C 53 -20.16 66.29 27.84
CA ASN C 53 -19.72 67.52 27.22
C ASN C 53 -19.31 67.29 25.75
N GLU C 54 -19.50 68.32 24.93
CA GLU C 54 -19.59 68.20 23.50
C GLU C 54 -19.65 69.66 23.09
N VAL C 55 -20.12 69.97 21.88
CA VAL C 55 -20.87 71.20 21.73
C VAL C 55 -22.32 70.86 21.43
N ASP C 56 -22.59 69.66 20.86
CA ASP C 56 -23.93 69.17 20.62
C ASP C 56 -24.59 68.69 21.92
N ALA C 57 -24.16 67.54 22.50
CA ALA C 57 -24.77 66.96 23.69
C ALA C 57 -24.63 67.74 24.99
N ASP C 58 -23.60 68.63 25.12
CA ASP C 58 -23.49 69.58 26.22
C ASP C 58 -24.67 70.56 26.21
N GLY C 59 -25.05 71.02 24.99
CA GLY C 59 -26.19 71.88 24.77
C GLY C 59 -27.53 71.17 24.82
N ASN C 60 -27.56 69.88 24.42
CA ASN C 60 -28.76 69.05 24.43
C ASN C 60 -29.39 68.77 25.80
N GLY C 61 -30.73 68.79 25.84
CA GLY C 61 -31.49 68.37 27.01
C GLY C 61 -31.82 66.91 27.01
N THR C 62 -31.87 66.30 25.82
CA THR C 62 -32.21 64.90 25.62
C THR C 62 -31.36 64.38 24.49
N ILE C 63 -31.12 63.06 24.47
CA ILE C 63 -30.25 62.41 23.49
C ILE C 63 -30.99 61.27 22.82
N ASP C 64 -30.89 61.18 21.48
CA ASP C 64 -31.45 60.11 20.68
C ASP C 64 -30.47 58.91 20.64
N PHE C 65 -30.98 57.75 20.25
CA PHE C 65 -30.26 56.51 20.07
C PHE C 65 -29.14 56.59 19.01
N PRO C 66 -29.28 57.19 17.81
CA PRO C 66 -28.16 57.61 16.98
C PRO C 66 -27.08 58.45 17.62
N GLU C 67 -27.41 59.45 18.45
CA GLU C 67 -26.43 60.25 19.16
C GLU C 67 -25.63 59.36 20.10
N PHE C 68 -26.32 58.54 20.92
CA PHE C 68 -25.69 57.67 21.89
C PHE C 68 -24.77 56.65 21.25
N LEU C 69 -25.23 56.04 20.14
CA LEU C 69 -24.47 55.09 19.34
C LEU C 69 -23.18 55.73 18.80
N THR C 70 -23.26 57.00 18.39
CA THR C 70 -22.13 57.83 18.00
C THR C 70 -21.14 58.09 19.15
N MET C 71 -21.65 58.42 20.36
CA MET C 71 -20.85 58.60 21.56
C MET C 71 -20.11 57.35 21.98
N MET C 72 -20.80 56.20 21.95
CA MET C 72 -20.22 54.89 22.21
C MET C 72 -19.12 54.54 21.23
N ALA C 73 -19.29 54.80 19.92
CA ALA C 73 -18.24 54.58 18.93
C ALA C 73 -16.98 55.41 19.14
N ARG C 74 -17.14 56.71 19.48
CA ARG C 74 -16.07 57.63 19.78
C ARG C 74 -15.24 57.24 21.02
N LYS C 75 -15.92 56.81 22.10
CA LYS C 75 -15.30 56.56 23.38
C LYS C 75 -15.13 55.09 23.69
N MET C 76 -15.35 54.21 22.68
CA MET C 76 -15.42 52.76 22.81
C MET C 76 -14.31 52.13 23.64
N LYS C 77 -13.02 52.46 23.35
CA LYS C 77 -11.89 51.91 24.07
C LYS C 77 -11.92 52.11 25.59
N ASP C 78 -12.29 53.33 26.00
CA ASP C 78 -12.38 53.80 27.36
C ASP C 78 -13.55 53.12 28.06
N THR C 79 -14.66 52.98 27.30
CA THR C 79 -15.93 52.38 27.68
C THR C 79 -15.79 50.87 27.91
N ASP C 80 -15.09 50.15 27.02
CA ASP C 80 -14.69 48.75 27.10
C ASP C 80 -13.74 48.46 28.26
N SER C 81 -12.85 49.42 28.59
CA SER C 81 -11.93 49.35 29.73
C SER C 81 -12.66 49.16 31.05
N GLU C 82 -13.87 49.74 31.18
CA GLU C 82 -14.74 49.55 32.32
C GLU C 82 -15.63 48.31 32.21
N GLU C 83 -15.09 47.20 31.69
CA GLU C 83 -15.66 45.88 31.93
C GLU C 83 -14.62 44.80 32.16
N GLU C 84 -13.35 45.20 32.32
CA GLU C 84 -12.21 44.33 32.57
C GLU C 84 -12.21 43.65 33.94
N ILE C 85 -12.47 44.41 35.02
CA ILE C 85 -12.31 43.94 36.40
C ILE C 85 -13.27 42.84 36.80
N ARG C 86 -12.73 41.86 37.52
CA ARG C 86 -13.42 40.63 37.88
C ARG C 86 -12.95 40.19 39.26
N GLU C 87 -11.80 40.72 39.70
CA GLU C 87 -11.13 40.43 40.93
C GLU C 87 -11.00 41.71 41.72
N ALA C 88 -10.94 41.60 43.05
CA ALA C 88 -10.72 42.75 43.88
C ALA C 88 -10.32 42.26 45.24
N PHE C 89 -9.87 43.16 46.12
CA PHE C 89 -9.55 42.82 47.48
C PHE C 89 -10.24 43.84 48.36
N ARG C 90 -10.53 43.49 49.63
CA ARG C 90 -11.19 44.42 50.52
C ARG C 90 -10.46 44.52 51.85
N VAL C 91 -10.86 43.70 52.85
CA VAL C 91 -10.49 43.62 54.27
C VAL C 91 -11.82 43.42 54.97
N PHE C 92 -12.07 43.95 56.20
CA PHE C 92 -13.36 43.86 56.90
C PHE C 92 -13.61 42.39 57.25
N ASP C 93 -12.51 41.78 57.69
CA ASP C 93 -12.22 40.37 57.70
C ASP C 93 -10.71 40.46 57.84
N LYS C 94 -10.22 40.29 59.08
CA LYS C 94 -8.79 40.42 59.38
C LYS C 94 -8.28 39.00 59.61
N ASP C 95 -9.22 38.09 59.90
CA ASP C 95 -9.02 36.74 60.36
C ASP C 95 -9.12 35.76 59.19
N GLY C 96 -9.68 36.22 58.05
CA GLY C 96 -9.69 35.50 56.79
C GLY C 96 -10.78 34.47 56.73
N ASN C 97 -11.94 34.83 57.28
CA ASN C 97 -13.15 34.01 57.28
C ASN C 97 -13.71 33.86 55.87
N GLY C 98 -13.57 34.93 55.03
CA GLY C 98 -14.13 35.01 53.69
C GLY C 98 -15.50 35.64 53.68
N TYR C 99 -15.96 36.10 54.85
CA TYR C 99 -17.28 36.64 55.08
C TYR C 99 -17.18 38.00 55.73
N ILE C 100 -18.07 38.95 55.34
CA ILE C 100 -18.19 40.24 56.00
C ILE C 100 -19.66 40.44 56.38
N SER C 101 -19.97 41.14 57.49
CA SER C 101 -21.32 41.58 57.82
C SER C 101 -21.86 42.63 56.84
N ALA C 102 -23.20 42.67 56.70
CA ALA C 102 -23.91 43.70 55.95
C ALA C 102 -23.63 45.12 56.44
N ALA C 103 -23.39 45.30 57.75
CA ALA C 103 -23.01 46.57 58.35
C ALA C 103 -21.68 47.09 57.80
N GLU C 104 -20.67 46.20 57.73
CA GLU C 104 -19.36 46.48 57.18
C GLU C 104 -19.42 46.84 55.72
N LEU C 105 -20.18 46.04 54.94
CA LEU C 105 -20.38 46.26 53.52
C LEU C 105 -20.99 47.62 53.23
N ARG C 106 -22.01 48.03 54.01
CA ARG C 106 -22.57 49.36 53.94
C ARG C 106 -21.57 50.43 54.28
N HIS C 107 -20.77 50.25 55.35
CA HIS C 107 -19.73 51.19 55.74
C HIS C 107 -18.66 51.41 54.67
N VAL C 108 -18.22 50.33 53.98
CA VAL C 108 -17.26 50.43 52.88
C VAL C 108 -17.80 51.26 51.72
N MET C 109 -19.07 51.00 51.38
CA MET C 109 -19.70 51.56 50.22
C MET C 109 -20.15 53.00 50.43
N THR C 110 -20.67 53.34 51.62
CA THR C 110 -21.26 54.66 51.83
C THR C 110 -20.33 55.66 52.47
N ASN C 111 -19.23 55.21 53.10
CA ASN C 111 -18.33 56.14 53.76
C ASN C 111 -16.96 56.20 53.09
N LEU C 112 -16.64 55.30 52.15
CA LEU C 112 -15.31 55.24 51.59
C LEU C 112 -15.39 55.46 50.10
N GLY C 113 -14.22 55.61 49.46
CA GLY C 113 -14.08 55.92 48.03
C GLY C 113 -15.02 56.95 47.44
N GLU C 114 -15.70 56.58 46.33
CA GLU C 114 -16.75 57.34 45.71
C GLU C 114 -18.06 56.92 46.37
N LYS C 115 -18.43 57.62 47.46
CA LYS C 115 -19.51 57.22 48.37
C LYS C 115 -20.84 57.00 47.71
N LEU C 116 -21.40 55.81 47.93
CA LEU C 116 -22.71 55.44 47.45
C LEU C 116 -23.74 55.86 48.47
N THR C 117 -25.01 55.96 48.08
CA THR C 117 -26.07 56.19 49.04
C THR C 117 -26.56 54.89 49.66
N ASP C 118 -27.26 54.98 50.81
CA ASP C 118 -27.90 53.84 51.44
C ASP C 118 -28.93 53.17 50.53
N GLU C 119 -29.74 53.95 49.81
CA GLU C 119 -30.67 53.47 48.79
C GLU C 119 -30.01 52.67 47.66
N GLU C 120 -28.81 53.05 47.17
CA GLU C 120 -28.02 52.20 46.28
C GLU C 120 -27.61 50.87 46.92
N VAL C 121 -27.13 50.89 48.18
CA VAL C 121 -26.79 49.67 48.92
C VAL C 121 -28.00 48.78 49.18
N ASP C 122 -29.15 49.34 49.57
CA ASP C 122 -30.40 48.63 49.74
C ASP C 122 -30.94 48.04 48.45
N GLU C 123 -30.78 48.75 47.32
CA GLU C 123 -31.06 48.15 46.03
C GLU C 123 -30.14 46.96 45.72
N MET C 124 -28.84 47.10 45.99
CA MET C 124 -27.83 46.08 45.74
C MET C 124 -27.98 44.82 46.59
N ILE C 125 -28.60 44.91 47.78
CA ILE C 125 -28.77 43.74 48.63
C ILE C 125 -30.05 42.98 48.31
N ARG C 126 -30.80 43.41 47.27
CA ARG C 126 -31.83 42.58 46.69
C ARG C 126 -31.27 41.40 45.88
N GLU C 127 -30.11 41.59 45.22
CA GLU C 127 -29.48 40.63 44.33
C GLU C 127 -28.23 40.04 44.96
N ALA C 128 -28.08 40.15 46.28
CA ALA C 128 -26.92 39.64 46.97
C ALA C 128 -27.37 38.62 48.00
N ASP C 129 -26.84 37.38 47.93
CA ASP C 129 -27.04 36.42 48.98
C ASP C 129 -26.50 36.89 50.33
N ILE C 130 -27.40 36.89 51.33
CA ILE C 130 -27.14 37.24 52.69
C ILE C 130 -27.69 36.07 53.49
N ASP C 131 -26.90 35.52 54.41
CA ASP C 131 -27.32 34.42 55.26
C ASP C 131 -28.26 34.89 56.39
N GLY C 132 -28.70 33.95 57.26
CA GLY C 132 -29.56 34.28 58.37
C GLY C 132 -28.87 35.03 59.48
N ASP C 133 -27.56 34.82 59.60
CA ASP C 133 -26.60 35.46 60.46
C ASP C 133 -26.46 36.95 60.16
N GLY C 134 -26.42 37.30 58.86
CA GLY C 134 -26.42 38.68 58.36
C GLY C 134 -25.11 39.01 57.71
N GLN C 135 -24.39 37.96 57.29
CA GLN C 135 -23.09 38.00 56.68
C GLN C 135 -23.18 37.70 55.19
N VAL C 136 -22.11 38.05 54.46
CA VAL C 136 -22.00 37.80 53.04
C VAL C 136 -20.63 37.25 52.71
N ASN C 137 -20.58 36.09 52.04
CA ASN C 137 -19.41 35.55 51.34
C ASN C 137 -18.96 36.56 50.30
N TYR C 138 -17.83 37.24 50.53
CA TYR C 138 -17.46 38.33 49.64
C TYR C 138 -16.79 37.85 48.37
N GLU C 139 -16.30 36.60 48.32
CA GLU C 139 -15.84 36.01 47.08
C GLU C 139 -16.98 35.70 46.11
N GLU C 140 -18.10 35.14 46.60
CA GLU C 140 -19.31 34.99 45.80
C GLU C 140 -19.90 36.33 45.37
N PHE C 141 -19.96 37.30 46.30
CA PHE C 141 -20.47 38.63 46.04
C PHE C 141 -19.70 39.37 44.95
N VAL C 142 -18.34 39.28 44.92
CA VAL C 142 -17.55 39.83 43.82
C VAL C 142 -17.81 39.13 42.49
N GLN C 143 -17.99 37.80 42.48
CA GLN C 143 -18.39 37.07 41.30
C GLN C 143 -19.76 37.46 40.77
N MET C 144 -20.79 37.60 41.62
CA MET C 144 -22.10 38.07 41.21
C MET C 144 -22.11 39.48 40.64
N MET C 145 -21.40 40.45 41.28
CA MET C 145 -21.37 41.81 40.77
C MET C 145 -20.72 41.95 39.40
N THR C 146 -19.66 41.16 39.16
CA THR C 146 -18.91 41.15 37.91
C THR C 146 -19.55 40.26 36.85
N ALA C 147 -20.39 39.28 37.26
CA ALA C 147 -21.14 38.41 36.40
C ALA C 147 -21.98 39.11 35.35
N LYS C 148 -21.78 38.71 34.08
CA LYS C 148 -22.28 39.36 32.88
C LYS C 148 -21.54 38.79 31.68
N ALA D 10 -62.04 50.67 17.08
CA ALA D 10 -62.82 49.51 16.65
C ALA D 10 -64.26 49.43 17.15
N GLU D 11 -65.00 50.54 17.33
CA GLU D 11 -66.32 50.48 17.94
C GLU D 11 -67.28 49.60 17.14
N PHE D 12 -68.11 48.83 17.87
CA PHE D 12 -69.10 48.02 17.22
C PHE D 12 -70.37 48.00 18.04
N LYS D 13 -71.43 48.62 17.51
CA LYS D 13 -72.74 48.63 18.13
C LYS D 13 -73.37 47.26 18.29
N GLU D 14 -73.16 46.37 17.31
CA GLU D 14 -73.58 44.98 17.36
C GLU D 14 -72.97 44.19 18.50
N ALA D 15 -71.66 44.37 18.76
CA ALA D 15 -70.98 43.78 19.90
C ALA D 15 -71.51 44.28 21.23
N PHE D 16 -71.81 45.59 21.33
CA PHE D 16 -72.46 46.17 22.50
C PHE D 16 -73.83 45.54 22.74
N SER D 17 -74.64 45.39 21.67
CA SER D 17 -75.91 44.68 21.68
C SER D 17 -75.83 43.16 21.90
N LEU D 18 -74.63 42.57 22.08
CA LEU D 18 -74.49 41.19 22.51
C LEU D 18 -74.07 41.16 23.99
N PHE D 19 -73.62 42.30 24.52
CA PHE D 19 -73.26 42.46 25.92
C PHE D 19 -74.43 42.94 26.73
N ASP D 20 -75.16 43.94 26.21
CA ASP D 20 -76.52 44.25 26.56
C ASP D 20 -77.36 43.05 26.11
N LYS D 21 -78.03 42.38 27.07
CA LYS D 21 -78.75 41.16 26.83
C LYS D 21 -80.20 41.52 27.07
N ASP D 22 -80.41 42.30 28.13
CA ASP D 22 -81.63 42.93 28.57
C ASP D 22 -82.21 43.93 27.58
N GLY D 23 -81.37 44.77 26.94
CA GLY D 23 -81.79 45.79 25.98
C GLY D 23 -82.11 47.09 26.67
N ASP D 24 -81.43 47.32 27.81
CA ASP D 24 -81.54 48.52 28.64
C ASP D 24 -80.79 49.67 27.96
N GLY D 25 -79.82 49.34 27.07
CA GLY D 25 -78.96 50.32 26.43
C GLY D 25 -77.68 50.53 27.18
N THR D 26 -77.50 49.87 28.32
CA THR D 26 -76.32 50.05 29.14
C THR D 26 -75.77 48.69 29.54
N ILE D 27 -74.46 48.63 29.83
CA ILE D 27 -73.83 47.41 30.31
C ILE D 27 -73.09 47.76 31.57
N THR D 28 -72.85 46.80 32.48
CA THR D 28 -72.16 47.08 33.74
C THR D 28 -70.76 47.66 33.53
N THR D 29 -70.31 48.60 34.39
CA THR D 29 -68.97 49.20 34.27
C THR D 29 -67.85 48.18 34.47
N LYS D 30 -68.17 47.02 35.07
CA LYS D 30 -67.22 45.96 35.26
C LYS D 30 -67.12 45.00 34.08
N GLU D 31 -68.02 45.10 33.09
CA GLU D 31 -67.94 44.35 31.83
C GLU D 31 -67.22 45.20 30.77
N LEU D 32 -66.66 46.36 31.14
CA LEU D 32 -65.90 47.20 30.22
C LEU D 32 -64.66 46.51 29.62
N GLY D 33 -63.94 45.71 30.41
CA GLY D 33 -62.72 45.06 29.92
C GLY D 33 -63.00 43.95 28.95
N THR D 34 -64.03 43.16 29.23
CA THR D 34 -64.52 42.12 28.36
C THR D 34 -65.14 42.67 27.08
N VAL D 35 -65.88 43.80 27.11
CA VAL D 35 -66.36 44.43 25.87
C VAL D 35 -65.25 44.95 24.96
N MET D 36 -64.20 45.62 25.50
CA MET D 36 -63.03 46.05 24.73
C MET D 36 -62.32 44.88 24.10
N ARG D 37 -62.13 43.82 24.90
CA ARG D 37 -61.55 42.59 24.43
C ARG D 37 -62.39 41.81 23.46
N SER D 38 -63.73 41.85 23.57
CA SER D 38 -64.65 41.27 22.59
C SER D 38 -64.53 41.91 21.24
N LEU D 39 -64.36 43.24 21.23
CA LEU D 39 -64.26 44.09 20.07
C LEU D 39 -63.05 43.76 19.19
N GLY D 40 -61.86 43.69 19.80
CA GLY D 40 -60.63 43.33 19.09
C GLY D 40 -59.44 43.75 19.87
N GLN D 41 -59.56 44.87 20.58
CA GLN D 41 -58.57 45.35 21.51
C GLN D 41 -58.14 44.41 22.56
N ASN D 42 -56.97 44.74 23.08
CA ASN D 42 -56.34 43.90 24.02
C ASN D 42 -55.98 44.83 25.20
N PRO D 43 -56.75 45.54 25.99
CA PRO D 43 -56.16 46.35 27.10
C PRO D 43 -55.83 45.60 28.37
N THR D 44 -54.70 45.83 29.12
CA THR D 44 -54.47 45.34 30.50
C THR D 44 -55.64 45.63 31.44
N GLU D 45 -55.77 44.90 32.57
CA GLU D 45 -56.77 45.20 33.59
C GLU D 45 -56.49 46.56 34.23
N ALA D 46 -55.20 46.89 34.41
CA ALA D 46 -54.73 48.21 34.77
C ALA D 46 -55.15 49.33 33.82
N GLU D 47 -54.89 49.20 32.50
CA GLU D 47 -55.29 50.19 31.49
C GLU D 47 -56.77 50.42 31.46
N LEU D 48 -57.56 49.35 31.59
CA LEU D 48 -58.99 49.42 31.76
C LEU D 48 -59.44 50.22 32.98
N GLN D 49 -58.77 50.06 34.14
CA GLN D 49 -59.05 50.85 35.32
C GLN D 49 -58.66 52.30 35.15
N ASP D 50 -57.50 52.58 34.56
CA ASP D 50 -57.05 53.93 34.25
C ASP D 50 -58.02 54.66 33.34
N MET D 51 -58.52 54.00 32.27
CA MET D 51 -59.53 54.55 31.36
C MET D 51 -60.84 54.93 32.05
N ILE D 52 -61.35 54.08 32.95
CA ILE D 52 -62.49 54.42 33.81
C ILE D 52 -62.15 55.55 34.77
N ASN D 53 -60.94 55.54 35.39
CA ASN D 53 -60.63 56.48 36.44
C ASN D 53 -60.35 57.89 35.92
N GLU D 54 -60.03 58.05 34.64
CA GLU D 54 -59.78 59.36 34.09
C GLU D 54 -61.06 60.02 33.60
N VAL D 55 -62.22 59.39 33.82
CA VAL D 55 -63.50 60.01 33.66
C VAL D 55 -64.17 59.99 35.01
N ASP D 56 -64.98 61.01 35.35
CA ASP D 56 -65.81 61.10 36.51
C ASP D 56 -67.05 60.20 36.38
N ALA D 57 -66.78 58.94 35.98
CA ALA D 57 -67.68 57.82 35.96
C ALA D 57 -67.57 57.12 37.32
N ASP D 58 -66.98 57.85 38.30
CA ASP D 58 -66.85 57.65 39.71
C ASP D 58 -68.02 56.86 40.32
N GLY D 59 -69.22 57.48 40.30
CA GLY D 59 -70.45 56.86 40.75
C GLY D 59 -71.23 56.07 39.72
N ASN D 60 -70.77 55.97 38.47
CA ASN D 60 -71.53 55.32 37.41
C ASN D 60 -71.52 53.79 37.54
N GLY D 61 -72.72 53.19 37.66
CA GLY D 61 -72.84 51.74 37.75
C GLY D 61 -72.81 51.03 36.43
N THR D 62 -73.23 51.71 35.36
CA THR D 62 -73.31 51.18 34.01
C THR D 62 -72.76 52.20 33.05
N ILE D 63 -72.46 51.76 31.81
CA ILE D 63 -72.00 52.59 30.72
C ILE D 63 -72.93 52.38 29.55
N ASP D 64 -73.24 53.46 28.81
CA ASP D 64 -73.93 53.41 27.54
C ASP D 64 -72.89 53.33 26.43
N PHE D 65 -73.33 53.01 25.20
CA PHE D 65 -72.50 52.93 24.02
C PHE D 65 -71.83 54.28 23.71
N PRO D 66 -72.47 55.46 23.64
CA PRO D 66 -71.82 56.76 23.67
C PRO D 66 -70.69 56.97 24.66
N GLU D 67 -70.82 56.56 25.94
CA GLU D 67 -69.76 56.74 26.91
C GLU D 67 -68.53 55.91 26.52
N PHE D 68 -68.76 54.62 26.19
CA PHE D 68 -67.76 53.66 25.75
C PHE D 68 -67.06 54.14 24.47
N LEU D 69 -67.80 54.72 23.52
CA LEU D 69 -67.25 55.37 22.34
C LEU D 69 -66.29 56.50 22.66
N THR D 70 -66.66 57.39 23.60
CA THR D 70 -65.81 58.51 23.99
C THR D 70 -64.51 58.07 24.65
N MET D 71 -64.56 57.05 25.52
CA MET D 71 -63.38 56.46 26.13
C MET D 71 -62.43 55.82 25.15
N MET D 72 -62.94 55.03 24.18
CA MET D 72 -62.10 54.46 23.15
C MET D 72 -61.46 55.50 22.25
N ALA D 73 -62.17 56.58 21.89
CA ALA D 73 -61.60 57.67 21.12
C ALA D 73 -60.52 58.47 21.84
N ARG D 74 -60.71 58.75 23.15
CA ARG D 74 -59.74 59.38 24.01
C ARG D 74 -58.45 58.57 24.15
N LYS D 75 -58.58 57.24 24.25
CA LYS D 75 -57.47 56.35 24.52
C LYS D 75 -57.05 55.50 23.36
N MET D 76 -57.46 55.87 22.12
CA MET D 76 -57.29 55.07 20.91
C MET D 76 -55.87 54.56 20.76
N LYS D 77 -54.88 55.47 20.85
CA LYS D 77 -53.47 55.19 20.69
C LYS D 77 -52.91 54.08 21.58
N ASP D 78 -53.23 54.10 22.89
CA ASP D 78 -52.81 53.08 23.82
C ASP D 78 -53.52 51.76 23.52
N THR D 79 -54.83 51.81 23.23
CA THR D 79 -55.63 50.64 22.89
C THR D 79 -55.22 49.94 21.61
N ASP D 80 -54.88 50.69 20.54
CA ASP D 80 -54.39 50.20 19.26
C ASP D 80 -53.06 49.45 19.41
N SER D 81 -52.18 49.95 20.31
CA SER D 81 -50.85 49.42 20.62
C SER D 81 -50.89 47.99 21.08
N GLU D 82 -51.98 47.61 21.77
CA GLU D 82 -52.19 46.27 22.22
C GLU D 82 -52.56 45.29 21.10
N GLU D 83 -52.90 45.74 19.88
CA GLU D 83 -53.13 44.84 18.75
C GLU D 83 -52.12 44.93 17.62
N GLU D 84 -50.99 45.61 17.88
CA GLU D 84 -49.82 45.58 17.03
C GLU D 84 -48.98 44.30 17.06
N ILE D 85 -48.70 43.84 18.28
CA ILE D 85 -47.84 42.72 18.63
C ILE D 85 -48.25 41.38 18.04
N ARG D 86 -47.25 40.61 17.58
CA ARG D 86 -47.48 39.33 16.94
C ARG D 86 -46.48 38.28 17.46
N GLU D 87 -45.39 38.72 18.10
CA GLU D 87 -44.32 37.90 18.60
C GLU D 87 -44.10 38.21 20.08
N ALA D 88 -43.50 37.28 20.85
CA ALA D 88 -43.30 37.52 22.26
C ALA D 88 -42.06 36.86 22.81
N PHE D 89 -41.16 37.68 23.34
CA PHE D 89 -39.90 37.27 23.89
C PHE D 89 -39.90 37.09 25.41
N ARG D 90 -38.78 36.59 25.94
CA ARG D 90 -38.43 36.53 27.35
C ARG D 90 -36.89 36.58 27.28
N VAL D 91 -36.06 36.68 28.34
CA VAL D 91 -36.15 37.18 29.72
C VAL D 91 -36.57 36.20 30.80
N PHE D 92 -36.59 34.90 30.48
CA PHE D 92 -36.92 33.85 31.43
C PHE D 92 -36.19 32.60 30.97
N ASP D 93 -35.24 32.84 30.05
CA ASP D 93 -34.33 31.94 29.44
C ASP D 93 -33.22 32.97 29.20
N LYS D 94 -31.93 32.65 29.42
CA LYS D 94 -30.85 33.58 29.10
C LYS D 94 -29.70 32.83 28.47
N ASP D 95 -29.65 31.54 28.81
CA ASP D 95 -28.94 30.44 28.23
C ASP D 95 -29.31 30.32 26.76
N GLY D 96 -30.62 30.51 26.45
CA GLY D 96 -31.17 30.49 25.11
C GLY D 96 -31.41 29.07 24.72
N ASN D 97 -31.81 28.27 25.71
CA ASN D 97 -32.10 26.86 25.54
C ASN D 97 -33.38 26.69 24.73
N GLY D 98 -34.30 27.67 24.81
CA GLY D 98 -35.61 27.64 24.16
C GLY D 98 -36.65 26.92 25.00
N TYR D 99 -36.24 26.55 26.21
CA TYR D 99 -37.00 25.76 27.15
C TYR D 99 -37.15 26.52 28.44
N ILE D 100 -38.33 26.43 29.06
CA ILE D 100 -38.52 26.94 30.41
C ILE D 100 -39.20 25.89 31.23
N SER D 101 -38.80 25.74 32.51
CA SER D 101 -39.46 24.86 33.46
C SER D 101 -40.92 25.21 33.65
N ALA D 102 -41.79 24.20 33.83
CA ALA D 102 -43.20 24.43 34.09
C ALA D 102 -43.42 25.23 35.38
N ALA D 103 -42.51 25.07 36.36
CA ALA D 103 -42.44 25.88 37.56
C ALA D 103 -42.21 27.37 37.31
N GLU D 104 -41.22 27.77 36.48
CA GLU D 104 -41.04 29.16 36.13
C GLU D 104 -42.12 29.73 35.25
N LEU D 105 -42.65 28.94 34.30
CA LEU D 105 -43.81 29.32 33.52
C LEU D 105 -45.06 29.58 34.35
N ARG D 106 -45.38 28.70 35.32
CA ARG D 106 -46.48 28.93 36.24
C ARG D 106 -46.23 30.16 37.10
N HIS D 107 -45.00 30.33 37.64
CA HIS D 107 -44.65 31.50 38.44
C HIS D 107 -44.83 32.83 37.70
N VAL D 108 -44.36 32.97 36.45
CA VAL D 108 -44.55 34.20 35.71
C VAL D 108 -46.02 34.50 35.43
N MET D 109 -46.82 33.47 35.10
CA MET D 109 -48.25 33.58 34.93
C MET D 109 -49.04 33.88 36.19
N THR D 110 -48.78 33.22 37.33
CA THR D 110 -49.62 33.35 38.52
C THR D 110 -49.05 34.24 39.60
N ASN D 111 -47.80 34.68 39.50
CA ASN D 111 -47.16 35.45 40.55
C ASN D 111 -46.77 36.84 40.09
N LEU D 112 -46.39 37.00 38.82
CA LEU D 112 -46.06 38.31 38.26
C LEU D 112 -47.25 38.93 37.57
N GLY D 113 -47.13 40.24 37.26
CA GLY D 113 -48.17 41.03 36.59
C GLY D 113 -49.58 40.88 37.13
N GLU D 114 -50.54 40.73 36.21
CA GLU D 114 -51.97 40.72 36.44
C GLU D 114 -52.54 39.34 36.69
N LYS D 115 -51.71 38.51 37.35
CA LYS D 115 -51.88 37.14 37.79
C LYS D 115 -53.06 36.34 37.27
N LEU D 116 -52.73 35.27 36.55
CA LEU D 116 -53.68 34.24 36.28
C LEU D 116 -53.94 33.41 37.53
N THR D 117 -55.12 32.78 37.60
CA THR D 117 -55.39 31.74 38.58
C THR D 117 -54.65 30.48 38.21
N ASP D 118 -54.38 29.59 39.20
CA ASP D 118 -53.83 28.28 38.91
C ASP D 118 -54.73 27.46 38.01
N GLU D 119 -56.07 27.50 38.20
CA GLU D 119 -57.03 26.85 37.32
C GLU D 119 -56.98 27.29 35.85
N GLU D 120 -56.77 28.60 35.56
CA GLU D 120 -56.46 29.08 34.21
C GLU D 120 -55.16 28.48 33.69
N VAL D 121 -54.07 28.51 34.47
CA VAL D 121 -52.79 27.92 34.06
C VAL D 121 -52.85 26.43 33.83
N ASP D 122 -53.53 25.68 34.71
CA ASP D 122 -53.80 24.26 34.56
C ASP D 122 -54.57 23.93 33.29
N GLU D 123 -55.47 24.82 32.83
CA GLU D 123 -56.11 24.74 31.53
C GLU D 123 -55.15 24.88 30.36
N MET D 124 -54.22 25.84 30.43
CA MET D 124 -53.26 26.05 29.36
C MET D 124 -52.13 25.05 29.30
N ILE D 125 -51.89 24.27 30.37
CA ILE D 125 -50.90 23.20 30.33
C ILE D 125 -51.55 21.85 30.08
N ARG D 126 -52.87 21.79 29.83
CA ARG D 126 -53.48 20.59 29.27
C ARG D 126 -53.04 20.43 27.81
N GLU D 127 -52.52 19.25 27.42
CA GLU D 127 -52.05 18.94 26.06
C GLU D 127 -50.69 19.58 25.74
N ALA D 128 -50.07 20.26 26.72
CA ALA D 128 -48.76 20.83 26.53
C ALA D 128 -47.71 19.84 26.97
N ASP D 129 -46.83 19.43 26.03
CA ASP D 129 -45.78 18.47 26.28
C ASP D 129 -44.78 18.95 27.33
N ILE D 130 -44.25 18.02 28.12
CA ILE D 130 -43.32 18.34 29.17
C ILE D 130 -42.28 17.25 29.15
N ASP D 131 -41.00 17.61 29.14
CA ASP D 131 -39.95 16.64 28.96
C ASP D 131 -39.62 15.94 30.31
N GLY D 132 -38.50 15.19 30.35
CA GLY D 132 -38.04 14.55 31.58
C GLY D 132 -37.23 15.44 32.50
N ASP D 133 -36.67 16.56 32.01
CA ASP D 133 -36.12 17.65 32.80
C ASP D 133 -37.25 18.39 33.53
N GLY D 134 -38.38 18.60 32.81
CA GLY D 134 -39.59 19.19 33.36
C GLY D 134 -39.84 20.52 32.69
N GLN D 135 -39.31 20.68 31.47
CA GLN D 135 -39.32 21.90 30.73
C GLN D 135 -40.19 21.83 29.49
N VAL D 136 -40.77 22.99 29.11
CA VAL D 136 -41.67 23.10 27.99
C VAL D 136 -41.06 24.05 26.99
N ASN D 137 -41.18 23.71 25.68
CA ASN D 137 -40.87 24.61 24.58
C ASN D 137 -41.79 25.81 24.62
N TYR D 138 -41.26 27.00 25.01
CA TYR D 138 -42.13 28.13 25.22
C TYR D 138 -42.54 28.82 23.96
N GLU D 139 -41.84 28.58 22.84
CA GLU D 139 -42.20 29.09 21.55
C GLU D 139 -43.44 28.42 21.00
N GLU D 140 -43.47 27.08 21.06
CA GLU D 140 -44.65 26.28 20.74
C GLU D 140 -45.84 26.62 21.63
N PHE D 141 -45.62 26.72 22.95
CA PHE D 141 -46.64 27.11 23.92
C PHE D 141 -47.24 28.50 23.68
N VAL D 142 -46.42 29.53 23.35
CA VAL D 142 -46.97 30.83 22.97
C VAL D 142 -47.73 30.80 21.65
N GLN D 143 -47.23 30.08 20.64
CA GLN D 143 -47.95 29.88 19.40
C GLN D 143 -49.26 29.14 19.57
N MET D 144 -49.29 28.03 20.31
CA MET D 144 -50.50 27.27 20.57
C MET D 144 -51.58 28.06 21.31
N MET D 145 -51.20 28.94 22.27
CA MET D 145 -52.19 29.80 22.91
C MET D 145 -52.81 30.87 22.00
N THR D 146 -52.00 31.57 21.17
CA THR D 146 -52.47 32.70 20.36
C THR D 146 -53.03 32.29 19.00
N ALA D 147 -52.39 31.33 18.32
CA ALA D 147 -52.67 30.96 16.94
C ALA D 147 -53.95 30.18 16.77
N LYS D 148 -54.57 29.78 17.90
CA LYS D 148 -55.79 29.01 17.92
C LYS D 148 -57.02 29.74 17.41
N GLN E 8 -87.28 17.81 -8.17
CA GLN E 8 -86.49 18.70 -9.01
C GLN E 8 -87.35 19.78 -9.65
N ILE E 9 -87.10 20.10 -10.94
CA ILE E 9 -87.62 21.22 -11.70
C ILE E 9 -89.14 21.29 -11.77
N ALA E 10 -89.87 20.17 -11.77
CA ALA E 10 -91.32 20.20 -11.72
C ALA E 10 -91.90 20.80 -10.43
N GLU E 11 -91.44 20.35 -9.23
CA GLU E 11 -91.86 20.96 -7.97
C GLU E 11 -91.42 22.41 -7.87
N PHE E 12 -90.17 22.70 -8.27
CA PHE E 12 -89.65 24.04 -8.30
C PHE E 12 -90.40 24.95 -9.28
N LYS E 13 -90.80 24.48 -10.47
CA LYS E 13 -91.64 25.25 -11.37
C LYS E 13 -92.98 25.58 -10.75
N GLU E 14 -93.63 24.63 -10.06
CA GLU E 14 -94.84 24.89 -9.30
C GLU E 14 -94.65 25.88 -8.15
N ALA E 15 -93.51 25.84 -7.45
CA ALA E 15 -93.13 26.87 -6.52
C ALA E 15 -92.95 28.24 -7.17
N PHE E 16 -92.26 28.32 -8.31
CA PHE E 16 -92.08 29.53 -9.09
C PHE E 16 -93.41 30.12 -9.57
N SER E 17 -94.32 29.26 -10.06
CA SER E 17 -95.66 29.60 -10.55
C SER E 17 -96.60 30.04 -9.45
N LEU E 18 -96.21 29.79 -8.18
CA LEU E 18 -96.91 30.30 -7.02
C LEU E 18 -96.38 31.65 -6.60
N PHE E 19 -95.08 31.93 -6.80
CA PHE E 19 -94.45 33.21 -6.56
C PHE E 19 -94.79 34.25 -7.59
N ASP E 20 -94.84 33.87 -8.87
CA ASP E 20 -95.47 34.63 -9.92
C ASP E 20 -96.95 34.78 -9.53
N LYS E 21 -97.43 36.03 -9.43
CA LYS E 21 -98.74 36.34 -8.89
C LYS E 21 -99.55 37.00 -9.96
N ASP E 22 -98.88 37.89 -10.69
CA ASP E 22 -99.28 38.54 -11.89
C ASP E 22 -99.46 37.54 -13.06
N GLY E 23 -98.56 36.53 -13.17
CA GLY E 23 -98.59 35.51 -14.20
C GLY E 23 -97.84 35.95 -15.42
N ASP E 24 -96.80 36.78 -15.20
CA ASP E 24 -96.01 37.41 -16.25
C ASP E 24 -94.91 36.47 -16.74
N GLY E 25 -94.56 35.45 -15.92
CA GLY E 25 -93.43 34.55 -16.12
C GLY E 25 -92.27 34.92 -15.26
N THR E 26 -92.32 36.09 -14.61
CA THR E 26 -91.18 36.63 -13.90
C THR E 26 -91.56 37.09 -12.51
N ILE E 27 -90.74 36.81 -11.49
CA ILE E 27 -91.03 37.22 -10.13
C ILE E 27 -90.20 38.42 -9.77
N THR E 28 -90.63 39.27 -8.81
CA THR E 28 -89.84 40.42 -8.38
C THR E 28 -88.46 40.03 -7.85
N THR E 29 -87.38 40.80 -8.18
CA THR E 29 -86.01 40.48 -7.77
C THR E 29 -85.82 40.45 -6.27
N LYS E 30 -86.65 41.20 -5.54
CA LYS E 30 -86.71 41.17 -4.10
C LYS E 30 -87.08 39.81 -3.51
N GLU E 31 -87.90 39.00 -4.22
CA GLU E 31 -88.35 37.70 -3.79
C GLU E 31 -87.44 36.57 -4.25
N LEU E 32 -86.19 36.89 -4.64
CA LEU E 32 -85.17 35.89 -4.88
C LEU E 32 -84.84 35.05 -3.63
N GLY E 33 -84.73 35.67 -2.43
CA GLY E 33 -84.27 34.96 -1.24
C GLY E 33 -85.32 34.14 -0.57
N THR E 34 -86.57 34.39 -0.91
CA THR E 34 -87.71 33.61 -0.48
C THR E 34 -87.90 32.44 -1.42
N VAL E 35 -87.71 32.61 -2.75
CA VAL E 35 -87.77 31.50 -3.71
C VAL E 35 -86.68 30.45 -3.52
N MET E 36 -85.43 30.85 -3.22
CA MET E 36 -84.34 29.93 -2.85
C MET E 36 -84.71 29.11 -1.62
N ARG E 37 -85.22 29.80 -0.59
CA ARG E 37 -85.62 29.18 0.65
C ARG E 37 -86.84 28.28 0.53
N SER E 38 -87.79 28.62 -0.36
CA SER E 38 -88.94 27.80 -0.69
C SER E 38 -88.60 26.46 -1.33
N LEU E 39 -87.61 26.46 -2.25
CA LEU E 39 -87.07 25.26 -2.88
C LEU E 39 -86.41 24.33 -1.88
N GLY E 40 -85.58 24.87 -0.96
CA GLY E 40 -85.02 24.02 0.07
C GLY E 40 -83.94 24.66 0.87
N GLN E 41 -83.14 25.50 0.19
CA GLN E 41 -81.97 26.15 0.71
C GLN E 41 -82.19 27.12 1.86
N ASN E 42 -81.16 27.42 2.66
CA ASN E 42 -81.34 28.40 3.73
C ASN E 42 -80.84 29.84 3.49
N PRO E 43 -80.27 30.30 2.35
CA PRO E 43 -79.27 31.38 2.26
C PRO E 43 -79.40 32.60 3.15
N THR E 44 -78.29 33.07 3.72
CA THR E 44 -78.19 34.43 4.23
C THR E 44 -78.56 35.53 3.24
N GLU E 45 -79.02 36.70 3.75
CA GLU E 45 -79.50 37.78 2.89
C GLU E 45 -78.36 38.62 2.35
N ALA E 46 -77.17 38.40 2.91
CA ALA E 46 -75.92 38.77 2.30
C ALA E 46 -75.54 37.94 1.08
N GLU E 47 -75.60 36.59 1.16
CA GLU E 47 -75.31 35.68 0.05
C GLU E 47 -76.21 35.94 -1.15
N LEU E 48 -77.51 36.19 -0.90
CA LEU E 48 -78.41 36.70 -1.91
C LEU E 48 -77.98 38.02 -2.51
N GLN E 49 -77.49 39.01 -1.73
CA GLN E 49 -77.04 40.25 -2.29
C GLN E 49 -75.78 40.10 -3.15
N ASP E 50 -74.87 39.21 -2.75
CA ASP E 50 -73.66 38.91 -3.47
C ASP E 50 -73.89 38.09 -4.74
N MET E 51 -75.08 37.47 -4.94
CA MET E 51 -75.43 36.82 -6.19
C MET E 51 -76.67 37.36 -6.89
N ILE E 52 -77.40 38.33 -6.30
CA ILE E 52 -78.41 39.13 -6.98
C ILE E 52 -77.74 40.14 -7.89
N ASN E 53 -76.60 40.70 -7.42
CA ASN E 53 -75.75 41.51 -8.26
C ASN E 53 -75.17 40.69 -9.43
N GLU E 54 -74.88 41.37 -10.53
CA GLU E 54 -74.77 40.80 -11.85
C GLU E 54 -74.43 42.01 -12.67
N VAL E 55 -74.52 41.92 -14.00
CA VAL E 55 -74.88 43.10 -14.75
C VAL E 55 -76.29 42.93 -15.31
N ASP E 56 -76.74 41.67 -15.48
CA ASP E 56 -78.10 41.37 -15.91
C ASP E 56 -79.09 41.53 -14.75
N ALA E 57 -79.13 40.60 -13.77
CA ALA E 57 -80.07 40.62 -12.66
C ALA E 57 -79.96 41.79 -11.69
N ASP E 58 -78.78 42.45 -11.58
CA ASP E 58 -78.62 43.71 -10.85
C ASP E 58 -79.47 44.82 -11.49
N GLY E 59 -79.48 44.85 -12.84
CA GLY E 59 -80.29 45.77 -13.61
C GLY E 59 -81.75 45.40 -13.70
N ASN E 60 -82.05 44.08 -13.67
CA ASN E 60 -83.39 43.55 -13.73
C ASN E 60 -84.31 43.90 -12.56
N GLY E 61 -85.60 44.18 -12.89
CA GLY E 61 -86.63 44.37 -11.87
C GLY E 61 -87.32 43.09 -11.48
N THR E 62 -87.28 42.10 -12.37
CA THR E 62 -87.95 40.83 -12.21
C THR E 62 -87.06 39.76 -12.83
N ILE E 63 -87.23 38.49 -12.41
CA ILE E 63 -86.41 37.38 -12.85
C ILE E 63 -87.27 36.22 -13.29
N ASP E 64 -86.99 35.67 -14.49
CA ASP E 64 -87.63 34.49 -15.03
C ASP E 64 -87.02 33.21 -14.43
N PHE E 65 -87.73 32.10 -14.55
CA PHE E 65 -87.33 30.77 -14.11
C PHE E 65 -86.05 30.27 -14.81
N PRO E 66 -85.81 30.39 -16.12
CA PRO E 66 -84.49 30.25 -16.73
C PRO E 66 -83.36 31.07 -16.12
N GLU E 67 -83.58 32.34 -15.77
CA GLU E 67 -82.56 33.15 -15.11
C GLU E 67 -82.21 32.54 -13.76
N PHE E 68 -83.23 32.20 -12.94
CA PHE E 68 -83.03 31.68 -11.61
C PHE E 68 -82.30 30.34 -11.63
N LEU E 69 -82.69 29.46 -12.57
CA LEU E 69 -82.06 28.17 -12.78
C LEU E 69 -80.59 28.31 -13.16
N THR E 70 -80.26 29.34 -13.95
CA THR E 70 -78.89 29.75 -14.27
C THR E 70 -78.11 30.23 -13.06
N MET E 71 -78.72 31.07 -12.19
CA MET E 71 -78.13 31.54 -10.94
C MET E 71 -77.82 30.42 -9.97
N MET E 72 -78.78 29.49 -9.80
CA MET E 72 -78.62 28.28 -9.00
C MET E 72 -77.48 27.39 -9.51
N ALA E 73 -77.34 27.19 -10.83
CA ALA E 73 -76.24 26.44 -11.39
C ALA E 73 -74.86 27.06 -11.14
N ARG E 74 -74.73 28.38 -11.28
CA ARG E 74 -73.51 29.14 -11.01
C ARG E 74 -73.06 29.09 -9.55
N LYS E 75 -74.01 29.22 -8.61
CA LYS E 75 -73.71 29.33 -7.19
C LYS E 75 -73.99 28.07 -6.42
N MET E 76 -74.23 26.93 -7.13
CA MET E 76 -74.71 25.66 -6.59
C MET E 76 -73.99 25.20 -5.35
N LYS E 77 -72.63 25.17 -5.36
CA LYS E 77 -71.84 24.74 -4.22
C LYS E 77 -72.16 25.48 -2.90
N ASP E 78 -72.32 26.83 -3.00
CA ASP E 78 -72.50 27.75 -1.89
C ASP E 78 -73.91 27.59 -1.36
N THR E 79 -74.82 27.40 -2.32
CA THR E 79 -76.24 27.20 -2.14
C THR E 79 -76.54 25.88 -1.46
N ASP E 80 -75.87 24.78 -1.86
CA ASP E 80 -75.87 23.46 -1.23
C ASP E 80 -75.30 23.48 0.19
N SER E 81 -74.22 24.28 0.41
CA SER E 81 -73.54 24.46 1.70
C SER E 81 -74.46 24.94 2.81
N GLU E 82 -75.53 25.66 2.46
CA GLU E 82 -76.56 26.12 3.38
C GLU E 82 -77.45 25.00 3.93
N GLU E 83 -77.48 23.79 3.34
CA GLU E 83 -78.40 22.74 3.76
C GLU E 83 -77.80 21.69 4.70
N GLU E 84 -76.47 21.76 4.93
CA GLU E 84 -75.65 20.89 5.78
C GLU E 84 -76.04 20.86 7.27
N ILE E 85 -76.23 22.05 7.88
CA ILE E 85 -76.51 22.27 9.30
C ILE E 85 -77.71 21.52 9.87
N ARG E 86 -77.46 20.56 10.79
CA ARG E 86 -78.48 19.77 11.44
C ARG E 86 -78.33 19.85 12.95
N GLU E 87 -77.14 20.24 13.43
CA GLU E 87 -76.74 20.30 14.82
C GLU E 87 -76.36 21.72 15.18
N ALA E 88 -76.72 22.16 16.39
CA ALA E 88 -76.37 23.48 16.81
C ALA E 88 -76.41 23.51 18.31
N PHE E 89 -75.70 24.47 18.94
CA PHE E 89 -75.62 24.55 20.38
C PHE E 89 -76.15 25.88 20.84
N ARG E 90 -76.99 25.90 21.90
CA ARG E 90 -77.38 27.18 22.45
C ARG E 90 -77.62 27.15 23.94
N VAL E 91 -77.13 28.18 24.64
CA VAL E 91 -77.40 28.40 26.05
C VAL E 91 -78.69 29.18 26.27
N PHE E 92 -79.32 28.91 27.42
CA PHE E 92 -80.17 29.78 28.22
C PHE E 92 -80.41 28.95 29.44
N ASP E 93 -80.77 27.69 29.18
CA ASP E 93 -80.35 26.51 29.89
C ASP E 93 -78.85 26.55 30.26
N LYS E 94 -78.51 26.63 31.57
CA LYS E 94 -77.15 26.50 32.04
C LYS E 94 -77.04 25.19 32.80
N ASP E 95 -78.21 24.62 33.14
CA ASP E 95 -78.35 23.59 34.13
C ASP E 95 -78.46 22.25 33.39
N GLY E 96 -78.78 22.33 32.08
CA GLY E 96 -78.74 21.23 31.12
C GLY E 96 -80.00 20.42 31.18
N ASN E 97 -81.14 21.12 31.36
CA ASN E 97 -82.47 20.58 31.38
C ASN E 97 -82.88 19.99 30.04
N GLY E 98 -82.44 20.64 28.93
CA GLY E 98 -82.80 20.29 27.55
C GLY E 98 -83.90 21.17 27.02
N TYR E 99 -84.37 22.11 27.85
CA TYR E 99 -85.54 22.93 27.58
C TYR E 99 -85.18 24.40 27.74
N ILE E 100 -85.88 25.27 26.99
CA ILE E 100 -85.77 26.72 27.15
C ILE E 100 -87.16 27.29 27.06
N SER E 101 -87.44 28.42 27.75
CA SER E 101 -88.73 29.09 27.63
C SER E 101 -88.93 29.75 26.26
N ALA E 102 -90.20 29.96 25.86
CA ALA E 102 -90.54 30.74 24.68
C ALA E 102 -90.01 32.17 24.71
N ALA E 103 -89.96 32.79 25.91
CA ALA E 103 -89.38 34.10 26.13
C ALA E 103 -87.88 34.15 25.82
N GLU E 104 -87.12 33.16 26.30
CA GLU E 104 -85.72 32.99 26.01
C GLU E 104 -85.41 32.72 24.55
N LEU E 105 -86.23 31.87 23.87
CA LEU E 105 -86.16 31.66 22.44
C LEU E 105 -86.40 32.93 21.63
N ARG E 106 -87.42 33.72 21.98
CA ARG E 106 -87.67 35.00 21.35
C ARG E 106 -86.53 35.98 21.55
N HIS E 107 -85.98 36.09 22.78
CA HIS E 107 -84.80 36.89 23.06
C HIS E 107 -83.58 36.51 22.25
N VAL E 108 -83.25 35.21 22.07
CA VAL E 108 -82.13 34.87 21.18
C VAL E 108 -82.42 35.22 19.74
N MET E 109 -83.60 34.88 19.21
CA MET E 109 -83.93 35.15 17.83
C MET E 109 -84.08 36.61 17.47
N THR E 110 -84.71 37.43 18.34
CA THR E 110 -84.97 38.82 18.01
C THR E 110 -83.98 39.79 18.59
N ASN E 111 -83.08 39.37 19.50
CA ASN E 111 -82.08 40.29 20.04
C ASN E 111 -80.65 39.90 19.62
N LEU E 112 -80.36 38.66 19.14
CA LEU E 112 -78.98 38.23 18.95
C LEU E 112 -78.66 37.53 17.63
N GLY E 113 -77.74 38.10 16.83
CA GLY E 113 -77.29 37.51 15.57
C GLY E 113 -77.57 38.45 14.43
N GLU E 114 -78.14 37.94 13.31
CA GLU E 114 -78.93 38.77 12.41
C GLU E 114 -80.31 38.74 13.09
N LYS E 115 -80.91 39.88 13.43
CA LYS E 115 -82.08 39.82 14.28
C LYS E 115 -83.34 39.56 13.51
N LEU E 116 -84.07 38.51 13.89
CA LEU E 116 -85.39 38.27 13.36
C LEU E 116 -86.41 39.19 14.00
N THR E 117 -87.50 39.42 13.29
CA THR E 117 -88.67 40.12 13.77
C THR E 117 -89.50 39.27 14.69
N ASP E 118 -90.36 39.91 15.53
CA ASP E 118 -91.37 39.20 16.29
C ASP E 118 -92.35 38.46 15.40
N GLU E 119 -92.79 39.04 14.26
CA GLU E 119 -93.68 38.37 13.32
C GLU E 119 -93.11 37.08 12.73
N GLU E 120 -91.81 37.04 12.38
CA GLU E 120 -91.11 35.81 12.04
C GLU E 120 -91.08 34.78 13.18
N VAL E 121 -90.81 35.19 14.44
CA VAL E 121 -90.87 34.29 15.59
C VAL E 121 -92.27 33.78 15.87
N ASP E 122 -93.31 34.63 15.81
CA ASP E 122 -94.71 34.25 15.94
C ASP E 122 -95.18 33.30 14.87
N GLU E 123 -94.69 33.50 13.65
CA GLU E 123 -94.90 32.57 12.56
C GLU E 123 -94.25 31.21 12.81
N MET E 124 -93.00 31.19 13.31
CA MET E 124 -92.27 29.98 13.62
C MET E 124 -92.95 29.14 14.70
N ILE E 125 -93.50 29.81 15.73
CA ILE E 125 -94.18 29.12 16.81
C ILE E 125 -95.59 28.68 16.45
N ARG E 126 -95.97 28.75 15.17
CA ARG E 126 -97.10 28.01 14.67
C ARG E 126 -96.75 26.58 14.28
N GLU E 127 -95.46 26.26 14.06
CA GLU E 127 -95.04 24.93 13.59
C GLU E 127 -94.01 24.34 14.53
N ALA E 128 -93.95 24.89 15.75
CA ALA E 128 -93.08 24.44 16.80
C ALA E 128 -93.92 23.96 17.94
N ASP E 129 -93.68 22.73 18.43
CA ASP E 129 -94.24 22.28 19.70
C ASP E 129 -93.81 23.17 20.86
N ILE E 130 -94.79 23.53 21.69
CA ILE E 130 -94.62 24.31 22.89
C ILE E 130 -95.54 23.61 23.88
N ASP E 131 -95.04 23.26 25.06
CA ASP E 131 -95.82 22.57 26.07
C ASP E 131 -96.77 23.53 26.78
N GLY E 132 -97.54 23.01 27.76
CA GLY E 132 -98.47 23.84 28.54
C GLY E 132 -97.80 24.67 29.61
N ASP E 133 -96.50 24.41 29.89
CA ASP E 133 -95.66 25.19 30.75
C ASP E 133 -95.18 26.45 30.03
N GLY E 134 -94.88 26.33 28.73
CA GLY E 134 -94.48 27.44 27.85
C GLY E 134 -93.03 27.28 27.47
N GLN E 135 -92.53 26.04 27.54
CA GLN E 135 -91.17 25.67 27.29
C GLN E 135 -91.07 24.86 26.00
N VAL E 136 -89.85 24.78 25.46
CA VAL E 136 -89.59 24.03 24.25
C VAL E 136 -88.37 23.16 24.45
N ASN E 137 -88.50 21.84 24.15
CA ASN E 137 -87.37 20.93 23.98
C ASN E 137 -86.52 21.40 22.81
N TYR E 138 -85.33 21.95 23.07
CA TYR E 138 -84.58 22.58 21.99
C TYR E 138 -83.91 21.57 21.08
N GLU E 139 -83.68 20.32 21.53
CA GLU E 139 -83.21 19.27 20.66
C GLU E 139 -84.24 18.86 19.61
N GLU E 140 -85.52 18.74 20.00
CA GLU E 140 -86.61 18.49 19.07
C GLU E 140 -86.88 19.65 18.13
N PHE E 141 -86.85 20.90 18.66
CA PHE E 141 -86.99 22.13 17.89
C PHE E 141 -85.91 22.29 16.81
N VAL E 142 -84.62 21.97 17.11
CA VAL E 142 -83.58 21.94 16.08
C VAL E 142 -83.82 20.88 15.02
N GLN E 143 -84.29 19.68 15.40
CA GLN E 143 -84.70 18.63 14.47
C GLN E 143 -85.85 19.03 13.57
N MET E 144 -86.92 19.65 14.09
CA MET E 144 -88.02 20.15 13.28
C MET E 144 -87.60 21.22 12.28
N MET E 145 -86.78 22.20 12.70
CA MET E 145 -86.35 23.28 11.80
C MET E 145 -85.43 22.83 10.68
N THR E 146 -84.62 21.80 10.93
CA THR E 146 -83.69 21.22 9.97
C THR E 146 -84.36 20.16 9.14
N ALA E 147 -85.54 19.67 9.57
CA ALA E 147 -86.32 18.68 8.87
C ALA E 147 -86.76 19.18 7.48
N LYS E 148 -86.63 18.28 6.49
CA LYS E 148 -86.66 18.58 5.07
C LYS E 148 -86.06 17.40 4.33
N ALA F 10 -114.13 26.57 -26.81
CA ALA F 10 -115.09 25.49 -26.94
C ALA F 10 -116.53 25.89 -27.23
N GLU F 11 -116.81 26.99 -27.97
CA GLU F 11 -118.18 27.45 -28.17
C GLU F 11 -119.07 26.37 -28.77
N PHE F 12 -120.32 26.32 -28.30
CA PHE F 12 -121.27 25.41 -28.88
C PHE F 12 -122.62 26.06 -28.95
N LYS F 13 -123.14 26.33 -30.16
CA LYS F 13 -124.50 26.83 -30.31
C LYS F 13 -125.58 25.90 -29.80
N GLU F 14 -125.43 24.57 -29.98
CA GLU F 14 -126.37 23.61 -29.44
C GLU F 14 -126.49 23.70 -27.93
N ALA F 15 -125.37 23.78 -27.18
CA ALA F 15 -125.39 23.93 -25.74
C ALA F 15 -126.07 25.19 -25.27
N PHE F 16 -125.86 26.31 -25.98
CA PHE F 16 -126.57 27.56 -25.75
C PHE F 16 -128.08 27.41 -25.95
N SER F 17 -128.50 26.69 -27.00
CA SER F 17 -129.89 26.39 -27.33
C SER F 17 -130.58 25.46 -26.33
N LEU F 18 -129.83 24.85 -25.39
CA LEU F 18 -130.41 24.08 -24.30
C LEU F 18 -130.58 24.96 -23.06
N PHE F 19 -129.83 26.06 -23.02
CA PHE F 19 -129.86 27.02 -21.95
C PHE F 19 -130.92 28.06 -22.17
N ASP F 20 -131.01 28.58 -23.40
CA ASP F 20 -132.15 29.25 -23.95
C ASP F 20 -133.30 28.23 -24.03
N LYS F 21 -134.35 28.40 -23.19
CA LYS F 21 -135.42 27.43 -23.10
C LYS F 21 -136.68 28.08 -23.62
N ASP F 22 -136.53 29.28 -24.20
CA ASP F 22 -137.62 30.15 -24.49
C ASP F 22 -137.50 30.51 -25.96
N GLY F 23 -136.25 30.51 -26.49
CA GLY F 23 -135.90 30.73 -27.89
C GLY F 23 -135.87 32.20 -28.19
N ASP F 24 -135.67 33.00 -27.12
CA ASP F 24 -135.44 34.43 -27.13
C ASP F 24 -134.14 34.74 -27.90
N GLY F 25 -133.11 33.91 -27.68
CA GLY F 25 -131.76 34.12 -28.19
C GLY F 25 -130.80 34.50 -27.10
N THR F 26 -131.30 34.85 -25.90
CA THR F 26 -130.45 35.25 -24.80
C THR F 26 -130.67 34.40 -23.56
N ILE F 27 -129.64 34.32 -22.68
CA ILE F 27 -129.72 33.57 -21.44
C ILE F 27 -129.33 34.50 -20.33
N THR F 28 -129.79 34.27 -19.08
CA THR F 28 -129.49 35.17 -17.97
C THR F 28 -127.99 35.32 -17.69
N THR F 29 -127.51 36.53 -17.30
CA THR F 29 -126.09 36.76 -17.02
C THR F 29 -125.58 35.97 -15.83
N LYS F 30 -126.50 35.45 -14.99
CA LYS F 30 -126.12 34.66 -13.84
C LYS F 30 -126.05 33.17 -14.16
N GLU F 31 -126.43 32.76 -15.37
CA GLU F 31 -126.21 31.42 -15.88
C GLU F 31 -124.93 31.37 -16.72
N LEU F 32 -124.10 32.44 -16.72
CA LEU F 32 -122.81 32.43 -17.42
C LEU F 32 -121.83 31.37 -16.89
N GLY F 33 -121.80 31.11 -15.57
CA GLY F 33 -120.84 30.14 -15.05
C GLY F 33 -121.21 28.74 -15.41
N THR F 34 -122.50 28.42 -15.29
CA THR F 34 -123.05 27.14 -15.65
C THR F 34 -122.93 26.82 -17.13
N VAL F 35 -123.12 27.80 -18.04
CA VAL F 35 -122.90 27.63 -19.47
C VAL F 35 -121.47 27.29 -19.84
N MET F 36 -120.46 27.95 -19.23
CA MET F 36 -119.05 27.58 -19.38
C MET F 36 -118.76 26.15 -18.92
N ARG F 37 -119.38 25.72 -17.81
CA ARG F 37 -119.15 24.42 -17.20
C ARG F 37 -120.08 23.35 -17.76
N SER F 38 -120.79 23.69 -18.84
CA SER F 38 -121.58 22.79 -19.63
C SER F 38 -120.96 22.56 -20.97
N LEU F 39 -120.02 23.44 -21.31
CA LEU F 39 -119.34 23.50 -22.58
C LEU F 39 -118.14 22.57 -22.50
N GLY F 40 -117.34 22.76 -21.43
CA GLY F 40 -116.24 21.90 -21.03
C GLY F 40 -115.67 22.48 -19.79
N GLN F 41 -114.82 23.51 -19.96
CA GLN F 41 -114.33 24.52 -19.02
C GLN F 41 -114.67 24.44 -17.57
N ASN F 42 -113.63 24.45 -16.73
CA ASN F 42 -113.85 24.54 -15.32
C ASN F 42 -113.65 25.96 -14.76
N PRO F 43 -114.00 27.18 -15.17
CA PRO F 43 -113.66 28.42 -14.42
C PRO F 43 -114.10 28.60 -12.98
N THR F 44 -113.20 28.87 -11.99
CA THR F 44 -113.52 29.37 -10.62
C THR F 44 -114.68 30.39 -10.55
N GLU F 45 -115.41 30.50 -9.43
CA GLU F 45 -116.48 31.50 -9.30
C GLU F 45 -115.92 32.92 -9.38
N ALA F 46 -114.70 33.13 -8.84
CA ALA F 46 -113.93 34.34 -9.03
C ALA F 46 -113.70 34.72 -10.49
N GLU F 47 -113.14 33.78 -11.30
CA GLU F 47 -112.82 33.94 -12.73
C GLU F 47 -114.05 34.31 -13.55
N LEU F 48 -115.19 33.67 -13.22
CA LEU F 48 -116.51 33.99 -13.73
C LEU F 48 -116.96 35.42 -13.42
N GLN F 49 -116.69 35.93 -12.21
CA GLN F 49 -116.99 37.32 -11.89
C GLN F 49 -116.06 38.30 -12.57
N ASP F 50 -114.75 38.02 -12.63
CA ASP F 50 -113.78 38.84 -13.32
C ASP F 50 -114.08 39.00 -14.81
N MET F 51 -114.43 37.92 -15.53
CA MET F 51 -114.81 38.01 -16.93
C MET F 51 -116.05 38.86 -17.22
N ILE F 52 -117.10 38.77 -16.37
CA ILE F 52 -118.25 39.67 -16.45
C ILE F 52 -117.86 41.10 -16.11
N ASN F 53 -117.00 41.31 -15.10
CA ASN F 53 -116.68 42.64 -14.64
C ASN F 53 -115.77 43.40 -15.60
N GLU F 54 -115.02 42.69 -16.47
CA GLU F 54 -114.12 43.37 -17.38
C GLU F 54 -114.81 43.73 -18.69
N VAL F 55 -116.12 43.51 -18.78
CA VAL F 55 -116.96 44.04 -19.81
C VAL F 55 -117.97 44.97 -19.17
N ASP F 56 -118.34 46.06 -19.86
CA ASP F 56 -119.40 46.97 -19.49
C ASP F 56 -120.77 46.36 -19.78
N ALA F 57 -120.92 45.09 -19.35
CA ALA F 57 -122.14 44.33 -19.26
C ALA F 57 -122.78 44.62 -17.91
N ASP F 58 -122.32 45.75 -17.28
CA ASP F 58 -122.83 46.51 -16.15
C ASP F 58 -124.34 46.33 -15.97
N GLY F 59 -125.12 46.99 -16.85
CA GLY F 59 -126.57 46.91 -16.87
C GLY F 59 -127.19 45.75 -17.62
N ASN F 60 -126.39 44.87 -18.26
CA ASN F 60 -126.93 43.76 -19.05
C ASN F 60 -127.58 42.67 -18.18
N GLY F 61 -128.89 42.42 -18.40
CA GLY F 61 -129.59 41.37 -17.67
C GLY F 61 -129.43 39.99 -18.25
N THR F 62 -129.15 39.93 -19.56
CA THR F 62 -129.00 38.69 -20.30
C THR F 62 -127.81 38.81 -21.23
N ILE F 63 -127.32 37.67 -21.75
CA ILE F 63 -126.25 37.59 -22.73
C ILE F 63 -126.74 36.82 -23.93
N ASP F 64 -126.37 37.26 -25.14
CA ASP F 64 -126.59 36.53 -26.38
C ASP F 64 -125.36 35.65 -26.65
N PHE F 65 -125.48 34.72 -27.61
CA PHE F 65 -124.42 33.83 -28.00
C PHE F 65 -123.20 34.61 -28.55
N PRO F 66 -123.26 35.57 -29.49
CA PRO F 66 -122.19 36.52 -29.76
C PRO F 66 -121.47 37.18 -28.60
N GLU F 67 -122.17 37.62 -27.54
CA GLU F 67 -121.52 38.23 -26.39
C GLU F 67 -120.67 37.21 -25.64
N PHE F 68 -121.26 36.03 -25.37
CA PHE F 68 -120.62 34.87 -24.76
C PHE F 68 -119.40 34.40 -25.57
N LEU F 69 -119.52 34.37 -26.92
CA LEU F 69 -118.40 34.11 -27.81
C LEU F 69 -117.24 35.09 -27.66
N THR F 70 -117.54 36.39 -27.55
CA THR F 70 -116.51 37.41 -27.38
C THR F 70 -115.80 37.34 -26.05
N MET F 71 -116.51 37.02 -24.95
CA MET F 71 -115.90 36.75 -23.66
C MET F 71 -114.97 35.56 -23.64
N MET F 72 -115.38 34.41 -24.22
CA MET F 72 -114.51 33.25 -24.28
C MET F 72 -113.26 33.47 -25.14
N ALA F 73 -113.36 34.20 -26.27
CA ALA F 73 -112.20 34.54 -27.06
C ALA F 73 -111.20 35.48 -26.39
N ARG F 74 -111.71 36.48 -25.65
CA ARG F 74 -110.91 37.37 -24.82
C ARG F 74 -110.17 36.63 -23.71
N LYS F 75 -110.84 35.63 -23.09
CA LYS F 75 -110.33 34.93 -21.93
C LYS F 75 -109.87 33.52 -22.21
N MET F 76 -109.63 33.16 -23.50
CA MET F 76 -109.37 31.79 -23.92
C MET F 76 -108.24 31.14 -23.12
N LYS F 77 -107.10 31.84 -22.97
CA LYS F 77 -105.94 31.37 -22.24
C LYS F 77 -106.18 30.95 -20.78
N ASP F 78 -106.97 31.71 -19.99
CA ASP F 78 -107.28 31.32 -18.63
C ASP F 78 -108.22 30.13 -18.61
N THR F 79 -109.26 30.22 -19.45
CA THR F 79 -110.31 29.23 -19.55
C THR F 79 -109.85 27.86 -20.02
N ASP F 80 -108.93 27.81 -21.01
CA ASP F 80 -108.27 26.58 -21.46
C ASP F 80 -107.47 25.89 -20.35
N SER F 81 -106.80 26.68 -19.47
CA SER F 81 -105.97 26.21 -18.36
C SER F 81 -106.75 25.34 -17.38
N GLU F 82 -108.02 25.70 -17.15
CA GLU F 82 -108.97 24.97 -16.33
C GLU F 82 -109.38 23.60 -16.89
N GLU F 83 -109.00 23.25 -18.13
CA GLU F 83 -109.19 21.91 -18.65
C GLU F 83 -107.91 21.16 -19.03
N GLU F 84 -106.71 21.69 -18.68
CA GLU F 84 -105.47 20.91 -18.76
C GLU F 84 -105.38 19.78 -17.73
N ILE F 85 -105.73 20.07 -16.47
CA ILE F 85 -105.44 19.23 -15.31
C ILE F 85 -106.16 17.89 -15.28
N ARG F 86 -105.38 16.80 -15.18
CA ARG F 86 -105.89 15.44 -15.19
C ARG F 86 -105.60 14.70 -13.89
N GLU F 87 -104.75 15.27 -13.00
CA GLU F 87 -104.28 14.67 -11.78
C GLU F 87 -104.34 15.72 -10.64
N ALA F 88 -104.14 15.32 -9.36
CA ALA F 88 -104.45 16.27 -8.31
C ALA F 88 -103.88 16.02 -6.91
N PHE F 89 -102.56 16.19 -6.76
CA PHE F 89 -101.82 16.05 -5.51
C PHE F 89 -102.19 16.84 -4.24
N ARG F 90 -101.97 16.28 -3.04
CA ARG F 90 -101.98 17.07 -1.81
C ARG F 90 -100.61 16.71 -1.20
N VAL F 91 -99.97 17.39 -0.24
CA VAL F 91 -100.16 18.64 0.51
C VAL F 91 -101.26 18.61 1.56
N PHE F 92 -101.60 17.41 2.01
CA PHE F 92 -102.45 17.15 3.16
C PHE F 92 -102.13 15.76 3.67
N ASP F 93 -101.02 15.23 3.15
CA ASP F 93 -100.43 13.97 3.49
C ASP F 93 -99.00 14.40 3.20
N LYS F 94 -98.02 14.09 4.06
CA LYS F 94 -96.62 14.39 3.78
C LYS F 94 -95.75 13.23 4.15
N ASP F 95 -96.30 12.41 5.05
CA ASP F 95 -95.95 11.08 5.46
C ASP F 95 -95.97 10.17 4.23
N GLY F 96 -96.98 10.37 3.35
CA GLY F 96 -97.18 9.65 2.11
C GLY F 96 -97.87 8.37 2.42
N ASN F 97 -98.78 8.43 3.42
CA ASN F 97 -99.59 7.31 3.86
C ASN F 97 -100.57 6.92 2.76
N GLY F 98 -101.04 7.91 1.97
CA GLY F 98 -102.04 7.73 0.93
C GLY F 98 -103.44 7.94 1.44
N TYR F 99 -103.52 8.33 2.71
CA TYR F 99 -104.74 8.46 3.48
C TYR F 99 -104.86 9.86 4.01
N ILE F 100 -106.11 10.35 4.13
CA ILE F 100 -106.37 11.59 4.83
C ILE F 100 -107.60 11.37 5.69
N SER F 101 -107.63 11.95 6.90
CA SER F 101 -108.81 11.92 7.75
C SER F 101 -110.03 12.56 7.11
N ALA F 102 -111.24 12.03 7.37
CA ALA F 102 -112.47 12.63 6.90
C ALA F 102 -112.68 14.04 7.43
N ALA F 103 -112.19 14.31 8.65
CA ALA F 103 -112.14 15.63 9.24
C ALA F 103 -111.31 16.65 8.44
N GLU F 104 -110.05 16.31 8.06
CA GLU F 104 -109.25 17.18 7.20
C GLU F 104 -109.85 17.33 5.80
N LEU F 105 -110.39 16.25 5.21
CA LEU F 105 -111.11 16.31 3.95
C LEU F 105 -112.35 17.20 3.94
N ARG F 106 -113.21 17.14 4.98
CA ARG F 106 -114.31 18.09 5.11
C ARG F 106 -113.80 19.52 5.28
N HIS F 107 -112.78 19.75 6.14
CA HIS F 107 -112.21 21.07 6.38
C HIS F 107 -111.65 21.75 5.14
N VAL F 108 -110.89 21.05 4.29
CA VAL F 108 -110.43 21.66 3.05
C VAL F 108 -111.57 22.04 2.13
N MET F 109 -112.56 21.15 1.93
CA MET F 109 -113.72 21.41 1.11
C MET F 109 -114.64 22.53 1.62
N THR F 110 -114.94 22.60 2.93
CA THR F 110 -115.93 23.54 3.47
C THR F 110 -115.34 24.76 4.17
N ASN F 111 -114.00 24.86 4.30
CA ASN F 111 -113.39 25.94 5.04
C ASN F 111 -112.33 26.64 4.22
N LEU F 112 -111.62 25.94 3.33
CA LEU F 112 -110.67 26.57 2.44
C LEU F 112 -111.33 26.91 1.12
N GLY F 113 -110.71 27.79 0.33
CA GLY F 113 -111.12 28.24 -0.99
C GLY F 113 -112.53 28.70 -1.21
N GLU F 114 -113.13 28.35 -2.35
CA GLU F 114 -114.51 28.66 -2.70
C GLU F 114 -115.46 27.64 -2.08
N LYS F 115 -115.49 27.64 -0.73
CA LYS F 115 -116.17 26.75 0.18
C LYS F 115 -117.42 26.02 -0.33
N LEU F 116 -117.41 24.69 -0.23
CA LEU F 116 -118.57 23.87 -0.49
C LEU F 116 -119.43 23.85 0.76
N THR F 117 -120.72 23.57 0.62
CA THR F 117 -121.60 23.41 1.77
C THR F 117 -121.39 22.04 2.41
N ASP F 118 -121.74 21.87 3.71
CA ASP F 118 -121.64 20.57 4.36
C ASP F 118 -122.53 19.52 3.71
N GLU F 119 -123.74 19.91 3.25
CA GLU F 119 -124.62 19.09 2.43
C GLU F 119 -124.02 18.63 1.10
N GLU F 120 -123.28 19.48 0.34
CA GLU F 120 -122.50 19.05 -0.81
C GLU F 120 -121.43 18.02 -0.45
N VAL F 121 -120.66 18.27 0.62
CA VAL F 121 -119.63 17.36 1.09
C VAL F 121 -120.18 16.04 1.58
N ASP F 122 -121.33 16.06 2.28
CA ASP F 122 -122.03 14.88 2.74
C ASP F 122 -122.43 13.98 1.57
N GLU F 123 -122.88 14.58 0.45
CA GLU F 123 -123.15 13.89 -0.80
C GLU F 123 -121.94 13.19 -1.40
N MET F 124 -120.77 13.84 -1.33
CA MET F 124 -119.54 13.27 -1.83
C MET F 124 -118.92 12.21 -0.94
N ILE F 125 -119.32 12.12 0.34
CA ILE F 125 -118.84 11.05 1.21
C ILE F 125 -119.85 9.92 1.34
N ARG F 126 -121.01 10.00 0.65
CA ARG F 126 -121.88 8.84 0.49
C ARG F 126 -121.19 7.77 -0.34
N GLU F 127 -121.11 6.51 0.16
CA GLU F 127 -120.50 5.38 -0.53
C GLU F 127 -118.96 5.48 -0.59
N ALA F 128 -118.36 6.41 0.16
CA ALA F 128 -116.93 6.53 0.26
C ALA F 128 -116.48 5.80 1.51
N ASP F 129 -115.64 4.76 1.33
CA ASP F 129 -115.16 3.94 2.42
C ASP F 129 -114.34 4.73 3.45
N ILE F 130 -114.47 4.35 4.72
CA ILE F 130 -113.80 5.03 5.80
C ILE F 130 -113.32 3.95 6.73
N ASP F 131 -112.04 3.99 7.12
CA ASP F 131 -111.47 2.90 7.88
C ASP F 131 -111.80 3.06 9.39
N GLY F 132 -111.12 2.27 10.26
CA GLY F 132 -111.28 2.39 11.69
C GLY F 132 -110.44 3.46 12.35
N ASP F 133 -109.37 3.95 11.68
CA ASP F 133 -108.64 5.17 12.03
C ASP F 133 -109.53 6.40 11.75
N GLY F 134 -110.26 6.37 10.63
CA GLY F 134 -111.21 7.40 10.24
C GLY F 134 -110.74 8.11 9.00
N GLN F 135 -109.91 7.42 8.21
CA GLN F 135 -109.23 7.96 7.07
C GLN F 135 -109.73 7.35 5.77
N VAL F 136 -109.64 8.16 4.69
CA VAL F 136 -110.10 7.78 3.37
C VAL F 136 -108.95 7.83 2.40
N ASN F 137 -108.85 6.84 1.50
CA ASN F 137 -107.94 6.85 0.37
C ASN F 137 -108.28 8.01 -0.56
N TYR F 138 -107.45 9.07 -0.58
CA TYR F 138 -107.81 10.26 -1.32
C TYR F 138 -107.61 10.11 -2.79
N GLU F 139 -106.75 9.18 -3.22
CA GLU F 139 -106.53 8.91 -4.63
C GLU F 139 -107.73 8.27 -5.29
N GLU F 140 -108.31 7.28 -4.62
CA GLU F 140 -109.57 6.68 -5.02
C GLU F 140 -110.71 7.70 -4.97
N PHE F 141 -110.80 8.50 -3.89
CA PHE F 141 -111.83 9.54 -3.74
C PHE F 141 -111.77 10.62 -4.81
N VAL F 142 -110.58 11.11 -5.20
CA VAL F 142 -110.46 12.04 -6.32
C VAL F 142 -110.83 11.40 -7.64
N GLN F 143 -110.38 10.16 -7.91
CA GLN F 143 -110.78 9.42 -9.09
C GLN F 143 -112.28 9.15 -9.17
N MET F 144 -112.91 8.69 -8.07
CA MET F 144 -114.33 8.46 -7.99
C MET F 144 -115.18 9.70 -8.16
N MET F 145 -114.69 10.89 -7.75
CA MET F 145 -115.37 12.13 -8.02
C MET F 145 -115.27 12.57 -9.48
N THR F 146 -114.07 12.49 -10.09
CA THR F 146 -113.82 13.03 -11.43
C THR F 146 -114.20 12.08 -12.54
N ALA F 147 -113.87 10.77 -12.44
CA ALA F 147 -113.97 9.78 -13.49
C ALA F 147 -115.40 9.41 -13.85
N LYS F 148 -116.33 9.77 -12.95
CA LYS F 148 -117.75 9.75 -13.25
C LYS F 148 -118.12 10.77 -14.34
N GLN G 8 -148.88 -12.30 -31.81
CA GLN G 8 -147.62 -12.46 -32.52
C GLN G 8 -147.73 -12.28 -34.02
N ILE G 9 -147.23 -13.24 -34.82
CA ILE G 9 -147.05 -13.18 -36.26
C ILE G 9 -148.29 -12.83 -37.03
N ALA G 10 -149.50 -13.27 -36.62
CA ALA G 10 -150.72 -12.83 -37.28
C ALA G 10 -150.98 -11.33 -37.21
N GLU G 11 -150.93 -10.70 -36.01
CA GLU G 11 -151.13 -9.25 -35.89
C GLU G 11 -150.06 -8.49 -36.63
N PHE G 12 -148.78 -8.95 -36.53
CA PHE G 12 -147.66 -8.40 -37.25
C PHE G 12 -147.73 -8.59 -38.79
N LYS G 13 -148.28 -9.70 -39.30
CA LYS G 13 -148.48 -9.92 -40.72
C LYS G 13 -149.53 -9.02 -41.33
N GLU G 14 -150.69 -8.85 -40.65
CA GLU G 14 -151.75 -7.93 -41.05
C GLU G 14 -151.25 -6.51 -41.07
N ALA G 15 -150.47 -6.18 -40.05
CA ALA G 15 -149.64 -5.03 -39.97
C ALA G 15 -148.76 -4.76 -41.21
N PHE G 16 -147.91 -5.73 -41.58
CA PHE G 16 -147.03 -5.66 -42.74
C PHE G 16 -147.82 -5.51 -44.03
N SER G 17 -148.93 -6.25 -44.17
CA SER G 17 -149.85 -6.22 -45.30
C SER G 17 -150.45 -4.86 -45.54
N LEU G 18 -150.73 -4.14 -44.45
CA LEU G 18 -151.23 -2.80 -44.53
C LEU G 18 -150.07 -1.82 -44.79
N PHE G 19 -148.78 -2.08 -44.45
CA PHE G 19 -147.65 -1.22 -44.89
C PHE G 19 -147.39 -1.30 -46.36
N ASP G 20 -147.40 -2.51 -46.91
CA ASP G 20 -147.45 -2.76 -48.32
C ASP G 20 -148.67 -2.00 -48.89
N LYS G 21 -148.49 -1.27 -49.99
CA LYS G 21 -149.49 -0.31 -50.48
C LYS G 21 -149.88 -0.80 -51.83
N ASP G 22 -148.82 -1.10 -52.57
CA ASP G 22 -148.72 -1.63 -53.88
C ASP G 22 -149.22 -3.07 -53.93
N GLY G 23 -148.93 -3.87 -52.88
CA GLY G 23 -149.32 -5.27 -52.76
C GLY G 23 -148.30 -6.17 -53.39
N ASP G 24 -147.04 -5.73 -53.40
CA ASP G 24 -145.91 -6.43 -54.00
C ASP G 24 -145.42 -7.57 -53.09
N GLY G 25 -145.73 -7.49 -51.78
CA GLY G 25 -145.16 -8.37 -50.76
C GLY G 25 -144.02 -7.73 -50.07
N THR G 26 -143.58 -6.55 -50.54
CA THR G 26 -142.39 -5.90 -50.01
C THR G 26 -142.66 -4.44 -49.73
N ILE G 27 -141.99 -3.88 -48.70
CA ILE G 27 -142.23 -2.52 -48.27
C ILE G 27 -140.95 -1.75 -48.45
N THR G 28 -141.02 -0.43 -48.72
CA THR G 28 -139.82 0.38 -48.93
C THR G 28 -138.85 0.35 -47.73
N THR G 29 -137.52 0.28 -47.98
CA THR G 29 -136.53 0.14 -46.90
C THR G 29 -136.46 1.32 -45.97
N LYS G 30 -136.93 2.49 -46.44
CA LYS G 30 -137.12 3.66 -45.61
C LYS G 30 -138.10 3.47 -44.46
N GLU G 31 -139.09 2.59 -44.64
CA GLU G 31 -140.20 2.38 -43.74
C GLU G 31 -139.98 1.19 -42.82
N LEU G 32 -138.74 0.71 -42.75
CA LEU G 32 -138.26 -0.25 -41.78
C LEU G 32 -138.41 0.18 -40.33
N GLY G 33 -138.17 1.46 -40.05
CA GLY G 33 -138.27 1.98 -38.69
C GLY G 33 -139.70 1.98 -38.34
N THR G 34 -140.52 2.49 -39.24
CA THR G 34 -141.93 2.65 -39.03
C THR G 34 -142.69 1.37 -38.79
N VAL G 35 -142.33 0.26 -39.45
CA VAL G 35 -142.80 -1.06 -39.07
C VAL G 35 -142.38 -1.60 -37.70
N MET G 36 -141.11 -1.44 -37.27
CA MET G 36 -140.61 -1.95 -35.98
C MET G 36 -141.26 -1.39 -34.77
N ARG G 37 -141.47 -0.07 -34.84
CA ARG G 37 -142.25 0.74 -33.94
C ARG G 37 -143.59 0.09 -33.73
N SER G 38 -144.15 -0.45 -34.81
CA SER G 38 -145.51 -0.88 -34.89
C SER G 38 -145.81 -2.32 -34.73
N LEU G 39 -144.78 -3.12 -34.63
CA LEU G 39 -144.95 -4.29 -33.82
C LEU G 39 -145.04 -3.94 -32.33
N GLY G 40 -144.11 -3.12 -31.84
CA GLY G 40 -144.21 -2.57 -30.49
C GLY G 40 -143.02 -1.75 -30.17
N GLN G 41 -141.86 -2.15 -30.67
CA GLN G 41 -140.57 -1.74 -30.19
C GLN G 41 -140.12 -0.31 -30.26
N ASN G 42 -139.40 0.14 -29.20
CA ASN G 42 -138.96 1.53 -29.13
C ASN G 42 -137.55 1.97 -29.67
N PRO G 43 -136.68 1.28 -30.43
CA PRO G 43 -135.48 1.83 -31.06
C PRO G 43 -135.25 3.28 -31.57
N THR G 44 -134.00 3.77 -31.65
CA THR G 44 -133.69 5.07 -32.27
C THR G 44 -133.86 5.13 -33.81
N GLU G 45 -133.64 6.27 -34.50
CA GLU G 45 -133.37 6.25 -35.96
C GLU G 45 -132.00 5.66 -36.26
N ALA G 46 -130.99 5.96 -35.41
CA ALA G 46 -129.62 5.50 -35.56
C ALA G 46 -129.48 4.00 -35.51
N GLU G 47 -130.15 3.33 -34.56
CA GLU G 47 -130.20 1.88 -34.43
C GLU G 47 -130.71 1.26 -35.71
N LEU G 48 -131.69 1.90 -36.37
CA LEU G 48 -132.15 1.52 -37.68
C LEU G 48 -131.11 1.64 -38.80
N GLN G 49 -130.24 2.64 -38.78
CA GLN G 49 -129.19 2.68 -39.78
C GLN G 49 -127.97 1.87 -39.43
N ASP G 50 -127.74 1.54 -38.14
CA ASP G 50 -126.70 0.62 -37.74
C ASP G 50 -127.14 -0.80 -37.92
N MET G 51 -128.45 -0.99 -38.13
CA MET G 51 -128.98 -2.26 -38.47
C MET G 51 -129.03 -2.39 -39.98
N ILE G 52 -129.23 -1.30 -40.73
CA ILE G 52 -128.96 -1.28 -42.16
C ILE G 52 -127.41 -1.22 -42.42
N ASN G 53 -126.70 -2.32 -42.09
CA ASN G 53 -125.33 -2.59 -42.49
C ASN G 53 -125.00 -4.12 -42.53
N GLU G 54 -125.94 -4.98 -43.02
CA GLU G 54 -125.88 -6.40 -43.39
C GLU G 54 -125.46 -6.71 -44.83
N VAL G 55 -125.36 -7.94 -45.41
CA VAL G 55 -125.28 -8.03 -46.91
C VAL G 55 -126.53 -8.80 -47.42
N ASP G 56 -127.73 -8.55 -46.79
CA ASP G 56 -129.07 -8.69 -47.45
C ASP G 56 -130.25 -7.57 -47.32
N ALA G 57 -130.16 -6.37 -46.62
CA ALA G 57 -131.00 -5.09 -46.80
C ALA G 57 -130.57 -3.61 -47.41
N ASP G 58 -129.29 -3.10 -47.61
CA ASP G 58 -128.64 -1.78 -47.96
C ASP G 58 -128.32 -1.63 -49.44
N GLY G 59 -128.69 -2.66 -50.19
CA GLY G 59 -128.73 -2.77 -51.63
C GLY G 59 -130.15 -2.97 -52.04
N ASN G 60 -131.02 -3.30 -51.07
CA ASN G 60 -132.38 -3.67 -51.31
C ASN G 60 -133.18 -2.40 -51.27
N GLY G 61 -134.06 -2.20 -52.27
CA GLY G 61 -134.91 -1.03 -52.26
C GLY G 61 -136.16 -1.24 -51.45
N THR G 62 -136.49 -2.52 -51.22
CA THR G 62 -137.66 -2.95 -50.50
C THR G 62 -137.28 -4.15 -49.67
N ILE G 63 -138.12 -4.53 -48.69
CA ILE G 63 -137.87 -5.66 -47.80
C ILE G 63 -139.15 -6.44 -47.68
N ASP G 64 -139.06 -7.78 -47.72
CA ASP G 64 -140.17 -8.70 -47.50
C ASP G 64 -140.32 -8.96 -45.99
N PHE G 65 -141.46 -9.50 -45.58
CA PHE G 65 -141.83 -9.86 -44.23
C PHE G 65 -140.91 -10.93 -43.58
N PRO G 66 -140.56 -12.05 -44.21
CA PRO G 66 -139.43 -12.91 -43.86
C PRO G 66 -138.07 -12.25 -43.67
N GLU G 67 -137.61 -11.32 -44.55
CA GLU G 67 -136.37 -10.55 -44.35
C GLU G 67 -136.45 -9.86 -43.01
N PHE G 68 -137.55 -9.13 -42.77
CA PHE G 68 -137.80 -8.39 -41.56
C PHE G 68 -137.85 -9.26 -40.30
N LEU G 69 -138.48 -10.45 -40.38
CA LEU G 69 -138.55 -11.41 -39.31
C LEU G 69 -137.15 -11.92 -38.92
N THR G 70 -136.32 -12.20 -39.94
CA THR G 70 -134.90 -12.54 -39.86
C THR G 70 -134.09 -11.43 -39.21
N MET G 71 -134.38 -10.16 -39.56
CA MET G 71 -133.82 -8.97 -38.95
C MET G 71 -134.09 -8.82 -37.48
N MET G 72 -135.36 -9.02 -37.07
CA MET G 72 -135.77 -9.00 -35.69
C MET G 72 -135.08 -10.08 -34.86
N ALA G 73 -134.98 -11.31 -35.37
CA ALA G 73 -134.36 -12.44 -34.68
C ALA G 73 -132.92 -12.21 -34.26
N ARG G 74 -132.11 -11.61 -35.15
CA ARG G 74 -130.71 -11.36 -34.86
C ARG G 74 -130.47 -10.17 -33.92
N LYS G 75 -131.21 -9.05 -34.09
CA LYS G 75 -131.10 -7.92 -33.18
C LYS G 75 -131.73 -8.16 -31.83
N MET G 76 -132.85 -8.93 -31.78
CA MET G 76 -133.79 -9.18 -30.69
C MET G 76 -133.48 -8.53 -29.35
N LYS G 77 -132.43 -8.97 -28.63
CA LYS G 77 -131.90 -8.35 -27.41
C LYS G 77 -131.91 -6.81 -27.36
N ASP G 78 -131.37 -6.18 -28.41
CA ASP G 78 -131.21 -4.75 -28.57
C ASP G 78 -132.57 -4.10 -28.76
N THR G 79 -133.42 -4.77 -29.55
CA THR G 79 -134.74 -4.35 -29.94
C THR G 79 -135.72 -4.38 -28.77
N ASP G 80 -135.64 -5.45 -27.95
CA ASP G 80 -136.35 -5.69 -26.71
C ASP G 80 -135.99 -4.69 -25.63
N SER G 81 -134.70 -4.30 -25.54
CA SER G 81 -134.12 -3.33 -24.60
C SER G 81 -134.87 -2.02 -24.56
N GLU G 82 -135.39 -1.64 -25.72
CA GLU G 82 -136.07 -0.40 -25.95
C GLU G 82 -137.47 -0.35 -25.35
N GLU G 83 -138.10 -1.52 -25.03
CA GLU G 83 -139.37 -1.54 -24.33
C GLU G 83 -139.28 -1.78 -22.84
N GLU G 84 -138.12 -1.48 -22.26
CA GLU G 84 -137.94 -1.43 -20.82
C GLU G 84 -138.53 -0.18 -20.18
N ILE G 85 -138.27 1.03 -20.75
CA ILE G 85 -138.62 2.31 -20.15
C ILE G 85 -140.10 2.62 -20.00
N ARG G 86 -140.46 3.15 -18.82
CA ARG G 86 -141.79 3.58 -18.43
C ARG G 86 -141.75 5.00 -17.88
N GLU G 87 -140.56 5.41 -17.41
CA GLU G 87 -140.30 6.66 -16.77
C GLU G 87 -139.65 7.58 -17.77
N ALA G 88 -139.94 8.87 -17.61
CA ALA G 88 -139.47 9.87 -18.51
C ALA G 88 -138.78 10.89 -17.65
N PHE G 89 -138.11 11.83 -18.29
CA PHE G 89 -137.64 13.01 -17.61
C PHE G 89 -138.77 14.04 -17.53
N ARG G 90 -138.63 15.04 -16.66
CA ARG G 90 -139.25 16.33 -16.87
C ARG G 90 -138.24 17.35 -16.43
N VAL G 91 -138.41 18.59 -16.91
CA VAL G 91 -137.76 19.80 -16.47
C VAL G 91 -138.97 20.71 -16.64
N PHE G 92 -138.99 21.85 -15.94
CA PHE G 92 -139.91 22.97 -16.06
C PHE G 92 -140.71 23.18 -14.80
N ASP G 93 -141.32 22.13 -14.26
CA ASP G 93 -141.84 22.11 -12.91
C ASP G 93 -140.67 22.10 -11.92
N LYS G 94 -140.45 23.21 -11.21
CA LYS G 94 -139.39 23.30 -10.20
C LYS G 94 -140.03 23.25 -8.83
N ASP G 95 -141.34 23.51 -8.77
CA ASP G 95 -142.10 23.72 -7.57
C ASP G 95 -142.80 22.42 -7.17
N GLY G 96 -142.89 21.47 -8.13
CA GLY G 96 -143.30 20.09 -7.91
C GLY G 96 -144.78 19.96 -7.84
N ASN G 97 -145.48 20.72 -8.71
CA ASN G 97 -146.92 20.72 -8.84
C ASN G 97 -147.43 19.40 -9.43
N GLY G 98 -146.63 18.78 -10.32
CA GLY G 98 -146.94 17.52 -11.00
C GLY G 98 -147.41 17.75 -12.42
N TYR G 99 -147.39 19.03 -12.85
CA TYR G 99 -148.02 19.46 -14.06
C TYR G 99 -147.09 20.37 -14.87
N ILE G 100 -147.23 20.36 -16.21
CA ILE G 100 -146.50 21.26 -17.10
C ILE G 100 -147.44 21.77 -18.17
N SER G 101 -147.26 23.01 -18.67
CA SER G 101 -148.03 23.55 -19.76
C SER G 101 -147.76 22.85 -21.10
N ALA G 102 -148.72 22.93 -22.04
CA ALA G 102 -148.51 22.48 -23.40
C ALA G 102 -147.36 23.19 -24.13
N ALA G 103 -147.12 24.48 -23.82
CA ALA G 103 -146.01 25.25 -24.34
C ALA G 103 -144.65 24.70 -23.94
N GLU G 104 -144.49 24.40 -22.63
CA GLU G 104 -143.32 23.77 -22.05
C GLU G 104 -143.04 22.38 -22.60
N LEU G 105 -144.10 21.55 -22.77
CA LEU G 105 -144.03 20.25 -23.42
C LEU G 105 -143.58 20.31 -24.86
N ARG G 106 -144.10 21.27 -25.66
CA ARG G 106 -143.65 21.49 -27.02
C ARG G 106 -142.20 21.91 -27.10
N HIS G 107 -141.78 22.88 -26.24
CA HIS G 107 -140.39 23.32 -26.18
C HIS G 107 -139.42 22.17 -25.94
N VAL G 108 -139.68 21.32 -24.93
CA VAL G 108 -138.75 20.24 -24.63
C VAL G 108 -138.65 19.19 -25.73
N MET G 109 -139.78 18.86 -26.36
CA MET G 109 -139.81 17.96 -27.49
C MET G 109 -139.21 18.49 -28.78
N THR G 110 -139.45 19.75 -29.14
CA THR G 110 -138.99 20.29 -30.42
C THR G 110 -137.62 20.96 -30.35
N ASN G 111 -137.23 21.56 -29.21
CA ASN G 111 -135.97 22.29 -29.14
C ASN G 111 -134.84 21.44 -28.57
N LEU G 112 -135.14 20.46 -27.69
CA LEU G 112 -134.10 19.70 -27.02
C LEU G 112 -133.95 18.30 -27.57
N GLY G 113 -132.81 17.64 -27.27
CA GLY G 113 -132.54 16.26 -27.63
C GLY G 113 -132.51 15.93 -29.11
N GLU G 114 -133.35 14.99 -29.56
CA GLU G 114 -133.39 14.48 -30.93
C GLU G 114 -134.37 15.26 -31.80
N LYS G 115 -134.97 16.34 -31.25
CA LYS G 115 -135.81 17.32 -31.91
C LYS G 115 -136.95 16.76 -32.74
N LEU G 116 -138.16 16.73 -32.15
CA LEU G 116 -139.34 16.36 -32.88
C LEU G 116 -139.86 17.55 -33.66
N THR G 117 -140.64 17.31 -34.72
CA THR G 117 -141.31 18.38 -35.43
C THR G 117 -142.55 18.85 -34.68
N ASP G 118 -143.10 20.03 -35.01
CA ASP G 118 -144.39 20.46 -34.50
C ASP G 118 -145.52 19.51 -34.90
N GLU G 119 -145.54 19.03 -36.16
CA GLU G 119 -146.49 18.03 -36.63
C GLU G 119 -146.43 16.70 -35.87
N GLU G 120 -145.22 16.20 -35.48
CA GLU G 120 -145.09 15.09 -34.53
C GLU G 120 -145.70 15.40 -33.15
N VAL G 121 -145.48 16.61 -32.59
CA VAL G 121 -146.12 17.04 -31.34
C VAL G 121 -147.64 17.19 -31.45
N ASP G 122 -148.17 17.82 -32.52
CA ASP G 122 -149.59 17.96 -32.77
C ASP G 122 -150.32 16.63 -33.01
N GLU G 123 -149.67 15.64 -33.65
CA GLU G 123 -150.16 14.26 -33.70
C GLU G 123 -150.27 13.63 -32.30
N MET G 124 -149.23 13.81 -31.46
CA MET G 124 -149.19 13.35 -30.08
C MET G 124 -150.26 13.98 -29.17
N ILE G 125 -150.52 15.30 -29.27
CA ILE G 125 -151.49 15.94 -28.38
C ILE G 125 -152.93 15.52 -28.63
N ARG G 126 -153.20 14.86 -29.78
CA ARG G 126 -154.51 14.28 -30.03
C ARG G 126 -154.91 13.15 -29.09
N GLU G 127 -153.95 12.41 -28.51
CA GLU G 127 -154.24 11.29 -27.63
C GLU G 127 -154.07 11.66 -26.16
N ALA G 128 -153.54 12.86 -25.90
CA ALA G 128 -153.04 13.23 -24.60
C ALA G 128 -154.03 14.13 -23.90
N ASP G 129 -154.51 13.72 -22.71
CA ASP G 129 -155.32 14.58 -21.88
C ASP G 129 -154.64 15.91 -21.52
N ILE G 130 -155.33 17.00 -21.92
CA ILE G 130 -154.97 18.38 -21.74
C ILE G 130 -156.22 18.99 -21.13
N ASP G 131 -156.08 19.66 -19.98
CA ASP G 131 -157.20 20.28 -19.27
C ASP G 131 -157.64 21.58 -19.95
N GLY G 132 -158.66 22.26 -19.37
CA GLY G 132 -159.16 23.51 -19.92
C GLY G 132 -158.25 24.69 -19.70
N ASP G 133 -157.38 24.58 -18.69
CA ASP G 133 -156.35 25.50 -18.30
C ASP G 133 -155.20 25.51 -19.32
N GLY G 134 -154.85 24.33 -19.86
CA GLY G 134 -153.88 24.15 -20.93
C GLY G 134 -152.65 23.45 -20.41
N GLN G 135 -152.83 22.70 -19.33
CA GLN G 135 -151.80 22.03 -18.59
C GLN G 135 -151.92 20.52 -18.72
N VAL G 136 -150.83 19.79 -18.41
CA VAL G 136 -150.79 18.35 -18.54
C VAL G 136 -150.17 17.77 -17.28
N ASN G 137 -150.89 16.86 -16.58
CA ASN G 137 -150.32 15.97 -15.58
C ASN G 137 -149.25 15.10 -16.23
N TYR G 138 -147.98 15.31 -15.89
CA TYR G 138 -146.93 14.63 -16.60
C TYR G 138 -146.72 13.21 -16.14
N GLU G 139 -147.18 12.83 -14.94
CA GLU G 139 -147.13 11.44 -14.49
C GLU G 139 -148.13 10.58 -15.25
N GLU G 140 -149.36 11.08 -15.46
CA GLU G 140 -150.32 10.41 -16.34
C GLU G 140 -149.87 10.31 -17.78
N PHE G 141 -149.31 11.41 -18.32
CA PHE G 141 -148.79 11.49 -19.68
C PHE G 141 -147.64 10.51 -19.93
N VAL G 142 -146.72 10.29 -18.97
CA VAL G 142 -145.71 9.25 -19.10
C VAL G 142 -146.28 7.85 -19.09
N GLN G 143 -147.31 7.58 -18.25
CA GLN G 143 -148.02 6.33 -18.24
C GLN G 143 -148.73 6.03 -19.56
N MET G 144 -149.43 7.01 -20.16
CA MET G 144 -150.04 6.86 -21.47
C MET G 144 -149.05 6.55 -22.59
N MET G 145 -147.88 7.24 -22.64
CA MET G 145 -146.95 7.03 -23.73
C MET G 145 -146.22 5.70 -23.66
N THR G 146 -146.21 5.07 -22.48
CA THR G 146 -145.53 3.82 -22.22
C THR G 146 -146.51 2.67 -22.12
N ALA G 147 -147.82 2.99 -22.11
CA ALA G 147 -148.91 2.05 -22.08
C ALA G 147 -149.04 1.18 -23.34
N LYS G 148 -148.79 -0.14 -23.20
CA LYS G 148 -148.68 -1.00 -24.36
C LYS G 148 -148.52 -2.46 -24.01
N GLU H 5 70.10 -41.80 -55.28
CA GLU H 5 71.38 -42.41 -55.03
C GLU H 5 71.68 -42.44 -53.53
N LEU H 6 72.77 -41.80 -53.09
CA LEU H 6 73.15 -41.70 -51.72
C LEU H 6 72.40 -40.55 -51.03
N TYR H 7 72.30 -39.37 -51.70
CA TYR H 7 71.70 -38.15 -51.16
C TYR H 7 70.17 -38.20 -51.08
N THR H 8 69.69 -39.08 -50.20
CA THR H 8 68.29 -39.36 -49.93
C THR H 8 67.74 -38.48 -48.83
N LYS H 9 66.40 -38.39 -48.68
CA LYS H 9 65.80 -37.78 -47.50
C LYS H 9 66.26 -38.47 -46.21
N TYR H 10 66.59 -37.67 -45.18
CA TYR H 10 67.06 -38.15 -43.88
C TYR H 10 68.40 -38.86 -44.02
N ALA H 11 69.30 -38.16 -44.71
CA ALA H 11 70.72 -38.40 -44.75
C ALA H 11 71.29 -37.00 -44.52
N ARG H 12 72.51 -36.92 -43.95
CA ARG H 12 72.98 -35.67 -43.37
C ARG H 12 74.29 -35.29 -44.02
N VAL H 13 74.53 -33.97 -44.14
CA VAL H 13 75.65 -33.41 -44.86
C VAL H 13 76.27 -32.32 -44.02
N TRP H 14 77.45 -31.82 -44.43
CA TRP H 14 78.08 -30.67 -43.83
C TRP H 14 78.05 -29.53 -44.83
N ILE H 15 77.65 -28.33 -44.40
CA ILE H 15 77.62 -27.14 -45.24
C ILE H 15 78.55 -26.12 -44.63
N PRO H 16 79.21 -25.21 -45.37
CA PRO H 16 80.09 -24.21 -44.79
C PRO H 16 79.40 -23.27 -43.82
N ASP H 17 80.17 -22.75 -42.86
CA ASP H 17 79.66 -21.91 -41.81
C ASP H 17 80.75 -20.87 -41.50
N PRO H 18 80.51 -19.59 -41.19
CA PRO H 18 81.58 -18.66 -40.90
C PRO H 18 82.02 -18.79 -39.44
N GLU H 19 81.21 -19.44 -38.58
CA GLU H 19 81.40 -19.47 -37.15
C GLU H 19 82.15 -20.74 -36.76
N GLU H 20 81.70 -21.92 -37.26
CA GLU H 20 82.27 -23.20 -36.91
C GLU H 20 82.93 -23.93 -38.08
N VAL H 21 83.09 -23.25 -39.24
CA VAL H 21 83.74 -23.78 -40.45
C VAL H 21 82.80 -24.67 -41.24
N TRP H 22 82.18 -25.66 -40.56
CA TRP H 22 81.23 -26.60 -41.14
C TRP H 22 80.09 -26.91 -40.20
N LYS H 23 78.83 -26.74 -40.66
CA LYS H 23 77.67 -27.02 -39.85
C LYS H 23 76.87 -28.18 -40.41
N SER H 24 76.09 -28.87 -39.56
CA SER H 24 75.37 -30.08 -39.93
C SER H 24 74.00 -29.78 -40.46
N ALA H 25 73.63 -30.42 -41.58
CA ALA H 25 72.32 -30.26 -42.15
C ALA H 25 71.73 -31.62 -42.52
N GLU H 26 70.39 -31.70 -42.67
CA GLU H 26 69.71 -32.91 -43.12
C GLU H 26 68.83 -32.62 -44.31
N LEU H 27 68.82 -33.50 -45.32
CA LEU H 27 67.97 -33.35 -46.49
C LEU H 27 66.48 -33.53 -46.22
N LEU H 28 65.69 -32.45 -46.40
CA LEU H 28 64.23 -32.44 -46.34
C LEU H 28 63.57 -33.22 -47.48
N LYS H 29 64.10 -33.09 -48.71
CA LYS H 29 63.63 -33.84 -49.87
C LYS H 29 64.80 -34.61 -50.47
N ASP H 30 64.56 -35.69 -51.25
CA ASP H 30 65.60 -36.39 -52.00
C ASP H 30 66.23 -35.47 -53.02
N TYR H 31 67.55 -35.57 -53.26
CA TYR H 31 68.18 -34.89 -54.36
C TYR H 31 67.80 -35.54 -55.70
N LYS H 32 67.31 -34.74 -56.66
CA LYS H 32 66.87 -35.21 -57.94
C LYS H 32 67.90 -34.77 -58.97
N PRO H 33 68.52 -35.62 -59.78
CA PRO H 33 69.52 -35.17 -60.75
C PRO H 33 69.12 -34.03 -61.66
N GLY H 34 69.98 -32.99 -61.71
CA GLY H 34 69.77 -31.73 -62.43
C GLY H 34 69.06 -30.66 -61.62
N ASP H 35 68.70 -30.93 -60.33
CA ASP H 35 68.28 -29.93 -59.37
C ASP H 35 69.28 -28.77 -59.17
N LYS H 36 68.80 -27.54 -58.88
CA LYS H 36 69.71 -26.43 -58.62
C LYS H 36 70.04 -26.24 -57.15
N VAL H 37 69.24 -26.85 -56.25
CA VAL H 37 69.22 -26.52 -54.84
C VAL H 37 68.92 -27.78 -54.05
N LEU H 38 69.34 -27.79 -52.78
CA LEU H 38 68.94 -28.79 -51.82
C LEU H 38 68.08 -28.11 -50.76
N GLN H 39 67.24 -28.87 -50.05
CA GLN H 39 66.36 -28.34 -49.03
C GLN H 39 66.83 -28.93 -47.71
N LEU H 40 67.20 -28.09 -46.73
CA LEU H 40 67.98 -28.52 -45.58
C LEU H 40 67.32 -28.11 -44.26
N ARG H 41 67.94 -28.50 -43.13
CA ARG H 41 67.49 -28.14 -41.80
C ARG H 41 68.71 -27.96 -40.91
N LEU H 42 68.72 -26.97 -39.99
CA LEU H 42 69.89 -26.59 -39.20
C LEU H 42 69.75 -26.87 -37.69
N GLU H 43 70.45 -26.10 -36.81
CA GLU H 43 70.52 -26.35 -35.37
C GLU H 43 69.38 -25.72 -34.59
N GLU H 44 68.55 -24.90 -35.27
CA GLU H 44 67.24 -24.53 -34.78
C GLU H 44 66.22 -25.52 -35.36
N GLY H 45 65.94 -25.62 -36.70
CA GLY H 45 65.00 -26.68 -37.08
C GLY H 45 64.64 -27.10 -38.50
N LYS H 46 64.45 -26.19 -39.49
CA LYS H 46 63.94 -26.56 -40.83
C LYS H 46 63.75 -25.35 -41.73
N ASP H 47 64.81 -24.67 -42.09
CA ASP H 47 64.73 -23.31 -42.57
C ASP H 47 65.26 -23.09 -44.00
N LEU H 48 66.49 -23.50 -44.32
CA LEU H 48 67.24 -23.13 -45.52
C LEU H 48 67.07 -23.93 -46.84
N GLU H 49 67.16 -23.21 -47.98
CA GLU H 49 67.44 -23.74 -49.32
C GLU H 49 68.94 -23.56 -49.59
N TYR H 50 69.68 -24.62 -49.96
CA TYR H 50 71.11 -24.57 -50.21
C TYR H 50 71.38 -24.58 -51.71
N CYS H 51 71.85 -23.44 -52.25
CA CYS H 51 72.30 -23.30 -53.62
C CYS H 51 73.52 -24.12 -53.98
N LEU H 52 73.49 -24.75 -55.17
CA LEU H 52 74.61 -25.49 -55.70
C LEU H 52 75.29 -24.64 -56.74
N ASP H 53 76.63 -24.53 -56.66
CA ASP H 53 77.45 -23.74 -57.54
C ASP H 53 77.31 -24.21 -59.01
N PRO H 54 77.00 -23.39 -60.02
CA PRO H 54 76.45 -23.89 -61.26
C PRO H 54 77.58 -24.33 -62.19
N LYS H 55 78.83 -23.91 -61.94
CA LYS H 55 79.97 -24.28 -62.77
C LYS H 55 80.54 -25.66 -62.48
N THR H 56 80.29 -26.20 -61.28
CA THR H 56 80.85 -27.46 -60.81
C THR H 56 79.75 -28.46 -60.62
N LYS H 57 78.56 -28.00 -60.18
CA LYS H 57 77.37 -28.81 -59.94
C LYS H 57 77.59 -29.81 -58.79
N GLU H 58 78.66 -29.58 -58.02
CA GLU H 58 79.13 -30.37 -56.89
C GLU H 58 78.15 -30.36 -55.73
N LEU H 59 78.31 -31.32 -54.79
CA LEU H 59 77.37 -31.58 -53.74
C LEU H 59 78.08 -31.55 -52.40
N PRO H 60 77.45 -31.12 -51.30
CA PRO H 60 78.16 -30.90 -50.05
C PRO H 60 78.53 -32.19 -49.34
N PRO H 61 79.62 -32.28 -48.58
CA PRO H 61 80.19 -33.55 -48.15
C PRO H 61 79.36 -34.26 -47.09
N LEU H 62 79.30 -35.59 -47.20
CA LEU H 62 78.40 -36.42 -46.43
C LEU H 62 78.86 -36.69 -45.00
N ARG H 63 77.90 -36.94 -44.10
CA ARG H 63 78.23 -37.22 -42.71
C ARG H 63 78.20 -38.70 -42.43
N ASN H 64 79.31 -39.25 -41.86
CA ASN H 64 79.43 -40.64 -41.49
C ASN H 64 78.31 -41.13 -40.57
N PRO H 65 77.90 -42.39 -40.61
CA PRO H 65 76.99 -42.94 -39.62
C PRO H 65 77.69 -43.12 -38.29
N ASP H 66 76.94 -42.89 -37.21
CA ASP H 66 77.33 -42.58 -35.84
C ASP H 66 78.13 -43.69 -35.18
N ILE H 67 77.94 -44.95 -35.63
CA ILE H 67 78.74 -46.09 -35.22
C ILE H 67 80.23 -45.92 -35.54
N LEU H 68 80.58 -45.25 -36.65
CA LEU H 68 81.96 -45.09 -37.07
C LEU H 68 82.54 -43.79 -36.56
N VAL H 69 81.92 -43.13 -35.57
CA VAL H 69 82.35 -41.82 -35.11
C VAL H 69 82.81 -41.92 -33.68
N GLY H 70 84.07 -41.54 -33.41
CA GLY H 70 84.71 -41.64 -32.11
C GLY H 70 85.89 -42.55 -32.10
N GLU H 71 85.97 -43.46 -33.09
CA GLU H 71 87.07 -44.39 -33.37
C GLU H 71 88.51 -43.94 -33.12
N ASN H 72 89.39 -44.92 -32.82
CA ASN H 72 90.78 -44.67 -32.47
C ASN H 72 91.67 -44.34 -33.65
N ASP H 73 91.23 -44.68 -34.88
CA ASP H 73 91.89 -44.32 -36.11
C ASP H 73 90.90 -43.56 -37.00
N LEU H 74 91.41 -42.61 -37.81
CA LEU H 74 90.62 -41.81 -38.73
C LEU H 74 90.32 -42.52 -40.05
N THR H 75 91.03 -43.60 -40.40
CA THR H 75 90.96 -44.24 -41.71
C THR H 75 89.86 -45.28 -41.71
N ALA H 76 89.37 -45.62 -40.50
CA ALA H 76 88.17 -46.37 -40.22
C ALA H 76 86.92 -45.71 -40.82
N LEU H 77 86.87 -44.36 -40.83
CA LEU H 77 85.80 -43.58 -41.41
C LEU H 77 85.58 -43.79 -42.91
N SER H 78 84.32 -44.10 -43.29
CA SER H 78 83.97 -44.38 -44.67
C SER H 78 83.93 -43.17 -45.59
N TYR H 79 83.36 -42.05 -45.13
CA TYR H 79 83.44 -40.78 -45.84
C TYR H 79 84.58 -40.02 -45.21
N LEU H 80 85.76 -40.12 -45.82
CA LEU H 80 86.98 -39.60 -45.26
C LEU H 80 87.32 -38.29 -45.98
N HIS H 81 87.00 -37.15 -45.34
CA HIS H 81 87.16 -35.84 -45.91
C HIS H 81 87.17 -34.81 -44.79
N GLU H 82 87.57 -33.55 -45.07
CA GLU H 82 87.84 -32.50 -44.08
C GLU H 82 86.84 -32.39 -42.91
N PRO H 83 85.52 -32.21 -43.06
CA PRO H 83 84.62 -32.10 -41.92
C PRO H 83 84.49 -33.38 -41.12
N ALA H 84 84.71 -34.57 -41.73
CA ALA H 84 84.68 -35.83 -41.02
C ALA H 84 85.82 -35.97 -40.03
N VAL H 85 87.04 -35.60 -40.47
CA VAL H 85 88.24 -35.57 -39.62
C VAL H 85 88.08 -34.55 -38.50
N LEU H 86 87.62 -33.33 -38.85
CA LEU H 86 87.42 -32.25 -37.91
C LEU H 86 86.41 -32.58 -36.80
N HIS H 87 85.22 -33.11 -37.18
CA HIS H 87 84.21 -33.56 -36.25
C HIS H 87 84.63 -34.73 -35.37
N ASN H 88 85.30 -35.75 -35.94
CA ASN H 88 85.74 -36.92 -35.20
C ASN H 88 86.76 -36.56 -34.12
N LEU H 89 87.76 -35.72 -34.46
CA LEU H 89 88.73 -35.25 -33.50
C LEU H 89 88.13 -34.37 -32.41
N LYS H 90 87.16 -33.50 -32.75
CA LYS H 90 86.43 -32.68 -31.81
C LYS H 90 85.69 -33.46 -30.74
N VAL H 91 84.91 -34.49 -31.10
CA VAL H 91 84.18 -35.30 -30.10
C VAL H 91 85.10 -36.11 -29.19
N ARG H 92 86.20 -36.67 -29.70
CA ARG H 92 87.16 -37.35 -28.85
C ARG H 92 87.83 -36.41 -27.85
N PHE H 93 88.23 -35.21 -28.30
CA PHE H 93 88.86 -34.21 -27.47
C PHE H 93 87.94 -33.60 -26.42
N ILE H 94 86.73 -33.14 -26.82
CA ILE H 94 85.84 -32.42 -25.94
C ILE H 94 85.07 -33.36 -25.05
N ASP H 95 84.28 -34.28 -25.63
CA ASP H 95 83.39 -35.17 -24.92
C ASP H 95 84.13 -36.19 -24.04
N SER H 96 85.24 -36.79 -24.56
CA SER H 96 85.90 -37.89 -23.87
C SER H 96 87.27 -37.58 -23.30
N LYS H 97 87.81 -36.35 -23.47
CA LYS H 97 89.15 -35.96 -23.01
C LYS H 97 90.31 -36.75 -23.61
N LEU H 98 90.17 -37.21 -24.86
CA LEU H 98 91.16 -38.04 -25.53
C LEU H 98 91.98 -37.20 -26.49
N ILE H 99 93.27 -37.01 -26.18
CA ILE H 99 94.14 -36.11 -26.93
C ILE H 99 94.99 -36.79 -27.98
N TYR H 100 94.93 -38.13 -28.06
CA TYR H 100 95.72 -38.93 -28.99
C TYR H 100 94.77 -39.71 -29.88
N THR H 101 95.07 -39.73 -31.20
CA THR H 101 94.27 -40.44 -32.19
C THR H 101 95.23 -40.86 -33.28
N TYR H 102 95.05 -42.04 -33.91
CA TYR H 102 95.87 -42.42 -35.05
C TYR H 102 95.28 -41.87 -36.36
N CYS H 103 96.14 -41.72 -37.37
CA CYS H 103 95.79 -41.49 -38.75
C CYS H 103 96.72 -42.41 -39.53
N GLY H 104 96.39 -43.71 -39.56
CA GLY H 104 97.26 -44.75 -40.05
C GLY H 104 98.52 -44.89 -39.23
N ILE H 105 99.69 -44.56 -39.81
CA ILE H 105 100.97 -44.68 -39.11
C ILE H 105 101.36 -43.38 -38.41
N VAL H 106 100.44 -42.40 -38.39
CA VAL H 106 100.67 -41.10 -37.80
C VAL H 106 99.88 -40.99 -36.52
N LEU H 107 100.53 -40.56 -35.42
CA LEU H 107 99.83 -40.20 -34.22
C LEU H 107 99.52 -38.71 -34.24
N VAL H 108 98.26 -38.31 -34.04
CA VAL H 108 97.86 -36.91 -33.91
C VAL H 108 97.78 -36.62 -32.43
N ALA H 109 98.42 -35.54 -31.96
CA ALA H 109 98.42 -35.13 -30.57
C ALA H 109 97.85 -33.73 -30.47
N ILE H 110 96.73 -33.57 -29.75
CA ILE H 110 96.06 -32.28 -29.59
C ILE H 110 96.43 -31.76 -28.22
N ASN H 111 96.98 -30.53 -28.11
CA ASN H 111 97.40 -29.96 -26.84
C ASN H 111 96.22 -29.75 -25.87
N PRO H 112 96.16 -30.35 -24.67
CA PRO H 112 95.00 -30.22 -23.80
C PRO H 112 95.05 -28.94 -23.00
N TYR H 113 96.24 -28.34 -22.85
CA TYR H 113 96.58 -27.23 -21.95
C TYR H 113 96.52 -27.56 -20.44
N GLU H 114 95.72 -28.57 -20.05
CA GLU H 114 95.57 -29.17 -18.74
C GLU H 114 96.55 -30.32 -18.51
N GLN H 115 96.77 -30.76 -17.25
CA GLN H 115 97.71 -31.83 -16.91
C GLN H 115 96.96 -33.08 -16.50
N LEU H 116 97.28 -34.20 -17.17
CA LEU H 116 96.48 -35.40 -17.15
C LEU H 116 97.21 -36.57 -16.49
N PRO H 117 96.53 -37.57 -15.92
CA PRO H 117 97.21 -38.58 -15.11
C PRO H 117 97.46 -39.81 -15.95
N ILE H 118 97.96 -39.61 -17.19
CA ILE H 118 98.11 -40.66 -18.19
C ILE H 118 99.57 -40.87 -18.53
N TYR H 119 100.48 -40.32 -17.70
CA TYR H 119 101.91 -40.34 -17.96
C TYR H 119 102.73 -40.96 -16.84
N GLY H 120 102.07 -41.65 -15.87
CA GLY H 120 102.74 -42.28 -14.75
C GLY H 120 103.24 -43.67 -15.03
N GLU H 121 103.92 -44.25 -14.03
CA GLU H 121 104.65 -45.50 -14.05
C GLU H 121 103.79 -46.73 -14.37
N ASP H 122 102.55 -46.76 -13.83
CA ASP H 122 101.53 -47.77 -14.04
C ASP H 122 101.10 -47.87 -15.50
N ILE H 123 100.82 -46.71 -16.14
CA ILE H 123 100.51 -46.59 -17.55
C ILE H 123 101.68 -47.01 -18.43
N ILE H 124 102.94 -46.65 -18.08
CA ILE H 124 104.15 -47.09 -18.77
C ILE H 124 104.29 -48.61 -18.80
N ASN H 125 104.04 -49.30 -17.67
CA ASN H 125 104.04 -50.75 -17.61
C ASN H 125 102.97 -51.41 -18.46
N ALA H 126 101.77 -50.82 -18.55
CA ALA H 126 100.70 -51.32 -19.40
C ALA H 126 101.02 -51.31 -20.89
N TYR H 127 101.69 -50.28 -21.42
CA TYR H 127 102.17 -50.27 -22.80
C TYR H 127 103.37 -51.19 -23.03
N SER H 128 104.21 -51.43 -22.00
CA SER H 128 105.44 -52.21 -22.07
C SER H 128 105.27 -53.62 -22.62
N GLY H 129 105.88 -53.90 -23.78
CA GLY H 129 105.81 -55.20 -24.43
C GLY H 129 104.58 -55.48 -25.24
N GLN H 130 103.63 -54.53 -25.35
CA GLN H 130 102.39 -54.76 -26.10
C GLN H 130 102.57 -54.39 -27.56
N ASN H 131 101.60 -54.79 -28.42
CA ASN H 131 101.60 -54.36 -29.81
C ASN H 131 100.96 -52.99 -29.93
N MET H 132 101.30 -52.19 -30.97
CA MET H 132 100.74 -50.86 -31.16
C MET H 132 99.24 -50.80 -31.41
N GLY H 133 98.69 -51.83 -32.09
CA GLY H 133 97.29 -51.84 -32.51
C GLY H 133 96.32 -52.25 -31.44
N ASP H 134 96.82 -52.82 -30.34
CA ASP H 134 96.02 -53.58 -29.41
C ASP H 134 95.83 -52.76 -28.13
N MET H 135 96.33 -51.51 -28.12
CA MET H 135 96.30 -50.58 -27.01
C MET H 135 95.84 -49.22 -27.52
N ASP H 136 95.21 -48.40 -26.65
CA ASP H 136 94.79 -47.06 -26.98
C ASP H 136 95.94 -46.16 -27.43
N PRO H 137 95.75 -45.28 -28.42
CA PRO H 137 96.81 -44.44 -28.97
C PRO H 137 97.51 -43.57 -27.96
N HIS H 138 98.85 -43.60 -27.92
CA HIS H 138 99.56 -42.81 -26.95
C HIS H 138 100.95 -42.52 -27.48
N ILE H 139 101.62 -41.47 -26.94
CA ILE H 139 103.03 -41.21 -27.24
C ILE H 139 103.93 -42.36 -26.80
N PHE H 140 103.53 -43.04 -25.69
CA PHE H 140 104.11 -44.26 -25.19
C PHE H 140 104.05 -45.44 -26.17
N ALA H 141 102.91 -45.63 -26.88
CA ALA H 141 102.77 -46.66 -27.89
C ALA H 141 103.75 -46.50 -29.05
N VAL H 142 103.94 -45.25 -29.52
CA VAL H 142 104.94 -44.91 -30.52
C VAL H 142 106.38 -45.17 -30.04
N ALA H 143 106.69 -44.86 -28.76
CA ALA H 143 107.98 -45.18 -28.15
C ALA H 143 108.28 -46.67 -28.05
N GLU H 144 107.30 -47.49 -27.64
CA GLU H 144 107.41 -48.95 -27.56
C GLU H 144 107.72 -49.57 -28.90
N GLU H 145 107.02 -49.13 -29.95
CA GLU H 145 107.23 -49.60 -31.31
C GLU H 145 108.64 -49.31 -31.83
N ALA H 146 109.20 -48.13 -31.55
CA ALA H 146 110.58 -47.81 -31.83
C ALA H 146 111.60 -48.71 -31.13
N TYR H 147 111.41 -48.98 -29.83
CA TYR H 147 112.26 -49.88 -29.06
C TYR H 147 112.22 -51.31 -29.59
N LYS H 148 111.01 -51.79 -29.94
CA LYS H 148 110.76 -53.10 -30.49
C LYS H 148 111.33 -53.38 -31.88
N GLN H 149 111.17 -52.43 -32.83
CA GLN H 149 111.66 -52.57 -34.19
C GLN H 149 113.17 -52.43 -34.23
N MET H 150 113.77 -51.79 -33.21
CA MET H 150 115.21 -51.66 -33.08
C MET H 150 115.94 -52.98 -32.95
N ALA H 151 115.49 -53.89 -32.06
CA ALA H 151 116.10 -55.19 -31.87
C ALA H 151 115.57 -56.25 -32.82
N ARG H 152 114.32 -56.09 -33.31
CA ARG H 152 113.75 -56.94 -34.32
C ARG H 152 114.52 -56.87 -35.64
N ASP H 153 114.94 -55.66 -36.05
CA ASP H 153 115.63 -55.45 -37.32
C ASP H 153 117.14 -55.13 -37.23
N GLU H 154 117.74 -54.93 -36.03
CA GLU H 154 119.07 -54.33 -35.84
C GLU H 154 119.21 -52.98 -36.53
N ARG H 155 118.30 -52.06 -36.20
CA ARG H 155 118.15 -50.85 -36.95
C ARG H 155 117.80 -49.67 -36.07
N ASN H 156 118.61 -48.60 -36.15
CA ASN H 156 118.37 -47.34 -35.47
C ASN H 156 117.09 -46.65 -35.90
N GLN H 157 116.43 -45.93 -34.97
CA GLN H 157 115.10 -45.40 -35.21
C GLN H 157 115.05 -43.89 -35.12
N SER H 158 114.09 -43.26 -35.83
CA SER H 158 113.89 -41.81 -35.76
C SER H 158 112.45 -41.49 -35.44
N ILE H 159 112.14 -40.86 -34.29
CA ILE H 159 110.80 -40.36 -34.02
C ILE H 159 110.74 -38.91 -34.49
N ILE H 160 109.93 -38.63 -35.52
CA ILE H 160 109.81 -37.31 -36.11
C ILE H 160 108.56 -36.66 -35.53
N VAL H 161 108.75 -35.56 -34.78
CA VAL H 161 107.69 -34.84 -34.10
C VAL H 161 107.54 -33.49 -34.78
N SER H 162 106.39 -33.22 -35.41
CA SER H 162 106.20 -31.98 -36.17
C SER H 162 104.88 -31.30 -35.84
N GLY H 163 104.75 -30.02 -36.22
CA GLY H 163 103.63 -29.18 -35.81
C GLY H 163 104.08 -27.76 -35.60
N GLU H 164 103.13 -26.80 -35.58
CA GLU H 164 103.35 -25.40 -35.23
C GLU H 164 104.01 -25.24 -33.87
N SER H 165 104.69 -24.11 -33.62
CA SER H 165 105.20 -23.77 -32.31
C SER H 165 104.07 -23.65 -31.27
N GLY H 166 104.33 -24.11 -30.04
CA GLY H 166 103.31 -24.20 -28.99
C GLY H 166 102.33 -25.35 -29.07
N ALA H 167 102.43 -26.22 -30.10
CA ALA H 167 101.52 -27.36 -30.23
C ALA H 167 101.87 -28.53 -29.32
N GLY H 168 103.07 -28.50 -28.68
CA GLY H 168 103.44 -29.47 -27.67
C GLY H 168 104.52 -30.43 -28.08
N LYS H 169 105.27 -30.13 -29.16
CA LYS H 169 106.32 -31.00 -29.68
C LYS H 169 107.40 -31.36 -28.66
N THR H 170 107.88 -30.35 -27.91
CA THR H 170 108.82 -30.47 -26.81
C THR H 170 108.31 -31.34 -25.67
N VAL H 171 107.01 -31.24 -25.31
CA VAL H 171 106.38 -32.09 -24.31
C VAL H 171 106.30 -33.55 -24.75
N SER H 172 105.96 -33.79 -26.04
CA SER H 172 105.91 -35.12 -26.64
C SER H 172 107.26 -35.83 -26.62
N ALA H 173 108.35 -35.12 -26.95
CA ALA H 173 109.71 -35.64 -26.83
C ALA H 173 110.11 -35.97 -25.40
N LYS H 174 109.73 -35.13 -24.41
CA LYS H 174 110.00 -35.37 -23.00
C LYS H 174 109.42 -36.70 -22.51
N TYR H 175 108.16 -37.03 -22.88
CA TYR H 175 107.56 -38.29 -22.50
C TYR H 175 108.04 -39.51 -23.26
N ALA H 176 108.44 -39.38 -24.54
CA ALA H 176 109.10 -40.47 -25.26
C ALA H 176 110.42 -40.87 -24.62
N MET H 177 111.25 -39.89 -24.19
CA MET H 177 112.46 -40.16 -23.44
C MET H 177 112.28 -40.84 -22.10
N ARG H 178 111.27 -40.43 -21.30
CA ARG H 178 110.98 -41.08 -20.03
C ARG H 178 110.61 -42.55 -20.21
N TYR H 179 109.84 -42.87 -21.27
CA TYR H 179 109.52 -44.24 -21.62
C TYR H 179 110.78 -45.08 -21.90
N PHE H 180 111.67 -44.59 -22.79
CA PHE H 180 112.93 -45.25 -23.12
C PHE H 180 113.85 -45.42 -21.91
N ALA H 181 113.91 -44.41 -21.02
CA ALA H 181 114.65 -44.51 -19.79
C ALA H 181 114.14 -45.58 -18.82
N THR H 182 112.82 -45.61 -18.55
CA THR H 182 112.17 -46.53 -17.62
C THR H 182 112.22 -47.98 -18.08
N VAL H 183 112.00 -48.26 -19.38
CA VAL H 183 111.90 -49.62 -19.91
C VAL H 183 113.24 -50.35 -20.07
N SER H 184 114.40 -49.66 -19.91
CA SER H 184 115.67 -50.16 -20.43
C SER H 184 116.74 -50.54 -19.41
N GLY H 185 116.42 -50.63 -18.11
CA GLY H 185 117.46 -51.00 -17.14
C GLY H 185 118.38 -49.87 -16.74
N SER H 186 117.79 -48.69 -16.51
CA SER H 186 118.29 -47.44 -15.94
C SER H 186 119.75 -47.28 -15.54
N ALA H 187 120.44 -46.24 -16.06
CA ALA H 187 121.79 -45.89 -15.65
C ALA H 187 121.86 -44.94 -14.44
N SER H 188 122.83 -45.20 -13.53
CA SER H 188 122.85 -44.79 -12.13
C SER H 188 123.07 -43.31 -11.84
N GLU H 189 124.10 -42.75 -12.48
CA GLU H 189 124.68 -41.42 -12.33
C GLU H 189 124.27 -40.62 -13.54
N ALA H 190 124.04 -41.32 -14.68
CA ALA H 190 123.58 -40.75 -15.91
C ALA H 190 122.19 -40.12 -15.84
N ASN H 191 121.15 -40.92 -15.48
CA ASN H 191 119.73 -40.55 -15.45
C ASN H 191 119.32 -39.67 -16.64
N VAL H 192 119.69 -40.08 -17.88
CA VAL H 192 120.02 -39.21 -19.02
C VAL H 192 118.98 -38.13 -19.31
N GLU H 193 117.68 -38.45 -19.13
CA GLU H 193 116.55 -37.55 -19.24
C GLU H 193 116.75 -36.16 -18.60
N GLU H 194 117.21 -36.13 -17.33
CA GLU H 194 117.42 -34.93 -16.54
C GLU H 194 118.48 -33.99 -17.14
N LYS H 195 119.62 -34.53 -17.60
CA LYS H 195 120.66 -33.76 -18.26
C LYS H 195 120.18 -33.16 -19.60
N VAL H 196 119.49 -33.96 -20.43
CA VAL H 196 118.92 -33.51 -21.69
C VAL H 196 117.88 -32.43 -21.49
N LEU H 197 116.98 -32.59 -20.51
CA LEU H 197 115.97 -31.58 -20.22
C LEU H 197 116.55 -30.24 -19.79
N ALA H 198 117.64 -30.24 -19.00
CA ALA H 198 118.37 -29.05 -18.64
C ALA H 198 119.06 -28.36 -19.82
N SER H 199 119.27 -29.07 -20.95
CA SER H 199 119.77 -28.46 -22.18
C SER H 199 118.76 -27.61 -22.91
N ASN H 200 117.44 -27.79 -22.65
CA ASN H 200 116.40 -27.02 -23.30
C ASN H 200 116.47 -25.51 -23.05
N PRO H 201 116.62 -24.93 -21.86
CA PRO H 201 116.72 -23.48 -21.70
C PRO H 201 117.87 -22.86 -22.48
N ILE H 202 119.01 -23.57 -22.60
CA ILE H 202 120.14 -23.13 -23.41
C ILE H 202 119.81 -23.06 -24.89
N MET H 203 119.22 -24.14 -25.44
CA MET H 203 118.84 -24.22 -26.83
C MET H 203 117.73 -23.27 -27.22
N GLU H 204 116.74 -23.09 -26.33
CA GLU H 204 115.69 -22.12 -26.53
C GLU H 204 116.20 -20.68 -26.56
N SER H 205 117.18 -20.32 -25.70
CA SER H 205 117.81 -19.00 -25.77
C SER H 205 118.52 -18.64 -27.08
N ILE H 206 119.29 -19.59 -27.68
CA ILE H 206 120.07 -19.32 -28.88
C ILE H 206 119.36 -19.71 -30.17
N GLY H 207 118.30 -20.54 -30.08
CA GLY H 207 117.61 -21.11 -31.23
C GLY H 207 116.17 -20.71 -31.40
N ASN H 208 115.51 -20.15 -30.37
CA ASN H 208 114.12 -19.78 -30.44
C ASN H 208 113.98 -18.25 -30.40
N ALA H 209 112.87 -17.72 -30.93
CA ALA H 209 112.63 -16.30 -30.97
C ALA H 209 111.15 -16.00 -31.01
N LYS H 210 110.79 -14.72 -30.77
CA LYS H 210 109.43 -14.24 -30.90
C LYS H 210 109.15 -13.84 -32.34
N THR H 211 108.01 -14.29 -32.86
CA THR H 211 107.58 -14.04 -34.23
C THR H 211 106.24 -13.35 -34.19
N THR H 212 105.73 -12.85 -35.33
CA THR H 212 104.44 -12.18 -35.45
C THR H 212 103.28 -13.01 -34.90
N ARG H 213 103.36 -14.35 -35.00
CA ARG H 213 102.30 -15.24 -34.58
C ARG H 213 102.61 -16.11 -33.37
N ASN H 214 103.82 -16.04 -32.77
CA ASN H 214 104.19 -16.90 -31.66
C ASN H 214 105.18 -16.17 -30.76
N ASP H 215 105.00 -16.29 -29.43
CA ASP H 215 105.91 -15.77 -28.42
C ASP H 215 107.27 -16.48 -28.33
N ASN H 216 107.26 -17.82 -28.38
CA ASN H 216 108.41 -18.68 -28.43
C ASN H 216 108.26 -19.59 -29.65
N SER H 217 109.14 -19.41 -30.67
CA SER H 217 109.16 -20.26 -31.85
C SER H 217 110.57 -20.70 -32.21
N SER H 218 110.81 -22.03 -32.28
CA SER H 218 112.08 -22.59 -32.72
C SER H 218 112.35 -22.38 -34.19
N ARG H 219 113.49 -21.75 -34.52
CA ARG H 219 113.84 -21.42 -35.89
C ARG H 219 114.97 -22.31 -36.38
N PHE H 220 114.91 -23.60 -36.00
CA PHE H 220 115.88 -24.62 -36.33
C PHE H 220 115.26 -25.99 -36.15
N GLY H 221 115.96 -27.06 -36.59
CA GLY H 221 115.62 -28.44 -36.26
C GLY H 221 116.57 -28.98 -35.23
N LYS H 222 116.04 -29.69 -34.21
CA LYS H 222 116.84 -30.25 -33.12
C LYS H 222 116.65 -31.74 -33.10
N TYR H 223 117.75 -32.51 -33.20
CA TYR H 223 117.69 -33.95 -33.23
C TYR H 223 118.46 -34.49 -32.04
N ILE H 224 117.78 -35.14 -31.08
CA ILE H 224 118.44 -35.73 -29.92
C ILE H 224 118.47 -37.23 -30.14
N GLU H 225 119.67 -37.80 -30.31
CA GLU H 225 119.93 -39.20 -30.52
C GLU H 225 120.15 -39.89 -29.19
N ILE H 226 119.32 -40.89 -28.85
CA ILE H 226 119.43 -41.60 -27.58
C ILE H 226 120.23 -42.86 -27.78
N GLY H 227 121.41 -43.00 -27.15
CA GLY H 227 122.33 -44.09 -27.42
C GLY H 227 122.13 -45.29 -26.53
N PHE H 228 122.18 -46.49 -27.16
CA PHE H 228 121.96 -47.79 -26.54
C PHE H 228 123.15 -48.72 -26.74
N ASP H 229 123.56 -49.49 -25.70
CA ASP H 229 124.57 -50.55 -25.77
C ASP H 229 123.99 -51.89 -26.23
N LYS H 230 124.87 -52.91 -26.45
CA LYS H 230 124.60 -54.25 -26.92
C LYS H 230 124.01 -55.21 -25.90
N ARG H 231 123.23 -54.63 -25.00
CA ARG H 231 122.39 -55.27 -24.01
C ARG H 231 121.13 -54.40 -23.88
N TYR H 232 120.91 -53.46 -24.84
CA TYR H 232 119.84 -52.48 -24.90
C TYR H 232 119.51 -51.73 -23.60
N ARG H 233 120.36 -50.72 -23.27
CA ARG H 233 120.22 -49.91 -22.07
C ARG H 233 120.62 -48.50 -22.41
N ILE H 234 119.90 -47.47 -21.88
CA ILE H 234 120.30 -46.07 -21.98
C ILE H 234 121.70 -45.80 -21.43
N ILE H 235 122.58 -45.21 -22.26
CA ILE H 235 123.94 -44.89 -21.84
C ILE H 235 124.29 -43.43 -22.04
N GLY H 236 123.70 -42.75 -23.04
CA GLY H 236 124.01 -41.35 -23.28
C GLY H 236 123.12 -40.81 -24.35
N ALA H 237 123.40 -39.59 -24.83
CA ALA H 237 122.66 -39.00 -25.92
C ALA H 237 123.56 -38.04 -26.69
N ASN H 238 123.13 -37.68 -27.91
CA ASN H 238 123.88 -36.80 -28.78
C ASN H 238 122.89 -35.85 -29.44
N MET H 239 123.19 -34.53 -29.45
CA MET H 239 122.36 -33.53 -30.09
C MET H 239 122.96 -33.14 -31.44
N ARG H 240 122.11 -33.10 -32.48
CA ARG H 240 122.44 -32.53 -33.77
C ARG H 240 121.50 -31.37 -34.07
N THR H 241 122.01 -30.29 -34.69
CA THR H 241 121.25 -29.11 -35.06
C THR H 241 121.29 -28.90 -36.56
N TYR H 242 120.15 -28.46 -37.15
CA TYR H 242 120.05 -28.26 -38.58
C TYR H 242 119.18 -27.06 -38.85
N LEU H 243 119.23 -26.51 -40.09
CA LEU H 243 118.27 -25.56 -40.64
C LEU H 243 118.07 -24.25 -39.88
N LEU H 244 119.14 -23.65 -39.32
CA LEU H 244 119.05 -22.41 -38.57
C LEU H 244 118.70 -21.16 -39.39
N GLU H 245 117.73 -20.34 -38.92
CA GLU H 245 117.46 -19.01 -39.47
C GLU H 245 118.59 -18.02 -39.23
N LYS H 246 119.61 -18.01 -40.13
CA LYS H 246 120.71 -17.07 -40.06
C LYS H 246 120.31 -15.61 -40.25
N SER H 247 119.31 -15.34 -41.11
CA SER H 247 118.81 -14.02 -41.47
C SER H 247 118.32 -13.21 -40.27
N ARG H 248 117.66 -13.88 -39.30
CA ARG H 248 117.13 -13.30 -38.09
C ARG H 248 118.14 -12.57 -37.20
N VAL H 249 119.43 -12.96 -37.27
CA VAL H 249 120.52 -12.35 -36.51
C VAL H 249 120.69 -10.86 -36.81
N VAL H 250 120.47 -10.43 -38.06
CA VAL H 250 120.67 -9.02 -38.43
C VAL H 250 119.42 -8.35 -38.97
N PHE H 251 118.29 -9.06 -39.13
CA PHE H 251 117.05 -8.50 -39.66
C PHE H 251 115.90 -8.95 -38.76
N GLN H 252 114.91 -8.06 -38.55
CA GLN H 252 113.63 -8.44 -37.99
C GLN H 252 112.56 -7.65 -38.72
N ALA H 253 111.36 -8.22 -38.87
CA ALA H 253 110.20 -7.53 -39.40
C ALA H 253 109.32 -7.11 -38.23
N GLU H 254 108.32 -6.25 -38.48
CA GLU H 254 107.36 -5.76 -37.50
C GLU H 254 106.78 -6.79 -36.52
N GLU H 255 106.87 -6.52 -35.21
CA GLU H 255 106.43 -7.35 -34.12
C GLU H 255 107.13 -8.72 -34.04
N GLU H 256 108.44 -8.72 -34.30
CA GLU H 256 109.31 -9.87 -34.14
C GLU H 256 110.57 -9.46 -33.40
N ARG H 257 111.20 -10.41 -32.68
CA ARG H 257 112.46 -10.19 -31.99
C ARG H 257 113.54 -11.03 -32.66
N ASN H 258 114.83 -10.67 -32.44
CA ASN H 258 115.98 -11.55 -32.62
C ASN H 258 115.89 -12.77 -31.68
N TYR H 259 116.86 -13.69 -31.71
CA TYR H 259 116.94 -14.81 -30.77
C TYR H 259 116.96 -14.35 -29.31
N HIS H 260 116.33 -15.13 -28.41
CA HIS H 260 116.03 -14.71 -27.05
C HIS H 260 117.22 -14.23 -26.25
N ILE H 261 118.39 -14.90 -26.37
CA ILE H 261 119.60 -14.64 -25.60
C ILE H 261 120.06 -13.18 -25.64
N PHE H 262 119.90 -12.48 -26.77
CA PHE H 262 120.20 -11.07 -26.90
C PHE H 262 119.38 -10.17 -25.98
N TYR H 263 118.09 -10.47 -25.81
CA TYR H 263 117.17 -9.73 -24.96
C TYR H 263 117.40 -10.01 -23.49
N GLN H 264 117.69 -11.28 -23.16
CA GLN H 264 118.07 -11.75 -21.84
C GLN H 264 119.33 -11.03 -21.36
N LEU H 265 120.28 -10.80 -22.29
CA LEU H 265 121.45 -9.97 -22.07
C LEU H 265 121.20 -8.48 -21.84
N CYS H 266 120.35 -7.81 -22.66
CA CYS H 266 120.00 -6.40 -22.47
C CYS H 266 119.25 -6.12 -21.18
N ALA H 267 118.32 -7.01 -20.77
CA ALA H 267 117.58 -6.85 -19.53
C ALA H 267 118.47 -7.10 -18.30
N SER H 268 119.60 -7.79 -18.51
CA SER H 268 120.59 -8.08 -17.47
C SER H 268 121.75 -7.08 -17.48
N ALA H 269 121.65 -5.98 -18.26
CA ALA H 269 122.72 -5.03 -18.48
C ALA H 269 123.27 -4.25 -17.28
N ALA H 270 122.43 -3.92 -16.29
CA ALA H 270 122.84 -3.08 -15.17
C ALA H 270 123.50 -3.91 -14.05
N LEU H 271 123.52 -5.25 -14.21
CA LEU H 271 124.18 -6.20 -13.35
C LEU H 271 125.72 -6.06 -13.28
N PRO H 272 126.38 -6.36 -12.16
CA PRO H 272 127.76 -5.96 -11.95
C PRO H 272 128.76 -6.72 -12.82
N GLU H 273 128.57 -8.02 -13.12
CA GLU H 273 129.52 -8.79 -13.89
C GLU H 273 129.43 -8.44 -15.38
N PHE H 274 128.28 -7.89 -15.80
CA PHE H 274 128.01 -7.60 -17.19
C PHE H 274 128.42 -6.18 -17.60
N LYS H 275 128.99 -5.37 -16.70
CA LYS H 275 129.32 -3.99 -17.01
C LYS H 275 130.46 -3.78 -17.99
N THR H 276 131.33 -4.79 -18.22
CA THR H 276 132.35 -4.72 -19.26
C THR H 276 131.77 -4.97 -20.64
N LEU H 277 130.54 -5.51 -20.72
CA LEU H 277 129.84 -5.74 -21.96
C LEU H 277 129.16 -4.46 -22.46
N ARG H 278 128.96 -3.47 -21.57
CA ARG H 278 128.60 -2.09 -21.90
C ARG H 278 127.29 -1.87 -22.67
N LEU H 279 126.24 -2.59 -22.27
CA LEU H 279 124.96 -2.61 -22.95
C LEU H 279 124.01 -1.50 -22.52
N GLY H 280 123.14 -1.06 -23.46
CA GLY H 280 121.94 -0.28 -23.14
C GLY H 280 120.72 -1.15 -23.35
N ASN H 281 119.53 -0.54 -23.38
CA ASN H 281 118.29 -1.26 -23.64
C ASN H 281 118.17 -1.77 -25.08
N ALA H 282 117.12 -2.55 -25.38
CA ALA H 282 116.96 -3.17 -26.68
C ALA H 282 116.69 -2.20 -27.84
N ASN H 283 116.20 -0.99 -27.56
CA ASN H 283 115.98 0.01 -28.60
C ASN H 283 117.28 0.69 -29.03
N TYR H 284 118.38 0.52 -28.27
CA TYR H 284 119.68 1.02 -28.62
C TYR H 284 120.30 0.34 -29.85
N PHE H 285 120.32 -1.01 -29.87
CA PHE H 285 121.09 -1.79 -30.83
C PHE H 285 120.30 -2.11 -32.10
N HIS H 286 120.91 -1.90 -33.28
CA HIS H 286 120.34 -2.15 -34.60
C HIS H 286 119.88 -3.58 -34.82
N TYR H 287 120.61 -4.56 -34.27
CA TYR H 287 120.23 -5.96 -34.42
C TYR H 287 119.13 -6.41 -33.45
N THR H 288 118.65 -5.58 -32.50
CA THR H 288 117.54 -5.96 -31.61
C THR H 288 116.37 -5.00 -31.60
N LYS H 289 116.38 -3.91 -32.39
CA LYS H 289 115.34 -2.89 -32.32
C LYS H 289 114.39 -2.86 -33.50
N GLN H 290 114.64 -3.66 -34.56
CA GLN H 290 113.97 -3.48 -35.84
C GLN H 290 112.48 -3.72 -35.82
N GLY H 291 112.02 -4.78 -35.13
CA GLY H 291 110.61 -5.13 -35.08
C GLY H 291 109.75 -4.39 -34.11
N GLY H 292 110.33 -3.46 -33.32
CA GLY H 292 109.56 -2.60 -32.41
C GLY H 292 109.05 -3.26 -31.15
N SER H 293 109.26 -4.58 -31.02
CA SER H 293 108.77 -5.40 -29.92
C SER H 293 109.96 -5.71 -29.01
N PRO H 294 110.09 -5.18 -27.80
CA PRO H 294 111.35 -5.35 -27.07
C PRO H 294 111.11 -6.31 -25.93
N VAL H 295 109.85 -6.50 -25.51
CA VAL H 295 109.41 -7.21 -24.31
C VAL H 295 108.30 -8.12 -24.77
N ILE H 296 108.27 -9.36 -24.27
CA ILE H 296 107.17 -10.27 -24.52
C ILE H 296 106.28 -10.18 -23.29
N ASP H 297 104.94 -10.10 -23.47
CA ASP H 297 104.03 -10.10 -22.35
C ASP H 297 104.21 -11.37 -21.48
N GLY H 298 104.24 -11.15 -20.15
CA GLY H 298 104.44 -12.19 -19.15
C GLY H 298 105.83 -12.73 -18.93
N ILE H 299 106.87 -12.26 -19.65
CA ILE H 299 108.21 -12.83 -19.52
C ILE H 299 109.17 -11.80 -18.94
N ASP H 300 109.90 -12.20 -17.89
CA ASP H 300 111.02 -11.44 -17.39
C ASP H 300 112.25 -12.03 -18.07
N ASP H 301 112.79 -11.33 -19.08
CA ASP H 301 113.97 -11.74 -19.82
C ASP H 301 115.21 -11.90 -18.91
N ALA H 302 115.31 -11.09 -17.82
CA ALA H 302 116.36 -11.19 -16.82
C ALA H 302 116.29 -12.46 -15.96
N LYS H 303 115.09 -12.85 -15.49
CA LYS H 303 114.89 -14.11 -14.78
C LYS H 303 115.22 -15.32 -15.65
N GLU H 304 114.82 -15.29 -16.93
CA GLU H 304 115.22 -16.31 -17.89
C GLU H 304 116.71 -16.38 -18.15
N MET H 305 117.43 -15.26 -18.12
CA MET H 305 118.89 -15.28 -18.09
C MET H 305 119.48 -15.97 -16.86
N VAL H 306 118.88 -15.79 -15.67
CA VAL H 306 119.26 -16.49 -14.46
C VAL H 306 119.10 -18.00 -14.62
N ASN H 307 117.95 -18.46 -15.17
CA ASN H 307 117.68 -19.85 -15.52
C ASN H 307 118.65 -20.40 -16.59
N THR H 308 118.93 -19.61 -17.64
CA THR H 308 119.88 -19.94 -18.73
C THR H 308 121.28 -20.17 -18.23
N ARG H 309 121.79 -19.26 -17.36
CA ARG H 309 123.10 -19.40 -16.73
C ARG H 309 123.17 -20.62 -15.83
N GLN H 310 122.11 -20.87 -15.03
CA GLN H 310 122.01 -22.05 -14.19
C GLN H 310 122.08 -23.37 -14.95
N ALA H 311 121.39 -23.47 -16.11
CA ALA H 311 121.50 -24.61 -16.99
C ALA H 311 122.88 -24.86 -17.58
N CYS H 312 123.61 -23.79 -17.97
CA CYS H 312 125.00 -23.87 -18.39
C CYS H 312 125.92 -24.39 -17.30
N THR H 313 125.71 -23.95 -16.04
CA THR H 313 126.38 -24.45 -14.85
C THR H 313 126.14 -25.95 -14.63
N LEU H 314 124.89 -26.44 -14.79
CA LEU H 314 124.55 -27.86 -14.70
C LEU H 314 125.26 -28.74 -15.72
N LEU H 315 125.41 -28.26 -16.96
CA LEU H 315 126.04 -29.02 -18.04
C LEU H 315 127.52 -28.71 -18.21
N GLY H 316 128.17 -28.12 -17.18
CA GLY H 316 129.63 -28.09 -17.14
C GLY H 316 130.31 -27.04 -17.97
N ILE H 317 129.56 -26.04 -18.48
CA ILE H 317 130.18 -24.90 -19.14
C ILE H 317 130.70 -23.99 -18.05
N SER H 318 132.01 -24.09 -17.74
CA SER H 318 132.64 -23.36 -16.65
C SER H 318 132.39 -21.86 -16.74
N ASP H 319 132.18 -21.17 -15.60
CA ASP H 319 131.83 -19.77 -15.50
C ASP H 319 132.77 -18.82 -16.27
N SER H 320 134.05 -19.22 -16.41
CA SER H 320 134.99 -18.62 -17.33
C SER H 320 134.62 -18.66 -18.81
N TYR H 321 134.11 -19.80 -19.31
CA TYR H 321 133.54 -19.97 -20.63
C TYR H 321 132.17 -19.34 -20.78
N GLN H 322 131.31 -19.32 -19.72
CA GLN H 322 130.02 -18.64 -19.77
C GLN H 322 130.15 -17.16 -20.10
N MET H 323 131.09 -16.47 -19.41
CA MET H 323 131.46 -15.09 -19.73
C MET H 323 132.01 -14.94 -21.13
N GLY H 324 132.75 -15.95 -21.62
CA GLY H 324 133.13 -16.12 -23.01
C GLY H 324 132.00 -15.97 -24.00
N ILE H 325 130.89 -16.72 -23.83
CA ILE H 325 129.73 -16.69 -24.73
C ILE H 325 129.05 -15.33 -24.76
N PHE H 326 128.74 -14.78 -23.56
CA PHE H 326 128.05 -13.50 -23.40
C PHE H 326 128.84 -12.34 -23.97
N ARG H 327 130.17 -12.37 -23.80
CA ARG H 327 131.08 -11.41 -24.37
C ARG H 327 131.11 -11.39 -25.90
N ILE H 328 131.09 -12.56 -26.57
CA ILE H 328 130.98 -12.64 -28.02
C ILE H 328 129.64 -12.07 -28.50
N LEU H 329 128.52 -12.42 -27.84
CA LEU H 329 127.20 -11.89 -28.15
C LEU H 329 127.09 -10.38 -28.01
N ALA H 330 127.68 -9.79 -26.94
CA ALA H 330 127.80 -8.35 -26.78
C ALA H 330 128.57 -7.68 -27.91
N GLY H 331 129.64 -8.33 -28.41
CA GLY H 331 130.38 -7.83 -29.56
C GLY H 331 129.61 -7.86 -30.85
N ILE H 332 128.79 -8.91 -31.09
CA ILE H 332 127.87 -8.98 -32.22
C ILE H 332 126.85 -7.83 -32.15
N LEU H 333 126.30 -7.55 -30.96
CA LEU H 333 125.43 -6.41 -30.74
C LEU H 333 126.06 -5.05 -31.01
N HIS H 334 127.27 -4.78 -30.50
CA HIS H 334 128.02 -3.56 -30.78
C HIS H 334 128.47 -3.41 -32.22
N LEU H 335 128.87 -4.52 -32.88
CA LEU H 335 129.21 -4.58 -34.30
C LEU H 335 128.08 -4.08 -35.18
N GLY H 336 126.82 -4.39 -34.79
CA GLY H 336 125.63 -3.95 -35.51
C GLY H 336 125.36 -2.47 -35.53
N ASN H 337 125.95 -1.68 -34.61
CA ASN H 337 125.78 -0.24 -34.59
C ASN H 337 126.97 0.49 -35.22
N VAL H 338 127.94 -0.24 -35.83
CA VAL H 338 128.97 0.39 -36.65
C VAL H 338 128.33 1.01 -37.90
N GLU H 339 128.37 2.36 -38.01
CA GLU H 339 127.86 3.05 -39.18
C GLU H 339 129.02 3.44 -40.08
N PHE H 340 128.73 3.49 -41.39
CA PHE H 340 129.66 3.68 -42.46
C PHE H 340 129.38 4.97 -43.17
N ALA H 341 130.35 5.86 -43.42
CA ALA H 341 130.02 7.08 -44.15
C ALA H 341 130.66 7.05 -45.53
N SER H 342 129.84 7.22 -46.60
CA SER H 342 130.29 7.22 -47.99
C SER H 342 131.29 8.32 -48.31
N ARG H 343 132.27 8.01 -49.16
CA ARG H 343 133.38 8.87 -49.52
C ARG H 343 133.58 8.70 -51.02
N ASP H 344 134.51 9.47 -51.63
CA ASP H 344 134.81 9.47 -53.06
C ASP H 344 134.93 8.08 -53.73
N SER H 345 134.63 8.03 -55.05
CA SER H 345 134.86 6.89 -55.93
C SER H 345 134.19 5.60 -55.49
N ASP H 346 132.91 5.71 -55.10
CA ASP H 346 132.08 4.72 -54.41
C ASP H 346 132.83 3.91 -53.34
N SER H 347 133.10 4.57 -52.20
CA SER H 347 133.82 3.99 -51.09
C SER H 347 133.25 4.47 -49.77
N CYS H 348 133.80 4.02 -48.64
CA CYS H 348 133.28 4.38 -47.34
C CYS H 348 134.37 4.39 -46.30
N ALA H 349 134.09 5.02 -45.15
CA ALA H 349 134.95 4.94 -43.99
C ALA H 349 134.15 5.17 -42.73
N ILE H 350 134.55 4.54 -41.60
CA ILE H 350 134.01 4.75 -40.26
C ILE H 350 134.18 6.20 -39.78
N PRO H 351 133.29 6.81 -38.98
CA PRO H 351 133.51 8.13 -38.39
C PRO H 351 134.62 8.15 -37.33
N PRO H 352 135.37 9.24 -37.15
CA PRO H 352 136.55 9.26 -36.29
C PRO H 352 136.28 8.90 -34.83
N LYS H 353 137.03 7.94 -34.23
CA LYS H 353 136.83 7.50 -32.84
C LYS H 353 135.41 6.95 -32.59
N HIS H 354 135.03 5.87 -33.29
CA HIS H 354 133.64 5.44 -33.26
C HIS H 354 133.32 4.56 -32.06
N ASP H 355 132.42 5.03 -31.19
CA ASP H 355 131.99 4.46 -29.93
C ASP H 355 131.47 3.02 -30.04
N PRO H 356 130.62 2.59 -30.98
CA PRO H 356 130.33 1.18 -31.14
C PRO H 356 131.52 0.32 -31.55
N LEU H 357 132.36 0.78 -32.49
CA LEU H 357 133.53 0.05 -32.95
C LEU H 357 134.61 -0.11 -31.89
N THR H 358 134.84 0.96 -31.10
CA THR H 358 135.80 0.97 -29.98
C THR H 358 135.45 -0.09 -28.95
N ILE H 359 134.15 -0.19 -28.59
CA ILE H 359 133.65 -1.24 -27.71
C ILE H 359 133.81 -2.62 -28.35
N PHE H 360 133.46 -2.82 -29.64
CA PHE H 360 133.62 -4.10 -30.32
C PHE H 360 135.07 -4.62 -30.28
N CYS H 361 136.04 -3.77 -30.63
CA CYS H 361 137.45 -4.12 -30.61
C CYS H 361 138.00 -4.42 -29.22
N ASP H 362 137.62 -3.62 -28.18
CA ASP H 362 137.93 -3.87 -26.78
C ASP H 362 137.44 -5.24 -26.32
N LEU H 363 136.17 -5.58 -26.64
CA LEU H 363 135.59 -6.82 -26.20
C LEU H 363 136.27 -8.06 -26.78
N MET H 364 136.63 -8.01 -28.08
CA MET H 364 137.26 -9.09 -28.81
C MET H 364 138.78 -9.17 -28.63
N GLY H 365 139.46 -8.04 -28.35
CA GLY H 365 140.90 -7.99 -28.06
C GLY H 365 141.79 -7.87 -29.27
N VAL H 366 141.25 -7.30 -30.35
CA VAL H 366 141.91 -7.09 -31.62
C VAL H 366 142.36 -5.65 -31.72
N ASP H 367 143.21 -5.32 -32.71
CA ASP H 367 143.52 -3.93 -33.01
C ASP H 367 142.25 -3.20 -33.53
N TYR H 368 142.13 -1.90 -33.24
CA TYR H 368 141.05 -1.06 -33.72
C TYR H 368 141.23 -0.76 -35.20
N GLU H 369 142.45 -0.35 -35.58
CA GLU H 369 142.75 0.14 -36.91
C GLU H 369 142.83 -0.96 -37.95
N GLU H 370 143.39 -2.13 -37.58
CA GLU H 370 143.36 -3.31 -38.42
C GLU H 370 141.93 -3.71 -38.81
N MET H 371 141.00 -3.73 -37.84
CA MET H 371 139.61 -4.01 -38.12
C MET H 371 138.89 -2.94 -38.90
N ALA H 372 139.09 -1.64 -38.58
CA ALA H 372 138.48 -0.51 -39.24
C ALA H 372 138.84 -0.45 -40.72
N HIS H 373 140.12 -0.73 -41.04
CA HIS H 373 140.60 -0.90 -42.39
C HIS H 373 139.85 -2.00 -43.15
N TRP H 374 139.71 -3.20 -42.57
CA TRP H 374 139.19 -4.32 -43.32
C TRP H 374 137.66 -4.43 -43.30
N LEU H 375 136.96 -3.56 -42.55
CA LEU H 375 135.56 -3.29 -42.76
C LEU H 375 135.27 -2.59 -44.09
N CYS H 376 136.19 -1.72 -44.56
CA CYS H 376 135.93 -0.84 -45.69
C CYS H 376 136.74 -1.19 -46.93
N HIS H 377 137.59 -2.23 -46.83
CA HIS H 377 138.54 -2.58 -47.86
C HIS H 377 138.52 -4.06 -48.12
N ARG H 378 139.03 -4.48 -49.29
CA ARG H 378 139.03 -5.87 -49.64
C ARG H 378 140.24 -6.21 -50.47
N LYS H 379 140.89 -7.36 -50.22
CA LYS H 379 141.85 -7.95 -51.15
C LYS H 379 141.19 -8.28 -52.49
N LEU H 380 141.81 -7.91 -53.63
CA LEU H 380 141.46 -8.42 -54.94
C LEU H 380 142.74 -9.12 -55.37
N ALA H 381 142.69 -10.45 -55.56
CA ALA H 381 143.87 -11.24 -55.86
C ALA H 381 143.68 -12.11 -57.11
N THR H 386 147.80 -9.15 -56.23
CA THR H 386 147.35 -8.71 -54.93
C THR H 386 147.26 -7.19 -54.79
N TYR H 387 146.08 -6.60 -55.07
CA TYR H 387 145.85 -5.17 -54.97
C TYR H 387 144.69 -4.90 -54.00
N ILE H 388 144.80 -3.84 -53.17
CA ILE H 388 143.82 -3.51 -52.14
C ILE H 388 142.78 -2.56 -52.73
N LYS H 389 141.47 -2.90 -52.71
CA LYS H 389 140.48 -2.00 -53.29
C LYS H 389 139.30 -1.65 -52.36
N PRO H 390 139.02 -0.37 -52.09
CA PRO H 390 137.77 0.08 -51.46
C PRO H 390 136.44 -0.50 -51.90
N ILE H 391 135.49 -0.71 -50.99
CA ILE H 391 134.17 -1.21 -51.33
C ILE H 391 133.11 -0.11 -51.15
N SER H 392 132.00 -0.18 -51.88
CA SER H 392 130.84 0.71 -51.74
C SER H 392 130.17 0.63 -50.38
N LYS H 393 129.37 1.65 -49.99
CA LYS H 393 128.70 1.64 -48.69
C LYS H 393 127.83 0.40 -48.45
N LEU H 394 127.01 0.01 -49.44
CA LEU H 394 126.16 -1.18 -49.35
C LEU H 394 126.94 -2.49 -49.22
N HIS H 395 128.08 -2.63 -49.93
CA HIS H 395 128.95 -3.79 -49.83
C HIS H 395 129.63 -3.96 -48.47
N ALA H 396 129.96 -2.85 -47.77
CA ALA H 396 130.44 -2.89 -46.41
C ALA H 396 129.39 -3.40 -45.41
N ILE H 397 128.14 -2.92 -45.54
CA ILE H 397 127.01 -3.34 -44.71
C ILE H 397 126.69 -4.83 -44.89
N ASN H 398 126.62 -5.32 -46.13
CA ASN H 398 126.42 -6.74 -46.40
C ASN H 398 127.52 -7.63 -45.81
N ALA H 399 128.78 -7.18 -45.85
CA ALA H 399 129.89 -7.86 -45.23
C ALA H 399 129.88 -7.85 -43.70
N ARG H 400 129.50 -6.73 -43.06
CA ARG H 400 129.32 -6.62 -41.61
C ARG H 400 128.30 -7.64 -41.11
N ASP H 401 127.15 -7.73 -41.81
CA ASP H 401 126.08 -8.66 -41.51
C ASP H 401 126.50 -10.10 -41.74
N ALA H 402 127.27 -10.37 -42.81
CA ALA H 402 127.86 -11.66 -43.08
C ALA H 402 128.79 -12.14 -41.97
N LEU H 403 129.63 -11.24 -41.42
CA LEU H 403 130.44 -11.52 -40.26
C LEU H 403 129.65 -11.78 -38.99
N ALA H 404 128.62 -10.95 -38.67
CA ALA H 404 127.75 -11.15 -37.51
C ALA H 404 127.04 -12.51 -37.55
N LYS H 405 126.49 -12.85 -38.73
CA LYS H 405 125.91 -14.14 -39.02
C LYS H 405 126.89 -15.32 -38.96
N HIS H 406 128.13 -15.16 -39.46
CA HIS H 406 129.16 -16.19 -39.33
C HIS H 406 129.54 -16.46 -37.88
N ILE H 407 129.79 -15.41 -37.06
CA ILE H 407 130.19 -15.58 -35.67
C ILE H 407 129.11 -16.29 -34.85
N TYR H 408 127.84 -15.90 -35.04
CA TYR H 408 126.72 -16.53 -34.38
C TYR H 408 126.57 -18.01 -34.72
N ALA H 409 126.70 -18.39 -36.00
CA ALA H 409 126.63 -19.78 -36.43
C ALA H 409 127.68 -20.66 -35.77
N ASN H 410 128.93 -20.18 -35.70
CA ASN H 410 130.01 -20.88 -35.03
C ASN H 410 129.88 -20.93 -33.51
N LEU H 411 129.43 -19.84 -32.85
CA LEU H 411 129.15 -19.83 -31.43
C LEU H 411 128.02 -20.79 -31.05
N PHE H 412 126.96 -20.83 -31.88
CA PHE H 412 125.86 -21.78 -31.79
C PHE H 412 126.32 -23.23 -31.88
N ASN H 413 127.20 -23.56 -32.84
CA ASN H 413 127.83 -24.88 -32.94
C ASN H 413 128.66 -25.22 -31.71
N TRP H 414 129.48 -24.27 -31.21
CA TRP H 414 130.35 -24.48 -30.06
C TRP H 414 129.60 -24.84 -28.78
N ILE H 415 128.47 -24.16 -28.53
CA ILE H 415 127.58 -24.48 -27.42
C ILE H 415 127.01 -25.88 -27.55
N VAL H 416 126.56 -26.30 -28.76
CA VAL H 416 126.09 -27.66 -29.02
C VAL H 416 127.16 -28.71 -28.81
N ASP H 417 128.42 -28.49 -29.28
CA ASP H 417 129.54 -29.38 -29.01
C ASP H 417 129.78 -29.56 -27.51
N HIS H 418 129.82 -28.47 -26.73
CA HIS H 418 130.04 -28.58 -25.29
C HIS H 418 128.86 -29.10 -24.49
N VAL H 419 127.60 -28.82 -24.88
CA VAL H 419 126.42 -29.48 -24.32
C VAL H 419 126.47 -30.98 -24.54
N ASN H 420 126.92 -31.42 -25.74
CA ASN H 420 127.19 -32.81 -26.05
C ASN H 420 128.20 -33.47 -25.12
N LYS H 421 129.24 -32.78 -24.65
CA LYS H 421 130.26 -33.34 -23.78
C LYS H 421 129.77 -33.66 -22.37
N ALA H 422 128.64 -33.06 -21.94
CA ALA H 422 127.97 -33.43 -20.72
C ALA H 422 126.97 -34.56 -20.91
N LEU H 423 126.66 -34.92 -22.17
CA LEU H 423 125.62 -35.88 -22.50
C LEU H 423 126.17 -37.15 -23.13
N HIS H 424 127.47 -37.12 -23.52
CA HIS H 424 128.26 -38.23 -23.98
C HIS H 424 128.46 -39.36 -22.98
N SER H 425 128.64 -40.60 -23.47
CA SER H 425 128.88 -41.75 -22.61
C SER H 425 130.27 -42.32 -22.86
N THR H 426 130.86 -42.94 -21.83
CA THR H 426 132.15 -43.62 -21.93
C THR H 426 131.97 -45.07 -22.37
N VAL H 427 130.73 -45.58 -22.31
CA VAL H 427 130.38 -46.90 -22.78
C VAL H 427 130.17 -46.85 -24.29
N LYS H 428 130.63 -47.88 -25.04
CA LYS H 428 130.44 -47.90 -26.47
C LYS H 428 129.00 -48.22 -26.88
N GLN H 429 128.38 -47.31 -27.63
CA GLN H 429 127.11 -47.50 -28.30
C GLN H 429 127.05 -48.62 -29.35
N HIS H 430 125.90 -49.31 -29.40
CA HIS H 430 125.47 -50.28 -30.39
C HIS H 430 124.53 -49.59 -31.35
N SER H 431 123.42 -49.03 -30.83
CA SER H 431 122.33 -48.50 -31.64
C SER H 431 121.77 -47.24 -31.02
N PHE H 432 120.90 -46.50 -31.73
CA PHE H 432 120.25 -45.31 -31.20
C PHE H 432 118.80 -45.15 -31.63
N ILE H 433 118.03 -44.35 -30.87
CA ILE H 433 116.73 -43.86 -31.28
C ILE H 433 116.81 -42.35 -31.21
N GLY H 434 116.63 -41.64 -32.33
CA GLY H 434 116.67 -40.18 -32.35
C GLY H 434 115.30 -39.60 -32.33
N VAL H 435 115.12 -38.45 -31.67
CA VAL H 435 113.86 -37.71 -31.70
C VAL H 435 114.12 -36.40 -32.40
N LEU H 436 113.40 -36.15 -33.53
CA LEU H 436 113.52 -34.93 -34.31
C LEU H 436 112.40 -33.99 -33.94
N ASP H 437 112.77 -32.82 -33.40
CA ASP H 437 111.87 -31.73 -33.11
C ASP H 437 112.02 -30.72 -34.24
N ILE H 438 110.96 -30.53 -35.05
CA ILE H 438 111.02 -29.70 -36.26
C ILE H 438 109.67 -29.05 -36.52
N TYR H 439 109.66 -27.85 -37.14
CA TYR H 439 108.47 -27.16 -37.63
C TYR H 439 107.58 -27.92 -38.62
N GLY H 440 106.48 -27.27 -39.06
CA GLY H 440 105.61 -27.76 -40.13
C GLY H 440 105.56 -26.72 -41.21
N PHE H 441 104.53 -26.72 -42.09
CA PHE H 441 104.36 -25.66 -43.07
C PHE H 441 104.04 -24.32 -42.39
N GLU H 442 104.76 -23.24 -42.73
CA GLU H 442 104.56 -21.92 -42.13
C GLU H 442 104.00 -21.01 -43.19
N THR H 443 102.76 -20.55 -42.98
CA THR H 443 102.07 -19.66 -43.90
C THR H 443 101.50 -18.52 -43.11
N PHE H 444 101.93 -17.29 -43.41
CA PHE H 444 101.40 -16.06 -42.86
C PHE H 444 100.74 -15.33 -44.03
N GLU H 445 100.24 -14.12 -43.80
CA GLU H 445 99.64 -13.26 -44.81
C GLU H 445 100.66 -12.59 -45.71
N ILE H 446 101.88 -12.36 -45.20
CA ILE H 446 103.00 -11.91 -45.99
C ILE H 446 104.07 -12.98 -45.81
N ASN H 447 104.40 -13.72 -46.89
CA ASN H 447 105.36 -14.80 -46.81
C ASN H 447 106.63 -14.38 -47.52
N SER H 448 107.80 -14.65 -46.91
CA SER H 448 109.09 -14.24 -47.44
C SER H 448 110.02 -15.46 -47.52
N PHE H 449 111.35 -15.21 -47.53
CA PHE H 449 112.42 -16.18 -47.66
C PHE H 449 112.44 -17.22 -46.55
N GLU H 450 112.21 -16.79 -45.30
CA GLU H 450 112.16 -17.63 -44.12
C GLU H 450 111.09 -18.72 -44.23
N GLN H 451 109.87 -18.33 -44.65
CA GLN H 451 108.77 -19.23 -44.92
C GLN H 451 109.04 -20.19 -46.07
N PHE H 452 109.66 -19.68 -47.16
CA PHE H 452 110.04 -20.46 -48.33
C PHE H 452 110.99 -21.60 -47.97
N CYS H 453 112.00 -21.30 -47.13
CA CYS H 453 112.93 -22.27 -46.61
C CYS H 453 112.29 -23.33 -45.72
N ILE H 454 111.38 -22.93 -44.81
CA ILE H 454 110.63 -23.85 -43.97
C ILE H 454 109.78 -24.82 -44.76
N ASN H 455 109.01 -24.32 -45.75
CA ASN H 455 108.16 -25.14 -46.59
C ASN H 455 108.96 -26.08 -47.51
N TYR H 456 110.12 -25.63 -48.03
CA TYR H 456 111.08 -26.45 -48.75
C TYR H 456 111.61 -27.63 -47.95
N ALA H 457 111.95 -27.44 -46.66
CA ALA H 457 112.31 -28.53 -45.77
C ALA H 457 111.18 -29.53 -45.53
N ASN H 458 109.95 -29.02 -45.36
CA ASN H 458 108.75 -29.82 -45.21
C ASN H 458 108.45 -30.70 -46.43
N GLU H 459 108.63 -30.20 -47.66
CA GLU H 459 108.52 -31.00 -48.87
C GLU H 459 109.50 -32.19 -48.92
N LYS H 460 110.78 -31.99 -48.49
CA LYS H 460 111.73 -33.09 -48.36
C LYS H 460 111.30 -34.16 -47.33
N LEU H 461 110.81 -33.74 -46.15
CA LEU H 461 110.30 -34.65 -45.13
C LEU H 461 109.04 -35.40 -45.54
N GLN H 462 108.06 -34.71 -46.15
CA GLN H 462 106.83 -35.30 -46.61
C GLN H 462 107.06 -36.34 -47.72
N GLN H 463 108.06 -36.12 -48.61
CA GLN H 463 108.53 -37.11 -49.57
C GLN H 463 109.01 -38.43 -48.95
N GLN H 464 109.83 -38.37 -47.86
CA GLN H 464 110.25 -39.57 -47.14
C GLN H 464 109.07 -40.30 -46.50
N PHE H 465 108.13 -39.52 -45.91
CA PHE H 465 106.90 -40.04 -45.36
C PHE H 465 106.05 -40.76 -46.41
N ASN H 466 105.86 -40.15 -47.60
CA ASN H 466 105.09 -40.71 -48.69
C ASN H 466 105.65 -42.06 -49.13
N MET H 467 106.99 -42.15 -49.28
CA MET H 467 107.69 -43.39 -49.58
C MET H 467 107.58 -44.46 -48.50
N HIS H 468 107.69 -44.06 -47.21
CA HIS H 468 107.55 -44.96 -46.08
C HIS H 468 106.17 -45.59 -45.97
N VAL H 469 105.10 -44.78 -46.15
CA VAL H 469 103.73 -45.26 -46.18
C VAL H 469 103.50 -46.23 -47.33
N PHE H 470 104.02 -45.93 -48.53
CA PHE H 470 103.92 -46.77 -49.71
C PHE H 470 104.53 -48.16 -49.51
N LYS H 471 105.73 -48.24 -48.90
CA LYS H 471 106.36 -49.51 -48.55
C LYS H 471 105.55 -50.34 -47.55
N LEU H 472 105.03 -49.70 -46.48
CA LEU H 472 104.19 -50.34 -45.48
C LEU H 472 102.87 -50.87 -46.03
N GLU H 473 102.20 -50.10 -46.91
CA GLU H 473 101.03 -50.56 -47.63
C GLU H 473 101.29 -51.79 -48.48
N GLN H 474 102.42 -51.84 -49.19
CA GLN H 474 102.83 -53.04 -49.90
C GLN H 474 103.00 -54.27 -49.00
N GLU H 475 103.64 -54.12 -47.83
CA GLU H 475 103.82 -55.20 -46.88
C GLU H 475 102.51 -55.74 -46.29
N GLU H 476 101.59 -54.84 -45.90
CA GLU H 476 100.24 -55.17 -45.46
C GLU H 476 99.39 -55.83 -46.56
N TYR H 477 99.44 -55.32 -47.81
CA TYR H 477 98.81 -55.91 -48.97
C TYR H 477 99.29 -57.34 -49.25
N MET H 478 100.63 -57.59 -49.15
CA MET H 478 101.21 -58.92 -49.28
C MET H 478 100.80 -59.90 -48.19
N LYS H 479 100.72 -59.48 -46.91
CA LYS H 479 100.26 -60.28 -45.78
C LYS H 479 98.85 -60.84 -45.99
N GLU H 480 97.99 -60.10 -46.69
CA GLU H 480 96.65 -60.54 -46.98
C GLU H 480 96.47 -61.20 -48.34
N GLN H 481 97.50 -61.20 -49.22
CA GLN H 481 97.50 -61.77 -50.56
C GLN H 481 96.61 -61.02 -51.56
N ILE H 482 96.68 -59.68 -51.57
CA ILE H 482 95.92 -58.81 -52.46
C ILE H 482 96.85 -58.36 -53.58
N PRO H 483 96.44 -58.12 -54.84
CA PRO H 483 97.31 -57.56 -55.89
C PRO H 483 97.97 -56.24 -55.48
N TRP H 484 99.32 -56.17 -55.53
CA TRP H 484 100.08 -55.09 -54.94
C TRP H 484 100.29 -53.94 -55.90
N THR H 485 99.69 -54.03 -57.10
CA THR H 485 99.81 -53.05 -58.16
C THR H 485 98.62 -52.15 -58.21
N LEU H 486 97.81 -52.12 -57.13
CA LEU H 486 96.64 -51.28 -57.04
C LEU H 486 96.94 -49.98 -56.28
N ILE H 487 98.16 -49.83 -55.75
CA ILE H 487 98.50 -48.66 -54.96
C ILE H 487 99.15 -47.61 -55.86
N ASP H 488 98.42 -46.53 -56.20
CA ASP H 488 98.98 -45.34 -56.82
C ASP H 488 99.99 -44.65 -55.88
N PHE H 489 101.09 -44.11 -56.42
CA PHE H 489 102.06 -43.35 -55.64
C PHE H 489 101.97 -41.90 -56.09
N TYR H 490 101.79 -40.97 -55.13
CA TYR H 490 101.72 -39.56 -55.43
C TYR H 490 103.06 -38.91 -55.18
N ASP H 491 103.87 -38.80 -56.24
CA ASP H 491 105.15 -38.12 -56.22
C ASP H 491 105.05 -36.60 -55.95
N ASN H 492 106.01 -36.06 -55.17
CA ASN H 492 106.15 -34.63 -54.96
C ASN H 492 107.53 -34.14 -55.40
N GLN H 493 108.32 -34.98 -56.09
CA GLN H 493 109.57 -34.58 -56.71
C GLN H 493 109.51 -33.40 -57.68
N PRO H 494 108.52 -33.16 -58.57
CA PRO H 494 108.50 -31.97 -59.40
C PRO H 494 108.43 -30.65 -58.61
N CYS H 495 107.80 -30.62 -57.43
CA CYS H 495 107.82 -29.45 -56.55
C CYS H 495 109.19 -29.21 -55.95
N ILE H 496 109.84 -30.29 -55.45
CA ILE H 496 111.19 -30.25 -54.89
C ILE H 496 112.20 -29.77 -55.93
N ASN H 497 112.05 -30.25 -57.17
CA ASN H 497 112.85 -29.83 -58.30
C ASN H 497 112.66 -28.38 -58.70
N LEU H 498 111.42 -27.83 -58.70
CA LEU H 498 111.17 -26.43 -58.96
C LEU H 498 111.90 -25.52 -57.97
N ILE H 499 111.95 -25.93 -56.69
CA ILE H 499 112.72 -25.24 -55.68
C ILE H 499 114.24 -25.41 -55.82
N GLU H 500 114.76 -26.65 -55.95
CA GLU H 500 116.19 -26.90 -55.73
C GLU H 500 117.01 -27.34 -56.94
N ALA H 501 116.41 -27.60 -58.11
CA ALA H 501 117.17 -27.98 -59.30
C ALA H 501 117.84 -26.76 -59.94
N LYS H 502 118.81 -26.97 -60.86
CA LYS H 502 119.33 -25.87 -61.68
C LYS H 502 118.23 -25.25 -62.54
N MET H 503 118.18 -23.91 -62.61
CA MET H 503 117.14 -23.10 -63.23
C MET H 503 115.87 -23.04 -62.37
N GLY H 504 115.95 -23.56 -61.12
CA GLY H 504 114.91 -23.44 -60.11
C GLY H 504 114.96 -22.16 -59.34
N VAL H 505 114.03 -21.98 -58.40
CA VAL H 505 113.83 -20.74 -57.67
C VAL H 505 115.04 -20.31 -56.85
N LEU H 506 115.65 -21.24 -56.08
CA LEU H 506 116.87 -20.97 -55.33
C LEU H 506 118.08 -20.69 -56.22
N ASP H 507 118.25 -21.43 -57.33
CA ASP H 507 119.34 -21.25 -58.27
C ASP H 507 119.30 -19.89 -58.95
N LEU H 508 118.14 -19.46 -59.47
CA LEU H 508 117.97 -18.14 -60.07
C LEU H 508 118.18 -17.01 -59.08
N LEU H 509 117.79 -17.22 -57.81
CA LEU H 509 118.08 -16.30 -56.73
C LEU H 509 119.59 -16.15 -56.48
N ASP H 510 120.32 -17.27 -56.37
CA ASP H 510 121.76 -17.31 -56.23
C ASP H 510 122.50 -16.69 -57.43
N GLU H 511 122.01 -16.89 -58.68
CA GLU H 511 122.48 -16.17 -59.86
C GLU H 511 122.33 -14.67 -59.79
N GLU H 512 121.12 -14.15 -59.43
CA GLU H 512 120.85 -12.73 -59.37
C GLU H 512 121.69 -12.05 -58.29
N CYS H 513 121.99 -12.77 -57.21
CA CYS H 513 122.81 -12.30 -56.10
C CYS H 513 124.30 -12.14 -56.36
N LYS H 514 124.83 -12.64 -57.49
CA LYS H 514 126.20 -12.34 -57.90
C LYS H 514 126.20 -11.37 -59.08
N MET H 515 125.03 -10.83 -59.48
CA MET H 515 124.96 -9.75 -60.45
C MET H 515 125.12 -8.41 -59.75
N PRO H 516 125.83 -7.41 -60.29
CA PRO H 516 126.18 -6.22 -59.50
C PRO H 516 125.10 -5.16 -59.64
N LYS H 517 124.01 -5.49 -60.34
CA LYS H 517 122.91 -4.60 -60.63
C LYS H 517 121.62 -5.41 -60.59
N GLY H 518 121.65 -6.59 -59.93
CA GLY H 518 120.43 -7.36 -59.71
C GLY H 518 119.48 -6.73 -58.73
N SER H 519 118.21 -7.18 -58.73
CA SER H 519 117.24 -6.72 -57.76
C SER H 519 116.18 -7.79 -57.56
N ASP H 520 115.29 -7.61 -56.55
CA ASP H 520 114.13 -8.46 -56.34
C ASP H 520 113.16 -8.43 -57.54
N ASP H 521 112.97 -7.26 -58.18
CA ASP H 521 112.17 -7.06 -59.37
C ASP H 521 112.69 -7.83 -60.59
N THR H 522 114.01 -7.78 -60.86
CA THR H 522 114.65 -8.52 -61.96
C THR H 522 114.60 -10.02 -61.75
N TRP H 523 114.83 -10.47 -60.50
CA TRP H 523 114.67 -11.85 -60.09
C TRP H 523 113.25 -12.33 -60.33
N ALA H 524 112.23 -11.54 -59.94
CA ALA H 524 110.83 -11.86 -60.15
C ALA H 524 110.49 -12.09 -61.63
N GLN H 525 110.97 -11.19 -62.51
CA GLN H 525 110.83 -11.36 -63.95
C GLN H 525 111.56 -12.57 -64.53
N LYS H 526 112.76 -12.89 -64.02
CA LYS H 526 113.50 -14.09 -64.35
C LYS H 526 112.74 -15.36 -64.00
N LEU H 527 112.09 -15.41 -62.81
CA LEU H 527 111.18 -16.47 -62.43
C LEU H 527 110.00 -16.62 -63.41
N TYR H 528 109.35 -15.51 -63.82
CA TYR H 528 108.27 -15.56 -64.79
C TYR H 528 108.71 -16.04 -66.18
N ASN H 529 109.85 -15.52 -66.68
CA ASN H 529 110.39 -15.91 -67.97
C ASN H 529 110.77 -17.37 -68.01
N THR H 530 111.47 -17.87 -66.97
CA THR H 530 111.86 -19.27 -66.86
C THR H 530 110.68 -20.21 -66.58
N HIS H 531 109.77 -19.89 -65.64
CA HIS H 531 108.81 -20.90 -65.17
C HIS H 531 107.35 -20.68 -65.52
N LEU H 532 106.85 -19.42 -65.60
CA LEU H 532 105.42 -19.16 -65.72
C LEU H 532 104.80 -19.71 -67.00
N ASN H 533 103.90 -20.70 -66.87
CA ASN H 533 103.23 -21.44 -67.94
C ASN H 533 104.11 -22.51 -68.56
N LYS H 534 105.29 -22.79 -67.99
CA LYS H 534 106.15 -23.88 -68.41
C LYS H 534 106.14 -24.93 -67.32
N CYS H 535 105.43 -24.64 -66.22
CA CYS H 535 105.28 -25.50 -65.08
C CYS H 535 103.95 -25.16 -64.45
N ALA H 536 103.22 -26.14 -63.88
CA ALA H 536 101.89 -25.94 -63.34
C ALA H 536 101.89 -25.82 -61.81
N LEU H 537 103.09 -25.86 -61.20
CA LEU H 537 103.24 -25.71 -59.76
C LEU H 537 103.67 -24.29 -59.44
N PHE H 538 103.72 -23.42 -60.46
CA PHE H 538 104.16 -22.05 -60.37
C PHE H 538 103.12 -21.13 -61.01
N GLU H 539 102.61 -20.15 -60.25
CA GLU H 539 101.63 -19.19 -60.71
C GLU H 539 102.08 -17.79 -60.35
N LYS H 540 101.37 -16.78 -60.88
CA LYS H 540 101.67 -15.39 -60.67
C LYS H 540 100.41 -14.63 -60.26
N PRO H 541 100.36 -13.85 -59.19
CA PRO H 541 99.26 -12.94 -58.89
C PRO H 541 98.90 -11.99 -60.02
N ARG H 542 97.59 -11.87 -60.34
CA ARG H 542 97.10 -11.13 -61.48
C ARG H 542 97.43 -9.64 -61.45
N LEU H 543 97.45 -9.02 -60.26
CA LEU H 543 97.67 -7.60 -60.11
C LEU H 543 99.06 -7.25 -59.57
N SER H 544 99.97 -8.24 -59.39
CA SER H 544 101.31 -7.97 -58.87
C SER H 544 102.35 -8.53 -59.81
N ASN H 545 103.50 -7.83 -59.93
CA ASN H 545 104.66 -8.34 -60.63
C ASN H 545 105.77 -8.63 -59.62
N LYS H 546 105.49 -8.54 -58.32
CA LYS H 546 106.50 -8.66 -57.28
C LYS H 546 106.25 -9.80 -56.32
N ALA H 547 105.51 -10.83 -56.77
CA ALA H 547 105.13 -11.93 -55.93
C ALA H 547 104.92 -13.16 -56.78
N PHE H 548 105.06 -14.36 -56.19
CA PHE H 548 104.90 -15.60 -56.93
C PHE H 548 104.23 -16.65 -56.05
N ILE H 549 103.58 -17.62 -56.69
CA ILE H 549 102.78 -18.61 -56.00
C ILE H 549 103.35 -19.97 -56.33
N ILE H 550 103.62 -20.78 -55.28
CA ILE H 550 104.00 -22.17 -55.44
C ILE H 550 102.85 -23.01 -54.90
N LYS H 551 102.42 -24.05 -55.64
CA LYS H 551 101.50 -25.05 -55.10
C LYS H 551 102.32 -26.13 -54.40
N HIS H 552 102.40 -26.03 -53.06
CA HIS H 552 103.03 -27.04 -52.22
C HIS H 552 102.08 -28.17 -51.93
N PHE H 553 102.60 -29.29 -51.38
CA PHE H 553 101.87 -30.48 -50.95
C PHE H 553 100.47 -30.21 -50.41
N ALA H 554 100.37 -29.58 -49.22
CA ALA H 554 99.10 -29.20 -48.65
C ALA H 554 98.34 -28.13 -49.46
N ASP H 555 98.94 -26.95 -49.71
CA ASP H 555 98.18 -25.84 -50.27
C ASP H 555 99.07 -24.86 -51.02
N LYS H 556 98.45 -23.86 -51.67
CA LYS H 556 99.15 -22.77 -52.33
C LYS H 556 99.68 -21.73 -51.36
N VAL H 557 100.87 -21.17 -51.66
CA VAL H 557 101.48 -20.14 -50.84
C VAL H 557 101.96 -19.03 -51.74
N GLU H 558 101.48 -17.78 -51.52
CA GLU H 558 101.98 -16.60 -52.22
C GLU H 558 103.14 -16.01 -51.44
N TYR H 559 104.31 -15.91 -52.10
CA TYR H 559 105.53 -15.38 -51.53
C TYR H 559 105.80 -14.04 -52.15
N GLN H 560 106.12 -13.05 -51.31
CA GLN H 560 106.42 -11.70 -51.76
C GLN H 560 107.90 -11.58 -51.99
N CYS H 561 108.32 -11.11 -53.18
CA CYS H 561 109.73 -11.08 -53.55
C CYS H 561 110.55 -10.11 -52.74
N GLU H 562 109.93 -9.05 -52.17
CA GLU H 562 110.66 -8.02 -51.45
C GLU H 562 111.46 -8.50 -50.24
N GLY H 563 112.79 -8.34 -50.33
CA GLY H 563 113.71 -8.73 -49.27
C GLY H 563 114.38 -10.04 -49.50
N PHE H 564 114.04 -10.79 -50.57
CA PHE H 564 114.66 -12.08 -50.84
C PHE H 564 116.16 -11.99 -51.14
N LEU H 565 116.61 -11.04 -52.00
CA LEU H 565 118.03 -10.94 -52.33
C LEU H 565 118.94 -10.58 -51.16
N GLU H 566 118.60 -9.56 -50.34
CA GLU H 566 119.44 -9.15 -49.21
C GLU H 566 119.55 -10.21 -48.13
N LYS H 567 118.44 -10.89 -47.79
CA LYS H 567 118.42 -11.97 -46.82
C LYS H 567 119.30 -13.16 -47.24
N ASN H 568 119.27 -13.52 -48.53
CA ASN H 568 120.07 -14.59 -49.11
C ASN H 568 121.60 -14.35 -49.08
N LYS H 569 122.07 -13.10 -49.28
CA LYS H 569 123.50 -12.79 -49.26
C LYS H 569 124.22 -13.10 -47.93
N ASP H 570 125.36 -13.81 -47.98
CA ASP H 570 126.02 -14.28 -46.77
C ASP H 570 127.53 -14.35 -46.93
N THR H 571 128.12 -13.44 -47.72
CA THR H 571 129.51 -13.57 -48.16
C THR H 571 130.49 -12.84 -47.28
N VAL H 572 131.02 -13.53 -46.27
CA VAL H 572 132.07 -13.05 -45.38
C VAL H 572 133.39 -12.76 -46.09
N TYR H 573 134.11 -11.70 -45.67
CA TYR H 573 135.40 -11.34 -46.23
C TYR H 573 136.46 -12.05 -45.40
N GLU H 574 137.44 -12.73 -46.05
CA GLU H 574 138.43 -13.56 -45.37
C GLU H 574 139.25 -12.77 -44.37
N GLU H 575 139.71 -11.57 -44.78
CA GLU H 575 140.49 -10.62 -44.01
C GLU H 575 139.94 -10.40 -42.60
N GLN H 576 138.63 -10.13 -42.50
CA GLN H 576 137.89 -9.86 -41.28
C GLN H 576 137.93 -11.04 -40.29
N ILE H 577 137.86 -12.28 -40.81
CA ILE H 577 137.99 -13.50 -40.02
C ILE H 577 139.40 -13.66 -39.45
N LYS H 578 140.46 -13.34 -40.24
CA LYS H 578 141.84 -13.34 -39.77
C LYS H 578 142.06 -12.38 -38.61
N VAL H 579 141.46 -11.17 -38.63
CA VAL H 579 141.54 -10.20 -37.55
C VAL H 579 141.06 -10.80 -36.22
N LEU H 580 139.92 -11.50 -36.24
CA LEU H 580 139.41 -12.23 -35.09
C LEU H 580 140.19 -13.47 -34.67
N LYS H 581 140.65 -14.32 -35.63
CA LYS H 581 141.40 -15.54 -35.37
C LYS H 581 142.72 -15.28 -34.66
N SER H 582 143.32 -14.09 -34.86
CA SER H 582 144.61 -13.73 -34.31
C SER H 582 144.57 -13.05 -32.94
N SER H 583 143.46 -13.18 -32.20
CA SER H 583 143.31 -12.69 -30.83
C SER H 583 144.21 -13.31 -29.76
N LYS H 584 144.43 -12.55 -28.66
CA LYS H 584 145.39 -12.86 -27.61
C LYS H 584 144.86 -12.51 -26.23
N LYS H 585 143.55 -12.18 -26.11
CA LYS H 585 142.96 -11.85 -24.81
C LYS H 585 141.80 -12.78 -24.49
N PHE H 586 141.42 -13.63 -25.46
CA PHE H 586 140.18 -14.37 -25.48
C PHE H 586 140.51 -15.79 -25.93
N LYS H 587 140.36 -16.83 -25.08
CA LYS H 587 140.61 -18.20 -25.52
C LYS H 587 139.54 -18.73 -26.49
N LEU H 588 138.25 -18.48 -26.20
CA LEU H 588 137.14 -18.98 -26.98
C LEU H 588 137.03 -18.46 -28.41
N LEU H 589 137.27 -17.16 -28.65
CA LEU H 589 137.11 -16.56 -29.97
C LEU H 589 137.92 -17.23 -31.09
N PRO H 590 139.20 -17.62 -30.98
CA PRO H 590 139.86 -18.40 -32.03
C PRO H 590 139.47 -19.88 -32.05
N GLU H 591 138.77 -20.40 -31.02
CA GLU H 591 138.36 -21.79 -30.93
C GLU H 591 137.16 -22.09 -31.81
N LEU H 592 136.38 -21.04 -32.12
CA LEU H 592 135.23 -21.08 -33.01
C LEU H 592 135.55 -21.44 -34.46
N PHE H 593 136.68 -20.94 -35.01
CA PHE H 593 136.88 -20.93 -36.45
C PHE H 593 137.96 -21.90 -36.91
N GLN H 594 137.57 -23.05 -37.48
CA GLN H 594 138.52 -24.05 -37.95
C GLN H 594 138.37 -24.28 -39.46
N HIS H 632 132.08 -20.50 -55.77
CA HIS H 632 132.04 -19.05 -55.78
C HIS H 632 130.85 -18.43 -55.08
N LYS H 633 131.14 -17.68 -53.98
CA LYS H 633 130.16 -16.95 -53.18
C LYS H 633 129.29 -17.88 -52.32
N LYS H 634 129.40 -17.78 -50.98
CA LYS H 634 128.53 -18.51 -50.08
C LYS H 634 127.25 -17.70 -49.79
N THR H 635 126.11 -18.40 -49.66
CA THR H 635 124.75 -17.86 -49.61
C THR H 635 123.93 -18.62 -48.60
N VAL H 636 122.87 -17.99 -48.02
CA VAL H 636 122.00 -18.62 -47.03
C VAL H 636 121.20 -19.77 -47.62
N GLY H 637 120.61 -19.58 -48.83
CA GLY H 637 119.88 -20.61 -49.57
C GLY H 637 120.64 -21.89 -49.85
N HIS H 638 121.85 -21.78 -50.42
CA HIS H 638 122.77 -22.89 -50.64
C HIS H 638 123.17 -23.60 -49.34
N GLN H 639 123.43 -22.83 -48.25
CA GLN H 639 123.67 -23.40 -46.94
C GLN H 639 122.50 -24.18 -46.37
N PHE H 640 121.28 -23.64 -46.52
CA PHE H 640 120.06 -24.29 -46.10
C PHE H 640 119.86 -25.61 -46.83
N ARG H 641 120.09 -25.62 -48.16
CA ARG H 641 120.07 -26.82 -48.98
C ARG H 641 121.07 -27.89 -48.54
N ASN H 642 122.32 -27.51 -48.22
CA ASN H 642 123.32 -28.43 -47.71
C ASN H 642 122.97 -29.05 -46.37
N SER H 643 122.47 -28.26 -45.40
CA SER H 643 122.02 -28.78 -44.11
C SER H 643 120.82 -29.70 -44.25
N LEU H 644 119.89 -29.35 -45.17
CA LEU H 644 118.73 -30.14 -45.49
C LEU H 644 119.05 -31.51 -46.06
N HIS H 645 120.02 -31.62 -46.99
CA HIS H 645 120.47 -32.94 -47.46
C HIS H 645 121.09 -33.79 -46.36
N LEU H 646 121.99 -33.19 -45.54
CA LEU H 646 122.65 -33.84 -44.42
C LEU H 646 121.66 -34.40 -43.38
N LEU H 647 120.57 -33.66 -43.09
CA LEU H 647 119.46 -34.13 -42.31
C LEU H 647 118.74 -35.33 -42.91
N MET H 648 118.39 -35.29 -44.21
CA MET H 648 117.73 -36.40 -44.88
C MET H 648 118.57 -37.66 -44.93
N GLU H 649 119.90 -37.57 -45.11
CA GLU H 649 120.79 -38.71 -45.04
C GLU H 649 120.83 -39.41 -43.70
N THR H 650 120.87 -38.61 -42.61
CA THR H 650 120.78 -39.10 -41.23
C THR H 650 119.47 -39.83 -40.96
N LEU H 651 118.34 -39.28 -41.47
CA LEU H 651 117.01 -39.84 -41.33
C LEU H 651 116.69 -40.99 -42.28
N ASN H 652 117.49 -41.25 -43.33
CA ASN H 652 117.23 -42.36 -44.25
C ASN H 652 118.09 -43.57 -43.88
N ALA H 653 118.91 -43.45 -42.82
CA ALA H 653 119.66 -44.58 -42.31
C ALA H 653 118.84 -45.29 -41.23
N THR H 654 117.65 -44.74 -40.89
CA THR H 654 116.77 -45.17 -39.82
C THR H 654 115.40 -45.59 -40.33
N THR H 655 114.52 -46.08 -39.45
CA THR H 655 113.11 -46.30 -39.78
C THR H 655 112.34 -45.18 -39.07
N PRO H 656 111.47 -44.40 -39.70
CA PRO H 656 110.94 -43.20 -39.03
C PRO H 656 109.51 -43.39 -38.51
N HIS H 657 109.21 -42.78 -37.34
CA HIS H 657 107.94 -42.82 -36.67
C HIS H 657 107.37 -41.41 -36.57
N TYR H 658 106.05 -41.20 -36.71
CA TYR H 658 105.51 -39.87 -36.94
C TYR H 658 104.48 -39.41 -35.92
N VAL H 659 104.75 -38.27 -35.25
CA VAL H 659 103.81 -37.60 -34.35
C VAL H 659 103.52 -36.23 -34.93
N ARG H 660 102.23 -35.87 -35.10
CA ARG H 660 101.82 -34.56 -35.54
C ARG H 660 101.12 -33.85 -34.38
N CYS H 661 101.70 -32.73 -33.91
CA CYS H 661 101.18 -31.98 -32.80
C CYS H 661 100.32 -30.81 -33.27
N ILE H 662 99.15 -30.61 -32.63
CA ILE H 662 98.14 -29.64 -33.01
C ILE H 662 97.78 -28.72 -31.83
N LYS H 663 97.76 -27.39 -32.04
CA LYS H 663 97.23 -26.42 -31.09
C LYS H 663 95.72 -26.24 -31.35
N PRO H 664 94.79 -26.37 -30.40
CA PRO H 664 93.37 -26.34 -30.77
C PRO H 664 92.77 -24.98 -30.55
N ASN H 665 93.41 -24.08 -29.78
CA ASN H 665 92.89 -22.75 -29.55
C ASN H 665 94.06 -21.82 -29.26
N ASP H 666 93.88 -20.51 -29.51
CA ASP H 666 94.93 -19.53 -29.44
C ASP H 666 95.23 -18.96 -28.06
N PHE H 667 94.36 -19.17 -27.05
CA PHE H 667 94.43 -18.40 -25.81
C PHE H 667 94.88 -19.22 -24.62
N LYS H 668 95.30 -20.49 -24.85
CA LYS H 668 95.89 -21.38 -23.85
C LYS H 668 94.79 -22.00 -23.00
N PHE H 669 93.57 -22.16 -23.55
CA PHE H 669 92.39 -22.56 -22.81
C PHE H 669 92.28 -24.07 -22.59
N PRO H 670 92.06 -24.56 -21.37
CA PRO H 670 91.94 -26.00 -21.09
C PRO H 670 90.81 -26.69 -21.84
N PHE H 671 91.12 -27.74 -22.63
CA PHE H 671 90.15 -28.51 -23.41
C PHE H 671 89.11 -27.68 -24.18
N THR H 672 89.57 -26.65 -24.89
CA THR H 672 88.71 -25.87 -25.76
C THR H 672 89.20 -26.03 -27.17
N PHE H 673 88.27 -26.30 -28.11
CA PHE H 673 88.56 -26.55 -29.49
C PHE H 673 88.02 -25.33 -30.25
N ASP H 674 88.81 -24.77 -31.19
CA ASP H 674 88.39 -23.75 -32.12
C ASP H 674 88.58 -24.39 -33.48
N GLU H 675 87.48 -24.55 -34.21
CA GLU H 675 87.39 -25.18 -35.50
C GLU H 675 88.17 -24.42 -36.56
N LYS H 676 88.17 -23.08 -36.51
CA LYS H 676 88.96 -22.24 -37.39
C LYS H 676 90.45 -22.43 -37.20
N ARG H 677 90.90 -22.52 -35.93
CA ARG H 677 92.28 -22.84 -35.63
C ARG H 677 92.65 -24.26 -36.00
N ALA H 678 91.82 -25.25 -35.64
CA ALA H 678 92.07 -26.65 -35.90
C ALA H 678 92.19 -27.01 -37.38
N VAL H 679 91.30 -26.48 -38.25
CA VAL H 679 91.39 -26.71 -39.68
C VAL H 679 92.67 -26.14 -40.31
N GLN H 680 93.10 -24.92 -39.88
CA GLN H 680 94.37 -24.33 -40.28
C GLN H 680 95.57 -25.17 -39.87
N GLN H 681 95.56 -25.65 -38.62
CA GLN H 681 96.59 -26.53 -38.12
C GLN H 681 96.70 -27.82 -38.92
N LEU H 682 95.58 -28.51 -39.23
CA LEU H 682 95.58 -29.75 -39.98
C LEU H 682 96.06 -29.62 -41.42
N ARG H 683 95.65 -28.56 -42.17
CA ARG H 683 96.14 -28.33 -43.52
C ARG H 683 97.64 -28.10 -43.58
N ALA H 684 98.22 -27.29 -42.68
CA ALA H 684 99.64 -26.97 -42.74
C ALA H 684 100.50 -28.05 -42.07
N CYS H 685 99.89 -29.21 -41.78
CA CYS H 685 100.54 -30.33 -41.15
C CYS H 685 100.61 -31.54 -42.07
N GLY H 686 100.00 -31.44 -43.26
CA GLY H 686 99.93 -32.54 -44.24
C GLY H 686 98.87 -33.56 -43.93
N VAL H 687 98.09 -33.41 -42.83
CA VAL H 687 97.15 -34.44 -42.39
C VAL H 687 96.01 -34.64 -43.35
N LEU H 688 95.34 -33.55 -43.77
CA LEU H 688 94.21 -33.61 -44.68
C LEU H 688 94.61 -34.08 -46.07
N GLU H 689 95.78 -33.66 -46.57
CA GLU H 689 96.33 -34.17 -47.81
C GLU H 689 96.74 -35.65 -47.78
N THR H 690 97.39 -36.14 -46.70
CA THR H 690 97.68 -37.57 -46.51
C THR H 690 96.42 -38.41 -46.52
N ILE H 691 95.38 -37.94 -45.81
CA ILE H 691 94.04 -38.50 -45.80
C ILE H 691 93.38 -38.49 -47.18
N ARG H 692 93.56 -37.40 -47.97
CA ARG H 692 93.10 -37.30 -49.34
C ARG H 692 93.70 -38.38 -50.23
N ILE H 693 95.00 -38.72 -50.06
CA ILE H 693 95.62 -39.85 -50.73
C ILE H 693 95.04 -41.19 -50.30
N SER H 694 94.88 -41.42 -48.98
CA SER H 694 94.39 -42.68 -48.41
C SER H 694 93.02 -43.10 -48.89
N ALA H 695 92.12 -42.13 -49.12
CA ALA H 695 90.77 -42.38 -49.57
C ALA H 695 90.65 -42.84 -51.03
N ALA H 696 91.71 -42.67 -51.85
CA ALA H 696 91.78 -43.16 -53.21
C ALA H 696 91.75 -44.69 -53.33
N GLY H 697 92.50 -45.37 -52.43
CA GLY H 697 92.62 -46.83 -52.42
C GLY H 697 91.53 -47.53 -51.64
N PHE H 698 91.93 -48.50 -50.82
CA PHE H 698 91.02 -49.24 -49.96
C PHE H 698 91.25 -48.92 -48.48
N PRO H 699 90.72 -47.84 -47.90
CA PRO H 699 91.08 -47.44 -46.54
C PRO H 699 90.37 -48.27 -45.50
N SER H 700 89.09 -48.64 -45.73
CA SER H 700 88.26 -49.30 -44.75
C SER H 700 88.50 -50.80 -44.68
N ARG H 701 88.94 -51.31 -43.52
CA ARG H 701 89.36 -52.69 -43.37
C ARG H 701 88.67 -53.34 -42.18
N TRP H 702 87.86 -54.39 -42.42
CA TRP H 702 87.11 -55.10 -41.38
C TRP H 702 87.57 -56.54 -41.41
N THR H 703 87.67 -57.24 -40.25
CA THR H 703 87.81 -58.69 -40.31
C THR H 703 86.51 -59.36 -40.71
N TYR H 704 86.58 -60.64 -41.10
CA TYR H 704 85.40 -61.44 -41.41
C TYR H 704 84.48 -61.60 -40.20
N GLN H 705 85.04 -61.69 -38.98
CA GLN H 705 84.30 -61.75 -37.73
C GLN H 705 83.53 -60.47 -37.45
N GLU H 706 84.16 -59.28 -37.60
CA GLU H 706 83.49 -58.00 -37.40
C GLU H 706 82.36 -57.74 -38.39
N PHE H 707 82.61 -58.01 -39.69
CA PHE H 707 81.63 -57.83 -40.75
C PHE H 707 80.40 -58.70 -40.52
N PHE H 708 80.62 -59.97 -40.16
CA PHE H 708 79.58 -60.92 -39.86
C PHE H 708 78.67 -60.49 -38.71
N SER H 709 79.25 -59.96 -37.62
CA SER H 709 78.50 -59.52 -36.45
C SER H 709 77.55 -58.37 -36.69
N ARG H 710 78.00 -57.29 -37.35
CA ARG H 710 77.18 -56.12 -37.62
C ARG H 710 76.12 -56.41 -38.69
N TYR H 711 76.46 -57.27 -39.68
CA TYR H 711 75.64 -57.49 -40.86
C TYR H 711 74.90 -58.83 -40.90
N ARG H 712 74.87 -59.63 -39.80
CA ARG H 712 74.11 -60.90 -39.68
C ARG H 712 72.61 -60.73 -39.98
N VAL H 713 72.09 -59.51 -39.74
CA VAL H 713 70.71 -59.11 -39.89
C VAL H 713 70.41 -58.54 -41.27
N LEU H 714 71.32 -58.70 -42.25
CA LEU H 714 71.07 -58.33 -43.63
C LEU H 714 71.03 -59.58 -44.50
N MET H 715 71.59 -60.68 -43.97
CA MET H 715 71.57 -61.99 -44.55
C MET H 715 70.20 -62.63 -44.54
N LYS H 716 69.84 -63.40 -45.59
CA LYS H 716 68.72 -64.32 -45.52
C LYS H 716 69.17 -65.53 -44.73
N GLN H 717 68.28 -66.15 -43.91
CA GLN H 717 68.68 -67.19 -42.96
C GLN H 717 69.35 -68.40 -43.62
N LYS H 718 68.99 -68.71 -44.88
CA LYS H 718 69.59 -69.81 -45.58
C LYS H 718 70.86 -69.48 -46.35
N ASP H 719 71.37 -68.23 -46.28
CA ASP H 719 72.62 -67.85 -46.92
C ASP H 719 73.75 -67.91 -45.89
N VAL H 720 73.42 -68.27 -44.63
CA VAL H 720 74.37 -68.43 -43.56
C VAL H 720 74.93 -69.84 -43.58
N LEU H 721 76.26 -69.99 -43.64
CA LEU H 721 76.92 -71.28 -43.76
C LEU H 721 77.71 -71.61 -42.52
N SER H 722 78.21 -72.86 -42.45
CA SER H 722 79.11 -73.33 -41.39
C SER H 722 80.42 -72.56 -41.36
N ASP H 723 81.06 -72.38 -42.54
CA ASP H 723 82.08 -71.36 -42.70
C ASP H 723 81.46 -69.95 -42.67
N ARG H 724 82.03 -69.09 -41.80
CA ARG H 724 81.61 -67.72 -41.64
C ARG H 724 82.39 -66.81 -42.57
N LYS H 725 83.62 -67.19 -42.99
CA LYS H 725 84.36 -66.40 -43.94
C LYS H 725 83.71 -66.46 -45.32
N GLN H 726 83.38 -67.67 -45.79
CA GLN H 726 82.71 -67.90 -47.04
C GLN H 726 81.31 -67.27 -47.11
N THR H 727 80.58 -67.27 -45.98
CA THR H 727 79.29 -66.58 -45.83
C THR H 727 79.38 -65.10 -46.15
N CYS H 728 80.39 -64.39 -45.61
CA CYS H 728 80.64 -62.99 -45.90
C CYS H 728 80.96 -62.72 -47.35
N LYS H 729 81.73 -63.63 -47.99
CA LYS H 729 81.99 -63.55 -49.43
C LYS H 729 80.69 -63.54 -50.22
N ASN H 730 79.79 -64.52 -49.98
CA ASN H 730 78.52 -64.64 -50.68
C ASN H 730 77.56 -63.47 -50.51
N VAL H 731 77.43 -62.94 -49.27
CA VAL H 731 76.51 -61.84 -48.97
C VAL H 731 76.92 -60.53 -49.58
N LEU H 732 78.22 -60.17 -49.47
CA LEU H 732 78.72 -58.90 -49.95
C LEU H 732 78.58 -58.73 -51.46
N GLU H 733 78.77 -59.83 -52.22
CA GLU H 733 78.66 -59.90 -53.67
C GLU H 733 77.23 -60.07 -54.16
N LYS H 734 76.27 -59.60 -53.37
CA LYS H 734 74.87 -59.52 -53.71
C LYS H 734 74.26 -58.31 -53.04
N LEU H 735 75.11 -57.44 -52.48
CA LEU H 735 74.70 -56.32 -51.65
C LEU H 735 75.42 -55.11 -52.19
N ILE H 736 76.71 -55.27 -52.59
CA ILE H 736 77.44 -54.31 -53.39
C ILE H 736 77.85 -55.04 -54.67
N LEU H 737 77.27 -54.61 -55.82
CA LEU H 737 77.38 -55.31 -57.09
C LEU H 737 78.70 -55.15 -57.82
N ASP H 738 79.21 -53.91 -57.94
CA ASP H 738 80.47 -53.63 -58.58
C ASP H 738 81.60 -54.24 -57.72
N LYS H 739 82.46 -55.03 -58.38
CA LYS H 739 83.40 -55.91 -57.73
C LYS H 739 84.79 -55.26 -57.67
N ASP H 740 84.94 -54.03 -58.21
CA ASP H 740 86.13 -53.21 -58.03
C ASP H 740 86.05 -52.51 -56.65
N LYS H 741 84.86 -52.53 -56.01
CA LYS H 741 84.63 -51.77 -54.80
C LYS H 741 85.17 -52.42 -53.53
N TYR H 742 85.64 -53.69 -53.60
CA TYR H 742 86.25 -54.34 -52.46
C TYR H 742 87.07 -55.56 -52.83
N GLN H 743 88.07 -55.89 -51.99
CA GLN H 743 88.94 -57.04 -52.18
C GLN H 743 88.98 -57.93 -50.96
N PHE H 744 89.15 -59.26 -51.17
CA PHE H 744 89.06 -60.25 -50.12
C PHE H 744 90.41 -60.85 -49.78
N GLY H 745 90.99 -60.42 -48.64
CA GLY H 745 92.23 -60.95 -48.12
C GLY H 745 92.17 -62.24 -47.37
N LYS H 746 93.29 -62.62 -46.74
CA LYS H 746 93.40 -63.79 -45.90
C LYS H 746 92.55 -63.70 -44.64
N THR H 747 92.63 -62.57 -43.89
CA THR H 747 91.91 -62.39 -42.63
C THR H 747 91.07 -61.13 -42.60
N LYS H 748 91.16 -60.25 -43.61
CA LYS H 748 90.33 -59.05 -43.68
C LYS H 748 89.63 -58.85 -45.03
N ILE H 749 88.66 -57.92 -45.08
CA ILE H 749 88.01 -57.42 -46.29
C ILE H 749 88.48 -55.97 -46.44
N PHE H 750 88.88 -55.55 -47.65
CA PHE H 750 89.40 -54.22 -47.93
C PHE H 750 88.33 -53.50 -48.75
N PHE H 751 87.82 -52.35 -48.29
CA PHE H 751 86.71 -51.64 -48.91
C PHE H 751 87.11 -50.26 -49.40
N ARG H 752 86.65 -49.86 -50.61
CA ARG H 752 86.78 -48.50 -51.12
C ARG H 752 86.08 -47.49 -50.21
N ALA H 753 86.45 -46.20 -50.30
CA ALA H 753 85.73 -45.16 -49.60
C ALA H 753 84.24 -45.05 -49.97
N GLY H 754 83.41 -44.68 -48.97
CA GLY H 754 81.96 -44.60 -49.08
C GLY H 754 81.22 -45.92 -49.08
N GLN H 755 81.93 -47.07 -49.08
CA GLN H 755 81.28 -48.37 -49.20
C GLN H 755 80.70 -48.90 -47.90
N VAL H 756 81.43 -48.76 -46.77
CA VAL H 756 80.93 -49.14 -45.46
C VAL H 756 79.75 -48.28 -45.05
N ALA H 757 79.78 -46.99 -45.45
CA ALA H 757 78.66 -46.09 -45.34
C ALA H 757 77.42 -46.56 -46.11
N TYR H 758 77.60 -47.07 -47.33
CA TYR H 758 76.56 -47.74 -48.09
C TYR H 758 76.02 -49.01 -47.40
N LEU H 759 76.88 -49.84 -46.77
CA LEU H 759 76.41 -50.98 -45.98
C LEU H 759 75.52 -50.55 -44.81
N GLU H 760 75.93 -49.51 -44.08
CA GLU H 760 75.15 -48.89 -43.02
C GLU H 760 73.87 -48.21 -43.55
N LYS H 761 73.88 -47.58 -44.74
CA LYS H 761 72.69 -47.10 -45.45
C LYS H 761 71.69 -48.18 -45.75
N ILE H 762 72.08 -49.35 -46.30
CA ILE H 762 71.08 -50.37 -46.59
C ILE H 762 70.63 -51.15 -45.36
N ARG H 763 71.47 -51.17 -44.32
CA ARG H 763 71.09 -51.61 -43.01
C ARG H 763 70.03 -50.69 -42.41
N ALA H 764 70.21 -49.35 -42.57
CA ALA H 764 69.22 -48.33 -42.31
C ALA H 764 67.97 -48.44 -43.19
N ASP H 765 68.12 -48.70 -44.51
CA ASP H 765 67.05 -48.90 -45.45
C ASP H 765 66.13 -50.01 -45.04
N LYS H 766 66.71 -51.15 -44.62
CA LYS H 766 65.93 -52.28 -44.15
C LYS H 766 65.15 -52.06 -42.89
N LEU H 767 65.73 -51.38 -41.88
CA LEU H 767 64.98 -50.97 -40.68
C LEU H 767 63.89 -49.97 -41.06
N ARG H 768 64.19 -48.99 -41.95
CA ARG H 768 63.18 -48.06 -42.43
C ARG H 768 62.05 -48.65 -43.26
N ALA H 769 62.35 -49.59 -44.17
CA ALA H 769 61.37 -50.36 -44.90
C ALA H 769 60.51 -51.28 -44.02
N ALA H 770 61.09 -51.85 -42.94
CA ALA H 770 60.35 -52.65 -41.96
C ALA H 770 59.23 -51.89 -41.27
N CYS H 771 59.39 -50.59 -40.98
CA CYS H 771 58.32 -49.81 -40.41
C CYS H 771 57.13 -49.63 -41.31
N ILE H 772 57.37 -49.36 -42.61
CA ILE H 772 56.35 -49.11 -43.61
C ILE H 772 55.42 -50.30 -43.69
N ARG H 773 56.03 -51.49 -43.59
CA ARG H 773 55.35 -52.76 -43.51
C ARG H 773 54.38 -52.91 -42.34
N ILE H 774 54.73 -52.43 -41.14
CA ILE H 774 53.82 -52.43 -40.00
C ILE H 774 52.80 -51.32 -40.11
N GLN H 775 53.23 -50.10 -40.49
CA GLN H 775 52.41 -48.91 -40.62
C GLN H 775 51.27 -49.11 -41.60
N LYS H 776 51.57 -49.72 -42.75
CA LYS H 776 50.59 -50.02 -43.77
C LYS H 776 49.52 -50.99 -43.34
N THR H 777 49.90 -52.03 -42.59
CA THR H 777 49.01 -52.98 -41.96
C THR H 777 48.04 -52.35 -40.98
N ILE H 778 48.53 -51.44 -40.10
CA ILE H 778 47.69 -50.68 -39.19
C ILE H 778 46.74 -49.77 -39.97
N ARG H 779 47.23 -49.08 -41.02
CA ARG H 779 46.38 -48.19 -41.80
C ARG H 779 45.39 -48.90 -42.70
N GLY H 780 45.55 -50.20 -42.97
CA GLY H 780 44.47 -51.02 -43.52
C GLY H 780 43.49 -51.52 -42.51
N TRP H 781 43.97 -51.92 -41.32
CA TRP H 781 43.15 -52.35 -40.19
C TRP H 781 42.15 -51.27 -39.76
N LEU H 782 42.64 -50.05 -39.47
CA LEU H 782 41.85 -48.95 -38.97
C LEU H 782 40.84 -48.45 -40.00
N MET H 783 41.20 -48.44 -41.30
CA MET H 783 40.27 -48.12 -42.38
C MET H 783 39.11 -49.11 -42.50
N ARG H 784 39.36 -50.43 -42.41
CA ARG H 784 38.30 -51.43 -42.34
C ARG H 784 37.42 -51.30 -41.09
N LYS H 785 37.98 -50.90 -39.93
CA LYS H 785 37.18 -50.52 -38.77
C LYS H 785 36.31 -49.29 -38.95
N LYS H 786 36.80 -48.25 -39.64
CA LYS H 786 36.04 -47.07 -40.02
C LYS H 786 34.88 -47.41 -40.97
N TYR H 787 35.14 -48.28 -41.95
CA TYR H 787 34.20 -48.86 -42.89
C TYR H 787 33.05 -49.65 -42.24
N MET H 788 33.33 -50.55 -41.28
CA MET H 788 32.29 -51.34 -40.63
C MET H 788 31.40 -50.51 -39.71
N ARG H 789 31.88 -49.32 -39.28
CA ARG H 789 31.02 -48.34 -38.65
C ARG H 789 30.16 -47.57 -39.65
N MET H 790 30.72 -47.05 -40.77
CA MET H 790 29.94 -46.22 -41.68
C MET H 790 28.96 -46.99 -42.56
N ARG H 791 29.19 -48.30 -42.86
CA ARG H 791 28.13 -49.14 -43.42
C ARG H 791 26.96 -49.25 -42.44
N ARG H 792 27.18 -49.08 -41.11
CA ARG H 792 26.08 -49.12 -40.16
C ARG H 792 25.37 -47.80 -39.94
N ALA H 793 25.61 -46.82 -40.83
CA ALA H 793 24.73 -45.69 -41.04
C ALA H 793 23.85 -45.90 -42.26
N ALA H 794 24.40 -46.54 -43.32
CA ALA H 794 23.62 -46.92 -44.48
C ALA H 794 22.55 -47.96 -44.15
N ILE H 795 22.92 -49.05 -43.43
CA ILE H 795 21.99 -50.12 -43.08
C ILE H 795 20.84 -49.65 -42.21
N THR H 796 21.12 -48.77 -41.22
CA THR H 796 20.07 -48.25 -40.36
C THR H 796 19.10 -47.39 -41.14
N ILE H 797 19.58 -46.45 -41.97
CA ILE H 797 18.73 -45.65 -42.82
C ILE H 797 17.90 -46.48 -43.79
N GLN H 798 18.48 -47.55 -44.36
CA GLN H 798 17.78 -48.49 -45.20
C GLN H 798 16.60 -49.15 -44.48
N ARG H 799 16.72 -49.47 -43.18
CA ARG H 799 15.58 -49.88 -42.37
C ARG H 799 14.50 -48.85 -42.15
N TYR H 800 14.87 -47.60 -41.82
CA TYR H 800 13.93 -46.51 -41.63
C TYR H 800 13.20 -46.12 -42.91
N VAL H 801 13.89 -46.13 -44.08
CA VAL H 801 13.21 -45.95 -45.37
C VAL H 801 12.19 -47.03 -45.67
N ARG H 802 12.50 -48.32 -45.38
CA ARG H 802 11.56 -49.43 -45.51
C ARG H 802 10.33 -49.31 -44.62
N GLY H 803 10.48 -48.66 -43.46
CA GLY H 803 9.33 -48.32 -42.63
C GLY H 803 8.50 -47.19 -43.20
N HIS H 804 9.17 -46.14 -43.68
CA HIS H 804 8.59 -44.94 -44.28
C HIS H 804 7.75 -45.25 -45.50
N GLN H 805 8.28 -46.05 -46.46
CA GLN H 805 7.57 -46.45 -47.67
C GLN H 805 6.31 -47.26 -47.40
N ALA H 806 6.35 -48.23 -46.46
CA ALA H 806 5.21 -49.03 -46.07
C ALA H 806 4.09 -48.23 -45.43
N ARG H 807 4.44 -47.28 -44.55
CA ARG H 807 3.50 -46.35 -43.98
C ARG H 807 2.89 -45.44 -45.02
N CYS H 808 3.69 -44.89 -45.95
CA CYS H 808 3.19 -44.05 -47.01
C CYS H 808 2.24 -44.75 -47.95
N TYR H 809 2.59 -45.98 -48.37
CA TYR H 809 1.76 -46.89 -49.14
C TYR H 809 0.42 -47.15 -48.44
N ALA H 810 0.45 -47.43 -47.12
CA ALA H 810 -0.74 -47.57 -46.31
C ALA H 810 -1.60 -46.30 -46.26
N THR H 811 -1.00 -45.11 -46.06
CA THR H 811 -1.75 -43.84 -46.07
C THR H 811 -2.45 -43.56 -47.39
N PHE H 812 -1.78 -43.81 -48.54
CA PHE H 812 -2.37 -43.71 -49.86
C PHE H 812 -3.53 -44.67 -50.08
N LEU H 813 -3.40 -45.95 -49.66
CA LEU H 813 -4.49 -46.91 -49.71
C LEU H 813 -5.68 -46.54 -48.84
N ARG H 814 -5.45 -45.98 -47.66
CA ARG H 814 -6.51 -45.43 -46.83
C ARG H 814 -7.20 -44.23 -47.46
N ARG H 815 -6.47 -43.31 -48.11
CA ARG H 815 -7.05 -42.25 -48.91
C ARG H 815 -7.90 -42.72 -50.09
N THR H 816 -7.45 -43.73 -50.86
CA THR H 816 -8.27 -44.34 -51.91
C THR H 816 -9.46 -45.09 -51.37
N ARG H 817 -9.31 -45.88 -50.28
CA ARG H 817 -10.43 -46.56 -49.64
C ARG H 817 -11.47 -45.61 -49.06
N ALA H 818 -11.05 -44.51 -48.43
CA ALA H 818 -11.95 -43.48 -47.96
C ALA H 818 -12.74 -42.81 -49.07
N ALA H 819 -12.11 -42.54 -50.24
CA ALA H 819 -12.84 -42.08 -51.39
C ALA H 819 -13.85 -43.09 -51.92
N ILE H 820 -13.46 -44.39 -52.09
CA ILE H 820 -14.40 -45.37 -52.65
C ILE H 820 -15.63 -45.52 -51.78
N ILE H 821 -15.48 -45.67 -50.44
CA ILE H 821 -16.63 -45.85 -49.56
C ILE H 821 -17.60 -44.67 -49.61
N ILE H 822 -17.12 -43.41 -49.57
CA ILE H 822 -18.01 -42.25 -49.63
C ILE H 822 -18.73 -42.05 -50.94
N GLN H 823 -18.05 -42.34 -52.08
CA GLN H 823 -18.61 -42.31 -53.42
C GLN H 823 -19.71 -43.30 -53.51
N LYS H 824 -19.45 -44.45 -52.91
CA LYS H 824 -20.41 -45.49 -52.81
C LYS H 824 -21.61 -45.15 -51.95
N PHE H 825 -21.43 -44.55 -50.77
CA PHE H 825 -22.54 -44.11 -49.94
C PHE H 825 -23.45 -43.12 -50.64
N GLN H 826 -22.83 -42.24 -51.43
CA GLN H 826 -23.53 -41.31 -52.24
C GLN H 826 -24.36 -41.95 -53.34
N ARG H 827 -23.79 -42.91 -54.08
CA ARG H 827 -24.50 -43.63 -55.14
C ARG H 827 -25.62 -44.52 -54.66
N MET H 828 -25.47 -45.22 -53.52
CA MET H 828 -26.60 -45.90 -52.89
C MET H 828 -27.71 -44.96 -52.46
N TYR H 829 -27.36 -43.85 -51.79
CA TYR H 829 -28.34 -42.88 -51.39
C TYR H 829 -29.04 -42.16 -52.57
N VAL H 830 -28.29 -41.74 -53.61
CA VAL H 830 -28.85 -41.00 -54.74
C VAL H 830 -29.88 -41.78 -55.55
N VAL H 831 -29.65 -43.09 -55.78
CA VAL H 831 -30.61 -43.93 -56.45
C VAL H 831 -31.88 -44.14 -55.63
N ARG H 832 -31.76 -44.43 -54.32
CA ARG H 832 -32.91 -44.68 -53.45
C ARG H 832 -33.82 -43.49 -53.29
N LYS H 833 -33.25 -42.27 -53.15
CA LYS H 833 -34.05 -41.06 -53.07
C LYS H 833 -34.98 -40.88 -54.27
N ARG H 834 -34.44 -41.06 -55.49
CA ARG H 834 -35.14 -40.84 -56.73
C ARG H 834 -36.29 -41.82 -56.95
N TYR H 835 -36.04 -43.09 -56.63
CA TYR H 835 -37.06 -44.14 -56.67
C TYR H 835 -38.12 -44.01 -55.60
N GLN H 836 -37.75 -43.73 -54.34
CA GLN H 836 -38.71 -43.55 -53.27
C GLN H 836 -39.65 -42.39 -53.53
N CYS H 837 -39.13 -41.21 -53.93
CA CYS H 837 -39.95 -40.05 -54.19
C CYS H 837 -40.92 -40.25 -55.35
N MET H 838 -40.47 -40.93 -56.42
CA MET H 838 -41.34 -41.33 -57.50
C MET H 838 -42.42 -42.31 -57.10
N ARG H 839 -42.09 -43.31 -56.26
CA ARG H 839 -43.06 -44.23 -55.69
C ARG H 839 -44.09 -43.56 -54.78
N ASP H 840 -43.65 -42.62 -53.91
CA ASP H 840 -44.52 -41.81 -53.08
C ASP H 840 -45.47 -40.93 -53.89
N ALA H 841 -44.97 -40.28 -54.96
CA ALA H 841 -45.80 -39.55 -55.90
C ALA H 841 -46.85 -40.42 -56.59
N THR H 842 -46.49 -41.65 -57.00
CA THR H 842 -47.46 -42.62 -57.52
C THR H 842 -48.47 -43.11 -56.51
N ILE H 843 -48.10 -43.39 -55.24
CA ILE H 843 -49.07 -43.77 -54.23
C ILE H 843 -50.06 -42.66 -53.90
N ALA H 844 -49.61 -41.40 -53.80
CA ALA H 844 -50.48 -40.25 -53.64
C ALA H 844 -51.50 -40.09 -54.75
N LEU H 845 -51.04 -40.27 -56.01
CA LEU H 845 -51.86 -40.25 -57.21
C LEU H 845 -52.94 -41.30 -57.21
N GLN H 846 -52.64 -42.53 -56.77
CA GLN H 846 -53.63 -43.59 -56.75
C GLN H 846 -54.50 -43.63 -55.50
N ALA H 847 -54.06 -43.01 -54.39
CA ALA H 847 -54.92 -42.75 -53.25
C ALA H 847 -55.96 -41.69 -53.56
N LEU H 848 -55.51 -40.58 -54.16
CA LEU H 848 -56.38 -39.53 -54.67
C LEU H 848 -57.34 -39.99 -55.73
N LEU H 849 -56.88 -40.83 -56.68
CA LEU H 849 -57.75 -41.44 -57.67
C LEU H 849 -58.83 -42.31 -57.03
N ARG H 850 -58.47 -43.17 -56.06
CA ARG H 850 -59.43 -43.94 -55.29
C ARG H 850 -60.42 -43.09 -54.49
N GLY H 851 -59.97 -41.94 -53.95
CA GLY H 851 -60.86 -40.96 -53.31
C GLY H 851 -61.72 -40.16 -54.25
N TYR H 852 -61.29 -39.98 -55.52
CA TYR H 852 -62.06 -39.34 -56.56
C TYR H 852 -63.14 -40.29 -57.12
N LEU H 853 -62.78 -41.56 -57.40
CA LEU H 853 -63.68 -42.56 -57.96
C LEU H 853 -64.92 -42.81 -57.13
N VAL H 854 -64.75 -42.98 -55.81
CA VAL H 854 -65.86 -43.24 -54.92
C VAL H 854 -66.82 -42.07 -54.86
N ARG H 855 -66.31 -40.83 -54.89
CA ARG H 855 -67.08 -39.63 -54.91
C ARG H 855 -67.88 -39.48 -56.18
N ASN H 856 -67.30 -39.80 -57.36
CA ASN H 856 -68.01 -39.91 -58.61
C ASN H 856 -69.12 -40.97 -58.58
N LYS H 857 -68.80 -42.17 -58.09
CA LYS H 857 -69.71 -43.29 -57.98
C LYS H 857 -70.90 -43.01 -57.05
N TYR H 858 -70.64 -42.37 -55.90
CA TYR H 858 -71.62 -41.78 -55.00
C TYR H 858 -72.46 -40.70 -55.67
N GLN H 859 -71.83 -39.77 -56.40
CA GLN H 859 -72.49 -38.68 -57.10
C GLN H 859 -73.46 -39.17 -58.17
N MET H 860 -73.05 -40.17 -58.98
CA MET H 860 -73.89 -40.85 -59.94
C MET H 860 -75.06 -41.56 -59.32
N MET H 861 -74.84 -42.28 -58.22
CA MET H 861 -75.86 -42.96 -57.46
C MET H 861 -76.92 -42.00 -56.92
N LEU H 862 -76.46 -40.84 -56.39
CA LEU H 862 -77.33 -39.75 -55.98
C LEU H 862 -78.15 -39.16 -57.12
N ARG H 863 -77.58 -39.01 -58.33
CA ARG H 863 -78.33 -38.57 -59.51
C ARG H 863 -79.47 -39.52 -59.90
N GLU H 864 -79.22 -40.85 -59.94
CA GLU H 864 -80.24 -41.86 -60.13
C GLU H 864 -81.29 -41.87 -59.03
N HIS H 865 -80.86 -41.83 -57.75
CA HIS H 865 -81.75 -41.81 -56.60
C HIS H 865 -82.61 -40.58 -56.56
N LYS H 866 -82.06 -39.42 -56.96
CA LYS H 866 -82.83 -38.21 -57.08
C LYS H 866 -83.90 -38.24 -58.13
N SER H 867 -83.61 -38.88 -59.27
CA SER H 867 -84.60 -39.06 -60.32
C SER H 867 -85.75 -39.93 -59.85
N ILE H 868 -85.43 -41.07 -59.20
CA ILE H 868 -86.39 -42.02 -58.66
C ILE H 868 -87.39 -41.36 -57.74
N ILE H 869 -86.92 -40.56 -56.75
CA ILE H 869 -87.84 -39.95 -55.81
C ILE H 869 -88.65 -38.79 -56.39
N ILE H 870 -88.21 -38.13 -57.48
CA ILE H 870 -89.09 -37.21 -58.18
C ILE H 870 -90.11 -37.88 -59.08
N GLN H 871 -89.71 -38.95 -59.79
CA GLN H 871 -90.54 -39.75 -60.67
C GLN H 871 -91.65 -40.37 -59.89
N LYS H 872 -91.30 -40.78 -58.67
CA LYS H 872 -92.27 -41.28 -57.78
C LYS H 872 -93.28 -40.27 -57.28
N HIS H 873 -92.84 -39.10 -56.82
CA HIS H 873 -93.77 -38.08 -56.37
C HIS H 873 -94.71 -37.57 -57.45
N VAL H 874 -94.25 -37.44 -58.71
CA VAL H 874 -95.11 -37.17 -59.84
C VAL H 874 -96.15 -38.26 -60.12
N ARG H 875 -95.79 -39.55 -59.96
CA ARG H 875 -96.77 -40.62 -60.14
C ARG H 875 -97.61 -40.84 -58.89
N GLY H 876 -97.49 -39.98 -57.87
CA GLY H 876 -98.49 -39.80 -56.83
C GLY H 876 -99.65 -38.96 -57.30
N TRP H 877 -99.57 -38.37 -58.51
CA TRP H 877 -100.67 -37.58 -59.04
C TRP H 877 -101.73 -38.43 -59.72
N LEU H 878 -101.75 -39.75 -59.48
CA LEU H 878 -102.91 -40.58 -59.74
C LEU H 878 -104.08 -40.09 -58.90
N ALA H 879 -103.77 -39.60 -57.69
CA ALA H 879 -104.56 -38.67 -56.90
C ALA H 879 -105.25 -37.53 -57.67
N ARG H 880 -104.49 -36.84 -58.54
CA ARG H 880 -104.99 -35.78 -59.41
C ARG H 880 -106.01 -36.31 -60.39
N VAL H 881 -105.78 -37.50 -60.99
CA VAL H 881 -106.78 -38.14 -61.82
C VAL H 881 -108.00 -38.60 -61.01
N HIS H 882 -107.80 -39.28 -59.86
CA HIS H 882 -108.82 -39.88 -59.01
C HIS H 882 -109.77 -38.90 -58.33
N TYR H 883 -109.30 -37.76 -57.79
CA TYR H 883 -110.25 -36.83 -57.19
C TYR H 883 -110.19 -35.44 -57.73
N HIS H 884 -109.03 -34.97 -58.23
CA HIS H 884 -108.90 -33.62 -58.73
C HIS H 884 -109.47 -33.48 -60.15
N ARG H 885 -109.63 -34.62 -60.86
CA ARG H 885 -110.16 -34.64 -62.21
C ARG H 885 -111.32 -35.58 -62.43
N THR H 886 -111.57 -36.59 -61.56
CA THR H 886 -112.74 -37.46 -61.69
C THR H 886 -113.72 -37.30 -60.56
N LEU H 887 -113.48 -37.82 -59.33
CA LEU H 887 -114.54 -37.91 -58.33
C LEU H 887 -115.27 -36.63 -57.98
N LYS H 888 -114.54 -35.50 -57.86
CA LYS H 888 -115.16 -34.22 -57.68
C LYS H 888 -115.99 -33.72 -58.85
N ALA H 889 -115.67 -34.13 -60.08
CA ALA H 889 -116.53 -33.89 -61.23
C ALA H 889 -117.76 -34.81 -61.21
N ILE H 890 -117.63 -36.04 -60.67
CA ILE H 890 -118.76 -36.93 -60.43
C ILE H 890 -119.74 -36.36 -59.43
N VAL H 891 -119.26 -35.90 -58.26
CA VAL H 891 -120.13 -35.35 -57.22
C VAL H 891 -120.88 -34.11 -57.68
N TYR H 892 -120.23 -33.16 -58.39
CA TYR H 892 -120.90 -31.98 -58.92
C TYR H 892 -122.00 -32.29 -59.90
N LEU H 893 -121.79 -33.31 -60.75
CA LEU H 893 -122.85 -33.77 -61.61
C LEU H 893 -124.05 -34.38 -60.89
N GLN H 894 -123.81 -35.17 -59.83
CA GLN H 894 -124.83 -35.75 -58.99
C GLN H 894 -125.67 -34.72 -58.26
N CYS H 895 -125.05 -33.62 -57.80
CA CYS H 895 -125.76 -32.46 -57.27
C CYS H 895 -126.77 -31.91 -58.27
N CYS H 896 -126.32 -31.68 -59.52
CA CYS H 896 -127.14 -31.21 -60.62
C CYS H 896 -128.24 -32.13 -61.05
N TYR H 897 -127.96 -33.44 -61.06
CA TYR H 897 -128.96 -34.49 -61.25
C TYR H 897 -130.07 -34.47 -60.25
N ARG H 898 -129.73 -34.38 -58.95
CA ARG H 898 -130.67 -34.29 -57.85
C ARG H 898 -131.56 -33.12 -58.01
N ARG H 899 -130.99 -32.04 -58.52
CA ARG H 899 -131.72 -30.83 -58.72
C ARG H 899 -132.52 -30.71 -59.97
N MET H 900 -132.17 -31.45 -61.00
CA MET H 900 -133.09 -31.64 -62.07
C MET H 900 -134.24 -32.59 -61.72
N MET H 901 -134.01 -33.54 -60.78
CA MET H 901 -135.06 -34.41 -60.27
C MET H 901 -136.17 -33.74 -59.58
N ALA H 902 -135.84 -32.87 -58.62
CA ALA H 902 -136.90 -32.23 -57.91
C ALA H 902 -137.51 -31.11 -58.72
N LYS H 903 -136.81 -30.66 -59.81
CA LYS H 903 -137.36 -29.77 -60.83
C LYS H 903 -138.54 -30.32 -61.58
N ARG H 904 -138.68 -31.63 -61.52
CA ARG H 904 -139.84 -32.28 -62.03
C ARG H 904 -140.91 -32.47 -60.99
N GLU H 905 -140.50 -32.61 -59.72
CA GLU H 905 -141.40 -32.78 -58.60
C GLU H 905 -142.31 -31.57 -58.44
N LEU H 906 -141.75 -30.35 -58.47
CA LEU H 906 -142.53 -29.11 -58.42
C LEU H 906 -143.00 -28.63 -59.78
N LYS H 907 -143.32 -29.60 -60.64
CA LYS H 907 -144.23 -29.40 -61.75
C LYS H 907 -145.29 -30.51 -61.80
N LYS H 908 -145.37 -31.41 -60.78
CA LYS H 908 -146.50 -32.32 -60.65
C LYS H 908 -147.32 -32.09 -59.41
N LEU H 909 -146.64 -31.65 -58.36
CA LEU H 909 -147.13 -31.31 -57.07
C LEU H 909 -145.90 -30.52 -56.63
N MET H 951 -127.92 -7.75 -39.84
CA MET H 951 -127.93 -6.45 -39.15
C MET H 951 -127.21 -6.33 -37.81
N ASN H 952 -127.61 -7.04 -36.74
CA ASN H 952 -126.79 -7.10 -35.56
C ASN H 952 -125.46 -7.81 -35.76
N ASN H 953 -125.44 -8.89 -36.55
CA ASN H 953 -124.40 -9.88 -36.38
C ASN H 953 -123.19 -9.68 -37.29
N LEU H 954 -123.20 -8.62 -38.10
CA LEU H 954 -122.05 -8.18 -38.86
C LEU H 954 -121.37 -6.97 -38.25
N GLU H 955 -122.09 -6.08 -37.51
CA GLU H 955 -121.56 -4.89 -36.83
C GLU H 955 -120.29 -5.28 -36.06
N ILE H 956 -120.44 -6.36 -35.28
CA ILE H 956 -119.48 -6.98 -34.39
C ILE H 956 -118.13 -7.34 -35.01
N THR H 957 -118.07 -7.53 -36.34
CA THR H 957 -116.80 -7.81 -37.01
C THR H 957 -115.98 -6.54 -37.22
N TYR H 958 -116.60 -5.44 -37.69
CA TYR H 958 -115.88 -4.22 -38.04
C TYR H 958 -115.26 -3.55 -36.84
N SER H 959 -116.01 -3.52 -35.75
CA SER H 959 -115.66 -2.86 -34.52
C SER H 959 -114.42 -3.45 -33.85
N THR H 960 -114.27 -4.79 -33.89
CA THR H 960 -112.98 -5.40 -33.59
C THR H 960 -111.90 -5.14 -34.62
N GLU H 961 -112.16 -5.29 -35.92
CA GLU H 961 -111.16 -5.17 -36.97
C GLU H 961 -110.52 -3.78 -37.07
N THR H 962 -111.36 -2.72 -36.96
CA THR H 962 -110.93 -1.32 -36.94
C THR H 962 -109.97 -0.97 -35.82
N GLU H 963 -110.13 -1.55 -34.62
CA GLU H 963 -109.14 -1.55 -33.54
C GLU H 963 -107.85 -2.25 -33.96
N LYS H 964 -107.89 -3.39 -34.68
CA LYS H 964 -106.66 -4.12 -35.02
C LYS H 964 -105.73 -3.31 -35.91
N LEU H 965 -106.22 -2.69 -37.01
CA LEU H 965 -105.34 -1.95 -37.90
C LEU H 965 -105.10 -0.52 -37.41
N ARG H 966 -105.72 -0.15 -36.27
CA ARG H 966 -105.24 0.93 -35.45
C ARG H 966 -104.06 0.52 -34.56
N SER H 967 -104.13 -0.68 -33.98
CA SER H 967 -103.09 -1.23 -33.13
C SER H 967 -101.79 -1.58 -33.85
N ASP H 968 -101.87 -2.22 -35.04
CA ASP H 968 -100.70 -2.54 -35.84
C ASP H 968 -100.21 -1.41 -36.75
N VAL H 969 -101.01 -0.33 -37.01
CA VAL H 969 -100.43 0.90 -37.57
C VAL H 969 -99.40 1.51 -36.63
N GLU H 970 -99.65 1.43 -35.31
CA GLU H 970 -98.68 1.86 -34.33
C GLU H 970 -97.54 0.89 -34.15
N ARG H 971 -97.71 -0.35 -34.61
CA ARG H 971 -96.63 -1.29 -34.64
C ARG H 971 -95.66 -1.04 -35.75
N LEU H 972 -96.12 -0.89 -37.02
CA LEU H 972 -95.17 -0.63 -38.10
C LEU H 972 -94.59 0.77 -38.08
N ARG H 973 -95.31 1.78 -37.53
CA ARG H 973 -94.71 3.07 -37.22
C ARG H 973 -93.58 2.99 -36.20
N MET H 974 -93.76 2.24 -35.10
CA MET H 974 -92.70 2.03 -34.13
C MET H 974 -91.54 1.22 -34.72
N SER H 975 -91.83 0.21 -35.55
CA SER H 975 -90.84 -0.50 -36.34
C SER H 975 -90.07 0.38 -37.30
N GLU H 976 -90.76 1.32 -37.98
CA GLU H 976 -90.16 2.36 -38.81
C GLU H 976 -89.24 3.28 -38.04
N GLU H 977 -89.66 3.72 -36.84
CA GLU H 977 -88.87 4.50 -35.90
C GLU H 977 -87.62 3.78 -35.39
N GLU H 978 -87.77 2.50 -34.99
CA GLU H 978 -86.70 1.59 -34.61
C GLU H 978 -85.72 1.38 -35.76
N ALA H 979 -86.23 1.08 -36.97
CA ALA H 979 -85.43 0.94 -38.17
C ALA H 979 -84.67 2.20 -38.54
N LYS H 980 -85.30 3.38 -38.39
CA LYS H 980 -84.66 4.65 -38.61
C LYS H 980 -83.55 4.92 -37.61
N ASN H 981 -83.75 4.63 -36.31
CA ASN H 981 -82.70 4.71 -35.29
C ASN H 981 -81.57 3.69 -35.53
N ALA H 982 -81.92 2.46 -35.95
CA ALA H 982 -80.99 1.43 -36.33
C ALA H 982 -80.12 1.81 -37.53
N THR H 983 -80.72 2.32 -38.63
CA THR H 983 -79.97 2.76 -39.81
C THR H 983 -79.24 4.08 -39.57
N ASN H 984 -79.76 4.91 -38.64
CA ASN H 984 -79.09 6.07 -38.06
C ASN H 984 -77.79 5.66 -37.38
N ARG H 985 -77.78 4.51 -36.68
CA ARG H 985 -76.57 3.92 -36.16
C ARG H 985 -75.65 3.32 -37.20
N VAL H 986 -76.20 2.67 -38.24
CA VAL H 986 -75.43 2.14 -39.35
C VAL H 986 -74.64 3.21 -40.08
N LEU H 987 -75.24 4.35 -40.52
CA LEU H 987 -74.45 5.37 -41.21
C LEU H 987 -73.37 5.99 -40.35
N SER H 988 -73.63 6.21 -39.04
CA SER H 988 -72.63 6.71 -38.11
C SER H 988 -71.42 5.82 -37.89
N LEU H 989 -71.56 4.49 -37.80
CA LEU H 989 -70.36 3.67 -37.65
C LEU H 989 -69.65 3.41 -38.96
N GLN H 990 -70.33 3.56 -40.12
CA GLN H 990 -69.67 3.46 -41.42
C GLN H 990 -68.61 4.55 -41.62
N GLU H 991 -68.89 5.76 -41.13
CA GLU H 991 -67.95 6.88 -40.96
C GLU H 991 -66.78 6.59 -40.00
N GLU H 992 -67.04 6.03 -38.79
CA GLU H 992 -66.03 5.59 -37.83
C GLU H 992 -65.13 4.48 -38.37
N ILE H 993 -65.73 3.43 -38.98
CA ILE H 993 -65.03 2.22 -39.37
C ILE H 993 -64.13 2.46 -40.58
N ALA H 994 -64.42 3.52 -41.34
CA ALA H 994 -63.51 4.06 -42.31
C ALA H 994 -62.32 4.80 -41.71
N LYS H 995 -62.51 5.66 -40.69
CA LYS H 995 -61.45 6.51 -40.14
C LYS H 995 -60.27 5.74 -39.56
N LEU H 996 -60.53 4.72 -38.71
CA LEU H 996 -59.46 3.92 -38.11
C LEU H 996 -58.69 3.11 -39.13
N ARG H 997 -59.36 2.74 -40.23
CA ARG H 997 -58.76 2.03 -41.34
C ARG H 997 -57.84 2.93 -42.16
N LYS H 998 -57.94 4.26 -41.98
CA LYS H 998 -56.89 5.15 -42.43
C LYS H 998 -55.85 5.32 -41.34
N GLU H 999 -56.22 5.67 -40.08
CA GLU H 999 -55.26 6.02 -39.04
C GLU H 999 -54.28 4.91 -38.69
N LEU H 1000 -54.74 3.63 -38.62
CA LEU H 1000 -53.86 2.49 -38.37
C LEU H 1000 -52.96 2.20 -39.54
N HIS H 1001 -53.39 2.53 -40.77
CA HIS H 1001 -52.52 2.50 -41.93
C HIS H 1001 -51.45 3.58 -41.87
N GLN H 1002 -51.80 4.80 -41.43
CA GLN H 1002 -50.88 5.90 -41.22
C GLN H 1002 -49.83 5.58 -40.17
N THR H 1003 -50.22 4.95 -39.04
CA THR H 1003 -49.25 4.41 -38.09
C THR H 1003 -48.44 3.27 -38.66
N GLN H 1004 -49.04 2.31 -39.39
CA GLN H 1004 -48.33 1.18 -39.99
C GLN H 1004 -47.23 1.58 -40.96
N THR H 1005 -47.48 2.55 -41.85
CA THR H 1005 -46.45 3.08 -42.73
C THR H 1005 -45.33 3.78 -41.98
N GLU H 1006 -45.64 4.56 -40.91
CA GLU H 1006 -44.62 5.16 -40.06
C GLU H 1006 -43.82 4.11 -39.29
N LYS H 1007 -44.51 3.09 -38.75
CA LYS H 1007 -43.89 1.99 -38.05
C LYS H 1007 -42.96 1.20 -38.93
N LYS H 1008 -43.30 0.96 -40.22
CA LYS H 1008 -42.34 0.37 -41.12
C LYS H 1008 -41.07 1.19 -41.29
N THR H 1009 -41.18 2.53 -41.36
CA THR H 1009 -40.04 3.44 -41.27
C THR H 1009 -39.24 3.33 -39.99
N ILE H 1010 -39.86 3.38 -38.79
CA ILE H 1010 -39.14 3.34 -37.52
C ILE H 1010 -38.41 2.03 -37.27
N GLU H 1011 -39.03 0.92 -37.68
CA GLU H 1011 -38.51 -0.43 -37.55
C GLU H 1011 -37.33 -0.66 -38.46
N GLU H 1012 -37.40 -0.17 -39.72
CA GLU H 1012 -36.28 -0.10 -40.64
C GLU H 1012 -35.15 0.79 -40.13
N TRP H 1013 -35.49 1.99 -39.62
CA TRP H 1013 -34.57 2.96 -39.05
C TRP H 1013 -33.83 2.43 -37.83
N ALA H 1014 -34.53 1.78 -36.89
CA ALA H 1014 -33.95 1.15 -35.72
C ALA H 1014 -33.02 -0.03 -36.04
N ASP H 1015 -33.38 -0.82 -37.06
CA ASP H 1015 -32.56 -1.86 -37.66
C ASP H 1015 -31.29 -1.28 -38.31
N LYS H 1016 -31.40 -0.17 -39.05
CA LYS H 1016 -30.24 0.46 -39.68
C LYS H 1016 -29.38 1.24 -38.68
N TYR H 1017 -29.93 1.58 -37.51
CA TYR H 1017 -29.15 2.02 -36.37
C TYR H 1017 -28.74 0.81 -35.51
N LYS H 1018 -29.01 -0.43 -35.94
CA LYS H 1018 -28.32 -1.58 -35.43
C LYS H 1018 -27.17 -1.90 -36.35
N HIS H 1019 -27.33 -1.66 -37.67
CA HIS H 1019 -26.25 -1.70 -38.66
C HIS H 1019 -25.11 -0.74 -38.30
N GLU H 1020 -25.42 0.47 -37.80
CA GLU H 1020 -24.44 1.37 -37.20
C GLU H 1020 -23.78 0.80 -35.93
N THR H 1021 -24.60 0.26 -35.01
CA THR H 1021 -24.23 -0.19 -33.67
C THR H 1021 -23.35 -1.42 -33.63
N GLU H 1022 -23.52 -2.37 -34.56
CA GLU H 1022 -22.62 -3.48 -34.74
C GLU H 1022 -21.24 -3.06 -35.26
N GLN H 1023 -21.18 -2.06 -36.16
CA GLN H 1023 -19.95 -1.59 -36.77
C GLN H 1023 -19.01 -0.83 -35.86
N LEU H 1024 -19.49 0.07 -34.96
CA LEU H 1024 -18.56 0.77 -34.09
C LEU H 1024 -17.97 -0.13 -33.01
N VAL H 1025 -18.60 -1.28 -32.71
CA VAL H 1025 -18.07 -2.21 -31.74
C VAL H 1025 -17.12 -3.21 -32.39
N SER H 1026 -16.83 -3.05 -33.69
CA SER H 1026 -15.63 -3.58 -34.30
C SER H 1026 -14.57 -2.49 -34.46
N GLU H 1027 -14.86 -1.33 -35.11
CA GLU H 1027 -13.87 -0.27 -35.35
C GLU H 1027 -13.27 0.34 -34.10
N LEU H 1028 -14.10 0.64 -33.08
CA LEU H 1028 -13.62 1.22 -31.83
C LEU H 1028 -12.98 0.14 -30.97
N LYS H 1029 -13.25 -1.15 -31.26
CA LYS H 1029 -12.48 -2.23 -30.67
C LYS H 1029 -11.11 -2.29 -31.31
N GLU H 1030 -10.99 -2.17 -32.63
CA GLU H 1030 -9.70 -2.07 -33.29
C GLU H 1030 -8.89 -0.86 -32.87
N GLN H 1031 -9.55 0.31 -32.76
CA GLN H 1031 -8.95 1.49 -32.17
C GLN H 1031 -8.49 1.31 -30.72
N ASN H 1032 -9.26 0.60 -29.89
CA ASN H 1032 -8.84 0.33 -28.52
C ASN H 1032 -7.73 -0.72 -28.43
N THR H 1033 -7.53 -1.56 -29.47
CA THR H 1033 -6.42 -2.51 -29.55
C THR H 1033 -5.10 -1.83 -29.81
N LEU H 1034 -4.98 -0.96 -30.84
CA LEU H 1034 -3.67 -0.49 -31.28
C LEU H 1034 -3.03 0.54 -30.36
N LEU H 1035 -3.78 1.30 -29.55
CA LEU H 1035 -3.13 2.20 -28.60
C LEU H 1035 -2.59 1.45 -27.38
N LYS H 1036 -3.07 0.21 -27.14
CA LYS H 1036 -2.45 -0.74 -26.22
C LYS H 1036 -1.16 -1.33 -26.78
N THR H 1037 -1.12 -1.67 -28.08
CA THR H 1037 0.12 -2.09 -28.75
C THR H 1037 1.14 -0.97 -28.82
N GLU H 1038 0.68 0.27 -29.05
CA GLU H 1038 1.46 1.47 -28.91
C GLU H 1038 2.01 1.69 -27.51
N LYS H 1039 1.23 1.32 -26.48
CA LYS H 1039 1.63 1.38 -25.08
C LYS H 1039 2.81 0.48 -24.75
N GLU H 1040 2.79 -0.74 -25.31
CA GLU H 1040 3.89 -1.67 -25.33
C GLU H 1040 5.11 -1.05 -26.01
N GLU H 1041 4.92 -0.45 -27.21
CA GLU H 1041 6.00 0.23 -27.90
C GLU H 1041 6.66 1.40 -27.17
N LEU H 1042 5.87 2.34 -26.62
CA LEU H 1042 6.46 3.51 -25.99
C LEU H 1042 7.17 3.23 -24.69
N ASN H 1043 6.67 2.25 -23.91
CA ASN H 1043 7.29 1.85 -22.67
C ASN H 1043 8.67 1.25 -22.89
N ARG H 1044 8.81 0.37 -23.91
CA ARG H 1044 10.12 -0.11 -24.30
C ARG H 1044 11.03 1.01 -24.79
N ARG H 1045 10.54 1.91 -25.65
CA ARG H 1045 11.33 2.99 -26.20
C ARG H 1045 11.83 4.04 -25.22
N ILE H 1046 11.04 4.44 -24.20
CA ILE H 1046 11.53 5.31 -23.12
C ILE H 1046 12.58 4.63 -22.23
N HIS H 1047 12.45 3.32 -21.95
CA HIS H 1047 13.46 2.55 -21.23
C HIS H 1047 14.76 2.35 -22.00
N ASP H 1048 14.67 2.16 -23.34
CA ASP H 1048 15.78 2.15 -24.29
C ASP H 1048 16.52 3.49 -24.26
N GLN H 1049 15.78 4.63 -24.27
CA GLN H 1049 16.33 5.96 -24.02
C GLN H 1049 17.02 6.07 -22.66
N ALA H 1050 16.40 5.58 -21.57
CA ALA H 1050 16.98 5.61 -20.23
C ALA H 1050 18.20 4.70 -20.01
N LYS H 1051 18.29 3.56 -20.70
CA LYS H 1051 19.50 2.75 -20.74
C LYS H 1051 20.60 3.40 -21.56
N GLU H 1052 20.29 3.94 -22.75
CA GLU H 1052 21.24 4.68 -23.57
C GLU H 1052 21.78 5.92 -22.86
N ILE H 1053 20.91 6.68 -22.16
CA ILE H 1053 21.29 7.82 -21.34
C ILE H 1053 22.26 7.48 -20.23
N THR H 1054 22.09 6.36 -19.52
CA THR H 1054 23.09 5.96 -18.53
C THR H 1054 24.38 5.44 -19.15
N GLU H 1055 24.33 4.77 -20.33
CA GLU H 1055 25.51 4.39 -21.11
C GLU H 1055 26.30 5.59 -21.61
N THR H 1056 25.63 6.57 -22.24
CA THR H 1056 26.28 7.78 -22.74
C THR H 1056 26.91 8.61 -21.64
N MET H 1057 26.25 8.73 -20.44
CA MET H 1057 26.85 9.29 -19.25
C MET H 1057 28.06 8.52 -18.71
N GLU H 1058 28.01 7.17 -18.71
CA GLU H 1058 29.11 6.29 -18.34
C GLU H 1058 30.33 6.51 -19.25
N LYS H 1059 30.10 6.66 -20.57
CA LYS H 1059 31.09 7.13 -21.51
C LYS H 1059 31.58 8.56 -21.28
N LYS H 1060 30.66 9.48 -20.96
CA LYS H 1060 30.97 10.89 -20.82
C LYS H 1060 31.92 11.24 -19.68
N LEU H 1061 31.81 10.59 -18.49
CA LEU H 1061 32.82 10.85 -17.46
C LEU H 1061 34.17 10.22 -17.76
N VAL H 1062 34.24 9.13 -18.57
CA VAL H 1062 35.55 8.68 -19.04
C VAL H 1062 36.12 9.56 -20.13
N GLU H 1063 35.30 10.35 -20.86
CA GLU H 1063 35.80 11.42 -21.71
C GLU H 1063 36.59 12.42 -20.88
N GLU H 1064 36.04 12.83 -19.71
CA GLU H 1064 36.72 13.66 -18.74
C GLU H 1064 38.02 13.05 -18.23
N THR H 1065 38.01 11.76 -17.80
CA THR H 1065 39.23 11.09 -17.31
C THR H 1065 40.33 10.95 -18.36
N LYS H 1066 40.02 10.63 -19.63
CA LYS H 1066 41.04 10.54 -20.67
C LYS H 1066 41.51 11.92 -21.14
N GLN H 1067 40.73 12.99 -20.92
CA GLN H 1067 41.16 14.34 -21.22
C GLN H 1067 42.36 14.81 -20.40
N LEU H 1068 42.43 14.54 -19.08
CA LEU H 1068 43.65 14.82 -18.33
C LEU H 1068 44.73 13.74 -18.47
N GLU H 1069 44.38 12.52 -18.93
CA GLU H 1069 45.32 11.44 -19.14
C GLU H 1069 46.30 11.70 -20.27
N LEU H 1070 45.82 12.22 -21.42
CA LEU H 1070 46.70 12.66 -22.49
C LEU H 1070 47.51 13.91 -22.11
N ASP H 1071 46.88 14.88 -21.40
CA ASP H 1071 47.47 16.13 -20.94
C ASP H 1071 48.77 15.96 -20.13
N LEU H 1072 48.75 15.15 -19.05
CA LEU H 1072 49.90 15.12 -18.15
C LEU H 1072 51.13 14.43 -18.70
N ASN H 1073 50.97 13.57 -19.74
CA ASN H 1073 52.11 12.95 -20.38
C ASN H 1073 52.82 13.89 -21.35
N ASP H 1074 52.11 14.90 -21.91
CA ASP H 1074 52.71 15.91 -22.77
C ASP H 1074 53.77 16.73 -22.00
N GLU H 1075 53.38 17.15 -20.78
CA GLU H 1075 54.23 17.70 -19.73
C GLU H 1075 55.35 16.74 -19.37
N ARG H 1076 55.05 15.44 -19.26
CA ARG H 1076 56.05 14.49 -18.87
C ARG H 1076 57.17 14.19 -19.84
N LEU H 1077 56.90 13.87 -21.13
CA LEU H 1077 57.99 13.52 -22.04
C LEU H 1077 58.78 14.75 -22.47
N ARG H 1078 58.17 15.94 -22.35
CA ARG H 1078 58.80 17.23 -22.55
C ARG H 1078 59.95 17.50 -21.60
N TYR H 1079 59.76 17.17 -20.31
CA TYR H 1079 60.75 17.33 -19.26
C TYR H 1079 62.00 16.48 -19.40
N GLN H 1080 61.89 15.27 -19.99
CA GLN H 1080 62.96 14.30 -20.00
C GLN H 1080 64.04 14.60 -21.03
N ALA I 10 40.65 -58.56 -55.98
CA ALA I 10 39.54 -58.34 -55.06
C ALA I 10 38.55 -57.27 -55.45
N GLU I 11 38.28 -57.00 -56.74
CA GLU I 11 37.42 -55.88 -57.12
C GLU I 11 36.04 -56.00 -56.48
N PHE I 12 35.46 -54.86 -56.12
CA PHE I 12 34.11 -54.86 -55.63
C PHE I 12 33.41 -53.61 -56.08
N LYS I 13 32.42 -53.74 -56.97
CA LYS I 13 31.59 -52.61 -57.37
C LYS I 13 30.83 -51.98 -56.20
N GLU I 14 30.36 -52.78 -55.22
CA GLU I 14 29.69 -52.22 -54.06
C GLU I 14 30.55 -51.26 -53.24
N ALA I 15 31.83 -51.63 -53.05
CA ALA I 15 32.80 -50.84 -52.34
C ALA I 15 33.15 -49.56 -53.07
N PHE I 16 33.24 -49.62 -54.41
CA PHE I 16 33.40 -48.45 -55.26
C PHE I 16 32.26 -47.48 -55.08
N SER I 17 31.03 -48.00 -55.01
CA SER I 17 29.82 -47.23 -54.83
C SER I 17 29.69 -46.61 -53.44
N LEU I 18 30.56 -46.99 -52.47
CA LEU I 18 30.58 -46.46 -51.13
C LEU I 18 31.56 -45.29 -51.07
N PHE I 19 32.27 -45.07 -52.20
CA PHE I 19 33.37 -44.15 -52.30
C PHE I 19 33.17 -43.19 -53.44
N ASP I 20 32.45 -43.61 -54.49
CA ASP I 20 31.59 -42.80 -55.30
C ASP I 20 30.50 -42.38 -54.39
N LYS I 21 30.61 -41.12 -53.98
CA LYS I 21 29.62 -40.56 -53.15
C LYS I 21 28.91 -39.58 -54.04
N ASP I 22 29.16 -39.50 -55.35
CA ASP I 22 28.41 -38.51 -56.09
C ASP I 22 27.54 -39.15 -57.16
N GLY I 23 27.63 -40.49 -57.33
CA GLY I 23 26.82 -41.27 -58.26
C GLY I 23 27.23 -40.96 -59.69
N ASP I 24 28.32 -40.17 -59.78
CA ASP I 24 28.99 -39.52 -60.87
C ASP I 24 29.60 -40.62 -61.72
N GLY I 25 30.01 -41.71 -61.04
CA GLY I 25 30.62 -42.87 -61.61
C GLY I 25 32.09 -42.87 -61.33
N THR I 26 32.63 -41.75 -60.83
CA THR I 26 34.05 -41.65 -60.57
C THR I 26 34.36 -41.29 -59.13
N ILE I 27 35.60 -41.58 -58.68
CA ILE I 27 36.06 -41.16 -57.36
C ILE I 27 37.34 -40.39 -57.58
N THR I 28 37.71 -39.48 -56.67
CA THR I 28 38.96 -38.73 -56.77
C THR I 28 40.19 -39.63 -56.79
N THR I 29 41.20 -39.33 -57.64
CA THR I 29 42.43 -40.12 -57.78
C THR I 29 43.17 -40.28 -56.47
N LYS I 30 43.06 -39.27 -55.60
CA LYS I 30 43.65 -39.30 -54.28
C LYS I 30 42.96 -40.21 -53.27
N GLU I 31 41.75 -40.72 -53.56
CA GLU I 31 41.08 -41.71 -52.75
C GLU I 31 41.38 -43.13 -53.23
N LEU I 32 42.29 -43.29 -54.21
CA LEU I 32 42.69 -44.61 -54.70
C LEU I 32 43.29 -45.51 -53.61
N GLY I 33 44.12 -44.95 -52.70
CA GLY I 33 44.74 -45.77 -51.65
C GLY I 33 43.80 -46.23 -50.60
N THR I 34 42.82 -45.41 -50.23
CA THR I 34 41.74 -45.79 -49.35
C THR I 34 40.78 -46.78 -49.96
N VAL I 35 40.44 -46.68 -51.28
CA VAL I 35 39.60 -47.69 -51.92
C VAL I 35 40.23 -49.08 -51.98
N MET I 36 41.55 -49.19 -52.29
CA MET I 36 42.30 -50.44 -52.21
C MET I 36 42.28 -51.03 -50.80
N ARG I 37 42.40 -50.18 -49.77
CA ARG I 37 42.40 -50.59 -48.38
C ARG I 37 41.00 -50.67 -47.77
N SER I 38 39.96 -50.51 -48.60
CA SER I 38 38.59 -50.77 -48.20
C SER I 38 38.10 -52.04 -48.81
N LEU I 39 38.74 -52.45 -49.91
CA LEU I 39 38.52 -53.67 -50.65
C LEU I 39 39.08 -54.85 -49.90
N GLY I 40 40.34 -54.67 -49.50
CA GLY I 40 41.12 -55.63 -48.78
C GLY I 40 42.43 -54.93 -48.60
N GLN I 41 43.36 -55.29 -49.49
CA GLN I 41 44.70 -54.83 -49.77
C GLN I 41 45.33 -53.79 -48.88
N ASN I 42 46.56 -54.05 -48.42
CA ASN I 42 47.24 -53.14 -47.52
C ASN I 42 48.35 -52.31 -48.21
N PRO I 43 48.29 -51.83 -49.48
CA PRO I 43 49.42 -51.26 -50.21
C PRO I 43 50.15 -50.14 -49.50
N THR I 44 51.46 -49.92 -49.78
CA THR I 44 52.16 -48.71 -49.35
C THR I 44 51.56 -47.48 -50.03
N GLU I 45 51.85 -46.26 -49.53
CA GLU I 45 51.51 -45.05 -50.28
C GLU I 45 52.39 -44.95 -51.53
N ALA I 46 53.65 -45.39 -51.45
CA ALA I 46 54.56 -45.52 -52.56
C ALA I 46 54.06 -46.43 -53.68
N GLU I 47 53.62 -47.66 -53.37
CA GLU I 47 53.04 -48.60 -54.33
C GLU I 47 51.83 -48.02 -55.03
N LEU I 48 50.96 -47.33 -54.27
CA LEU I 48 49.83 -46.60 -54.81
C LEU I 48 50.22 -45.52 -55.80
N GLN I 49 51.27 -44.73 -55.49
CA GLN I 49 51.77 -43.72 -56.40
C GLN I 49 52.40 -44.30 -57.63
N ASP I 50 53.20 -45.38 -57.50
CA ASP I 50 53.75 -46.11 -58.62
C ASP I 50 52.67 -46.63 -59.55
N MET I 51 51.59 -47.25 -59.01
CA MET I 51 50.43 -47.71 -59.78
C MET I 51 49.74 -46.64 -60.59
N ILE I 52 49.51 -45.45 -60.00
CA ILE I 52 49.02 -44.28 -60.73
C ILE I 52 50.05 -43.80 -61.75
N ASN I 53 51.34 -43.75 -61.41
CA ASN I 53 52.34 -43.16 -62.28
C ASN I 53 52.68 -44.03 -63.49
N GLU I 54 52.38 -45.34 -63.45
CA GLU I 54 52.65 -46.19 -64.59
C GLU I 54 51.49 -46.21 -65.57
N VAL I 55 50.46 -45.39 -65.35
CA VAL I 55 49.45 -45.07 -66.33
C VAL I 55 49.50 -43.59 -66.60
N ASP I 56 49.24 -43.16 -67.84
CA ASP I 56 49.09 -41.79 -68.25
C ASP I 56 47.76 -41.20 -67.78
N ALA I 57 47.48 -41.42 -66.49
CA ALA I 57 46.43 -40.82 -65.70
C ALA I 57 46.98 -39.54 -65.10
N ASP I 58 48.03 -39.00 -65.77
CA ASP I 58 48.84 -37.84 -65.53
C ASP I 58 47.98 -36.61 -65.19
N GLY I 59 47.03 -36.31 -66.10
CA GLY I 59 46.07 -35.24 -65.94
C GLY I 59 44.73 -35.65 -65.39
N ASN I 60 44.53 -36.94 -65.03
CA ASN I 60 43.23 -37.42 -64.59
C ASN I 60 42.92 -37.01 -63.15
N GLY I 61 41.83 -36.26 -62.95
CA GLY I 61 41.41 -35.84 -61.61
C GLY I 61 40.64 -36.88 -60.85
N THR I 62 39.97 -37.79 -61.58
CA THR I 62 39.14 -38.83 -61.00
C THR I 62 39.38 -40.12 -61.75
N ILE I 63 38.96 -41.26 -61.16
CA ILE I 63 39.05 -42.58 -61.74
C ILE I 63 37.68 -43.21 -61.72
N ASP I 64 37.30 -43.89 -62.81
CA ASP I 64 36.12 -44.71 -62.90
C ASP I 64 36.46 -46.13 -62.43
N PHE I 65 35.43 -46.95 -62.19
CA PHE I 65 35.56 -48.34 -61.78
C PHE I 65 36.32 -49.18 -62.83
N PRO I 66 36.03 -49.20 -64.14
CA PRO I 66 36.92 -49.70 -65.18
C PRO I 66 38.39 -49.35 -65.10
N GLU I 67 38.77 -48.08 -64.83
CA GLU I 67 40.18 -47.72 -64.74
C GLU I 67 40.85 -48.42 -63.55
N PHE I 68 40.19 -48.36 -62.38
CA PHE I 68 40.60 -48.98 -61.12
C PHE I 68 40.72 -50.50 -61.27
N LEU I 69 39.78 -51.14 -62.00
CA LEU I 69 39.86 -52.55 -62.37
C LEU I 69 41.10 -52.91 -63.18
N THR I 70 41.43 -52.09 -64.19
CA THR I 70 42.61 -52.32 -65.02
C THR I 70 43.91 -52.23 -64.24
N MET I 71 44.04 -51.23 -63.34
CA MET I 71 45.18 -51.08 -62.46
C MET I 71 45.36 -52.23 -61.49
N MET I 72 44.28 -52.71 -60.84
CA MET I 72 44.38 -53.86 -59.96
C MET I 72 44.76 -55.13 -60.70
N ALA I 73 44.26 -55.37 -61.92
CA ALA I 73 44.65 -56.50 -62.73
C ALA I 73 46.11 -56.48 -63.20
N ARG I 74 46.61 -55.31 -63.61
CA ARG I 74 48.01 -55.09 -63.97
C ARG I 74 48.95 -55.36 -62.79
N LYS I 75 48.55 -54.97 -61.57
CA LYS I 75 49.40 -55.01 -60.40
C LYS I 75 49.00 -56.04 -59.39
N MET I 76 48.17 -57.03 -59.80
CA MET I 76 47.54 -58.01 -58.91
C MET I 76 48.54 -58.74 -58.03
N LYS I 77 49.69 -59.12 -58.60
CA LYS I 77 50.71 -59.83 -57.88
C LYS I 77 51.33 -59.10 -56.70
N ASP I 78 51.63 -57.80 -56.87
CA ASP I 78 52.23 -56.97 -55.84
C ASP I 78 51.18 -56.66 -54.78
N THR I 79 49.93 -56.39 -55.20
CA THR I 79 48.82 -56.11 -54.32
C THR I 79 48.38 -57.31 -53.48
N ASP I 80 48.33 -58.53 -54.04
CA ASP I 80 48.07 -59.79 -53.35
C ASP I 80 49.09 -60.12 -52.25
N SER I 81 50.39 -59.79 -52.49
CA SER I 81 51.49 -59.91 -51.53
C SER I 81 51.21 -59.17 -50.24
N GLU I 82 50.38 -58.11 -50.35
CA GLU I 82 49.98 -57.28 -49.25
C GLU I 82 48.74 -57.74 -48.56
N GLU I 83 48.37 -59.02 -48.75
CA GLU I 83 47.56 -59.70 -47.77
C GLU I 83 47.97 -61.15 -47.50
N GLU I 84 49.22 -61.52 -47.84
CA GLU I 84 49.84 -62.74 -47.34
C GLU I 84 50.27 -62.72 -45.88
N ILE I 85 50.91 -61.64 -45.42
CA ILE I 85 51.53 -61.58 -44.11
C ILE I 85 50.55 -61.71 -42.94
N ARG I 86 51.03 -62.32 -41.84
CA ARG I 86 50.21 -62.65 -40.69
C ARG I 86 51.02 -62.42 -39.41
N GLU I 87 52.36 -62.37 -39.53
CA GLU I 87 53.31 -62.19 -38.46
C GLU I 87 54.25 -61.04 -38.81
N ALA I 88 54.93 -60.45 -37.80
CA ALA I 88 55.78 -59.30 -38.09
C ALA I 88 56.94 -59.20 -37.16
N PHE I 89 58.15 -59.41 -37.68
CA PHE I 89 59.36 -59.37 -36.90
C PHE I 89 60.00 -57.99 -36.80
N ARG I 90 60.97 -57.84 -35.88
CA ARG I 90 61.86 -56.69 -35.91
C ARG I 90 63.29 -57.15 -36.13
N VAL I 91 64.26 -56.52 -35.46
CA VAL I 91 65.34 -55.81 -36.14
C VAL I 91 65.56 -54.45 -35.46
N PHE I 92 64.66 -54.13 -34.53
CA PHE I 92 64.89 -53.35 -33.32
C PHE I 92 65.49 -54.43 -32.39
N ASP I 93 65.18 -54.53 -31.08
CA ASP I 93 65.44 -55.70 -30.24
C ASP I 93 66.46 -56.79 -30.70
N LYS I 94 67.75 -56.74 -30.29
CA LYS I 94 68.76 -57.69 -30.75
C LYS I 94 69.27 -58.57 -29.67
N ASP I 95 68.99 -58.12 -28.46
CA ASP I 95 69.07 -58.74 -27.18
C ASP I 95 68.05 -59.87 -27.13
N GLY I 96 66.85 -59.62 -27.70
CA GLY I 96 65.76 -60.58 -27.81
C GLY I 96 65.01 -60.58 -26.53
N ASN I 97 64.90 -59.37 -25.94
CA ASN I 97 64.24 -59.13 -24.67
C ASN I 97 62.74 -59.26 -24.87
N GLY I 98 62.24 -59.00 -26.11
CA GLY I 98 60.82 -59.01 -26.44
C GLY I 98 60.15 -57.70 -26.16
N TYR I 99 60.96 -56.72 -25.76
CA TYR I 99 60.57 -55.41 -25.31
C TYR I 99 61.22 -54.41 -26.23
N ILE I 100 60.56 -53.26 -26.41
CA ILE I 100 61.16 -52.11 -27.06
C ILE I 100 60.72 -50.91 -26.30
N SER I 101 61.60 -49.89 -26.18
CA SER I 101 61.23 -48.62 -25.57
C SER I 101 60.14 -47.90 -26.36
N ALA I 102 59.25 -47.16 -25.66
CA ALA I 102 58.24 -46.36 -26.33
C ALA I 102 58.85 -45.29 -27.25
N ALA I 103 60.04 -44.78 -26.87
CA ALA I 103 60.86 -43.90 -27.67
C ALA I 103 61.32 -44.48 -29.00
N GLU I 104 61.88 -45.73 -29.02
CA GLU I 104 62.22 -46.41 -30.26
C GLU I 104 60.98 -46.70 -31.11
N LEU I 105 59.90 -47.18 -30.47
CA LEU I 105 58.65 -47.51 -31.14
C LEU I 105 58.01 -46.31 -31.82
N ARG I 106 57.96 -45.16 -31.14
CA ARG I 106 57.53 -43.92 -31.76
C ARG I 106 58.45 -43.49 -32.89
N HIS I 107 59.79 -43.59 -32.71
CA HIS I 107 60.74 -43.26 -33.76
C HIS I 107 60.58 -44.09 -35.04
N VAL I 108 60.42 -45.41 -34.93
CA VAL I 108 60.21 -46.26 -36.09
C VAL I 108 58.90 -45.96 -36.81
N MET I 109 57.82 -45.70 -36.06
CA MET I 109 56.55 -45.27 -36.60
C MET I 109 56.51 -43.86 -37.20
N THR I 110 57.12 -42.85 -36.56
CA THR I 110 56.97 -41.46 -37.02
C THR I 110 58.17 -40.91 -37.76
N ASN I 111 59.33 -41.59 -37.73
CA ASN I 111 60.53 -41.06 -38.35
C ASN I 111 60.95 -41.87 -39.55
N LEU I 112 60.85 -43.19 -39.45
CA LEU I 112 61.20 -44.04 -40.56
C LEU I 112 60.06 -44.15 -41.56
N GLY I 113 60.37 -44.61 -42.78
CA GLY I 113 59.37 -44.97 -43.79
C GLY I 113 58.30 -43.95 -44.12
N GLU I 114 57.06 -44.44 -44.27
CA GLU I 114 55.88 -43.64 -44.59
C GLU I 114 55.19 -43.17 -43.34
N LYS I 115 56.00 -42.55 -42.46
CA LYS I 115 55.68 -41.85 -41.24
C LYS I 115 54.22 -41.68 -40.86
N LEU I 116 53.82 -42.30 -39.75
CA LEU I 116 52.61 -41.90 -39.07
C LEU I 116 52.82 -40.55 -38.39
N THR I 117 51.73 -39.79 -38.22
CA THR I 117 51.71 -38.63 -37.35
C THR I 117 51.83 -39.02 -35.90
N ASP I 118 52.34 -38.12 -35.03
CA ASP I 118 52.38 -38.34 -33.59
C ASP I 118 51.00 -38.61 -33.02
N GLU I 119 49.95 -37.86 -33.44
CA GLU I 119 48.57 -38.09 -33.06
C GLU I 119 48.05 -39.51 -33.34
N GLU I 120 48.40 -40.14 -34.49
CA GLU I 120 48.11 -41.54 -34.76
C GLU I 120 48.87 -42.50 -33.83
N VAL I 121 50.16 -42.24 -33.58
CA VAL I 121 50.92 -43.02 -32.60
C VAL I 121 50.41 -42.89 -31.17
N ASP I 122 50.04 -41.67 -30.73
CA ASP I 122 49.39 -41.39 -29.46
C ASP I 122 48.06 -42.12 -29.32
N GLU I 123 47.28 -42.29 -30.41
CA GLU I 123 46.10 -43.16 -30.44
C GLU I 123 46.41 -44.63 -30.26
N MET I 124 47.44 -45.14 -30.94
CA MET I 124 47.87 -46.52 -30.82
C MET I 124 48.44 -46.89 -29.45
N ILE I 125 49.07 -45.93 -28.75
CA ILE I 125 49.59 -46.17 -27.40
C ILE I 125 48.60 -45.81 -26.31
N ARG I 126 47.33 -45.46 -26.63
CA ARG I 126 46.30 -45.47 -25.62
C ARG I 126 46.00 -46.90 -25.16
N GLU I 127 45.83 -47.14 -23.86
CA GLU I 127 45.60 -48.46 -23.24
C GLU I 127 46.82 -49.38 -23.20
N ALA I 128 47.81 -49.19 -24.10
CA ALA I 128 49.03 -49.96 -24.15
C ALA I 128 49.91 -49.80 -22.91
N ASP I 129 50.11 -50.90 -22.17
CA ASP I 129 50.91 -50.95 -20.96
C ASP I 129 52.37 -50.58 -21.19
N ILE I 130 52.97 -49.91 -20.20
CA ILE I 130 54.33 -49.44 -20.28
C ILE I 130 54.94 -49.69 -18.92
N ASP I 131 56.11 -50.35 -18.88
CA ASP I 131 56.69 -50.75 -17.61
C ASP I 131 57.44 -49.58 -16.94
N GLY I 132 58.17 -49.86 -15.85
CA GLY I 132 59.00 -48.86 -15.20
C GLY I 132 60.36 -48.60 -15.82
N ASP I 133 60.86 -49.47 -16.73
CA ASP I 133 61.96 -49.20 -17.63
C ASP I 133 61.53 -48.19 -18.70
N GLY I 134 60.29 -48.37 -19.23
CA GLY I 134 59.68 -47.50 -20.22
C GLY I 134 59.48 -48.24 -21.51
N GLN I 135 59.39 -49.58 -21.41
CA GLN I 135 59.31 -50.47 -22.53
C GLN I 135 57.96 -51.14 -22.65
N VAL I 136 57.60 -51.50 -23.89
CA VAL I 136 56.34 -52.13 -24.22
C VAL I 136 56.61 -53.47 -24.87
N ASN I 137 55.82 -54.50 -24.50
CA ASN I 137 55.80 -55.77 -25.18
C ASN I 137 55.31 -55.60 -26.62
N TYR I 138 56.23 -55.70 -27.60
CA TYR I 138 55.86 -55.36 -28.96
C TYR I 138 55.10 -56.44 -29.67
N GLU I 139 55.13 -57.68 -29.14
CA GLU I 139 54.36 -58.79 -29.67
C GLU I 139 52.88 -58.62 -29.37
N GLU I 140 52.55 -58.27 -28.11
CA GLU I 140 51.20 -57.91 -27.69
C GLU I 140 50.68 -56.68 -28.42
N PHE I 141 51.53 -55.63 -28.54
CA PHE I 141 51.20 -54.42 -29.27
C PHE I 141 50.91 -54.66 -30.76
N VAL I 142 51.73 -55.47 -31.46
CA VAL I 142 51.41 -55.86 -32.84
C VAL I 142 50.19 -56.75 -32.98
N GLN I 143 49.94 -57.69 -32.04
CA GLN I 143 48.70 -58.43 -32.02
C GLN I 143 47.47 -57.58 -31.78
N MET I 144 47.50 -56.67 -30.79
CA MET I 144 46.41 -55.77 -30.51
C MET I 144 46.08 -54.85 -31.69
N MET I 145 47.07 -54.29 -32.40
CA MET I 145 46.74 -53.45 -33.55
C MET I 145 46.25 -54.18 -34.79
N THR I 146 46.47 -55.49 -34.97
CA THR I 146 45.98 -56.17 -36.17
C THR I 146 44.76 -57.04 -35.92
N ALA I 147 44.71 -57.74 -34.76
CA ALA I 147 43.73 -58.79 -34.46
C ALA I 147 42.32 -58.25 -34.29
N LYS I 148 42.22 -56.94 -34.08
CA LYS I 148 40.99 -56.22 -33.87
C LYS I 148 40.15 -56.00 -35.13
N GLN J 8 -3.35 -46.74 -30.25
CA GLN J 8 -3.06 -48.13 -29.94
C GLN J 8 -3.86 -49.10 -30.80
N ILE J 9 -4.40 -50.17 -30.18
CA ILE J 9 -5.03 -51.33 -30.79
C ILE J 9 -6.14 -51.04 -31.76
N ALA J 10 -6.93 -49.96 -31.59
CA ALA J 10 -7.95 -49.60 -32.54
C ALA J 10 -7.44 -49.23 -33.94
N GLU J 11 -6.41 -48.34 -34.06
CA GLU J 11 -5.83 -48.05 -35.37
C GLU J 11 -5.01 -49.21 -35.89
N PHE J 12 -4.26 -49.90 -35.01
CA PHE J 12 -3.54 -51.09 -35.41
C PHE J 12 -4.48 -52.20 -35.93
N LYS J 13 -5.67 -52.39 -35.32
CA LYS J 13 -6.64 -53.32 -35.86
C LYS J 13 -7.14 -52.94 -37.25
N GLU J 14 -7.38 -51.65 -37.50
CA GLU J 14 -7.73 -51.19 -38.83
C GLU J 14 -6.59 -51.38 -39.84
N ALA J 15 -5.34 -51.09 -39.42
CA ALA J 15 -4.16 -51.45 -40.20
C ALA J 15 -4.03 -52.93 -40.53
N PHE J 16 -4.33 -53.82 -39.56
CA PHE J 16 -4.48 -55.25 -39.79
C PHE J 16 -5.59 -55.58 -40.76
N SER J 17 -6.74 -54.90 -40.69
CA SER J 17 -7.89 -55.16 -41.55
C SER J 17 -7.71 -54.64 -42.96
N LEU J 18 -6.65 -53.84 -43.19
CA LEU J 18 -6.21 -53.40 -44.49
C LEU J 18 -5.07 -54.30 -45.01
N PHE J 19 -4.59 -55.24 -44.17
CA PHE J 19 -3.56 -56.18 -44.55
C PHE J 19 -4.08 -57.58 -44.71
N ASP J 20 -5.18 -57.91 -44.00
CA ASP J 20 -6.14 -58.89 -44.41
C ASP J 20 -6.80 -58.34 -45.69
N LYS J 21 -6.79 -59.11 -46.79
CA LYS J 21 -7.28 -58.61 -48.07
C LYS J 21 -8.52 -59.40 -48.37
N ASP J 22 -8.38 -60.72 -48.16
CA ASP J 22 -9.29 -61.82 -48.27
C ASP J 22 -10.45 -61.68 -47.26
N GLY J 23 -10.14 -61.28 -46.02
CA GLY J 23 -11.08 -61.07 -44.92
C GLY J 23 -11.20 -62.30 -44.07
N ASP J 24 -10.11 -63.09 -43.98
CA ASP J 24 -10.06 -64.38 -43.32
C ASP J 24 -9.60 -64.23 -41.88
N GLY J 25 -9.31 -62.99 -41.45
CA GLY J 25 -8.87 -62.68 -40.09
C GLY J 25 -7.40 -62.87 -39.91
N THR J 26 -6.69 -63.31 -40.95
CA THR J 26 -5.30 -63.70 -40.84
C THR J 26 -4.56 -63.18 -42.05
N ILE J 27 -3.29 -62.81 -41.90
CA ILE J 27 -2.51 -62.25 -42.99
C ILE J 27 -1.38 -63.18 -43.28
N THR J 28 -0.87 -63.22 -44.52
CA THR J 28 0.25 -64.09 -44.87
C THR J 28 1.49 -63.82 -44.03
N THR J 29 2.20 -64.87 -43.55
CA THR J 29 3.37 -64.73 -42.67
C THR J 29 4.50 -63.92 -43.27
N LYS J 30 4.59 -63.91 -44.60
CA LYS J 30 5.47 -63.05 -45.35
C LYS J 30 5.26 -61.56 -45.15
N GLU J 31 4.02 -61.12 -44.83
CA GLU J 31 3.66 -59.72 -44.65
C GLU J 31 3.75 -59.30 -43.19
N LEU J 32 4.42 -60.09 -42.34
CA LEU J 32 4.74 -59.72 -40.97
C LEU J 32 5.57 -58.43 -40.86
N GLY J 33 6.60 -58.26 -41.71
CA GLY J 33 7.53 -57.13 -41.58
C GLY J 33 6.92 -55.83 -41.98
N THR J 34 6.13 -55.86 -43.06
CA THR J 34 5.32 -54.77 -43.54
C THR J 34 4.22 -54.36 -42.57
N VAL J 35 3.53 -55.30 -41.87
CA VAL J 35 2.59 -54.93 -40.82
C VAL J 35 3.22 -54.25 -39.60
N MET J 36 4.42 -54.70 -39.14
CA MET J 36 5.20 -54.03 -38.10
C MET J 36 5.59 -52.61 -38.52
N ARG J 37 6.06 -52.47 -39.76
CA ARG J 37 6.42 -51.21 -40.36
C ARG J 37 5.26 -50.24 -40.51
N SER J 38 4.07 -50.75 -40.89
CA SER J 38 2.82 -50.01 -40.96
C SER J 38 2.36 -49.43 -39.62
N LEU J 39 2.46 -50.22 -38.52
CA LEU J 39 2.18 -49.75 -37.16
C LEU J 39 3.11 -48.62 -36.72
N GLY J 40 4.43 -48.74 -36.96
CA GLY J 40 5.33 -47.66 -36.55
C GLY J 40 6.77 -48.02 -36.61
N GLN J 41 7.07 -49.28 -36.35
CA GLN J 41 8.41 -49.81 -36.19
C GLN J 41 9.22 -49.88 -37.46
N ASN J 42 10.53 -50.14 -37.33
CA ASN J 42 11.42 -50.17 -38.47
C ASN J 42 12.33 -51.41 -38.47
N PRO J 43 11.84 -52.64 -38.22
CA PRO J 43 12.68 -53.79 -37.93
C PRO J 43 13.48 -54.29 -39.10
N THR J 44 14.57 -55.01 -38.83
CA THR J 44 15.33 -55.73 -39.85
C THR J 44 14.55 -56.90 -40.44
N GLU J 45 14.82 -57.29 -41.71
CA GLU J 45 14.25 -58.53 -42.24
C GLU J 45 14.83 -59.75 -41.52
N ALA J 46 16.07 -59.62 -41.01
CA ALA J 46 16.67 -60.59 -40.11
C ALA J 46 15.94 -60.69 -38.78
N GLU J 47 15.62 -59.54 -38.14
CA GLU J 47 14.94 -59.47 -36.85
C GLU J 47 13.57 -60.09 -36.90
N LEU J 48 12.86 -59.83 -38.03
CA LEU J 48 11.65 -60.52 -38.40
C LEU J 48 11.85 -62.01 -38.57
N GLN J 49 12.92 -62.49 -39.24
CA GLN J 49 13.21 -63.90 -39.33
C GLN J 49 13.52 -64.55 -37.98
N ASP J 50 14.22 -63.84 -37.09
CA ASP J 50 14.55 -64.30 -35.76
C ASP J 50 13.36 -64.32 -34.80
N MET J 51 12.22 -63.67 -35.15
CA MET J 51 11.00 -63.74 -34.36
C MET J 51 9.78 -64.28 -35.11
N ILE J 52 9.86 -64.50 -36.44
CA ILE J 52 8.87 -65.25 -37.21
C ILE J 52 8.98 -66.72 -36.89
N ASN J 53 10.24 -67.21 -36.69
CA ASN J 53 10.47 -68.52 -36.17
C ASN J 53 9.92 -68.67 -34.74
N GLU J 54 9.49 -69.88 -34.39
CA GLU J 54 8.59 -70.15 -33.31
C GLU J 54 8.59 -71.66 -33.28
N VAL J 55 7.59 -72.30 -32.68
CA VAL J 55 7.13 -73.56 -33.24
C VAL J 55 5.74 -73.38 -33.81
N ASP J 56 4.97 -72.38 -33.31
CA ASP J 56 3.67 -72.03 -33.83
C ASP J 56 3.79 -71.26 -35.16
N ALA J 57 4.23 -69.98 -35.14
CA ALA J 57 4.30 -69.15 -36.33
C ALA J 57 5.32 -69.55 -37.40
N ASP J 58 6.38 -70.32 -37.05
CA ASP J 58 7.27 -70.95 -38.02
C ASP J 58 6.51 -71.95 -38.89
N GLY J 59 5.61 -72.74 -38.25
CA GLY J 59 4.74 -73.67 -38.92
C GLY J 59 3.56 -73.03 -39.63
N ASN J 60 3.07 -71.89 -39.11
CA ASN J 60 1.95 -71.15 -39.67
C ASN J 60 2.17 -70.56 -41.06
N GLY J 61 1.11 -70.62 -41.90
CA GLY J 61 1.10 -69.95 -43.20
C GLY J 61 0.55 -68.55 -43.13
N THR J 62 -0.29 -68.29 -42.12
CA THR J 62 -0.94 -67.01 -41.91
C THR J 62 -1.00 -66.75 -40.42
N ILE J 63 -1.06 -65.47 -40.02
CA ILE J 63 -1.06 -65.07 -38.63
C ILE J 63 -2.25 -64.18 -38.34
N ASP J 64 -2.95 -64.43 -37.22
CA ASP J 64 -4.06 -63.64 -36.72
C ASP J 64 -3.53 -62.44 -35.90
N PHE J 65 -4.39 -61.44 -35.68
CA PHE J 65 -4.14 -60.26 -34.89
C PHE J 65 -3.84 -60.58 -33.40
N PRO J 66 -4.50 -61.46 -32.66
CA PRO J 66 -4.00 -62.03 -31.41
C PRO J 66 -2.62 -62.63 -31.42
N GLU J 67 -2.22 -63.40 -32.46
CA GLU J 67 -0.87 -63.93 -32.57
C GLU J 67 0.13 -62.79 -32.66
N PHE J 68 -0.13 -61.81 -33.56
CA PHE J 68 0.78 -60.70 -33.79
C PHE J 68 0.94 -59.83 -32.55
N LEU J 69 -0.17 -59.56 -31.84
CA LEU J 69 -0.19 -58.81 -30.60
C LEU J 69 0.65 -59.50 -29.52
N THR J 70 0.60 -60.85 -29.48
CA THR J 70 1.45 -61.69 -28.64
C THR J 70 2.93 -61.60 -29.00
N MET J 71 3.28 -61.63 -30.31
CA MET J 71 4.64 -61.46 -30.80
C MET J 71 5.23 -60.10 -30.47
N MET J 72 4.44 -59.02 -30.65
CA MET J 72 4.80 -57.67 -30.26
C MET J 72 5.06 -57.53 -28.77
N ALA J 73 4.23 -58.14 -27.90
CA ALA J 73 4.45 -58.14 -26.46
C ALA J 73 5.75 -58.82 -26.02
N ARG J 74 6.06 -60.00 -26.62
CA ARG J 74 7.27 -60.75 -26.39
C ARG J 74 8.55 -60.02 -26.78
N LYS J 75 8.54 -59.36 -27.96
CA LYS J 75 9.73 -58.75 -28.55
C LYS J 75 9.75 -57.24 -28.41
N MET J 76 8.84 -56.66 -27.60
CA MET J 76 8.57 -55.23 -27.46
C MET J 76 9.82 -54.37 -27.34
N LYS J 77 10.74 -54.70 -26.42
CA LYS J 77 11.95 -53.92 -26.19
C LYS J 77 12.82 -53.73 -27.43
N ASP J 78 12.99 -54.82 -28.19
CA ASP J 78 13.79 -54.91 -29.40
C ASP J 78 13.12 -54.13 -30.52
N THR J 79 11.78 -54.26 -30.57
CA THR J 79 10.86 -53.63 -31.52
C THR J 79 10.81 -52.12 -31.35
N ASP J 80 10.72 -51.62 -30.10
CA ASP J 80 10.82 -50.23 -29.67
C ASP J 80 12.18 -49.59 -29.98
N SER J 81 13.27 -50.38 -29.86
CA SER J 81 14.65 -49.98 -30.18
C SER J 81 14.79 -49.48 -31.61
N GLU J 82 13.99 -50.04 -32.53
CA GLU J 82 13.92 -49.62 -33.92
C GLU J 82 12.95 -48.49 -34.16
N GLU J 83 12.76 -47.56 -33.19
CA GLU J 83 12.23 -46.24 -33.49
C GLU J 83 13.01 -45.10 -32.86
N GLU J 84 14.18 -45.38 -32.28
CA GLU J 84 15.07 -44.42 -31.64
C GLU J 84 15.73 -43.41 -32.58
N ILE J 85 16.29 -43.88 -33.72
CA ILE J 85 17.09 -43.07 -34.63
C ILE J 85 16.33 -41.94 -35.31
N ARG J 86 16.98 -40.78 -35.39
CA ARG J 86 16.39 -39.53 -35.85
C ARG J 86 17.47 -38.70 -36.54
N GLU J 87 18.74 -39.06 -36.30
CA GLU J 87 19.91 -38.43 -36.82
C GLU J 87 20.71 -39.46 -37.59
N ALA J 88 21.46 -39.02 -38.60
CA ALA J 88 22.35 -39.89 -39.30
C ALA J 88 23.32 -39.03 -40.05
N PHE J 89 24.42 -39.63 -40.54
CA PHE J 89 25.37 -38.94 -41.36
C PHE J 89 25.47 -39.73 -42.64
N ARG J 90 25.83 -39.08 -43.76
CA ARG J 90 26.03 -39.78 -45.00
C ARG J 90 27.41 -39.51 -45.54
N VAL J 91 27.56 -38.38 -46.25
CA VAL J 91 28.55 -38.01 -47.26
C VAL J 91 27.74 -37.89 -48.52
N PHE J 92 28.38 -37.86 -49.70
CA PHE J 92 27.82 -37.73 -51.04
C PHE J 92 27.87 -36.28 -51.47
N ASP J 93 28.13 -35.47 -50.45
CA ASP J 93 28.48 -34.11 -50.46
C ASP J 93 29.83 -34.11 -49.74
N LYS J 94 30.90 -33.59 -50.37
CA LYS J 94 32.19 -33.46 -49.68
C LYS J 94 32.38 -32.00 -49.29
N ASP J 95 31.69 -31.11 -50.03
CA ASP J 95 31.90 -29.69 -50.05
C ASP J 95 30.99 -29.01 -49.04
N GLY J 96 29.99 -29.76 -48.54
CA GLY J 96 29.13 -29.41 -47.42
C GLY J 96 28.03 -28.49 -47.84
N ASN J 97 27.48 -28.75 -49.04
CA ASN J 97 26.35 -28.04 -49.61
C ASN J 97 25.07 -28.30 -48.81
N GLY J 98 24.92 -29.54 -48.28
CA GLY J 98 23.73 -30.02 -47.57
C GLY J 98 22.76 -30.71 -48.49
N TYR J 99 23.16 -30.86 -49.76
CA TYR J 99 22.33 -31.38 -50.83
C TYR J 99 23.07 -32.55 -51.48
N ILE J 100 22.30 -33.50 -52.03
CA ILE J 100 22.82 -34.65 -52.75
C ILE J 100 21.90 -34.86 -53.94
N SER J 101 22.39 -35.32 -55.10
CA SER J 101 21.56 -35.67 -56.24
C SER J 101 20.71 -36.91 -56.01
N ALA J 102 19.61 -37.05 -56.77
CA ALA J 102 18.84 -38.28 -56.81
C ALA J 102 19.63 -39.51 -57.26
N ALA J 103 20.63 -39.32 -58.16
CA ALA J 103 21.53 -40.36 -58.61
C ALA J 103 22.38 -40.95 -57.50
N GLU J 104 22.97 -40.08 -56.65
CA GLU J 104 23.70 -40.44 -55.46
C GLU J 104 22.88 -41.20 -54.47
N LEU J 105 21.68 -40.68 -54.16
CA LEU J 105 20.77 -41.28 -53.21
C LEU J 105 20.37 -42.68 -53.61
N ARG J 106 20.09 -42.89 -54.91
CA ARG J 106 19.86 -44.21 -55.46
C ARG J 106 21.08 -45.12 -55.32
N HIS J 107 22.29 -44.63 -55.64
CA HIS J 107 23.53 -45.39 -55.45
C HIS J 107 23.79 -45.80 -54.01
N VAL J 108 23.58 -44.90 -53.04
CA VAL J 108 23.71 -45.21 -51.61
C VAL J 108 22.76 -46.31 -51.17
N MET J 109 21.50 -46.21 -51.62
CA MET J 109 20.46 -47.12 -51.23
C MET J 109 20.53 -48.47 -51.92
N THR J 110 20.87 -48.53 -53.22
CA THR J 110 20.76 -49.77 -53.98
C THR J 110 22.06 -50.53 -54.14
N ASN J 111 23.21 -49.88 -53.94
CA ASN J 111 24.49 -50.57 -54.07
C ASN J 111 25.14 -50.81 -52.72
N LEU J 112 24.74 -50.09 -51.66
CA LEU J 112 25.44 -50.15 -50.39
C LEU J 112 24.62 -50.87 -49.34
N GLY J 113 25.24 -51.10 -48.16
CA GLY J 113 24.58 -51.66 -46.98
C GLY J 113 23.71 -52.88 -47.16
N GLU J 114 22.45 -52.80 -46.69
CA GLU J 114 21.39 -53.75 -46.95
C GLU J 114 20.68 -53.23 -48.19
N LYS J 115 21.13 -53.66 -49.40
CA LYS J 115 20.71 -53.08 -50.67
C LYS J 115 19.21 -53.08 -50.90
N LEU J 116 18.66 -51.91 -51.22
CA LEU J 116 17.26 -51.77 -51.56
C LEU J 116 17.09 -51.95 -53.04
N THR J 117 15.88 -52.22 -53.52
CA THR J 117 15.62 -52.23 -54.95
C THR J 117 15.33 -50.84 -55.49
N ASP J 118 15.43 -50.66 -56.82
CA ASP J 118 15.05 -49.42 -57.49
C ASP J 118 13.59 -49.06 -57.28
N GLU J 119 12.67 -50.04 -57.33
CA GLU J 119 11.26 -49.88 -57.02
C GLU J 119 10.99 -49.36 -55.60
N GLU J 120 11.74 -49.81 -54.57
CA GLU J 120 11.70 -49.18 -53.25
C GLU J 120 12.14 -47.71 -53.25
N VAL J 121 13.25 -47.37 -53.95
CA VAL J 121 13.71 -46.00 -54.10
C VAL J 121 12.73 -45.12 -54.86
N ASP J 122 12.14 -45.62 -55.96
CA ASP J 122 11.07 -44.97 -56.70
C ASP J 122 9.80 -44.76 -55.90
N GLU J 123 9.42 -45.73 -55.05
CA GLU J 123 8.34 -45.53 -54.11
C GLU J 123 8.64 -44.44 -53.09
N MET J 124 9.86 -44.42 -52.53
CA MET J 124 10.36 -43.42 -51.60
C MET J 124 10.43 -42.00 -52.16
N ILE J 125 10.78 -41.81 -53.45
CA ILE J 125 10.82 -40.47 -54.03
C ILE J 125 9.45 -39.95 -54.45
N ARG J 126 8.36 -40.53 -53.91
CA ARG J 126 7.04 -39.98 -54.05
C ARG J 126 6.62 -39.22 -52.80
N GLU J 127 7.44 -39.27 -51.75
CA GLU J 127 7.20 -38.60 -50.48
C GLU J 127 8.41 -37.80 -50.06
N ALA J 128 9.35 -37.59 -51.00
CA ALA J 128 10.56 -36.85 -50.77
C ALA J 128 10.53 -35.63 -51.67
N ASP J 129 10.74 -34.43 -51.10
CA ASP J 129 11.01 -33.25 -51.87
C ASP J 129 12.26 -33.39 -52.74
N ILE J 130 12.12 -33.04 -54.02
CA ILE J 130 13.18 -33.04 -55.00
C ILE J 130 12.96 -31.73 -55.73
N ASP J 131 14.01 -30.92 -55.88
CA ASP J 131 13.94 -29.67 -56.60
C ASP J 131 13.94 -29.87 -58.12
N GLY J 132 13.90 -28.76 -58.90
CA GLY J 132 13.90 -28.83 -60.35
C GLY J 132 15.23 -29.22 -60.93
N ASP J 133 16.30 -28.93 -60.20
CA ASP J 133 17.69 -29.28 -60.42
C ASP J 133 17.91 -30.79 -60.37
N GLY J 134 17.28 -31.47 -59.39
CA GLY J 134 17.27 -32.93 -59.26
C GLY J 134 18.01 -33.35 -58.03
N GLN J 135 18.13 -32.43 -57.07
CA GLN J 135 18.83 -32.57 -55.82
C GLN J 135 17.86 -32.67 -54.66
N VAL J 136 18.36 -33.15 -53.51
CA VAL J 136 17.58 -33.25 -52.29
C VAL J 136 18.40 -32.74 -51.12
N ASN J 137 17.81 -31.80 -50.35
CA ASN J 137 18.28 -31.41 -49.02
C ASN J 137 18.24 -32.64 -48.11
N TYR J 138 19.42 -33.20 -47.75
CA TYR J 138 19.41 -34.45 -47.02
C TYR J 138 19.13 -34.27 -45.55
N GLU J 139 19.25 -33.07 -44.99
CA GLU J 139 18.81 -32.78 -43.64
C GLU J 139 17.29 -32.79 -43.50
N GLU J 140 16.56 -32.17 -44.45
CA GLU J 140 15.12 -32.29 -44.53
C GLU J 140 14.64 -33.71 -44.78
N PHE J 141 15.31 -34.42 -45.71
CA PHE J 141 15.02 -35.80 -46.06
C PHE J 141 15.16 -36.75 -44.87
N VAL J 142 16.21 -36.61 -44.03
CA VAL J 142 16.32 -37.40 -42.80
C VAL J 142 15.23 -37.08 -41.78
N GLN J 143 14.82 -35.81 -41.66
CA GLN J 143 13.68 -35.43 -40.85
C GLN J 143 12.36 -36.02 -41.32
N MET J 144 12.05 -35.99 -42.64
CA MET J 144 10.85 -36.61 -43.19
C MET J 144 10.78 -38.12 -42.97
N MET J 145 11.89 -38.87 -43.17
CA MET J 145 11.86 -40.32 -43.01
C MET J 145 11.75 -40.81 -41.57
N THR J 146 12.12 -39.94 -40.61
CA THR J 146 12.06 -40.25 -39.19
C THR J 146 10.81 -39.67 -38.58
N ALA J 147 10.13 -38.74 -39.29
CA ALA J 147 8.90 -38.11 -38.91
C ALA J 147 7.73 -39.06 -38.68
N LYS J 148 7.26 -39.11 -37.43
CA LYS J 148 6.28 -40.07 -36.97
C LYS J 148 6.02 -39.79 -35.51
N ALA K 10 -31.53 -59.06 -49.05
CA ALA K 10 -32.66 -58.14 -49.14
C ALA K 10 -33.52 -58.24 -50.39
N GLU K 11 -33.74 -59.42 -51.00
CA GLU K 11 -34.46 -59.50 -52.27
C GLU K 11 -35.87 -58.92 -52.17
N PHE K 12 -36.30 -58.21 -53.22
CA PHE K 12 -37.64 -57.69 -53.27
C PHE K 12 -38.16 -57.78 -54.68
N LYS K 13 -39.17 -58.65 -54.90
CA LYS K 13 -39.82 -58.78 -56.19
C LYS K 13 -40.52 -57.50 -56.67
N GLU K 14 -41.12 -56.77 -55.73
CA GLU K 14 -41.76 -55.50 -55.98
C GLU K 14 -40.82 -54.42 -56.47
N ALA K 15 -39.60 -54.33 -55.91
CA ALA K 15 -38.56 -53.48 -56.43
C ALA K 15 -38.12 -53.85 -57.84
N PHE K 16 -38.00 -55.15 -58.13
CA PHE K 16 -37.72 -55.65 -59.48
C PHE K 16 -38.80 -55.22 -60.48
N SER K 17 -40.08 -55.37 -60.09
CA SER K 17 -41.25 -54.89 -60.84
C SER K 17 -41.35 -53.37 -60.99
N LEU K 18 -40.50 -52.56 -60.33
CA LEU K 18 -40.43 -51.13 -60.58
C LEU K 18 -39.25 -50.79 -61.50
N PHE K 19 -38.34 -51.76 -61.70
CA PHE K 19 -37.23 -51.64 -62.60
C PHE K 19 -37.56 -52.19 -63.97
N ASP K 20 -38.19 -53.38 -64.00
CA ASP K 20 -39.01 -53.84 -65.10
C ASP K 20 -40.17 -52.86 -65.19
N LYS K 21 -40.37 -52.25 -66.37
CA LYS K 21 -41.35 -51.21 -66.58
C LYS K 21 -42.28 -51.77 -67.63
N ASP K 22 -41.65 -52.40 -68.64
CA ASP K 22 -42.22 -53.14 -69.73
C ASP K 22 -43.01 -54.38 -69.31
N GLY K 23 -42.53 -55.14 -68.31
CA GLY K 23 -43.18 -56.36 -67.80
C GLY K 23 -42.72 -57.57 -68.56
N ASP K 24 -41.49 -57.50 -69.10
CA ASP K 24 -40.83 -58.54 -69.85
C ASP K 24 -40.32 -59.63 -68.88
N GLY K 25 -40.16 -59.28 -67.59
CA GLY K 25 -39.63 -60.19 -66.58
C GLY K 25 -38.15 -60.07 -66.43
N THR K 26 -37.50 -59.20 -67.23
CA THR K 26 -36.07 -59.05 -67.20
C THR K 26 -35.72 -57.58 -67.17
N ILE K 27 -34.54 -57.24 -66.61
CA ILE K 27 -34.05 -55.87 -66.62
C ILE K 27 -32.67 -55.91 -67.21
N THR K 28 -32.18 -54.78 -67.77
CA THR K 28 -30.85 -54.74 -68.38
C THR K 28 -29.73 -55.09 -67.41
N THR K 29 -28.67 -55.80 -67.85
CA THR K 29 -27.55 -56.16 -66.98
C THR K 29 -26.79 -54.96 -66.46
N LYS K 30 -26.96 -53.79 -67.11
CA LYS K 30 -26.34 -52.56 -66.68
C LYS K 30 -27.15 -51.80 -65.64
N GLU K 31 -28.41 -52.21 -65.36
CA GLU K 31 -29.23 -51.67 -64.29
C GLU K 31 -29.08 -52.52 -63.03
N LEU K 32 -28.15 -53.50 -63.01
CA LEU K 32 -27.89 -54.33 -61.85
C LEU K 32 -27.42 -53.53 -60.63
N GLY K 33 -26.57 -52.50 -60.81
CA GLY K 33 -26.05 -51.73 -59.69
C GLY K 33 -27.07 -50.85 -59.04
N THR K 34 -27.90 -50.22 -59.85
CA THR K 34 -29.04 -49.44 -59.43
C THR K 34 -30.12 -50.27 -58.78
N VAL K 35 -30.44 -51.49 -59.26
CA VAL K 35 -31.37 -52.39 -58.56
C VAL K 35 -30.90 -52.86 -57.20
N MET K 36 -29.62 -53.25 -57.02
CA MET K 36 -29.02 -53.57 -55.72
C MET K 36 -29.10 -52.42 -54.76
N ARG K 37 -28.76 -51.24 -55.26
CA ARG K 37 -28.84 -50.02 -54.50
C ARG K 37 -30.24 -49.53 -54.24
N SER K 38 -31.22 -49.80 -55.10
CA SER K 38 -32.63 -49.54 -54.84
C SER K 38 -33.17 -50.33 -53.68
N LEU K 39 -32.73 -51.60 -53.61
CA LEU K 39 -33.12 -52.59 -52.62
C LEU K 39 -32.76 -52.20 -51.19
N GLY K 40 -31.48 -51.82 -50.98
CA GLY K 40 -31.00 -51.35 -49.67
C GLY K 40 -29.51 -51.39 -49.62
N GLN K 41 -28.93 -52.41 -50.26
CA GLN K 41 -27.51 -52.56 -50.44
C GLN K 41 -26.78 -51.42 -51.01
N ASN K 42 -25.48 -51.46 -50.78
CA ASN K 42 -24.63 -50.40 -51.16
C ASN K 42 -23.45 -51.07 -51.89
N PRO K 43 -23.44 -51.79 -52.99
CA PRO K 43 -22.17 -52.30 -53.57
C PRO K 43 -21.36 -51.31 -54.40
N THR K 44 -20.00 -51.24 -54.34
CA THR K 44 -19.15 -50.52 -55.33
C THR K 44 -19.47 -50.86 -56.78
N GLU K 45 -19.11 -49.99 -57.74
CA GLU K 45 -19.24 -50.31 -59.16
C GLU K 45 -18.34 -51.48 -59.53
N ALA K 46 -17.14 -51.55 -58.92
CA ALA K 46 -16.25 -52.69 -58.96
C ALA K 46 -16.86 -54.00 -58.47
N GLU K 47 -17.44 -54.03 -57.25
CA GLU K 47 -18.10 -55.21 -56.69
C GLU K 47 -19.25 -55.70 -57.56
N LEU K 48 -20.03 -54.77 -58.10
CA LEU K 48 -21.05 -55.05 -59.09
C LEU K 48 -20.52 -55.72 -60.35
N GLN K 49 -19.38 -55.26 -60.88
CA GLN K 49 -18.75 -55.90 -62.02
C GLN K 49 -18.21 -57.27 -61.69
N ASP K 50 -17.55 -57.45 -60.53
CA ASP K 50 -17.07 -58.72 -60.05
C ASP K 50 -18.18 -59.75 -59.90
N MET K 51 -19.35 -59.35 -59.32
CA MET K 51 -20.53 -60.19 -59.20
C MET K 51 -21.08 -60.68 -60.53
N ILE K 52 -21.16 -59.80 -61.55
CA ILE K 52 -21.50 -60.21 -62.91
C ILE K 52 -20.41 -61.10 -63.51
N ASN K 53 -19.12 -60.79 -63.29
CA ASN K 53 -18.04 -61.48 -63.98
C ASN K 53 -17.79 -62.88 -63.43
N GLU K 54 -18.25 -63.19 -62.21
CA GLU K 54 -18.06 -64.50 -61.66
C GLU K 54 -19.19 -65.45 -62.03
N VAL K 55 -20.11 -65.00 -62.88
CA VAL K 55 -21.09 -65.84 -63.53
C VAL K 55 -20.85 -65.72 -65.01
N ASP K 56 -21.06 -66.80 -65.78
CA ASP K 56 -21.03 -66.85 -67.22
C ASP K 56 -22.29 -66.21 -67.82
N ALA K 57 -22.59 -65.00 -67.31
CA ALA K 57 -23.57 -64.07 -67.79
C ALA K 57 -22.87 -63.15 -68.80
N ASP K 58 -21.69 -63.60 -69.26
CA ASP K 58 -20.82 -63.17 -70.34
C ASP K 58 -21.59 -62.51 -71.49
N GLY K 59 -22.38 -63.32 -72.20
CA GLY K 59 -23.25 -62.87 -73.29
C GLY K 59 -24.63 -62.39 -72.89
N ASN K 60 -25.00 -62.41 -71.60
CA ASN K 60 -26.36 -62.07 -71.17
C ASN K 60 -26.63 -60.58 -71.24
N GLY K 61 -27.65 -60.17 -72.03
CA GLY K 61 -28.02 -58.77 -72.14
C GLY K 61 -28.92 -58.28 -71.04
N THR K 62 -29.71 -59.18 -70.45
CA THR K 62 -30.65 -58.88 -69.39
C THR K 62 -30.54 -59.94 -68.31
N ILE K 63 -31.10 -59.64 -67.12
CA ILE K 63 -31.17 -60.54 -65.99
C ILE K 63 -32.62 -60.68 -65.58
N ASP K 64 -33.04 -61.90 -65.21
CA ASP K 64 -34.32 -62.16 -64.58
C ASP K 64 -34.16 -62.07 -63.07
N PHE K 65 -35.27 -62.03 -62.33
CA PHE K 65 -35.31 -62.00 -60.90
C PHE K 65 -34.65 -63.24 -60.27
N PRO K 66 -34.92 -64.51 -60.63
CA PRO K 66 -34.09 -65.65 -60.29
C PRO K 66 -32.59 -65.52 -60.44
N GLU K 67 -32.05 -64.95 -61.54
CA GLU K 67 -30.62 -64.78 -61.69
C GLU K 67 -30.06 -63.82 -60.63
N PHE K 68 -30.72 -62.66 -60.48
CA PHE K 68 -30.42 -61.62 -59.51
C PHE K 68 -30.48 -62.16 -58.07
N LEU K 69 -31.47 -63.01 -57.76
CA LEU K 69 -31.56 -63.72 -56.50
C LEU K 69 -30.37 -64.62 -56.21
N THR K 70 -29.91 -65.40 -57.21
CA THR K 70 -28.76 -66.27 -57.05
C THR K 70 -27.46 -65.52 -56.80
N MET K 71 -27.24 -64.41 -57.52
CA MET K 71 -26.10 -63.53 -57.29
C MET K 71 -26.06 -62.90 -55.93
N MET K 72 -27.20 -62.37 -55.43
CA MET K 72 -27.24 -61.82 -54.09
C MET K 72 -27.00 -62.87 -53.00
N ALA K 73 -27.53 -64.09 -53.15
CA ALA K 73 -27.27 -65.18 -52.23
C ALA K 73 -25.82 -65.66 -52.19
N ARG K 74 -25.17 -65.76 -53.37
CA ARG K 74 -23.75 -66.07 -53.50
C ARG K 74 -22.86 -65.02 -52.83
N LYS K 75 -23.23 -63.74 -52.94
CA LYS K 75 -22.42 -62.62 -52.48
C LYS K 75 -23.01 -61.89 -51.29
N MET K 76 -23.88 -62.56 -50.50
CA MET K 76 -24.60 -61.95 -49.40
C MET K 76 -23.64 -61.27 -48.41
N LYS K 77 -22.57 -61.98 -47.98
CA LYS K 77 -21.58 -61.47 -47.05
C LYS K 77 -20.90 -60.14 -47.43
N ASP K 78 -20.43 -60.00 -48.67
CA ASP K 78 -19.83 -58.76 -49.14
C ASP K 78 -20.88 -57.65 -49.25
N THR K 79 -22.06 -57.98 -49.80
CA THR K 79 -23.17 -57.05 -49.98
C THR K 79 -23.78 -56.50 -48.69
N ASP K 80 -23.96 -57.34 -47.66
CA ASP K 80 -24.39 -56.98 -46.31
C ASP K 80 -23.43 -56.02 -45.62
N SER K 81 -22.11 -56.21 -45.84
CA SER K 81 -21.01 -55.41 -45.27
C SER K 81 -21.15 -53.94 -45.61
N GLU K 82 -21.66 -53.66 -46.83
CA GLU K 82 -21.87 -52.31 -47.28
C GLU K 82 -23.04 -51.60 -46.60
N GLU K 83 -23.91 -52.30 -45.84
CA GLU K 83 -24.92 -51.64 -45.03
C GLU K 83 -24.73 -51.73 -43.53
N GLU K 84 -23.53 -52.16 -43.08
CA GLU K 84 -23.11 -52.03 -41.70
C GLU K 84 -22.78 -50.61 -41.25
N ILE K 85 -21.93 -49.92 -42.06
CA ILE K 85 -21.31 -48.66 -41.70
C ILE K 85 -22.26 -47.49 -41.47
N ARG K 86 -21.91 -46.65 -40.48
CA ARG K 86 -22.75 -45.55 -40.06
C ARG K 86 -21.91 -44.29 -39.91
N GLU K 87 -20.58 -44.43 -39.75
CA GLU K 87 -19.64 -43.37 -39.52
C GLU K 87 -18.55 -43.40 -40.59
N ALA K 88 -17.84 -42.28 -40.82
CA ALA K 88 -16.85 -42.27 -41.86
C ALA K 88 -15.70 -41.34 -41.57
N PHE K 89 -14.50 -41.90 -41.46
CA PHE K 89 -13.29 -41.18 -41.17
C PHE K 89 -12.47 -40.78 -42.38
N ARG K 90 -11.42 -39.98 -42.13
CA ARG K 90 -10.34 -39.66 -43.04
C ARG K 90 -9.18 -39.46 -42.06
N VAL K 91 -7.89 -39.30 -42.40
CA VAL K 91 -7.07 -39.58 -43.58
C VAL K 91 -7.05 -38.53 -44.67
N PHE K 92 -7.41 -37.30 -44.37
CA PHE K 92 -7.29 -36.23 -45.35
C PHE K 92 -6.71 -35.12 -44.52
N ASP K 93 -7.51 -34.54 -43.62
CA ASP K 93 -7.08 -34.07 -42.31
C ASP K 93 -6.10 -35.03 -41.57
N LYS K 94 -5.00 -34.50 -40.98
CA LYS K 94 -4.08 -35.24 -40.11
C LYS K 94 -3.76 -34.41 -38.89
N ASP K 95 -3.83 -33.08 -39.07
CA ASP K 95 -3.78 -32.02 -38.10
C ASP K 95 -4.90 -32.20 -37.09
N GLY K 96 -6.08 -32.62 -37.59
CA GLY K 96 -7.28 -32.88 -36.80
C GLY K 96 -8.00 -31.59 -36.61
N ASN K 97 -7.93 -30.72 -37.63
CA ASN K 97 -8.59 -29.43 -37.64
C ASN K 97 -10.11 -29.61 -37.73
N GLY K 98 -10.56 -30.72 -38.35
CA GLY K 98 -11.98 -31.01 -38.60
C GLY K 98 -12.48 -30.37 -39.87
N TYR K 99 -11.55 -29.75 -40.61
CA TYR K 99 -11.80 -28.98 -41.80
C TYR K 99 -11.02 -29.58 -42.94
N ILE K 100 -11.59 -29.53 -44.15
CA ILE K 100 -10.85 -29.87 -45.36
C ILE K 100 -11.17 -28.84 -46.41
N SER K 101 -10.17 -28.43 -47.20
CA SER K 101 -10.36 -27.54 -48.32
C SER K 101 -11.31 -28.10 -49.36
N ALA K 102 -12.12 -27.23 -49.99
CA ALA K 102 -13.03 -27.65 -51.04
C ALA K 102 -12.30 -28.28 -52.23
N ALA K 103 -11.06 -27.81 -52.49
CA ALA K 103 -10.14 -28.39 -53.43
C ALA K 103 -9.76 -29.83 -53.15
N GLU K 104 -9.35 -30.17 -51.91
CA GLU K 104 -9.08 -31.54 -51.52
C GLU K 104 -10.31 -32.42 -51.48
N LEU K 105 -11.45 -31.90 -51.00
CA LEU K 105 -12.71 -32.60 -51.06
C LEU K 105 -13.16 -32.93 -52.48
N ARG K 106 -13.07 -31.98 -53.42
CA ARG K 106 -13.36 -32.26 -54.81
C ARG K 106 -12.38 -33.28 -55.39
N HIS K 107 -11.08 -33.15 -55.11
CA HIS K 107 -10.08 -34.11 -55.57
C HIS K 107 -10.32 -35.54 -55.12
N VAL K 108 -10.64 -35.79 -53.84
CA VAL K 108 -10.94 -37.14 -53.38
C VAL K 108 -12.18 -37.73 -54.04
N MET K 109 -13.23 -36.91 -54.22
CA MET K 109 -14.44 -37.28 -54.92
C MET K 109 -14.29 -37.51 -56.42
N THR K 110 -13.56 -36.65 -57.16
CA THR K 110 -13.53 -36.73 -58.62
C THR K 110 -12.25 -37.32 -59.18
N ASN K 111 -11.22 -37.58 -58.35
CA ASN K 111 -9.94 -38.05 -58.84
C ASN K 111 -9.56 -39.40 -58.27
N LEU K 112 -9.92 -39.68 -57.01
CA LEU K 112 -9.67 -40.98 -56.41
C LEU K 112 -10.85 -41.90 -56.60
N GLY K 113 -10.63 -43.22 -56.32
CA GLY K 113 -11.65 -44.26 -56.42
C GLY K 113 -12.52 -44.27 -57.66
N GLU K 114 -13.81 -44.59 -57.45
CA GLU K 114 -14.87 -44.66 -58.43
C GLU K 114 -15.48 -43.32 -58.73
N LYS K 115 -14.63 -42.38 -59.17
CA LYS K 115 -14.84 -40.98 -59.48
C LYS K 115 -16.27 -40.52 -59.71
N LEU K 116 -16.63 -39.46 -58.98
CA LEU K 116 -17.83 -38.71 -59.24
C LEU K 116 -17.54 -37.70 -60.32
N THR K 117 -18.57 -37.28 -61.06
CA THR K 117 -18.43 -36.18 -62.01
C THR K 117 -18.35 -34.87 -61.26
N ASP K 118 -17.76 -33.82 -61.86
CA ASP K 118 -17.78 -32.48 -61.28
C ASP K 118 -19.21 -31.98 -61.07
N GLU K 119 -20.13 -32.22 -62.02
CA GLU K 119 -21.54 -31.91 -61.86
C GLU K 119 -22.23 -32.60 -60.66
N GLU K 120 -21.91 -33.89 -60.34
CA GLU K 120 -22.33 -34.53 -59.10
C GLU K 120 -21.75 -33.78 -57.89
N VAL K 121 -20.44 -33.47 -57.87
CA VAL K 121 -19.82 -32.74 -56.76
C VAL K 121 -20.34 -31.33 -56.58
N ASP K 122 -20.54 -30.57 -57.66
CA ASP K 122 -21.17 -29.26 -57.65
C ASP K 122 -22.58 -29.27 -57.08
N GLU K 123 -23.35 -30.36 -57.27
CA GLU K 123 -24.61 -30.59 -56.58
C GLU K 123 -24.48 -30.75 -55.08
N MET K 124 -23.48 -31.51 -54.60
CA MET K 124 -23.29 -31.68 -53.18
C MET K 124 -22.68 -30.51 -52.45
N ILE K 125 -22.04 -29.56 -53.16
CA ILE K 125 -21.54 -28.36 -52.51
C ILE K 125 -22.51 -27.19 -52.66
N ARG K 126 -23.70 -27.41 -53.24
CA ARG K 126 -24.78 -26.45 -53.11
C ARG K 126 -25.32 -26.44 -51.67
N GLU K 127 -25.39 -25.26 -51.02
CA GLU K 127 -25.87 -25.09 -49.63
C GLU K 127 -24.83 -25.55 -48.60
N ALA K 128 -23.62 -25.92 -49.04
CA ALA K 128 -22.56 -26.29 -48.12
C ALA K 128 -21.72 -25.07 -47.83
N ASP K 129 -21.65 -24.68 -46.55
CA ASP K 129 -20.91 -23.52 -46.11
C ASP K 129 -19.41 -23.66 -46.37
N ILE K 130 -18.76 -22.54 -46.68
CA ILE K 130 -17.35 -22.52 -46.99
C ILE K 130 -16.80 -21.28 -46.33
N ASP K 131 -15.70 -21.43 -45.57
CA ASP K 131 -15.20 -20.32 -44.79
C ASP K 131 -14.33 -19.38 -45.65
N GLY K 132 -13.60 -18.45 -45.02
CA GLY K 132 -12.68 -17.55 -45.72
C GLY K 132 -11.32 -18.13 -46.01
N ASP K 133 -10.89 -19.20 -45.31
CA ASP K 133 -9.76 -20.05 -45.65
C ASP K 133 -10.07 -20.85 -46.91
N GLY K 134 -11.32 -21.35 -47.02
CA GLY K 134 -11.82 -22.07 -48.18
C GLY K 134 -12.09 -23.49 -47.83
N GLN K 135 -12.34 -23.74 -46.52
CA GLN K 135 -12.49 -25.06 -45.97
C GLN K 135 -13.89 -25.32 -45.49
N VAL K 136 -14.30 -26.61 -45.55
CA VAL K 136 -15.62 -27.05 -45.17
C VAL K 136 -15.49 -28.03 -44.03
N ASN K 137 -16.41 -27.92 -43.04
CA ASN K 137 -16.57 -28.91 -41.98
C ASN K 137 -17.00 -30.24 -42.60
N TYR K 138 -16.09 -31.24 -42.63
CA TYR K 138 -16.40 -32.46 -43.34
C TYR K 138 -17.29 -33.39 -42.58
N GLU K 139 -17.41 -33.21 -41.25
CA GLU K 139 -18.32 -33.98 -40.44
C GLU K 139 -19.77 -33.62 -40.72
N GLU K 140 -20.07 -32.30 -40.75
CA GLU K 140 -21.36 -31.78 -41.16
C GLU K 140 -21.72 -32.18 -42.59
N PHE K 141 -20.77 -32.03 -43.53
CA PHE K 141 -20.93 -32.44 -44.92
C PHE K 141 -21.21 -33.93 -45.11
N VAL K 142 -20.50 -34.85 -44.39
CA VAL K 142 -20.87 -36.26 -44.43
C VAL K 142 -22.21 -36.57 -43.82
N GLN K 143 -22.57 -35.94 -42.68
CA GLN K 143 -23.89 -36.07 -42.10
C GLN K 143 -25.00 -35.55 -43.00
N MET K 144 -24.86 -34.35 -43.59
CA MET K 144 -25.84 -33.78 -44.50
C MET K 144 -26.09 -34.62 -45.75
N MET K 145 -25.05 -35.26 -46.33
CA MET K 145 -25.26 -36.17 -47.44
C MET K 145 -26.02 -37.45 -47.09
N THR K 146 -25.70 -38.13 -45.97
CA THR K 146 -26.28 -39.42 -45.62
C THR K 146 -27.59 -39.31 -44.86
N ALA K 147 -27.68 -38.39 -43.89
CA ALA K 147 -28.78 -38.28 -42.93
C ALA K 147 -30.06 -37.73 -43.54
N LYS K 148 -29.98 -37.24 -44.78
CA LYS K 148 -31.12 -36.84 -45.57
C LYS K 148 -32.03 -37.99 -45.96
N GLN L 8 -71.33 -30.76 -43.38
CA GLN L 8 -71.00 -31.56 -42.20
C GLN L 8 -71.91 -32.78 -42.10
N ILE L 9 -72.37 -33.11 -40.88
CA ILE L 9 -73.09 -34.32 -40.49
C ILE L 9 -74.35 -34.60 -41.27
N ALA L 10 -75.09 -33.59 -41.75
CA ALA L 10 -76.25 -33.84 -42.60
C ALA L 10 -75.91 -34.44 -43.96
N GLU L 11 -74.91 -33.91 -44.71
CA GLU L 11 -74.48 -34.52 -45.97
C GLU L 11 -73.86 -35.90 -45.75
N PHE L 12 -73.04 -36.02 -44.70
CA PHE L 12 -72.45 -37.28 -44.30
C PHE L 12 -73.47 -38.32 -43.87
N LYS L 13 -74.54 -37.95 -43.13
CA LYS L 13 -75.61 -38.87 -42.81
C LYS L 13 -76.32 -39.36 -44.06
N GLU L 14 -76.59 -38.49 -45.04
CA GLU L 14 -77.11 -38.90 -46.33
C GLU L 14 -76.18 -39.77 -47.16
N ALA L 15 -74.86 -39.56 -47.06
CA ALA L 15 -73.90 -40.51 -47.57
C ALA L 15 -73.94 -41.86 -46.87
N PHE L 16 -74.01 -41.88 -45.52
CA PHE L 16 -74.12 -43.08 -44.73
C PHE L 16 -75.39 -43.88 -45.04
N SER L 17 -76.53 -43.18 -45.17
CA SER L 17 -77.84 -43.72 -45.53
C SER L 17 -77.90 -44.24 -46.95
N LEU L 18 -76.91 -43.92 -47.78
CA LEU L 18 -76.77 -44.46 -49.12
C LEU L 18 -75.91 -45.70 -49.12
N PHE L 19 -74.95 -45.81 -48.18
CA PHE L 19 -74.13 -46.98 -47.96
C PHE L 19 -74.84 -48.09 -47.24
N ASP L 20 -75.65 -47.75 -46.22
CA ASP L 20 -76.65 -48.63 -45.66
C ASP L 20 -77.63 -48.98 -46.79
N LYS L 21 -77.76 -50.28 -47.10
CA LYS L 21 -78.50 -50.74 -48.26
C LYS L 21 -79.66 -51.55 -47.78
N ASP L 22 -79.40 -52.36 -46.76
CA ASP L 22 -80.31 -53.11 -45.96
C ASP L 22 -81.25 -52.20 -45.15
N GLY L 23 -80.72 -51.09 -44.60
CA GLY L 23 -81.46 -50.12 -43.81
C GLY L 23 -81.43 -50.48 -42.35
N ASP L 24 -80.32 -51.10 -41.91
CA ASP L 24 -80.19 -51.69 -40.59
C ASP L 24 -79.57 -50.69 -39.63
N GLY L 25 -79.10 -49.53 -40.16
CA GLY L 25 -78.42 -48.49 -39.41
C GLY L 25 -76.94 -48.65 -39.45
N THR L 26 -76.45 -49.78 -40.00
CA THR L 26 -75.05 -50.15 -39.88
C THR L 26 -74.52 -50.63 -41.21
N ILE L 27 -73.33 -50.17 -41.62
CA ILE L 27 -72.76 -50.58 -42.90
C ILE L 27 -71.71 -51.63 -42.66
N THR L 28 -71.41 -52.50 -43.65
CA THR L 28 -70.37 -53.51 -43.51
C THR L 28 -68.99 -52.91 -43.20
N THR L 29 -68.20 -53.52 -42.28
CA THR L 29 -66.89 -52.99 -41.88
C THR L 29 -65.91 -52.87 -43.01
N LYS L 30 -66.07 -53.73 -44.04
CA LYS L 30 -65.33 -53.64 -45.27
C LYS L 30 -65.48 -52.33 -46.03
N GLU L 31 -66.65 -51.68 -45.93
CA GLU L 31 -66.96 -50.43 -46.61
C GLU L 31 -66.62 -49.19 -45.78
N LEU L 32 -65.79 -49.35 -44.74
CA LEU L 32 -65.22 -48.22 -44.02
C LEU L 32 -64.38 -47.30 -44.93
N GLY L 33 -63.53 -47.86 -45.80
CA GLY L 33 -62.59 -47.04 -46.58
C GLY L 33 -63.18 -46.37 -47.77
N THR L 34 -64.38 -46.80 -48.16
CA THR L 34 -65.15 -46.17 -49.20
C THR L 34 -66.01 -45.07 -48.59
N VAL L 35 -66.58 -45.26 -47.37
CA VAL L 35 -67.30 -44.22 -46.66
C VAL L 35 -66.46 -43.01 -46.26
N MET L 36 -65.20 -43.21 -45.79
CA MET L 36 -64.24 -42.13 -45.54
C MET L 36 -63.96 -41.33 -46.80
N ARG L 37 -63.71 -42.04 -47.90
CA ARG L 37 -63.43 -41.46 -49.19
C ARG L 37 -64.61 -40.73 -49.81
N SER L 38 -65.84 -41.24 -49.60
CA SER L 38 -67.09 -40.60 -50.01
C SER L 38 -67.35 -39.27 -49.34
N LEU L 39 -67.06 -39.16 -48.02
CA LEU L 39 -67.14 -37.91 -47.27
C LEU L 39 -66.15 -36.86 -47.77
N GLY L 40 -64.90 -37.24 -48.04
CA GLY L 40 -63.98 -36.28 -48.62
C GLY L 40 -62.55 -36.73 -48.65
N GLN L 41 -62.17 -37.47 -47.60
CA GLN L 41 -60.83 -37.93 -47.35
C GLN L 41 -60.24 -38.88 -48.37
N ASN L 42 -58.90 -39.01 -48.44
CA ASN L 42 -58.32 -39.95 -49.37
C ASN L 42 -57.84 -41.32 -48.83
N PRO L 43 -57.94 -41.74 -47.54
CA PRO L 43 -57.03 -42.67 -46.86
C PRO L 43 -56.47 -43.86 -47.61
N THR L 44 -55.18 -44.14 -47.45
CA THR L 44 -54.62 -45.45 -47.73
C THR L 44 -55.32 -46.63 -47.06
N GLU L 45 -55.23 -47.84 -47.65
CA GLU L 45 -55.97 -48.99 -47.18
C GLU L 45 -55.21 -49.71 -46.08
N ALA L 46 -53.97 -49.27 -45.85
CA ALA L 46 -53.25 -49.50 -44.64
C ALA L 46 -53.73 -48.66 -43.45
N GLU L 47 -53.94 -47.34 -43.63
CA GLU L 47 -54.45 -46.44 -42.60
C GLU L 47 -55.82 -46.87 -42.08
N LEU L 48 -56.70 -47.28 -43.01
CA LEU L 48 -57.94 -47.96 -42.66
C LEU L 48 -57.74 -49.22 -41.85
N GLN L 49 -56.77 -50.10 -42.18
CA GLN L 49 -56.54 -51.29 -41.39
C GLN L 49 -56.01 -50.99 -39.98
N ASP L 50 -55.16 -49.97 -39.86
CA ASP L 50 -54.62 -49.51 -38.60
C ASP L 50 -55.64 -48.78 -37.72
N MET L 51 -56.80 -48.35 -38.26
CA MET L 51 -57.88 -47.81 -37.44
C MET L 51 -59.21 -48.55 -37.53
N ILE L 52 -59.34 -49.59 -38.37
CA ILE L 52 -60.44 -50.54 -38.33
C ILE L 52 -60.26 -51.47 -37.16
N ASN L 53 -58.99 -51.85 -36.89
CA ASN L 53 -58.66 -52.56 -35.68
C ASN L 53 -58.94 -51.71 -34.42
N GLU L 54 -59.23 -52.38 -33.32
CA GLU L 54 -59.97 -51.85 -32.20
C GLU L 54 -59.97 -53.02 -31.25
N VAL L 55 -60.80 -53.00 -30.21
CA VAL L 55 -61.35 -54.26 -29.74
C VAL L 55 -62.85 -54.30 -30.07
N ASP L 56 -63.49 -53.13 -30.24
CA ASP L 56 -64.88 -53.04 -30.66
C ASP L 56 -65.01 -53.29 -32.17
N ALA L 57 -64.62 -52.34 -33.04
CA ALA L 57 -64.78 -52.46 -34.49
C ALA L 57 -63.96 -53.57 -35.18
N ASP L 58 -62.85 -54.05 -34.58
CA ASP L 58 -62.14 -55.25 -35.03
C ASP L 58 -63.03 -56.49 -34.92
N GLY L 59 -63.80 -56.57 -33.80
CA GLY L 59 -64.76 -57.63 -33.57
C GLY L 59 -66.05 -57.46 -34.32
N ASN L 60 -66.47 -56.20 -34.58
CA ASN L 60 -67.68 -55.87 -35.32
C ASN L 60 -67.72 -56.31 -36.79
N GLY L 61 -68.91 -56.78 -37.22
CA GLY L 61 -69.16 -57.07 -38.63
C GLY L 61 -69.68 -55.90 -39.40
N THR L 62 -70.30 -54.94 -38.69
CA THR L 62 -70.93 -53.76 -39.26
C THR L 62 -70.69 -52.61 -38.31
N ILE L 63 -70.76 -51.36 -38.81
CA ILE L 63 -70.50 -50.17 -38.03
C ILE L 63 -71.60 -49.16 -38.23
N ASP L 64 -72.13 -48.62 -37.10
CA ASP L 64 -73.11 -47.56 -37.06
C ASP L 64 -72.46 -46.20 -37.29
N PHE L 65 -73.27 -45.19 -37.65
CA PHE L 65 -72.88 -43.82 -37.85
C PHE L 65 -72.29 -43.15 -36.59
N PRO L 66 -72.81 -43.28 -35.35
CA PRO L 66 -72.09 -42.98 -34.12
C PRO L 66 -70.73 -43.61 -33.94
N GLU L 67 -70.52 -44.89 -34.29
CA GLU L 67 -69.21 -45.52 -34.24
C GLU L 67 -68.25 -44.82 -35.18
N PHE L 68 -68.67 -44.60 -36.45
CA PHE L 68 -67.83 -44.00 -37.48
C PHE L 68 -67.44 -42.57 -37.11
N LEU L 69 -68.40 -41.79 -36.60
CA LEU L 69 -68.20 -40.44 -36.13
C LEU L 69 -67.18 -40.38 -34.99
N THR L 70 -67.21 -41.38 -34.09
CA THR L 70 -66.22 -41.60 -33.05
C THR L 70 -64.83 -41.93 -33.59
N MET L 71 -64.72 -42.81 -34.61
CA MET L 71 -63.48 -43.14 -35.29
C MET L 71 -62.84 -41.95 -35.98
N MET L 72 -63.66 -41.16 -36.70
CA MET L 72 -63.25 -39.91 -37.32
C MET L 72 -62.72 -38.90 -36.32
N ALA L 73 -63.38 -38.72 -35.16
CA ALA L 73 -62.89 -37.84 -34.11
C ALA L 73 -61.54 -38.25 -33.52
N ARG L 74 -61.33 -39.54 -33.26
CA ARG L 74 -60.08 -40.11 -32.77
C ARG L 74 -58.91 -39.92 -33.73
N LYS L 75 -59.13 -40.17 -35.04
CA LYS L 75 -58.08 -40.18 -36.03
C LYS L 75 -58.05 -38.94 -36.88
N MET L 76 -58.80 -37.90 -36.50
CA MET L 76 -59.07 -36.68 -37.27
C MET L 76 -57.84 -36.07 -37.91
N LYS L 77 -56.74 -35.85 -37.15
CA LYS L 77 -55.51 -35.26 -37.67
C LYS L 77 -54.94 -36.00 -38.90
N ASP L 78 -54.94 -37.35 -38.84
CA ASP L 78 -54.34 -38.25 -39.81
C ASP L 78 -55.21 -38.28 -41.05
N THR L 79 -56.52 -38.26 -40.78
CA THR L 79 -57.61 -38.26 -41.73
C THR L 79 -57.65 -36.96 -42.53
N ASP L 80 -57.47 -35.79 -41.87
CA ASP L 80 -57.31 -34.48 -42.47
C ASP L 80 -56.05 -34.36 -43.32
N SER L 81 -54.93 -34.98 -42.86
CA SER L 81 -53.64 -35.01 -43.55
C SER L 81 -53.70 -35.58 -44.95
N GLU L 82 -54.67 -36.46 -45.22
CA GLU L 82 -54.92 -37.03 -46.53
C GLU L 82 -55.50 -36.03 -47.54
N GLU L 83 -56.03 -34.85 -47.13
CA GLU L 83 -56.68 -33.93 -48.05
C GLU L 83 -55.81 -32.79 -48.55
N GLU L 84 -54.59 -32.66 -47.99
CA GLU L 84 -53.57 -31.65 -48.28
C GLU L 84 -53.04 -31.61 -49.72
N ILE L 85 -52.72 -32.80 -50.29
CA ILE L 85 -52.09 -33.01 -51.60
C ILE L 85 -52.86 -32.42 -52.78
N ARG L 86 -52.32 -31.33 -53.36
CA ARG L 86 -52.86 -30.70 -54.54
C ARG L 86 -51.86 -30.75 -55.70
N GLU L 87 -50.55 -30.87 -55.39
CA GLU L 87 -49.47 -30.85 -56.33
C GLU L 87 -48.77 -32.20 -56.34
N ALA L 88 -48.32 -32.64 -57.53
CA ALA L 88 -47.62 -33.89 -57.64
C ALA L 88 -46.80 -33.85 -58.91
N PHE L 89 -45.76 -34.68 -58.99
CA PHE L 89 -44.87 -34.72 -60.14
C PHE L 89 -44.87 -36.09 -60.76
N ARG L 90 -44.95 -36.20 -62.10
CA ARG L 90 -44.78 -37.49 -62.71
C ARG L 90 -44.14 -37.44 -64.08
N VAL L 91 -43.19 -38.36 -64.34
CA VAL L 91 -42.60 -38.57 -65.64
C VAL L 91 -43.44 -39.50 -66.51
N PHE L 92 -43.33 -39.29 -67.82
CA PHE L 92 -43.45 -40.26 -68.91
C PHE L 92 -43.07 -39.43 -70.10
N ASP L 93 -43.69 -38.25 -70.18
CA ASP L 93 -43.10 -37.00 -70.57
C ASP L 93 -41.68 -36.81 -70.04
N LYS L 94 -40.66 -36.77 -70.92
CA LYS L 94 -39.29 -36.44 -70.55
C LYS L 94 -38.95 -35.10 -71.18
N ASP L 95 -39.80 -34.70 -72.15
CA ASP L 95 -39.50 -33.65 -73.11
C ASP L 95 -40.19 -32.38 -72.62
N GLY L 96 -41.17 -32.54 -71.71
CA GLY L 96 -41.85 -31.50 -70.95
C GLY L 96 -42.96 -30.87 -71.74
N ASN L 97 -43.68 -31.72 -72.50
CA ASN L 97 -44.84 -31.37 -73.29
C ASN L 97 -46.01 -30.90 -72.43
N GLY L 98 -46.18 -31.53 -71.24
CA GLY L 98 -47.28 -31.28 -70.31
C GLY L 98 -48.36 -32.32 -70.44
N TYR L 99 -48.15 -33.29 -71.35
CA TYR L 99 -49.13 -34.27 -71.74
C TYR L 99 -48.55 -35.67 -71.59
N ILE L 100 -49.43 -36.66 -71.32
CA ILE L 100 -49.05 -38.07 -71.32
C ILE L 100 -50.16 -38.84 -72.00
N SER L 101 -49.84 -39.97 -72.66
CA SER L 101 -50.86 -40.82 -73.25
C SER L 101 -51.70 -41.56 -72.20
N ALA L 102 -52.94 -41.96 -72.56
CA ALA L 102 -53.76 -42.82 -71.73
C ALA L 102 -53.11 -44.17 -71.39
N ALA L 103 -52.32 -44.72 -72.33
CA ALA L 103 -51.54 -45.93 -72.13
C ALA L 103 -50.49 -45.79 -71.03
N GLU L 104 -49.74 -44.67 -71.05
CA GLU L 104 -48.77 -44.32 -70.04
C GLU L 104 -49.39 -44.06 -68.67
N LEU L 105 -50.54 -43.36 -68.61
CA LEU L 105 -51.32 -43.19 -67.39
C LEU L 105 -51.80 -44.51 -66.79
N ARG L 106 -52.32 -45.43 -67.63
CA ARG L 106 -52.70 -46.76 -67.17
C ARG L 106 -51.52 -47.55 -66.65
N HIS L 107 -50.38 -47.54 -67.36
CA HIS L 107 -49.14 -48.16 -66.89
C HIS L 107 -48.69 -47.63 -65.53
N VAL L 108 -48.67 -46.30 -65.28
CA VAL L 108 -48.29 -45.83 -63.95
C VAL L 108 -49.27 -46.23 -62.87
N MET L 109 -50.58 -46.11 -63.13
CA MET L 109 -51.57 -46.47 -62.15
C MET L 109 -51.70 -47.94 -61.85
N THR L 110 -51.65 -48.80 -62.88
CA THR L 110 -51.83 -50.23 -62.66
C THR L 110 -50.54 -50.97 -62.43
N ASN L 111 -49.38 -50.48 -62.92
CA ASN L 111 -48.14 -51.23 -62.76
C ASN L 111 -47.23 -50.66 -61.67
N LEU L 112 -47.49 -49.47 -61.10
CA LEU L 112 -46.54 -48.86 -60.18
C LEU L 112 -47.21 -48.29 -58.94
N GLY L 113 -46.57 -48.49 -57.75
CA GLY L 113 -47.04 -47.92 -56.49
C GLY L 113 -47.68 -48.94 -55.60
N GLU L 114 -48.96 -48.72 -55.24
CA GLU L 114 -49.83 -49.71 -54.57
C GLU L 114 -50.47 -50.66 -55.59
N LYS L 115 -50.51 -50.23 -56.88
CA LYS L 115 -51.27 -50.80 -58.00
C LYS L 115 -52.79 -50.64 -57.92
N LEU L 116 -53.39 -49.95 -58.91
CA LEU L 116 -54.83 -49.96 -59.11
C LEU L 116 -55.19 -51.05 -60.10
N THR L 117 -56.47 -51.42 -60.14
CA THR L 117 -57.03 -52.26 -61.18
C THR L 117 -57.30 -51.48 -62.45
N ASP L 118 -57.46 -52.19 -63.59
CA ASP L 118 -57.96 -51.60 -64.82
C ASP L 118 -59.36 -51.05 -64.68
N GLU L 119 -60.28 -51.73 -63.95
CA GLU L 119 -61.62 -51.23 -63.72
C GLU L 119 -61.66 -49.90 -62.97
N GLU L 120 -60.80 -49.68 -61.96
CA GLU L 120 -60.58 -48.38 -61.35
C GLU L 120 -60.08 -47.31 -62.33
N VAL L 121 -59.10 -47.63 -63.19
CA VAL L 121 -58.63 -46.71 -64.23
C VAL L 121 -59.69 -46.39 -65.27
N ASP L 122 -60.45 -47.39 -65.76
CA ASP L 122 -61.59 -47.22 -66.65
C ASP L 122 -62.71 -46.39 -66.06
N GLU L 123 -62.95 -46.56 -64.75
CA GLU L 123 -63.86 -45.72 -64.02
C GLU L 123 -63.39 -44.26 -63.95
N MET L 124 -62.10 -44.02 -63.68
CA MET L 124 -61.49 -42.71 -63.61
C MET L 124 -61.52 -41.95 -64.92
N ILE L 125 -61.33 -42.65 -66.05
CA ILE L 125 -61.36 -42.03 -67.36
C ILE L 125 -62.78 -41.81 -67.87
N ARG L 126 -63.79 -41.90 -66.98
CA ARG L 126 -65.10 -41.38 -67.26
C ARG L 126 -65.30 -39.97 -66.73
N GLU L 127 -64.33 -39.42 -65.97
CA GLU L 127 -64.44 -38.10 -65.39
C GLU L 127 -63.14 -37.35 -65.59
N ALA L 128 -62.35 -37.82 -66.57
CA ALA L 128 -61.11 -37.22 -66.96
C ALA L 128 -61.23 -36.83 -68.41
N ASP L 129 -60.94 -35.56 -68.74
CA ASP L 129 -60.76 -35.16 -70.12
C ASP L 129 -59.62 -35.90 -70.80
N ILE L 130 -59.92 -36.43 -72.00
CA ILE L 130 -58.99 -37.11 -72.86
C ILE L 130 -59.29 -36.51 -74.22
N ASP L 131 -58.26 -36.04 -74.94
CA ASP L 131 -58.44 -35.45 -76.25
C ASP L 131 -58.69 -36.51 -77.33
N GLY L 132 -58.83 -36.07 -78.60
CA GLY L 132 -59.03 -36.99 -79.70
C GLY L 132 -57.78 -37.68 -80.17
N ASP L 133 -56.61 -37.22 -79.70
CA ASP L 133 -55.32 -37.84 -79.91
C ASP L 133 -55.15 -39.05 -78.98
N GLY L 134 -55.65 -38.94 -77.74
CA GLY L 134 -55.66 -40.01 -76.73
C GLY L 134 -54.72 -39.66 -75.62
N GLN L 135 -54.44 -38.36 -75.46
CA GLN L 135 -53.52 -37.81 -74.51
C GLN L 135 -54.26 -37.04 -73.43
N VAL L 136 -53.59 -36.80 -72.30
CA VAL L 136 -54.16 -36.07 -71.19
C VAL L 136 -53.17 -35.02 -70.72
N ASN L 137 -53.63 -33.75 -70.61
CA ASN L 137 -52.93 -32.70 -69.89
C ASN L 137 -52.84 -33.09 -68.42
N TYR L 138 -51.64 -33.46 -67.94
CA TYR L 138 -51.55 -33.99 -66.60
C TYR L 138 -51.64 -32.95 -65.52
N GLU L 139 -51.38 -31.66 -65.83
CA GLU L 139 -51.63 -30.58 -64.89
C GLU L 139 -53.11 -30.36 -64.63
N GLU L 140 -53.96 -30.41 -65.68
CA GLU L 140 -55.40 -30.36 -65.53
C GLU L 140 -55.99 -31.58 -64.85
N PHE L 141 -55.50 -32.78 -65.20
CA PHE L 141 -55.86 -34.04 -64.58
C PHE L 141 -55.56 -34.09 -63.07
N VAL L 142 -54.40 -33.58 -62.62
CA VAL L 142 -54.13 -33.43 -61.19
C VAL L 142 -55.06 -32.45 -60.49
N GLN L 143 -55.40 -31.32 -61.14
CA GLN L 143 -56.39 -30.37 -60.64
C GLN L 143 -57.79 -30.96 -60.51
N MET L 144 -58.28 -31.71 -61.51
CA MET L 144 -59.57 -32.39 -61.40
C MET L 144 -59.64 -33.42 -60.29
N MET L 145 -58.62 -34.27 -60.14
CA MET L 145 -58.64 -35.30 -59.12
C MET L 145 -58.58 -34.77 -57.68
N THR L 146 -57.86 -33.65 -57.49
CA THR L 146 -57.74 -32.96 -56.22
C THR L 146 -58.92 -32.05 -55.95
N ALA L 147 -59.69 -31.69 -57.00
CA ALA L 147 -60.87 -30.87 -56.92
C ALA L 147 -61.94 -31.47 -56.01
N LYS L 148 -62.51 -30.61 -55.15
CA LYS L 148 -63.29 -30.97 -53.97
C LYS L 148 -63.37 -29.76 -53.07
N ALA M 10 -102.50 -45.97 -44.11
CA ALA M 10 -103.57 -45.12 -44.62
C ALA M 10 -104.77 -45.82 -45.25
N GLU M 11 -105.19 -47.02 -44.81
CA GLU M 11 -106.25 -47.76 -45.49
C GLU M 11 -107.54 -46.96 -45.59
N PHE M 12 -108.22 -47.06 -46.74
CA PHE M 12 -109.49 -46.42 -46.90
C PHE M 12 -110.43 -47.30 -47.70
N LYS M 13 -111.49 -47.80 -47.05
CA LYS M 13 -112.52 -48.58 -47.73
C LYS M 13 -113.25 -47.83 -48.82
N GLU M 14 -113.54 -46.54 -48.58
CA GLU M 14 -114.13 -45.66 -49.56
C GLU M 14 -113.32 -45.55 -50.83
N ALA M 15 -111.99 -45.37 -50.74
CA ALA M 15 -111.11 -45.35 -51.90
C ALA M 15 -111.11 -46.66 -52.67
N PHE M 16 -111.13 -47.80 -51.95
CA PHE M 16 -111.26 -49.12 -52.54
C PHE M 16 -112.57 -49.29 -53.32
N SER M 17 -113.69 -48.78 -52.76
CA SER M 17 -115.02 -48.77 -53.40
C SER M 17 -115.09 -47.91 -54.66
N LEU M 18 -114.07 -47.10 -54.95
CA LEU M 18 -114.03 -46.29 -56.15
C LEU M 18 -113.13 -46.95 -57.19
N PHE M 19 -112.34 -47.92 -56.74
CA PHE M 19 -111.54 -48.77 -57.58
C PHE M 19 -112.30 -49.98 -58.04
N ASP M 20 -112.98 -50.65 -57.10
CA ASP M 20 -114.05 -51.60 -57.33
C ASP M 20 -115.20 -50.83 -58.01
N LYS M 21 -115.46 -51.12 -59.30
CA LYS M 21 -116.43 -50.39 -60.08
C LYS M 21 -117.56 -51.34 -60.40
N ASP M 22 -117.55 -52.51 -59.77
CA ASP M 22 -118.35 -53.61 -60.21
C ASP M 22 -119.09 -54.11 -58.98
N GLY M 23 -118.49 -53.91 -57.79
CA GLY M 23 -119.03 -54.21 -56.48
C GLY M 23 -118.87 -55.68 -56.17
N ASP M 24 -117.92 -56.31 -56.89
CA ASP M 24 -117.41 -57.64 -56.71
C ASP M 24 -116.79 -57.79 -55.31
N GLY M 25 -116.02 -56.76 -54.89
CA GLY M 25 -115.26 -56.76 -53.65
C GLY M 25 -113.80 -56.84 -53.89
N THR M 26 -113.35 -57.16 -55.11
CA THR M 26 -111.94 -57.24 -55.44
C THR M 26 -111.55 -56.29 -56.57
N ILE M 27 -110.26 -55.95 -56.67
CA ILE M 27 -109.74 -55.10 -57.73
C ILE M 27 -108.57 -55.82 -58.34
N THR M 28 -108.23 -55.53 -59.61
CA THR M 28 -107.12 -56.23 -60.27
C THR M 28 -105.78 -56.06 -59.58
N THR M 29 -104.91 -57.12 -59.56
CA THR M 29 -103.60 -57.04 -58.91
C THR M 29 -102.66 -56.05 -59.57
N LYS M 30 -102.97 -55.60 -60.79
CA LYS M 30 -102.16 -54.64 -61.49
C LYS M 30 -102.62 -53.21 -61.25
N GLU M 31 -103.73 -53.02 -60.53
CA GLU M 31 -104.14 -51.72 -60.02
C GLU M 31 -103.69 -51.53 -58.57
N LEU M 32 -102.83 -52.42 -58.03
CA LEU M 32 -102.26 -52.25 -56.70
C LEU M 32 -101.41 -50.99 -56.53
N GLY M 33 -100.63 -50.59 -57.56
CA GLY M 33 -99.80 -49.40 -57.43
C GLY M 33 -100.59 -48.14 -57.43
N THR M 34 -101.60 -48.07 -58.29
CA THR M 34 -102.50 -46.94 -58.38
C THR M 34 -103.36 -46.78 -57.14
N VAL M 35 -103.85 -47.87 -56.51
CA VAL M 35 -104.59 -47.81 -55.26
C VAL M 35 -103.79 -47.25 -54.09
N MET M 36 -102.50 -47.64 -53.93
CA MET M 36 -101.60 -47.04 -52.95
C MET M 36 -101.42 -45.54 -53.16
N ARG M 37 -101.30 -45.11 -54.42
CA ARG M 37 -101.04 -43.73 -54.79
C ARG M 37 -102.32 -42.92 -54.96
N SER M 38 -103.44 -43.52 -54.54
CA SER M 38 -104.72 -42.86 -54.44
C SER M 38 -105.11 -42.69 -53.01
N LEU M 39 -104.38 -43.39 -52.13
CA LEU M 39 -104.62 -43.47 -50.71
C LEU M 39 -103.84 -42.34 -50.07
N GLY M 40 -102.54 -42.26 -50.42
CA GLY M 40 -101.64 -41.16 -50.07
C GLY M 40 -100.32 -41.47 -50.69
N GLN M 41 -99.55 -42.34 -50.00
CA GLN M 41 -98.41 -43.13 -50.42
C GLN M 41 -97.83 -42.96 -51.78
N ASN M 42 -96.52 -42.71 -51.81
CA ASN M 42 -95.81 -42.69 -53.05
C ASN M 42 -95.07 -44.01 -53.37
N PRO M 43 -95.22 -45.30 -53.07
CA PRO M 43 -94.26 -46.37 -53.50
C PRO M 43 -93.70 -46.48 -54.91
N THR M 44 -92.36 -46.60 -55.12
CA THR M 44 -91.68 -46.90 -56.42
C THR M 44 -92.34 -48.05 -57.19
N GLU M 45 -92.16 -48.15 -58.52
CA GLU M 45 -92.68 -49.29 -59.26
C GLU M 45 -92.00 -50.58 -58.85
N ALA M 46 -90.69 -50.50 -58.51
CA ALA M 46 -89.97 -51.56 -57.84
C ALA M 46 -90.59 -52.02 -56.52
N GLU M 47 -90.86 -51.08 -55.58
CA GLU M 47 -91.42 -51.32 -54.26
C GLU M 47 -92.78 -52.02 -54.34
N LEU M 48 -93.61 -51.59 -55.32
CA LEU M 48 -94.84 -52.22 -55.70
C LEU M 48 -94.68 -53.67 -56.15
N GLN M 49 -93.64 -53.98 -56.95
CA GLN M 49 -93.40 -55.34 -57.37
C GLN M 49 -92.88 -56.21 -56.24
N ASP M 50 -91.97 -55.69 -55.39
CA ASP M 50 -91.46 -56.40 -54.23
C ASP M 50 -92.55 -56.77 -53.23
N MET M 51 -93.50 -55.85 -52.91
CA MET M 51 -94.61 -56.16 -52.03
C MET M 51 -95.56 -57.25 -52.55
N ILE M 52 -95.87 -57.27 -53.86
CA ILE M 52 -96.61 -58.36 -54.48
C ILE M 52 -95.80 -59.66 -54.47
N ASN M 53 -94.48 -59.59 -54.74
CA ASN M 53 -93.68 -60.79 -54.86
C ASN M 53 -93.40 -61.46 -53.53
N GLU M 54 -93.50 -60.74 -52.40
CA GLU M 54 -93.22 -61.34 -51.11
C GLU M 54 -94.45 -61.96 -50.49
N VAL M 55 -95.56 -61.99 -51.24
CA VAL M 55 -96.72 -62.78 -50.92
C VAL M 55 -96.90 -63.80 -52.02
N ASP M 56 -97.36 -65.01 -51.69
CA ASP M 56 -97.76 -66.05 -52.60
C ASP M 56 -99.12 -65.75 -53.22
N ALA M 57 -99.25 -64.49 -53.70
CA ALA M 57 -100.29 -63.96 -54.52
C ALA M 57 -99.91 -64.22 -55.98
N ASP M 58 -98.94 -65.15 -56.17
CA ASP M 58 -98.48 -65.87 -57.34
C ASP M 58 -99.57 -65.95 -58.43
N GLY M 59 -100.56 -66.84 -58.20
CA GLY M 59 -101.71 -67.03 -59.06
C GLY M 59 -102.88 -66.09 -58.87
N ASN M 60 -102.84 -65.16 -57.91
CA ASN M 60 -103.97 -64.26 -57.65
C ASN M 60 -104.18 -63.23 -58.76
N GLY M 61 -105.37 -63.24 -59.40
CA GLY M 61 -105.70 -62.27 -60.44
C GLY M 61 -106.20 -60.95 -59.91
N THR M 62 -106.79 -60.98 -58.71
CA THR M 62 -107.39 -59.82 -58.06
C THR M 62 -107.01 -59.84 -56.59
N ILE M 63 -107.20 -58.69 -55.91
CA ILE M 63 -106.99 -58.53 -54.48
C ILE M 63 -108.25 -58.00 -53.85
N ASP M 64 -108.62 -58.49 -52.66
CA ASP M 64 -109.68 -57.97 -51.83
C ASP M 64 -109.09 -56.91 -50.90
N PHE M 65 -109.96 -56.12 -50.24
CA PHE M 65 -109.57 -55.11 -49.28
C PHE M 65 -108.80 -55.69 -48.09
N PRO M 66 -109.20 -56.76 -47.38
CA PRO M 66 -108.36 -57.52 -46.47
C PRO M 66 -106.96 -57.89 -46.93
N GLU M 67 -106.76 -58.34 -48.18
CA GLU M 67 -105.43 -58.69 -48.67
C GLU M 67 -104.55 -57.45 -48.77
N PHE M 68 -105.09 -56.37 -49.37
CA PHE M 68 -104.48 -55.07 -49.49
C PHE M 68 -104.13 -54.46 -48.12
N LEU M 69 -105.04 -54.61 -47.12
CA LEU M 69 -104.77 -54.25 -45.74
C LEU M 69 -103.57 -54.97 -45.13
N THR M 70 -103.47 -56.29 -45.36
CA THR M 70 -102.35 -57.07 -44.83
C THR M 70 -101.02 -56.72 -45.45
N MET M 71 -100.97 -56.43 -46.77
CA MET M 71 -99.78 -55.91 -47.42
C MET M 71 -99.32 -54.56 -46.90
N MET M 72 -100.23 -53.59 -46.71
CA MET M 72 -99.84 -52.30 -46.16
C MET M 72 -99.36 -52.38 -44.72
N ALA M 73 -99.96 -53.23 -43.87
CA ALA M 73 -99.47 -53.45 -42.52
C ALA M 73 -98.10 -54.10 -42.41
N ARG M 74 -97.82 -55.09 -43.28
CA ARG M 74 -96.51 -55.72 -43.43
C ARG M 74 -95.44 -54.73 -43.87
N LYS M 75 -95.79 -53.81 -44.78
CA LYS M 75 -94.85 -52.89 -45.42
C LYS M 75 -94.98 -51.46 -44.95
N MET M 76 -95.63 -51.22 -43.79
CA MET M 76 -95.99 -49.88 -43.33
C MET M 76 -94.78 -48.94 -43.28
N LYS M 77 -93.67 -49.40 -42.69
CA LYS M 77 -92.43 -48.65 -42.57
C LYS M 77 -91.82 -48.12 -43.88
N ASP M 78 -91.78 -48.92 -44.97
CA ASP M 78 -91.28 -48.43 -46.23
C ASP M 78 -92.25 -47.47 -46.87
N THR M 79 -93.54 -47.83 -46.83
CA THR M 79 -94.61 -47.08 -47.43
C THR M 79 -94.84 -45.71 -46.81
N ASP M 80 -94.75 -45.57 -45.47
CA ASP M 80 -94.77 -44.32 -44.74
C ASP M 80 -93.63 -43.37 -45.14
N SER M 81 -92.43 -43.93 -45.40
CA SER M 81 -91.22 -43.19 -45.79
C SER M 81 -91.40 -42.38 -47.06
N GLU M 82 -92.18 -42.92 -48.01
CA GLU M 82 -92.56 -42.28 -49.25
C GLU M 82 -93.47 -41.06 -49.09
N GLU M 83 -94.04 -40.81 -47.88
CA GLU M 83 -94.79 -39.60 -47.62
C GLU M 83 -94.20 -38.67 -46.56
N GLU M 84 -92.96 -38.93 -46.10
CA GLU M 84 -92.21 -37.96 -45.30
C GLU M 84 -91.76 -36.72 -46.07
N ILE M 85 -91.20 -36.93 -47.28
CA ILE M 85 -90.47 -35.92 -48.04
C ILE M 85 -91.29 -34.75 -48.54
N ARG M 86 -90.85 -33.52 -48.18
CA ARG M 86 -91.56 -32.30 -48.51
C ARG M 86 -90.70 -31.37 -49.38
N GLU M 87 -89.40 -31.67 -49.56
CA GLU M 87 -88.41 -30.87 -50.25
C GLU M 87 -87.57 -31.78 -51.15
N ALA M 88 -86.74 -31.23 -52.08
CA ALA M 88 -86.14 -32.11 -53.06
C ALA M 88 -84.91 -31.62 -53.82
N PHE M 89 -83.76 -31.55 -53.15
CA PHE M 89 -82.48 -31.11 -53.68
C PHE M 89 -81.84 -31.80 -54.89
N ARG M 90 -81.00 -31.08 -55.67
CA ARG M 90 -80.10 -31.70 -56.64
C ARG M 90 -78.77 -31.03 -56.29
N VAL M 91 -77.55 -31.48 -56.63
CA VAL M 91 -77.00 -32.64 -57.32
C VAL M 91 -77.25 -32.70 -58.82
N PHE M 92 -77.45 -31.52 -59.40
CA PHE M 92 -77.45 -31.28 -60.83
C PHE M 92 -77.19 -29.81 -61.06
N ASP M 93 -76.80 -29.13 -59.98
CA ASP M 93 -76.40 -27.78 -59.92
C ASP M 93 -75.38 -27.97 -58.79
N LYS M 94 -74.16 -27.40 -58.88
CA LYS M 94 -73.20 -27.48 -57.79
C LYS M 94 -72.57 -26.12 -57.60
N ASP M 95 -72.61 -25.34 -58.68
CA ASP M 95 -72.39 -23.91 -58.80
C ASP M 95 -73.35 -23.17 -57.89
N GLY M 96 -74.61 -23.65 -57.82
CA GLY M 96 -75.67 -23.11 -56.98
C GLY M 96 -76.29 -21.95 -57.67
N ASN M 97 -76.35 -22.05 -59.01
CA ASN M 97 -76.95 -21.06 -59.89
C ASN M 97 -78.46 -20.98 -59.63
N GLY M 98 -79.08 -22.12 -59.27
CA GLY M 98 -80.52 -22.23 -59.06
C GLY M 98 -81.24 -22.64 -60.33
N TYR M 99 -80.45 -22.91 -61.37
CA TYR M 99 -80.90 -23.18 -62.71
C TYR M 99 -80.37 -24.50 -63.16
N ILE M 100 -81.14 -25.20 -64.02
CA ILE M 100 -80.66 -26.38 -64.71
C ILE M 100 -81.13 -26.30 -66.14
N SER M 101 -80.29 -26.76 -67.09
CA SER M 101 -80.69 -26.84 -68.49
C SER M 101 -81.89 -27.76 -68.71
N ALA M 102 -82.76 -27.42 -69.68
CA ALA M 102 -83.87 -28.29 -70.04
C ALA M 102 -83.42 -29.65 -70.56
N ALA M 103 -82.24 -29.69 -71.23
CA ALA M 103 -81.57 -30.90 -71.64
C ALA M 103 -81.21 -31.84 -70.49
N GLU M 104 -80.57 -31.33 -69.42
CA GLU M 104 -80.29 -32.12 -68.22
C GLU M 104 -81.54 -32.54 -67.48
N LEU M 105 -82.55 -31.66 -67.37
CA LEU M 105 -83.84 -31.99 -66.79
C LEU M 105 -84.60 -33.08 -67.53
N ARG M 106 -84.65 -33.06 -68.88
CA ARG M 106 -85.20 -34.17 -69.63
C ARG M 106 -84.40 -35.45 -69.42
N HIS M 107 -83.05 -35.39 -69.46
CA HIS M 107 -82.18 -36.54 -69.27
C HIS M 107 -82.35 -37.24 -67.93
N VAL M 108 -82.43 -36.52 -66.81
CA VAL M 108 -82.69 -37.17 -65.52
C VAL M 108 -84.05 -37.86 -65.50
N MET M 109 -85.11 -37.19 -65.98
CA MET M 109 -86.44 -37.75 -66.04
C MET M 109 -86.59 -38.95 -66.97
N THR M 110 -86.02 -38.93 -68.19
CA THR M 110 -86.27 -39.96 -69.19
C THR M 110 -85.15 -40.97 -69.36
N ASN M 111 -84.02 -40.80 -68.65
CA ASN M 111 -82.87 -41.67 -68.82
C ASN M 111 -82.44 -42.27 -67.50
N LEU M 112 -82.63 -41.56 -66.38
CA LEU M 112 -82.29 -42.10 -65.08
C LEU M 112 -83.52 -42.64 -64.38
N GLY M 113 -83.31 -43.53 -63.39
CA GLY M 113 -84.33 -44.17 -62.58
C GLY M 113 -85.45 -44.89 -63.27
N GLU M 114 -86.68 -44.83 -62.74
CA GLU M 114 -87.88 -45.38 -63.33
C GLU M 114 -88.45 -44.46 -64.39
N LYS M 115 -87.67 -44.34 -65.49
CA LYS M 115 -87.81 -43.47 -66.64
C LYS M 115 -89.21 -43.01 -67.00
N LEU M 116 -89.40 -41.68 -67.10
CA LEU M 116 -90.60 -41.11 -67.67
C LEU M 116 -90.52 -41.19 -69.19
N THR M 117 -91.65 -41.17 -69.88
CA THR M 117 -91.66 -41.07 -71.33
C THR M 117 -91.41 -39.63 -71.75
N ASP M 118 -90.94 -39.37 -73.00
CA ASP M 118 -90.74 -38.02 -73.49
C ASP M 118 -92.05 -37.22 -73.54
N GLU M 119 -93.17 -37.87 -73.91
CA GLU M 119 -94.52 -37.32 -73.84
C GLU M 119 -94.96 -36.89 -72.43
N GLU M 120 -94.67 -37.67 -71.36
CA GLU M 120 -94.88 -37.23 -69.98
C GLU M 120 -94.04 -36.01 -69.62
N VAL M 121 -92.74 -35.99 -69.98
CA VAL M 121 -91.86 -34.85 -69.75
C VAL M 121 -92.27 -33.63 -70.50
N ASP M 122 -92.72 -33.78 -71.76
CA ASP M 122 -93.25 -32.72 -72.58
C ASP M 122 -94.45 -32.05 -71.92
N GLU M 123 -95.35 -32.84 -71.30
CA GLU M 123 -96.46 -32.36 -70.50
C GLU M 123 -96.03 -31.52 -69.30
N MET M 124 -94.96 -31.94 -68.61
CA MET M 124 -94.44 -31.21 -67.47
C MET M 124 -93.65 -29.96 -67.82
N ILE M 125 -93.21 -29.79 -69.08
CA ILE M 125 -92.55 -28.57 -69.50
C ILE M 125 -93.48 -27.64 -70.26
N ARG M 126 -94.76 -28.00 -70.42
CA ARG M 126 -95.77 -27.05 -70.85
C ARG M 126 -95.97 -25.98 -69.80
N GLU M 127 -95.89 -24.67 -70.18
CA GLU M 127 -96.08 -23.54 -69.28
C GLU M 127 -94.93 -23.39 -68.26
N ALA M 128 -93.79 -24.05 -68.51
CA ALA M 128 -92.61 -23.89 -67.70
C ALA M 128 -91.66 -22.97 -68.42
N ASP M 129 -91.35 -21.82 -67.80
CA ASP M 129 -90.50 -20.80 -68.38
C ASP M 129 -89.10 -21.31 -68.67
N ILE M 130 -88.50 -20.82 -69.76
CA ILE M 130 -87.19 -21.25 -70.19
C ILE M 130 -86.49 -20.00 -70.66
N ASP M 131 -85.26 -19.75 -70.19
CA ASP M 131 -84.61 -18.50 -70.46
C ASP M 131 -83.92 -18.54 -71.84
N GLY M 132 -83.03 -17.56 -72.13
CA GLY M 132 -82.26 -17.54 -73.36
C GLY M 132 -80.99 -18.35 -73.34
N ASP M 133 -80.46 -18.71 -72.15
CA ASP M 133 -79.44 -19.73 -71.94
C ASP M 133 -80.01 -21.12 -72.24
N GLY M 134 -81.27 -21.35 -71.79
CA GLY M 134 -82.01 -22.58 -72.05
C GLY M 134 -82.24 -23.31 -70.76
N GLN M 135 -82.23 -22.57 -69.65
CA GLN M 135 -82.30 -23.11 -68.32
C GLN M 135 -83.59 -22.76 -67.62
N VAL M 136 -84.00 -23.64 -66.68
CA VAL M 136 -85.23 -23.51 -65.94
C VAL M 136 -84.92 -23.47 -64.46
N ASN M 137 -85.60 -22.56 -63.72
CA ASN M 137 -85.59 -22.54 -62.27
C ASN M 137 -86.15 -23.85 -61.72
N TYR M 138 -85.30 -24.72 -61.17
CA TYR M 138 -85.76 -26.03 -60.78
C TYR M 138 -86.53 -26.02 -59.50
N GLU M 139 -86.33 -24.99 -58.65
CA GLU M 139 -87.07 -24.87 -57.41
C GLU M 139 -88.53 -24.53 -57.63
N GLU M 140 -88.78 -23.58 -58.54
CA GLU M 140 -90.12 -23.29 -59.01
C GLU M 140 -90.75 -24.48 -59.74
N PHE M 141 -89.99 -25.16 -60.63
CA PHE M 141 -90.46 -26.35 -61.34
C PHE M 141 -90.84 -27.52 -60.43
N VAL M 142 -90.05 -27.83 -59.38
CA VAL M 142 -90.43 -28.83 -58.40
C VAL M 142 -91.65 -28.41 -57.60
N GLN M 143 -91.73 -27.15 -57.14
CA GLN M 143 -92.91 -26.63 -56.47
C GLN M 143 -94.16 -26.65 -57.33
N MET M 144 -94.07 -26.19 -58.59
CA MET M 144 -95.17 -26.23 -59.54
C MET M 144 -95.65 -27.61 -59.89
N MET M 145 -94.77 -28.63 -59.89
CA MET M 145 -95.20 -30.01 -60.05
C MET M 145 -95.90 -30.58 -58.81
N THR M 146 -95.37 -30.34 -57.60
CA THR M 146 -95.88 -30.96 -56.37
C THR M 146 -97.06 -30.23 -55.78
N ALA M 147 -97.01 -28.89 -55.68
CA ALA M 147 -97.94 -28.05 -54.94
C ALA M 147 -99.32 -27.98 -55.56
N LYS M 148 -99.43 -28.42 -56.82
CA LYS M 148 -100.70 -28.70 -57.46
C LYS M 148 -101.44 -29.86 -56.78
N GLN N 8 -141.03 -15.95 -63.91
CA GLN N 8 -140.71 -15.70 -62.52
C GLN N 8 -141.78 -16.14 -61.51
N ILE N 9 -142.17 -15.26 -60.57
CA ILE N 9 -143.00 -15.54 -59.41
C ILE N 9 -144.33 -16.20 -59.69
N ALA N 10 -144.96 -15.96 -60.86
CA ALA N 10 -146.16 -16.69 -61.23
C ALA N 10 -145.96 -18.18 -61.47
N GLU N 11 -144.93 -18.60 -62.23
CA GLU N 11 -144.63 -20.02 -62.40
C GLU N 11 -144.18 -20.64 -61.10
N PHE N 12 -143.32 -19.92 -60.34
CA PHE N 12 -142.85 -20.36 -59.04
C PHE N 12 -143.92 -20.38 -57.93
N LYS N 13 -144.95 -19.53 -57.98
CA LYS N 13 -146.11 -19.71 -57.10
C LYS N 13 -146.96 -20.92 -57.42
N GLU N 14 -147.24 -21.20 -58.71
CA GLU N 14 -148.06 -22.34 -59.12
C GLU N 14 -147.42 -23.66 -58.82
N ALA N 15 -146.13 -23.73 -59.10
CA ALA N 15 -145.16 -24.55 -58.41
C ALA N 15 -145.39 -24.80 -56.92
N PHE N 16 -145.23 -23.77 -56.06
CA PHE N 16 -145.38 -23.88 -54.62
C PHE N 16 -146.76 -24.37 -54.20
N SER N 17 -147.80 -23.88 -54.88
CA SER N 17 -149.20 -24.30 -54.74
C SER N 17 -149.44 -25.75 -54.97
N LEU N 18 -148.68 -26.33 -55.90
CA LEU N 18 -148.76 -27.73 -56.19
C LEU N 18 -147.88 -28.52 -55.21
N PHE N 19 -146.84 -27.96 -54.54
CA PHE N 19 -146.13 -28.67 -53.43
C PHE N 19 -146.97 -28.78 -52.20
N ASP N 20 -147.62 -27.67 -51.81
CA ASP N 20 -148.66 -27.66 -50.82
C ASP N 20 -149.71 -28.71 -51.25
N LYS N 21 -150.11 -29.59 -50.32
CA LYS N 21 -150.89 -30.78 -50.66
C LYS N 21 -152.20 -30.61 -49.94
N ASP N 22 -152.01 -30.26 -48.68
CA ASP N 22 -152.93 -29.97 -47.66
C ASP N 22 -153.68 -28.66 -47.96
N GLY N 23 -152.98 -27.66 -48.52
CA GLY N 23 -153.53 -26.35 -48.89
C GLY N 23 -153.46 -25.40 -47.74
N ASP N 24 -152.42 -25.54 -46.90
CA ASP N 24 -152.22 -24.79 -45.68
C ASP N 24 -151.46 -23.48 -45.96
N GLY N 25 -150.91 -23.34 -47.18
CA GLY N 25 -150.06 -22.22 -47.54
C GLY N 25 -148.61 -22.47 -47.21
N THR N 26 -148.30 -23.65 -46.65
CA THR N 26 -146.96 -23.97 -46.18
C THR N 26 -146.60 -25.37 -46.61
N ILE N 27 -145.31 -25.64 -46.82
CA ILE N 27 -144.85 -26.94 -47.29
C ILE N 27 -143.88 -27.46 -46.28
N THR N 28 -143.78 -28.80 -46.10
CA THR N 28 -142.87 -29.40 -45.14
C THR N 28 -141.40 -28.99 -45.36
N THR N 29 -140.64 -28.69 -44.28
CA THR N 29 -139.25 -28.20 -44.38
C THR N 29 -138.31 -29.18 -45.05
N LYS N 30 -138.64 -30.48 -44.98
CA LYS N 30 -137.98 -31.53 -45.70
C LYS N 30 -137.95 -31.36 -47.21
N GLU N 31 -138.97 -30.70 -47.77
CA GLU N 31 -139.20 -30.53 -49.19
C GLU N 31 -138.74 -29.18 -49.70
N LEU N 32 -137.92 -28.50 -48.89
CA LEU N 32 -137.17 -27.32 -49.28
C LEU N 32 -136.22 -27.52 -50.43
N GLY N 33 -135.53 -28.67 -50.46
CA GLY N 33 -134.57 -28.96 -51.53
C GLY N 33 -135.34 -29.19 -52.76
N THR N 34 -136.40 -29.97 -52.64
CA THR N 34 -137.23 -30.34 -53.76
C THR N 34 -137.92 -29.18 -54.47
N VAL N 35 -138.36 -28.15 -53.72
CA VAL N 35 -138.76 -26.89 -54.34
C VAL N 35 -137.68 -26.06 -55.04
N MET N 36 -136.45 -25.93 -54.49
CA MET N 36 -135.36 -25.13 -55.07
C MET N 36 -134.90 -25.58 -56.41
N ARG N 37 -134.77 -26.90 -56.52
CA ARG N 37 -134.54 -27.68 -57.72
C ARG N 37 -135.54 -27.25 -58.77
N SER N 38 -136.77 -27.02 -58.33
CA SER N 38 -137.89 -26.88 -59.20
C SER N 38 -138.38 -25.54 -59.56
N LEU N 39 -137.78 -24.55 -58.96
CA LEU N 39 -137.65 -23.32 -59.67
C LEU N 39 -136.64 -23.43 -60.82
N GLY N 40 -135.45 -23.97 -60.54
CA GLY N 40 -134.48 -24.28 -61.59
C GLY N 40 -133.23 -24.84 -61.02
N GLN N 41 -132.83 -24.31 -59.86
CA GLN N 41 -131.50 -24.39 -59.33
C GLN N 41 -130.87 -25.69 -58.96
N ASN N 42 -129.56 -25.82 -59.26
CA ASN N 42 -128.84 -27.06 -59.01
C ASN N 42 -128.08 -27.33 -57.69
N PRO N 43 -128.17 -26.63 -56.54
CA PRO N 43 -127.55 -27.04 -55.27
C PRO N 43 -127.42 -28.48 -54.71
N THR N 44 -126.55 -28.75 -53.72
CA THR N 44 -126.38 -30.10 -53.13
C THR N 44 -127.57 -30.64 -52.29
N GLU N 45 -127.34 -31.52 -51.27
CA GLU N 45 -128.27 -31.66 -50.12
C GLU N 45 -127.67 -30.94 -48.91
N ALA N 46 -126.34 -30.77 -48.93
CA ALA N 46 -125.57 -30.13 -47.88
C ALA N 46 -125.80 -28.64 -47.82
N GLU N 47 -125.93 -27.96 -48.98
CA GLU N 47 -126.17 -26.52 -49.06
C GLU N 47 -127.46 -26.16 -48.32
N LEU N 48 -128.48 -27.02 -48.50
CA LEU N 48 -129.82 -26.91 -48.00
C LEU N 48 -129.83 -26.96 -46.50
N GLN N 49 -129.07 -27.90 -45.92
CA GLN N 49 -128.91 -27.98 -44.50
C GLN N 49 -128.14 -26.81 -43.91
N ASP N 50 -127.11 -26.32 -44.62
CA ASP N 50 -126.40 -25.10 -44.29
C ASP N 50 -127.28 -23.86 -44.33
N MET N 51 -128.26 -23.77 -45.25
CA MET N 51 -129.15 -22.62 -45.26
C MET N 51 -130.36 -22.81 -44.38
N ILE N 52 -130.48 -23.97 -43.70
CA ILE N 52 -131.46 -24.23 -42.65
C ILE N 52 -131.01 -23.66 -41.30
N ASN N 53 -129.69 -23.37 -41.07
CA ASN N 53 -129.17 -22.96 -39.76
C ASN N 53 -129.47 -21.51 -39.32
N GLU N 54 -130.67 -21.05 -39.67
CA GLU N 54 -131.22 -19.76 -39.38
C GLU N 54 -132.37 -20.02 -38.44
N VAL N 55 -132.41 -19.30 -37.30
CA VAL N 55 -133.17 -19.67 -36.12
C VAL N 55 -134.66 -19.89 -36.39
N ASP N 56 -135.27 -19.08 -37.28
CA ASP N 56 -136.64 -19.26 -37.67
C ASP N 56 -136.89 -20.53 -38.47
N ALA N 57 -136.14 -20.81 -39.56
CA ALA N 57 -136.32 -22.01 -40.35
C ALA N 57 -135.90 -23.31 -39.66
N ASP N 58 -134.82 -23.28 -38.85
CA ASP N 58 -134.32 -24.39 -38.04
C ASP N 58 -135.39 -24.86 -37.05
N GLY N 59 -136.13 -23.90 -36.45
CA GLY N 59 -137.25 -24.21 -35.57
C GLY N 59 -138.57 -24.53 -36.24
N ASN N 60 -138.75 -24.13 -37.52
CA ASN N 60 -139.97 -24.35 -38.28
C ASN N 60 -140.19 -25.78 -38.75
N GLY N 61 -141.46 -26.22 -38.76
CA GLY N 61 -141.85 -27.51 -39.31
C GLY N 61 -142.27 -27.43 -40.75
N THR N 62 -142.73 -26.24 -41.17
CA THR N 62 -143.23 -25.99 -42.50
C THR N 62 -142.83 -24.57 -42.87
N ILE N 63 -142.73 -24.28 -44.17
CA ILE N 63 -142.27 -22.99 -44.69
C ILE N 63 -143.30 -22.44 -45.65
N ASP N 64 -143.60 -21.13 -45.55
CA ASP N 64 -144.49 -20.38 -46.42
C ASP N 64 -143.70 -19.88 -47.64
N PHE N 65 -144.41 -19.43 -48.68
CA PHE N 65 -143.85 -18.92 -49.92
C PHE N 65 -143.04 -17.62 -49.73
N PRO N 66 -143.46 -16.59 -48.97
CA PRO N 66 -142.58 -15.56 -48.45
C PRO N 66 -141.27 -16.04 -47.87
N GLU N 67 -141.29 -16.98 -46.89
CA GLU N 67 -140.10 -17.43 -46.19
C GLU N 67 -139.08 -17.93 -47.19
N PHE N 68 -139.51 -18.80 -48.12
CA PHE N 68 -138.71 -19.34 -49.18
C PHE N 68 -138.12 -18.29 -50.12
N LEU N 69 -138.91 -17.26 -50.48
CA LEU N 69 -138.51 -16.16 -51.34
C LEU N 69 -137.37 -15.37 -50.72
N THR N 70 -137.43 -15.13 -49.40
CA THR N 70 -136.31 -14.61 -48.61
C THR N 70 -135.11 -15.51 -48.56
N MET N 71 -135.27 -16.84 -48.38
CA MET N 71 -134.14 -17.75 -48.36
C MET N 71 -133.35 -17.73 -49.67
N MET N 72 -134.10 -17.63 -50.78
CA MET N 72 -133.58 -17.43 -52.11
C MET N 72 -132.84 -16.11 -52.28
N ALA N 73 -133.37 -14.98 -51.76
CA ALA N 73 -132.69 -13.69 -51.81
C ALA N 73 -131.34 -13.71 -51.10
N ARG N 74 -131.30 -14.21 -49.85
CA ARG N 74 -130.11 -14.14 -49.02
C ARG N 74 -129.00 -15.11 -49.39
N LYS N 75 -129.32 -16.12 -50.23
CA LYS N 75 -128.37 -17.09 -50.72
C LYS N 75 -128.33 -17.09 -52.23
N MET N 76 -128.79 -16.01 -52.90
CA MET N 76 -128.92 -15.96 -54.34
C MET N 76 -127.62 -16.24 -55.08
N LYS N 77 -126.50 -15.66 -54.61
CA LYS N 77 -125.18 -15.83 -55.21
C LYS N 77 -124.69 -17.28 -55.24
N ASP N 78 -124.82 -18.01 -54.10
CA ASP N 78 -124.57 -19.43 -53.98
C ASP N 78 -125.50 -20.26 -54.85
N THR N 79 -126.79 -19.91 -54.86
CA THR N 79 -127.88 -20.63 -55.50
C THR N 79 -127.78 -20.60 -57.01
N ASP N 80 -127.43 -19.43 -57.58
CA ASP N 80 -127.20 -19.19 -59.00
C ASP N 80 -125.92 -19.83 -59.51
N SER N 81 -124.91 -20.01 -58.65
CA SER N 81 -123.64 -20.68 -58.95
C SER N 81 -123.83 -22.07 -59.49
N GLU N 82 -124.89 -22.73 -59.01
CA GLU N 82 -125.20 -24.10 -59.30
C GLU N 82 -125.77 -24.30 -60.70
N GLU N 83 -126.28 -23.24 -61.38
CA GLU N 83 -126.72 -23.37 -62.76
C GLU N 83 -125.74 -22.89 -63.80
N GLU N 84 -124.46 -22.83 -63.43
CA GLU N 84 -123.36 -22.61 -64.34
C GLU N 84 -123.02 -23.83 -65.21
N ILE N 85 -122.92 -25.04 -64.62
CA ILE N 85 -122.44 -26.24 -65.29
C ILE N 85 -123.31 -26.80 -66.41
N ARG N 86 -122.64 -27.19 -67.51
CA ARG N 86 -123.23 -27.78 -68.71
C ARG N 86 -122.47 -29.05 -69.07
N GLU N 87 -121.22 -29.16 -68.59
CA GLU N 87 -120.28 -30.21 -68.87
C GLU N 87 -120.27 -31.14 -67.69
N ALA N 88 -120.03 -32.41 -67.99
CA ALA N 88 -120.05 -33.45 -67.01
C ALA N 88 -118.73 -34.16 -67.15
N PHE N 89 -118.46 -35.07 -66.22
CA PHE N 89 -117.39 -36.02 -66.40
C PHE N 89 -117.89 -37.20 -67.23
N ARG N 90 -116.95 -37.99 -67.78
CA ARG N 90 -117.21 -39.39 -68.04
C ARG N 90 -115.95 -40.13 -67.64
N VAL N 91 -116.09 -41.43 -67.41
CA VAL N 91 -115.03 -42.40 -67.28
C VAL N 91 -115.72 -43.53 -68.05
N PHE N 92 -114.99 -44.56 -68.47
CA PHE N 92 -115.45 -45.82 -69.05
C PHE N 92 -115.09 -45.94 -70.50
N ASP N 93 -115.46 -44.94 -71.31
CA ASP N 93 -114.94 -44.80 -72.66
C ASP N 93 -113.46 -44.39 -72.58
N LYS N 94 -112.55 -45.32 -72.92
CA LYS N 94 -111.12 -45.04 -72.95
C LYS N 94 -110.67 -44.89 -74.38
N ASP N 95 -111.50 -45.40 -75.32
CA ASP N 95 -111.18 -45.53 -76.72
C ASP N 95 -111.74 -44.34 -77.49
N GLY N 96 -112.67 -43.59 -76.85
CA GLY N 96 -113.16 -42.29 -77.30
C GLY N 96 -114.19 -42.44 -78.36
N ASN N 97 -115.07 -43.44 -78.21
CA ASN N 97 -116.18 -43.73 -79.09
C ASN N 97 -117.25 -42.64 -79.03
N GLY N 98 -117.44 -42.04 -77.84
CA GLY N 98 -118.43 -41.00 -77.57
C GLY N 98 -119.64 -41.55 -76.85
N TYR N 99 -119.58 -42.85 -76.50
CA TYR N 99 -120.73 -43.59 -76.05
C TYR N 99 -120.39 -44.42 -74.82
N ILE N 100 -121.38 -44.67 -73.94
CA ILE N 100 -121.23 -45.56 -72.79
C ILE N 100 -122.46 -46.41 -72.65
N SER N 101 -122.34 -47.65 -72.15
CA SER N 101 -123.49 -48.51 -71.88
C SER N 101 -124.36 -48.01 -70.72
N ALA N 102 -125.64 -48.41 -70.70
CA ALA N 102 -126.52 -48.16 -69.57
C ALA N 102 -126.02 -48.76 -68.24
N ALA N 103 -125.33 -49.91 -68.30
CA ALA N 103 -124.70 -50.54 -67.15
C ALA N 103 -123.61 -49.69 -66.51
N GLU N 104 -122.71 -49.14 -67.35
CA GLU N 104 -121.66 -48.22 -66.97
C GLU N 104 -122.17 -46.91 -66.39
N LEU N 105 -123.23 -46.34 -67.00
CA LEU N 105 -123.94 -45.18 -66.50
C LEU N 105 -124.57 -45.38 -65.12
N ARG N 106 -125.23 -46.54 -64.91
CA ARG N 106 -125.77 -46.90 -63.61
C ARG N 106 -124.69 -47.06 -62.57
N HIS N 107 -123.59 -47.77 -62.90
CA HIS N 107 -122.45 -47.93 -62.01
C HIS N 107 -121.88 -46.58 -61.53
N VAL N 108 -121.60 -45.62 -62.43
CA VAL N 108 -121.03 -44.37 -61.98
C VAL N 108 -121.96 -43.55 -61.09
N MET N 109 -123.26 -43.52 -61.43
CA MET N 109 -124.25 -42.85 -60.64
C MET N 109 -124.54 -43.48 -59.29
N THR N 110 -124.66 -44.81 -59.21
CA THR N 110 -125.03 -45.48 -57.97
C THR N 110 -123.85 -45.93 -57.13
N ASN N 111 -122.65 -46.14 -57.71
CA ASN N 111 -121.51 -46.60 -56.92
C ASN N 111 -120.46 -45.52 -56.68
N LEU N 112 -120.47 -44.38 -57.38
CA LEU N 112 -119.44 -43.37 -57.15
C LEU N 112 -120.05 -42.09 -56.65
N GLY N 113 -119.23 -41.18 -56.08
CA GLY N 113 -119.67 -39.87 -55.59
C GLY N 113 -120.76 -39.87 -54.53
N GLU N 114 -121.78 -39.01 -54.69
CA GLU N 114 -122.89 -38.83 -53.77
C GLU N 114 -123.97 -39.92 -53.86
N LYS N 115 -123.61 -41.14 -54.30
CA LYS N 115 -124.44 -42.29 -54.64
C LYS N 115 -125.95 -42.13 -54.82
N LEU N 116 -126.42 -42.16 -56.07
CA LEU N 116 -127.83 -42.15 -56.36
C LEU N 116 -128.43 -43.53 -56.16
N THR N 117 -129.75 -43.61 -55.93
CA THR N 117 -130.45 -44.88 -55.89
C THR N 117 -130.71 -45.42 -57.29
N ASP N 118 -131.03 -46.72 -57.42
CA ASP N 118 -131.50 -47.29 -58.67
C ASP N 118 -132.80 -46.65 -59.16
N GLU N 119 -133.77 -46.40 -58.27
CA GLU N 119 -135.00 -45.68 -58.57
C GLU N 119 -134.78 -44.25 -59.09
N GLU N 120 -133.80 -43.48 -58.56
CA GLU N 120 -133.35 -42.22 -59.15
C GLU N 120 -132.79 -42.40 -60.58
N VAL N 121 -131.96 -43.44 -60.84
CA VAL N 121 -131.47 -43.78 -62.17
C VAL N 121 -132.58 -44.23 -63.13
N ASP N 122 -133.51 -45.09 -62.69
CA ASP N 122 -134.65 -45.54 -63.49
C ASP N 122 -135.64 -44.43 -63.85
N GLU N 123 -135.87 -43.44 -62.96
CA GLU N 123 -136.57 -42.19 -63.28
C GLU N 123 -135.86 -41.40 -64.39
N MET N 124 -134.53 -41.26 -64.26
CA MET N 124 -133.67 -40.60 -65.23
C MET N 124 -133.62 -41.27 -66.61
N ILE N 125 -133.73 -42.61 -66.72
CA ILE N 125 -133.63 -43.25 -68.03
C ILE N 125 -134.95 -43.24 -68.77
N ARG N 126 -136.00 -42.65 -68.19
CA ARG N 126 -137.24 -42.44 -68.91
C ARG N 126 -137.21 -41.28 -69.88
N GLU N 127 -136.26 -40.34 -69.72
CA GLU N 127 -136.17 -39.15 -70.55
C GLU N 127 -135.04 -39.25 -71.54
N ALA N 128 -134.18 -40.27 -71.36
CA ALA N 128 -132.84 -40.27 -71.89
C ALA N 128 -132.79 -41.22 -73.05
N ASP N 129 -132.46 -40.71 -74.25
CA ASP N 129 -132.27 -41.54 -75.41
C ASP N 129 -131.22 -42.64 -75.24
N ILE N 130 -131.71 -43.88 -75.36
CA ILE N 130 -131.00 -45.12 -75.24
C ILE N 130 -131.32 -45.85 -76.54
N ASP N 131 -130.28 -46.27 -77.28
CA ASP N 131 -130.45 -46.96 -78.53
C ASP N 131 -130.89 -48.42 -78.35
N GLY N 132 -131.05 -49.18 -79.46
CA GLY N 132 -131.47 -50.57 -79.40
C GLY N 132 -130.38 -51.50 -78.91
N ASP N 133 -129.12 -51.06 -79.07
CA ASP N 133 -127.90 -51.69 -78.62
C ASP N 133 -127.77 -51.66 -77.10
N GLY N 134 -128.17 -50.54 -76.47
CA GLY N 134 -128.25 -50.36 -75.03
C GLY N 134 -127.22 -49.38 -74.58
N GLN N 135 -126.80 -48.49 -75.49
CA GLN N 135 -125.75 -47.54 -75.33
C GLN N 135 -126.31 -46.11 -75.33
N VAL N 136 -125.52 -45.16 -74.82
CA VAL N 136 -125.93 -43.77 -74.69
C VAL N 136 -124.80 -42.90 -75.20
N ASN N 137 -125.07 -42.03 -76.19
CA ASN N 137 -124.23 -40.88 -76.54
C ASN N 137 -124.14 -39.95 -75.34
N TYR N 138 -122.96 -39.86 -74.72
CA TYR N 138 -122.86 -39.12 -73.49
C TYR N 138 -122.76 -37.63 -73.69
N GLU N 139 -122.38 -37.15 -74.88
CA GLU N 139 -122.39 -35.74 -75.19
C GLU N 139 -123.82 -35.21 -75.32
N GLU N 140 -124.70 -35.94 -76.01
CA GLU N 140 -126.13 -35.63 -76.03
C GLU N 140 -126.79 -35.69 -74.66
N PHE N 141 -126.48 -36.76 -73.88
CA PHE N 141 -126.99 -36.96 -72.54
C PHE N 141 -126.60 -35.84 -71.56
N VAL N 142 -125.36 -35.30 -71.65
CA VAL N 142 -125.00 -34.11 -70.87
C VAL N 142 -125.75 -32.87 -71.28
N GLN N 143 -125.97 -32.66 -72.59
CA GLN N 143 -126.79 -31.57 -73.09
C GLN N 143 -128.23 -31.63 -72.61
N MET N 144 -128.88 -32.81 -72.64
CA MET N 144 -130.22 -33.00 -72.11
C MET N 144 -130.35 -32.70 -70.62
N MET N 145 -129.38 -33.15 -69.79
CA MET N 145 -129.50 -32.97 -68.34
C MET N 145 -129.26 -31.54 -67.89
N THR N 146 -128.64 -30.72 -68.78
CA THR N 146 -128.30 -29.33 -68.50
C THR N 146 -129.23 -28.40 -69.25
N ALA N 147 -130.05 -28.95 -70.16
CA ALA N 147 -131.04 -28.25 -70.95
C ALA N 147 -132.18 -27.63 -70.13
N LYS N 148 -132.23 -26.29 -70.04
CA LYS N 148 -133.15 -25.63 -69.13
C LYS N 148 -133.18 -24.13 -69.29
#